data_2W6J
#
_entry.id   2W6J
#
_cell.length_a   106.930
_cell.length_b   124.070
_cell.length_c   264.460
_cell.angle_alpha   90.00
_cell.angle_beta   90.00
_cell.angle_gamma   90.00
#
_symmetry.space_group_name_H-M   'P 21 21 21'
#
loop_
_entity.id
_entity.type
_entity.pdbx_description
1 polymer 'ATP SYNTHASE SUBUNIT ALPHA HEART ISOFORM, MITOCHONDRIAL'
2 polymer 'ATP SYNTHASE SUBUNIT BETA, MITOCHONDRIAL'
3 polymer 'ATP SYNTHASE SUBUNIT GAMMA, MITOCHONDRIAL'
4 polymer 'F1-ATPASE DELTA SUBUNIT'
5 polymer 'ATP SYNTHASE SUBUNIT EPSILON, MITOCHONDRIAL'
#
loop_
_entity_poly.entity_id
_entity_poly.type
_entity_poly.pdbx_seq_one_letter_code
_entity_poly.pdbx_strand_id
1 'polypeptide(L)'
;MLSVRVAAAVARALPRRAGLVSKNALGSSFIAARNLHASNSRLQKTGTAEVSSILEERILGADTSVDLEETGRVLSIGDG
IARVHGLRNVQAEEMVEFSSGLKGMSLNLEPDNVGVVVFGNDKLIKEGDIVKRTGAIVDVPVGEELLGRVVDALGNAIDG
KGPIGSKARRRVGLKAPGIIPRISVREPMQTGIKAVDSLVPIGRGQRELIIGDRQTGKTSIAIDTIINQKRFNDGTDEKK
KLYCIYVAIGQKRSTVAQLVKRLTDADAMKYTIVVSATASDAAPLQYLAPYSGCSMGEYFRDNGKHALIIYDDLSKQAVA
YRQMSLLLRRPPGREAYPGDVFYLHSRLLERAAKMNDAFGGGSLTALPVIETQAGDVSAYIPTNVISITDGQIFLETELF
YKGIRPAINVGLSVSRVGSAAQTRAMKQVAGTMKLELAQYREVAAFAQFGSDLDAATQQLLSRGVRLTELLKQGQYSPMA
IEEQVAVIYAGVRGYLDKLEPSKITKFENAFLSHVISQHQALLSKIRTDGKISEESDAKLKEIVTNFLAGFEA
;
A,B,C
2 'polypeptide(L)'
;MLGLVGRVVAASASGALRGLSPSAPLPQAQLLLRAAPAALQPARDYAAQASPSPKAGATTGRIVAVIGAVVDVQFDEGLP
PILNALEVQGRETRLVLEVAQHLGESTVRTIAMDGTEGLVRGQKVLDSGAPIRIPVGPETLGRIMNVIGEPIDERGPIKT
KQFAAIHAEAPEFVEMSVEQEILVTGIKVVDLLAPYAKGGKIGLFGGAGVGKTVLIMELINNVAKAHGGYSVFAGVGERT
REGNDLYHEMIESGVINLKDATSKVALVYGQMNEPPGARARVALTGLTVAEYFRDQEGQDVLLFIDNIFRFTQAGSEVSA
LLGRIPSAVGYQPTLATDMGTMQERITTTKKGSITSVQAIYVPADDLTDPAPATTFAHLDATTVLSRAIAELGIYPAVDP
LDSTSRIMDPNIVGSEHYDVARGVQKILQDYKSLQDIIAILGMDELSEEDKLTVSRARKIQRFLSQPFQVAEVFTGHLGK
LVPLKETIKGFQQILAGEYDHLPEQAFYMVGPIEEAVAKADKLAEEHS
;
D,E,F
3 'polypeptide(L)'
;MFSRAGVAGLSAWTVQPQWIQVRNMATLKDITRRLKSIKNIQKITKSMKMVAAAKYARAERELKPARVYGVGSLALYEKA
DIKTPEDKKKHLIIGVSSDRGLCGAIHSSVAKQMKSEAANLAAAGKEVKIIGVGDKIRSILHRTHSDQFLVTFKEVGRRP
PTFGDASVIALELLNSGYEFDEGSIIFNRFRSVISYKTEEKPIFSLDTISSAESMSIYDDIDADVLRNYQEYSLANIIYY
SLKESTTSEQSARMTAMDNASKNASEMIDKLTLTFNRTRQAVITKELIEIISGAAALD
;
G
4 'polypeptide(L)'
;MLPSALLRRPGLGRLVRQVRLYAEAAAAQAPAAGPGQMSFTFASPTQVFFNSANVRQVDVPTQTGAFGILAAHVPTLQVL
RPGLVVVHAEDGTTSKYFVSSGSVTVNADSSVQLLAEEAVTLDMLDLGAAKANLEKAQSELLGAADEATRAEIQIRIEAN
EALVKALE
;
H
5 'polypeptide(L)' MVAYWRQAGLSYIRYSQICAKAVRDALKTEFKANAMKTSGSTIKIVKVKKE I
#
# COMPACT_ATOMS: atom_id res chain seq x y z
N ASP A 67 37.36 5.38 43.42
CA ASP A 67 37.50 6.38 42.35
C ASP A 67 36.36 6.24 41.35
N LEU A 68 35.68 7.36 41.07
CA LEU A 68 34.57 7.36 40.12
C LEU A 68 34.86 8.21 38.88
N GLU A 69 36.07 8.73 38.80
CA GLU A 69 36.48 9.56 37.66
C GLU A 69 37.00 8.72 36.49
N GLU A 70 37.86 7.75 36.81
CA GLU A 70 38.48 6.91 35.80
C GLU A 70 37.97 5.46 35.84
N THR A 71 37.12 5.17 36.81
CA THR A 71 36.49 3.87 36.92
C THR A 71 34.98 3.98 37.16
N GLY A 72 34.28 2.87 37.00
CA GLY A 72 32.85 2.81 37.25
C GLY A 72 32.39 1.43 37.70
N ARG A 73 31.10 1.33 38.00
CA ARG A 73 30.49 0.07 38.36
C ARG A 73 29.22 -0.13 37.56
N VAL A 74 29.04 -1.34 37.04
CA VAL A 74 27.84 -1.69 36.27
C VAL A 74 26.60 -1.61 37.15
N LEU A 75 25.63 -0.81 36.70
CA LEU A 75 24.34 -0.69 37.37
C LEU A 75 23.38 -1.76 36.87
N SER A 76 23.37 -1.95 35.56
CA SER A 76 22.50 -2.93 34.92
C SER A 76 23.19 -3.42 33.66
N ILE A 77 22.87 -4.66 33.28
CA ILE A 77 23.41 -5.25 32.05
C ILE A 77 22.34 -6.12 31.40
N GLY A 78 22.15 -5.92 30.10
CA GLY A 78 21.24 -6.75 29.33
C GLY A 78 21.25 -6.36 27.87
N ASP A 79 21.06 -7.36 27.01
CA ASP A 79 21.00 -7.18 25.55
C ASP A 79 22.18 -6.39 24.97
N GLY A 80 23.38 -6.68 25.47
CA GLY A 80 24.60 -6.02 24.98
C GLY A 80 24.80 -4.58 25.44
N ILE A 81 23.96 -4.12 26.36
CA ILE A 81 24.05 -2.76 26.89
C ILE A 81 24.34 -2.81 28.38
N ALA A 82 25.45 -2.18 28.78
CA ALA A 82 25.76 -2.00 30.19
C ALA A 82 25.61 -0.55 30.58
N ARG A 83 24.79 -0.31 31.60
CA ARG A 83 24.66 1.02 32.20
C ARG A 83 25.64 1.08 33.38
N VAL A 84 26.52 2.08 33.37
CA VAL A 84 27.63 2.16 34.33
C VAL A 84 27.59 3.47 35.13
N HIS A 85 27.71 3.32 36.45
CA HIS A 85 27.82 4.47 37.35
C HIS A 85 29.29 4.91 37.42
N GLY A 86 29.52 6.21 37.46
CA GLY A 86 30.87 6.76 37.51
C GLY A 86 31.43 6.98 36.12
N LEU A 87 32.73 6.70 35.97
CA LEU A 87 33.45 6.98 34.72
C LEU A 87 33.26 8.45 34.30
N ARG A 88 33.31 9.36 35.27
CA ARG A 88 32.97 10.77 35.02
C ARG A 88 33.84 11.43 33.97
N ASN A 89 35.05 10.90 33.79
CA ASN A 89 36.00 11.43 32.82
C ASN A 89 36.00 10.75 31.44
N VAL A 90 35.06 9.81 31.20
CA VAL A 90 35.02 9.12 29.89
C VAL A 90 34.65 10.05 28.75
N GLN A 91 35.25 9.79 27.58
CA GLN A 91 34.93 10.54 26.38
C GLN A 91 33.85 9.82 25.58
N ALA A 92 33.06 10.59 24.84
CA ALA A 92 32.06 10.03 23.95
C ALA A 92 32.75 9.12 22.93
N GLU A 93 32.25 7.89 22.82
CA GLU A 93 32.79 6.83 21.93
C GLU A 93 34.10 6.19 22.40
N GLU A 94 34.51 6.45 23.63
CA GLU A 94 35.70 5.83 24.20
C GLU A 94 35.48 4.35 24.50
N MET A 95 36.51 3.56 24.27
CA MET A 95 36.50 2.13 24.58
C MET A 95 36.99 1.85 25.98
N VAL A 96 36.12 1.25 26.80
CA VAL A 96 36.43 0.94 28.18
C VAL A 96 36.51 -0.57 28.39
N GLU A 97 37.02 -0.99 29.53
CA GLU A 97 37.20 -2.39 29.81
C GLU A 97 36.42 -2.87 31.03
N PHE A 98 35.72 -3.98 30.87
CA PHE A 98 35.07 -4.68 31.97
C PHE A 98 36.09 -5.54 32.72
N SER A 99 35.74 -5.91 33.95
CA SER A 99 36.61 -6.76 34.77
C SER A 99 36.83 -8.13 34.14
N SER A 100 35.88 -8.56 33.31
CA SER A 100 35.99 -9.86 32.64
C SER A 100 36.98 -9.85 31.47
N GLY A 101 37.41 -8.66 31.07
CA GLY A 101 38.34 -8.52 29.94
C GLY A 101 37.65 -8.06 28.67
N LEU A 102 36.33 -8.22 28.63
CA LEU A 102 35.52 -7.76 27.51
C LEU A 102 35.62 -6.25 27.38
N LYS A 103 35.55 -5.76 26.14
CA LYS A 103 35.60 -4.34 25.89
C LYS A 103 34.20 -3.78 25.62
N GLY A 104 34.07 -2.46 25.73
CA GLY A 104 32.82 -1.79 25.44
C GLY A 104 33.08 -0.39 24.92
N MET A 105 32.10 0.18 24.23
CA MET A 105 32.24 1.53 23.70
C MET A 105 31.21 2.45 24.33
N SER A 106 31.67 3.60 24.80
CA SER A 106 30.83 4.54 25.54
C SER A 106 30.02 5.44 24.59
N LEU A 107 28.87 4.94 24.16
CA LEU A 107 28.05 5.65 23.17
C LEU A 107 27.09 6.68 23.76
N ASN A 108 26.57 6.40 24.96
CA ASN A 108 25.65 7.30 25.66
C ASN A 108 26.29 7.86 26.93
N LEU A 109 26.52 9.16 26.95
CA LEU A 109 26.97 9.86 28.15
C LEU A 109 25.78 10.60 28.70
N GLU A 110 25.25 10.12 29.82
CA GLU A 110 24.06 10.71 30.42
C GLU A 110 24.40 11.23 31.83
N PRO A 111 23.55 12.12 32.38
CA PRO A 111 23.84 12.71 33.69
C PRO A 111 24.20 11.70 34.77
N ASP A 112 23.49 10.58 34.82
CA ASP A 112 23.66 9.62 35.91
C ASP A 112 24.28 8.28 35.51
N ASN A 113 24.55 8.09 34.22
CA ASN A 113 25.16 6.84 33.75
C ASN A 113 25.86 6.95 32.41
N VAL A 114 26.65 5.92 32.11
CA VAL A 114 27.23 5.75 30.78
C VAL A 114 26.58 4.52 30.15
N GLY A 115 26.01 4.71 28.96
CA GLY A 115 25.50 3.61 28.16
C GLY A 115 26.63 3.00 27.37
N VAL A 116 27.06 1.81 27.77
CA VAL A 116 28.21 1.14 27.17
C VAL A 116 27.75 -0.06 26.35
N VAL A 117 28.12 -0.06 25.08
CA VAL A 117 27.80 -1.15 24.17
C VAL A 117 28.90 -2.23 24.23
N VAL A 118 28.48 -3.46 24.52
CA VAL A 118 29.43 -4.57 24.82
C VAL A 118 29.97 -5.34 23.59
N PHE A 119 31.29 -5.54 23.56
CA PHE A 119 31.98 -6.28 22.50
C PHE A 119 32.11 -7.77 22.84
N GLY A 120 30.98 -8.46 22.96
CA GLY A 120 30.98 -9.90 23.27
C GLY A 120 29.71 -10.37 23.94
N ASN A 121 29.81 -11.50 24.64
CA ASN A 121 28.69 -12.09 25.37
C ASN A 121 28.51 -11.41 26.73
N ASP A 122 27.27 -11.03 27.06
CA ASP A 122 27.03 -10.35 28.34
C ASP A 122 26.94 -11.29 29.56
N LYS A 123 27.11 -12.59 29.34
CA LYS A 123 27.09 -13.55 30.45
C LYS A 123 28.25 -13.31 31.41
N LEU A 124 29.31 -12.68 30.91
CA LEU A 124 30.49 -12.39 31.72
C LEU A 124 30.45 -11.01 32.38
N ILE A 125 29.31 -10.34 32.25
CA ILE A 125 29.12 -9.03 32.89
C ILE A 125 27.94 -9.09 33.85
N LYS A 126 28.18 -8.69 35.10
CA LYS A 126 27.18 -8.72 36.15
C LYS A 126 27.06 -7.35 36.80
N GLU A 127 25.91 -7.08 37.43
CA GLU A 127 25.75 -5.88 38.25
C GLU A 127 26.89 -5.81 39.25
N GLY A 128 27.49 -4.63 39.37
CA GLY A 128 28.54 -4.39 40.36
C GLY A 128 29.94 -4.62 39.82
N ASP A 129 30.03 -5.07 38.58
CA ASP A 129 31.33 -5.29 37.93
C ASP A 129 32.03 -3.96 37.67
N ILE A 130 33.34 -3.95 37.90
CA ILE A 130 34.13 -2.73 37.75
C ILE A 130 34.43 -2.48 36.27
N VAL A 131 34.30 -1.22 35.87
CA VAL A 131 34.57 -0.80 34.49
C VAL A 131 35.67 0.24 34.54
N LYS A 132 36.66 0.10 33.66
CA LYS A 132 37.84 0.96 33.69
C LYS A 132 38.10 1.66 32.36
N ARG A 133 38.41 2.95 32.44
CA ARG A 133 39.08 3.65 31.35
C ARG A 133 40.50 3.10 31.29
N THR A 134 40.96 2.77 30.09
CA THR A 134 42.31 2.19 29.92
C THR A 134 43.18 3.03 28.98
N GLY A 135 42.67 4.20 28.61
CA GLY A 135 43.33 5.06 27.63
C GLY A 135 43.24 4.44 26.25
N ALA A 136 42.32 3.49 26.10
CA ALA A 136 42.17 2.71 24.88
C ALA A 136 41.82 3.60 23.69
N ILE A 137 42.56 3.37 22.61
CA ILE A 137 42.32 4.05 21.35
C ILE A 137 41.72 3.01 20.39
N VAL A 138 40.60 3.36 19.74
CA VAL A 138 39.94 2.42 18.84
C VAL A 138 40.64 2.42 17.47
N ASP A 139 41.64 1.55 17.35
CA ASP A 139 42.44 1.44 16.13
C ASP A 139 42.64 -0.01 15.66
N VAL A 140 43.21 -0.15 14.47
CA VAL A 140 43.43 -1.45 13.85
C VAL A 140 44.83 -1.53 13.22
N PRO A 141 45.37 -2.76 13.05
CA PRO A 141 46.60 -2.90 12.28
C PRO A 141 46.39 -2.44 10.85
N VAL A 142 47.45 -1.94 10.23
CA VAL A 142 47.37 -1.31 8.91
C VAL A 142 48.70 -1.56 8.19
N GLY A 143 48.64 -1.87 6.89
CA GLY A 143 49.85 -2.08 6.10
C GLY A 143 49.80 -3.31 5.21
N GLU A 144 50.88 -3.54 4.47
CA GLU A 144 50.96 -4.64 3.50
C GLU A 144 51.00 -6.03 4.14
N GLU A 145 51.16 -6.08 5.46
CA GLU A 145 51.19 -7.34 6.20
C GLU A 145 49.81 -7.99 6.31
N LEU A 146 48.75 -7.19 6.20
CA LEU A 146 47.39 -7.70 6.21
C LEU A 146 47.01 -8.42 4.92
N LEU A 147 47.75 -8.14 3.84
CA LEU A 147 47.51 -8.78 2.55
C LEU A 147 47.65 -10.31 2.60
N GLY A 148 46.58 -11.00 2.24
CA GLY A 148 46.56 -12.46 2.26
C GLY A 148 45.98 -13.01 3.54
N ARG A 149 45.58 -12.12 4.44
CA ARG A 149 45.11 -12.50 5.78
C ARG A 149 43.62 -12.30 5.96
N VAL A 150 43.02 -13.12 6.84
CA VAL A 150 41.64 -12.97 7.24
C VAL A 150 41.62 -12.56 8.72
N VAL A 151 41.03 -11.39 8.97
CA VAL A 151 40.99 -10.81 10.31
C VAL A 151 39.56 -10.53 10.76
N ASP A 152 39.38 -10.34 12.06
CA ASP A 152 38.08 -9.93 12.59
C ASP A 152 37.91 -8.41 12.45
N ALA A 153 36.84 -7.87 13.03
CA ALA A 153 36.56 -6.43 12.97
C ALA A 153 37.67 -5.55 13.56
N LEU A 154 38.51 -6.11 14.42
CA LEU A 154 39.55 -5.34 15.11
C LEU A 154 40.97 -5.60 14.59
N GLY A 155 41.07 -6.44 13.56
CA GLY A 155 42.34 -6.70 12.90
C GLY A 155 43.10 -7.88 13.48
N ASN A 156 42.46 -8.61 14.39
CA ASN A 156 43.02 -9.86 14.91
C ASN A 156 42.88 -10.98 13.88
N ALA A 157 43.95 -11.73 13.69
CA ALA A 157 43.94 -12.87 12.76
C ALA A 157 42.93 -13.93 13.19
N ILE A 158 42.15 -14.42 12.23
CA ILE A 158 41.20 -15.50 12.49
C ILE A 158 41.40 -16.66 11.50
N ASP A 159 42.48 -16.59 10.73
CA ASP A 159 42.82 -17.63 9.76
C ASP A 159 43.74 -18.70 10.36
N GLY A 160 44.15 -18.50 11.61
CA GLY A 160 45.03 -19.44 12.31
C GLY A 160 46.48 -19.43 11.86
N LYS A 161 46.90 -18.38 11.17
CA LYS A 161 48.26 -18.28 10.64
C LYS A 161 49.18 -17.40 11.50
N GLY A 162 48.84 -17.24 12.77
CA GLY A 162 49.68 -16.50 13.70
C GLY A 162 49.44 -15.01 13.69
N PRO A 163 50.36 -14.22 14.28
CA PRO A 163 50.17 -12.79 14.46
C PRO A 163 50.33 -11.98 13.16
N ILE A 164 49.58 -10.89 13.06
CA ILE A 164 49.78 -9.91 11.99
C ILE A 164 51.05 -9.12 12.30
N GLY A 165 52.00 -9.12 11.38
CA GLY A 165 53.28 -8.42 11.57
C GLY A 165 53.20 -6.93 11.30
N SER A 166 52.13 -6.30 11.80
CA SER A 166 51.82 -4.89 11.54
C SER A 166 52.83 -3.93 12.15
N LYS A 167 53.37 -3.05 11.30
CA LYS A 167 54.33 -2.03 11.72
C LYS A 167 53.63 -0.69 12.01
N ALA A 168 52.41 -0.53 11.49
CA ALA A 168 51.67 0.71 11.63
C ALA A 168 50.22 0.46 12.05
N ARG A 169 49.63 1.44 12.72
CA ARG A 169 48.23 1.37 13.13
C ARG A 169 47.49 2.65 12.75
N ARG A 170 46.18 2.57 12.67
CA ARG A 170 45.35 3.71 12.26
C ARG A 170 43.98 3.65 12.96
N ARG A 171 43.51 4.82 13.39
CA ARG A 171 42.17 4.96 13.98
C ARG A 171 41.08 4.53 13.00
N VAL A 172 40.06 3.83 13.50
CA VAL A 172 38.96 3.38 12.66
C VAL A 172 37.96 4.51 12.41
N GLY A 173 37.94 5.48 13.33
CA GLY A 173 37.03 6.61 13.26
C GLY A 173 37.79 7.89 12.90
N LEU A 174 37.88 8.15 11.61
CA LEU A 174 38.54 9.35 11.10
C LEU A 174 37.68 10.04 10.06
N LYS A 175 37.87 11.36 9.94
CA LYS A 175 37.16 12.15 8.94
C LYS A 175 37.72 11.92 7.55
N ALA A 176 36.85 12.09 6.55
CA ALA A 176 37.22 11.96 5.15
C ALA A 176 38.03 13.17 4.72
N PRO A 177 38.86 13.02 3.67
CA PRO A 177 39.49 14.19 3.06
C PRO A 177 38.44 15.23 2.66
N GLY A 178 38.79 16.51 2.78
CA GLY A 178 37.87 17.59 2.41
C GLY A 178 37.81 17.81 0.91
N ILE A 179 37.25 18.94 0.51
CA ILE A 179 37.12 19.32 -0.91
C ILE A 179 38.49 19.44 -1.60
N ILE A 180 39.41 20.14 -0.95
CA ILE A 180 40.68 20.57 -1.56
C ILE A 180 41.69 19.46 -1.93
N PRO A 181 41.95 18.49 -1.01
CA PRO A 181 42.97 17.47 -1.28
C PRO A 181 42.65 16.49 -2.42
N ARG A 182 41.49 16.64 -3.05
CA ARG A 182 41.01 15.71 -4.08
C ARG A 182 41.19 16.24 -5.51
N ILE A 183 41.09 15.32 -6.47
CA ILE A 183 41.05 15.64 -7.90
C ILE A 183 40.01 14.75 -8.59
N SER A 184 39.42 15.24 -9.68
CA SER A 184 38.41 14.49 -10.45
C SER A 184 38.83 13.05 -10.72
N VAL A 185 37.88 12.14 -10.58
CA VAL A 185 38.09 10.72 -10.85
C VAL A 185 38.30 10.53 -12.36
N ARG A 186 39.43 9.92 -12.74
CA ARG A 186 39.80 9.79 -14.15
C ARG A 186 40.52 8.49 -14.55
N GLU A 187 40.90 7.68 -13.56
CA GLU A 187 41.60 6.41 -13.87
C GLU A 187 40.59 5.27 -13.81
N PRO A 188 40.59 4.40 -14.83
CA PRO A 188 39.65 3.30 -14.82
C PRO A 188 39.87 2.35 -13.65
N MET A 189 38.78 1.92 -13.04
CA MET A 189 38.80 0.78 -12.14
C MET A 189 38.05 -0.34 -12.87
N GLN A 190 38.81 -1.24 -13.50
CA GLN A 190 38.24 -2.26 -14.37
C GLN A 190 37.69 -3.44 -13.58
N THR A 191 36.40 -3.73 -13.77
CA THR A 191 35.76 -4.89 -13.15
C THR A 191 36.01 -6.17 -13.95
N GLY A 192 36.21 -6.02 -15.26
CA GLY A 192 36.32 -7.18 -16.15
C GLY A 192 34.95 -7.73 -16.54
N ILE A 193 33.91 -7.01 -16.15
CA ILE A 193 32.53 -7.36 -16.46
C ILE A 193 32.04 -6.37 -17.52
N LYS A 194 31.72 -6.90 -18.70
CA LYS A 194 31.35 -6.12 -19.88
C LYS A 194 30.27 -5.08 -19.62
N ALA A 195 29.17 -5.50 -18.97
CA ALA A 195 28.04 -4.60 -18.73
C ALA A 195 28.43 -3.42 -17.86
N VAL A 196 29.34 -3.65 -16.92
CA VAL A 196 29.77 -2.62 -15.98
C VAL A 196 30.81 -1.70 -16.64
N ASP A 197 31.87 -2.29 -17.15
CA ASP A 197 32.96 -1.50 -17.75
C ASP A 197 32.48 -0.67 -18.95
N SER A 198 31.43 -1.12 -19.62
CA SER A 198 30.91 -0.41 -20.80
C SER A 198 29.78 0.57 -20.46
N LEU A 199 28.83 0.17 -19.62
CA LEU A 199 27.63 0.96 -19.40
C LEU A 199 27.49 1.60 -18.02
N VAL A 200 28.22 1.07 -17.02
CA VAL A 200 28.20 1.62 -15.66
C VAL A 200 29.64 1.82 -15.16
N PRO A 201 30.48 2.54 -15.92
CA PRO A 201 31.92 2.52 -15.65
C PRO A 201 32.33 3.08 -14.30
N ILE A 202 33.32 2.44 -13.67
CA ILE A 202 33.80 2.86 -12.36
C ILE A 202 35.24 3.38 -12.47
N GLY A 203 35.47 4.55 -11.87
CA GLY A 203 36.82 5.12 -11.80
C GLY A 203 37.40 5.03 -10.41
N ARG A 204 38.72 5.20 -10.31
CA ARG A 204 39.40 5.08 -9.03
C ARG A 204 39.12 6.27 -8.13
N GLY A 205 38.57 5.98 -6.95
CA GLY A 205 38.13 7.00 -6.01
C GLY A 205 36.61 7.09 -5.90
N GLN A 206 35.91 6.43 -6.83
CA GLN A 206 34.44 6.45 -6.92
C GLN A 206 33.79 5.54 -5.88
N ARG A 207 32.52 5.80 -5.58
CA ARG A 207 31.69 4.89 -4.78
C ARG A 207 30.54 4.41 -5.65
N GLU A 208 30.56 3.12 -5.97
CA GLU A 208 29.54 2.53 -6.83
C GLU A 208 28.78 1.45 -6.09
N LEU A 209 27.49 1.67 -5.90
CA LEU A 209 26.64 0.75 -5.17
C LEU A 209 26.30 -0.48 -6.00
N ILE A 210 26.41 -1.65 -5.38
CA ILE A 210 25.84 -2.87 -5.92
C ILE A 210 24.58 -3.16 -5.13
N ILE A 211 23.44 -3.18 -5.81
CA ILE A 211 22.13 -3.23 -5.13
C ILE A 211 21.17 -4.21 -5.82
N GLY A 212 20.43 -4.96 -5.01
CA GLY A 212 19.47 -5.94 -5.52
C GLY A 212 18.96 -6.84 -4.40
N ASP A 213 17.96 -7.65 -4.72
CA ASP A 213 17.39 -8.59 -3.75
C ASP A 213 18.38 -9.69 -3.42
N ARG A 214 18.07 -10.48 -2.40
CA ARG A 214 18.81 -11.72 -2.11
C ARG A 214 19.07 -12.54 -3.36
N GLN A 215 20.28 -13.09 -3.47
CA GLN A 215 20.60 -14.05 -4.53
C GLN A 215 20.39 -13.52 -5.96
N THR A 216 20.71 -12.25 -6.17
CA THR A 216 20.66 -11.62 -7.50
C THR A 216 22.03 -11.55 -8.17
N GLY A 217 23.08 -11.88 -7.43
CA GLY A 217 24.44 -11.90 -7.99
C GLY A 217 25.34 -10.76 -7.52
N LYS A 218 25.03 -10.20 -6.35
CA LYS A 218 25.73 -9.03 -5.83
C LYS A 218 27.18 -9.29 -5.46
N THR A 219 27.43 -10.25 -4.57
CA THR A 219 28.79 -10.62 -4.17
C THR A 219 29.64 -11.00 -5.38
N SER A 220 29.03 -11.70 -6.34
CA SER A 220 29.76 -12.17 -7.53
C SER A 220 30.43 -11.05 -8.32
N ILE A 221 29.74 -9.91 -8.44
CA ILE A 221 30.29 -8.73 -9.11
C ILE A 221 31.55 -8.26 -8.38
N ALA A 222 31.49 -8.25 -7.05
CA ALA A 222 32.61 -7.81 -6.22
C ALA A 222 33.80 -8.77 -6.31
N ILE A 223 33.51 -10.06 -6.28
CA ILE A 223 34.54 -11.10 -6.33
C ILE A 223 35.24 -11.11 -7.69
N ASP A 224 34.46 -11.06 -8.76
CA ASP A 224 35.01 -10.98 -10.11
C ASP A 224 35.87 -9.74 -10.33
N THR A 225 35.47 -8.62 -9.72
CA THR A 225 36.28 -7.40 -9.77
C THR A 225 37.63 -7.60 -9.06
N ILE A 226 37.60 -8.21 -7.87
CA ILE A 226 38.83 -8.51 -7.13
C ILE A 226 39.73 -9.44 -7.94
N ILE A 227 39.15 -10.52 -8.46
CA ILE A 227 39.88 -11.47 -9.29
C ILE A 227 40.50 -10.79 -10.52
N ASN A 228 39.78 -9.81 -11.08
CA ASN A 228 40.26 -9.09 -12.28
C ASN A 228 41.58 -8.35 -12.12
N GLN A 229 41.87 -7.90 -10.90
CA GLN A 229 43.07 -7.08 -10.65
C GLN A 229 44.39 -7.86 -10.76
N LYS A 230 44.30 -9.19 -10.72
CA LYS A 230 45.51 -10.03 -10.76
C LYS A 230 46.41 -9.72 -11.95
N ARG A 231 45.81 -9.42 -13.11
CA ARG A 231 46.60 -9.12 -14.32
C ARG A 231 47.44 -7.85 -14.15
N PHE A 232 46.90 -6.87 -13.43
CA PHE A 232 47.59 -5.62 -13.15
C PHE A 232 48.64 -5.82 -12.06
N ASN A 233 48.23 -6.51 -10.99
CA ASN A 233 49.10 -6.76 -9.84
C ASN A 233 50.31 -7.65 -10.14
N ASP A 234 50.21 -8.45 -11.20
CA ASP A 234 51.32 -9.27 -11.70
C ASP A 234 52.18 -8.51 -12.72
N GLY A 235 51.69 -7.35 -13.15
CA GLY A 235 52.40 -6.53 -14.13
C GLY A 235 53.49 -5.67 -13.55
N THR A 236 54.05 -4.79 -14.38
CA THR A 236 55.13 -3.90 -13.95
C THR A 236 54.71 -2.43 -13.93
N ASP A 237 53.50 -2.14 -14.41
CA ASP A 237 52.99 -0.77 -14.46
C ASP A 237 52.65 -0.25 -13.06
N GLU A 238 53.38 0.79 -12.66
CA GLU A 238 53.29 1.35 -11.31
C GLU A 238 52.18 2.39 -11.16
N LYS A 239 51.04 2.12 -11.80
CA LYS A 239 49.89 3.01 -11.73
C LYS A 239 48.61 2.16 -11.77
N LYS A 240 48.73 1.00 -12.41
CA LYS A 240 47.57 0.12 -12.61
C LYS A 240 47.26 -0.75 -11.39
N LYS A 241 48.25 -1.00 -10.54
CA LYS A 241 47.91 -1.92 -9.46
C LYS A 241 46.76 -1.37 -8.54
N LEU A 242 46.31 -2.33 -7.73
CA LEU A 242 45.07 -2.18 -6.94
C LEU A 242 44.92 -3.24 -5.85
N TYR A 243 45.11 -2.82 -4.60
CA TYR A 243 44.99 -3.73 -3.47
C TYR A 243 43.54 -3.82 -3.01
N CYS A 244 43.10 -5.02 -2.67
CA CYS A 244 41.68 -5.26 -2.41
C CYS A 244 41.37 -5.57 -0.97
N ILE A 245 40.23 -5.06 -0.51
CA ILE A 245 39.74 -5.33 0.83
C ILE A 245 38.27 -5.73 0.75
N TYR A 246 37.98 -6.93 1.23
CA TYR A 246 36.64 -7.44 1.26
C TYR A 246 36.17 -7.45 2.70
N VAL A 247 35.14 -6.65 2.98
CA VAL A 247 34.54 -6.62 4.32
C VAL A 247 33.24 -7.42 4.36
N ALA A 248 33.25 -8.49 5.15
CA ALA A 248 32.05 -9.31 5.36
C ALA A 248 31.36 -8.88 6.65
N ILE A 249 30.11 -8.45 6.53
CA ILE A 249 29.33 -8.00 7.69
C ILE A 249 28.07 -8.87 7.83
N GLY A 250 27.98 -9.60 8.93
CA GLY A 250 26.76 -10.33 9.29
C GLY A 250 26.51 -11.62 8.54
N GLN A 251 27.47 -12.02 7.71
CA GLN A 251 27.39 -13.27 6.96
C GLN A 251 27.69 -14.45 7.87
N LYS A 252 27.40 -15.67 7.43
CA LYS A 252 27.78 -16.84 8.21
C LYS A 252 29.23 -17.21 7.90
N ARG A 253 29.93 -17.76 8.91
CA ARG A 253 31.36 -18.14 8.76
C ARG A 253 31.68 -19.08 7.58
N SER A 254 30.82 -20.05 7.33
CA SER A 254 31.05 -20.98 6.22
C SER A 254 30.95 -20.31 4.85
N THR A 255 30.09 -19.30 4.74
CA THR A 255 29.98 -18.50 3.51
C THR A 255 31.29 -17.74 3.24
N VAL A 256 31.82 -17.12 4.29
CA VAL A 256 33.11 -16.43 4.20
C VAL A 256 34.24 -17.42 3.89
N ALA A 257 34.20 -18.60 4.49
CA ALA A 257 35.18 -19.65 4.18
C ALA A 257 35.14 -20.07 2.70
N GLN A 258 33.93 -20.22 2.15
CA GLN A 258 33.77 -20.51 0.71
C GLN A 258 34.33 -19.38 -0.15
N LEU A 259 34.08 -18.15 0.31
CA LEU A 259 34.54 -16.94 -0.36
C LEU A 259 36.06 -16.89 -0.45
N VAL A 260 36.73 -17.13 0.66
CA VAL A 260 38.20 -17.08 0.68
C VAL A 260 38.85 -18.21 -0.12
N LYS A 261 38.17 -19.36 -0.15
CA LYS A 261 38.59 -20.49 -0.99
C LYS A 261 38.62 -20.03 -2.45
N ARG A 262 37.52 -19.40 -2.88
CA ARG A 262 37.41 -18.87 -4.24
C ARG A 262 38.54 -17.92 -4.60
N LEU A 263 38.83 -16.98 -3.69
CA LEU A 263 39.91 -16.02 -3.88
C LEU A 263 41.28 -16.69 -3.86
N THR A 264 41.43 -17.72 -3.03
CA THR A 264 42.69 -18.45 -2.92
C THR A 264 42.98 -19.24 -4.20
N ASP A 265 41.96 -19.94 -4.72
CA ASP A 265 42.10 -20.73 -5.94
C ASP A 265 42.38 -19.85 -7.15
N ALA A 266 41.86 -18.63 -7.13
CA ALA A 266 42.05 -17.66 -8.21
C ALA A 266 43.38 -16.90 -8.08
N ASP A 267 44.14 -17.21 -7.04
CA ASP A 267 45.40 -16.51 -6.71
C ASP A 267 45.19 -15.01 -6.43
N ALA A 268 44.08 -14.71 -5.75
CA ALA A 268 43.69 -13.33 -5.48
C ALA A 268 43.98 -12.89 -4.04
N MET A 269 44.09 -13.84 -3.12
CA MET A 269 44.34 -13.54 -1.70
C MET A 269 45.63 -12.77 -1.48
N LYS A 270 46.62 -13.00 -2.34
CA LYS A 270 47.95 -12.37 -2.18
C LYS A 270 47.91 -10.83 -2.19
N TYR A 271 46.87 -10.27 -2.80
CA TYR A 271 46.69 -8.82 -2.79
C TYR A 271 45.38 -8.40 -2.11
N THR A 272 44.78 -9.32 -1.36
CA THR A 272 43.49 -9.08 -0.73
C THR A 272 43.53 -9.22 0.79
N ILE A 273 42.87 -8.28 1.47
CA ILE A 273 42.60 -8.37 2.90
C ILE A 273 41.12 -8.70 3.10
N VAL A 274 40.84 -9.78 3.83
CA VAL A 274 39.46 -10.08 4.24
C VAL A 274 39.23 -9.68 5.70
N VAL A 275 38.30 -8.74 5.89
CA VAL A 275 37.87 -8.31 7.22
C VAL A 275 36.45 -8.82 7.45
N SER A 276 36.26 -9.59 8.52
CA SER A 276 35.03 -10.34 8.70
C SER A 276 34.46 -10.23 10.11
N ALA A 277 33.23 -9.72 10.19
CA ALA A 277 32.45 -9.72 11.41
C ALA A 277 31.14 -10.42 11.13
N THR A 278 31.10 -11.70 11.51
CA THR A 278 30.05 -12.61 11.08
C THR A 278 28.80 -12.58 11.97
N ALA A 279 27.82 -13.40 11.63
CA ALA A 279 26.50 -13.38 12.26
C ALA A 279 26.49 -13.53 13.79
N SER A 280 27.43 -14.30 14.33
CA SER A 280 27.49 -14.55 15.77
C SER A 280 28.36 -13.53 16.52
N ASP A 281 28.99 -12.63 15.78
CA ASP A 281 29.75 -11.53 16.40
C ASP A 281 28.79 -10.48 16.95
N ALA A 282 29.13 -9.95 18.13
CA ALA A 282 28.32 -8.92 18.77
C ALA A 282 28.12 -7.72 17.85
N ALA A 283 26.95 -7.10 17.94
CA ALA A 283 26.56 -5.96 17.11
C ALA A 283 27.61 -4.84 16.94
N PRO A 284 28.29 -4.42 18.02
CA PRO A 284 29.28 -3.35 17.85
C PRO A 284 30.44 -3.72 16.92
N LEU A 285 30.83 -5.00 16.91
CA LEU A 285 31.87 -5.50 16.03
C LEU A 285 31.44 -5.42 14.55
N GLN A 286 30.20 -5.80 14.27
CA GLN A 286 29.62 -5.69 12.94
C GLN A 286 29.52 -4.22 12.51
N TYR A 287 29.11 -3.36 13.45
CA TYR A 287 29.10 -1.91 13.28
C TYR A 287 30.47 -1.31 12.92
N LEU A 288 31.52 -1.78 13.57
CA LEU A 288 32.88 -1.24 13.34
C LEU A 288 33.56 -1.77 12.09
N ALA A 289 33.28 -3.03 11.73
CA ALA A 289 34.03 -3.70 10.66
C ALA A 289 34.26 -2.88 9.39
N PRO A 290 33.21 -2.22 8.84
CA PRO A 290 33.42 -1.40 7.64
C PRO A 290 34.44 -0.29 7.82
N TYR A 291 34.33 0.43 8.95
CA TYR A 291 35.28 1.49 9.29
C TYR A 291 36.70 0.96 9.47
N SER A 292 36.83 -0.18 10.13
CA SER A 292 38.13 -0.85 10.29
C SER A 292 38.76 -1.18 8.94
N GLY A 293 37.96 -1.74 8.04
CA GLY A 293 38.41 -2.02 6.68
C GLY A 293 38.78 -0.77 5.91
N CYS A 294 37.97 0.28 6.07
CA CYS A 294 38.20 1.58 5.44
C CYS A 294 39.59 2.14 5.79
N SER A 295 39.92 2.14 7.08
CA SER A 295 41.22 2.61 7.55
C SER A 295 42.38 1.82 6.96
N MET A 296 42.15 0.53 6.71
CA MET A 296 43.16 -0.31 6.06
C MET A 296 43.36 0.12 4.61
N GLY A 297 42.28 0.49 3.93
CA GLY A 297 42.35 0.98 2.56
C GLY A 297 42.95 2.37 2.47
N GLU A 298 42.67 3.17 3.48
CA GLU A 298 43.19 4.53 3.59
C GLU A 298 44.72 4.57 3.72
N TYR A 299 45.31 3.48 4.23
CA TYR A 299 46.76 3.34 4.25
C TYR A 299 47.35 3.40 2.85
N PHE A 300 46.70 2.70 1.92
CA PHE A 300 47.14 2.68 0.52
C PHE A 300 46.85 4.03 -0.13
N ARG A 301 45.65 4.55 0.11
CA ARG A 301 45.24 5.86 -0.40
C ARG A 301 46.23 6.97 -0.02
N ASP A 302 46.70 6.95 1.22
CA ASP A 302 47.54 8.03 1.73
C ASP A 302 49.03 7.84 1.44
N ASN A 303 49.37 6.72 0.81
CA ASN A 303 50.75 6.43 0.45
C ASN A 303 50.96 6.29 -1.06
N GLY A 304 50.10 6.95 -1.82
CA GLY A 304 50.25 7.01 -3.28
C GLY A 304 49.86 5.74 -4.02
N LYS A 305 49.10 4.88 -3.34
CA LYS A 305 48.66 3.62 -3.91
C LYS A 305 47.14 3.59 -4.07
N HIS A 306 46.64 2.57 -4.75
CA HIS A 306 45.22 2.46 -5.06
C HIS A 306 44.63 1.23 -4.41
N ALA A 307 43.53 1.42 -3.68
CA ALA A 307 42.84 0.32 -2.99
C ALA A 307 41.37 0.25 -3.35
N LEU A 308 40.84 -0.97 -3.33
CA LEU A 308 39.42 -1.22 -3.55
C LEU A 308 38.82 -1.88 -2.32
N ILE A 309 37.76 -1.28 -1.79
CA ILE A 309 37.04 -1.87 -0.66
C ILE A 309 35.60 -2.27 -1.01
N ILE A 310 35.22 -3.47 -0.60
CA ILE A 310 33.85 -3.96 -0.74
C ILE A 310 33.22 -4.06 0.65
N TYR A 311 32.04 -3.48 0.79
CA TYR A 311 31.29 -3.59 2.04
C TYR A 311 30.10 -4.50 1.83
N ASP A 312 30.26 -5.77 2.20
CA ASP A 312 29.27 -6.81 1.92
C ASP A 312 28.66 -7.39 3.21
N ASP A 313 27.54 -6.83 3.68
CA ASP A 313 26.85 -5.70 3.07
C ASP A 313 26.46 -4.64 4.11
N LEU A 314 26.13 -3.44 3.64
CA LEU A 314 25.82 -2.31 4.52
C LEU A 314 24.43 -2.37 5.13
N SER A 315 23.56 -3.18 4.54
CA SER A 315 22.24 -3.46 5.11
C SER A 315 22.40 -4.12 6.48
N LYS A 316 23.27 -5.12 6.55
CA LYS A 316 23.52 -5.84 7.81
C LYS A 316 24.22 -4.96 8.86
N GLN A 317 25.13 -4.09 8.40
CA GLN A 317 25.75 -3.11 9.30
C GLN A 317 24.70 -2.20 9.93
N ALA A 318 23.74 -1.73 9.13
CA ALA A 318 22.68 -0.85 9.62
C ALA A 318 21.78 -1.55 10.64
N VAL A 319 21.52 -2.84 10.42
CA VAL A 319 20.73 -3.66 11.34
C VAL A 319 21.42 -3.75 12.71
N ALA A 320 22.74 -3.97 12.71
CA ALA A 320 23.52 -4.02 13.95
C ALA A 320 23.49 -2.70 14.70
N TYR A 321 23.65 -1.60 13.98
CA TYR A 321 23.59 -0.27 14.57
C TYR A 321 22.20 0.05 15.14
N ARG A 322 21.15 -0.37 14.43
CA ARG A 322 19.77 -0.21 14.89
C ARG A 322 19.54 -0.95 16.20
N GLN A 323 20.09 -2.17 16.31
CA GLN A 323 19.99 -2.95 17.54
C GLN A 323 20.52 -2.15 18.73
N MET A 324 21.71 -1.59 18.56
CA MET A 324 22.38 -0.80 19.60
C MET A 324 21.60 0.47 19.95
N SER A 325 21.18 1.21 18.92
CA SER A 325 20.47 2.48 19.11
C SER A 325 19.16 2.28 19.87
N LEU A 326 18.39 1.28 19.46
CA LEU A 326 17.11 0.99 20.09
C LEU A 326 17.31 0.57 21.54
N LEU A 327 18.31 -0.27 21.78
CA LEU A 327 18.56 -0.79 23.12
C LEU A 327 19.15 0.27 24.03
N LEU A 328 19.81 1.27 23.42
CA LEU A 328 20.22 2.48 24.14
C LEU A 328 19.05 3.46 24.31
N ARG A 329 17.88 3.07 23.81
CA ARG A 329 16.64 3.86 23.92
C ARG A 329 16.69 5.19 23.18
N ARG A 330 17.51 5.24 22.13
CA ARG A 330 17.51 6.38 21.22
C ARG A 330 16.22 6.34 20.40
N PRO A 331 15.68 7.50 20.01
CA PRO A 331 14.36 7.55 19.37
C PRO A 331 14.30 6.85 18.02
N PRO A 332 13.33 5.94 17.83
CA PRO A 332 13.18 5.25 16.55
C PRO A 332 12.49 6.10 15.49
N GLY A 333 12.87 5.87 14.24
CA GLY A 333 12.22 6.51 13.10
C GLY A 333 11.73 5.47 12.11
N ARG A 334 11.68 5.85 10.84
CA ARG A 334 11.25 4.97 9.76
C ARG A 334 11.97 3.62 9.86
N GLU A 335 11.18 2.54 9.80
CA GLU A 335 11.67 1.16 9.94
C GLU A 335 12.46 0.93 11.24
N ALA A 336 12.18 1.77 12.25
CA ALA A 336 12.84 1.74 13.57
C ALA A 336 14.33 2.13 13.57
N TYR A 337 14.83 2.63 12.44
CA TYR A 337 16.21 3.14 12.38
C TYR A 337 16.32 4.52 13.03
N PRO A 338 17.51 4.83 13.62
CA PRO A 338 17.69 6.12 14.26
C PRO A 338 17.96 7.22 13.23
N GLY A 339 17.84 8.48 13.65
CA GLY A 339 18.04 9.64 12.77
C GLY A 339 19.45 9.83 12.23
N ASP A 340 20.43 9.14 12.82
CA ASP A 340 21.82 9.24 12.38
C ASP A 340 22.28 8.06 11.52
N VAL A 341 21.33 7.26 11.02
CA VAL A 341 21.67 6.11 10.18
C VAL A 341 22.20 6.52 8.79
N PHE A 342 21.71 7.64 8.27
CA PHE A 342 22.28 8.22 7.05
C PHE A 342 23.73 8.60 7.31
N TYR A 343 23.92 9.39 8.37
CA TYR A 343 25.21 9.86 8.86
C TYR A 343 26.22 8.72 9.06
N LEU A 344 25.74 7.59 9.58
CA LEU A 344 26.54 6.36 9.68
C LEU A 344 27.20 5.99 8.35
N HIS A 345 26.40 5.86 7.31
CA HIS A 345 26.91 5.46 6.01
C HIS A 345 27.62 6.57 5.23
N SER A 346 27.19 7.81 5.42
CA SER A 346 27.84 8.92 4.71
C SER A 346 29.28 9.19 5.22
N ARG A 347 29.48 9.10 6.53
CA ARG A 347 30.83 9.18 7.12
C ARG A 347 31.75 8.11 6.53
N LEU A 348 31.22 6.90 6.39
CA LEU A 348 31.99 5.78 5.87
C LEU A 348 32.34 5.97 4.39
N LEU A 349 31.33 6.28 3.58
CA LEU A 349 31.51 6.25 2.11
C LEU A 349 32.20 7.49 1.54
N GLU A 350 32.22 8.58 2.30
CA GLU A 350 32.90 9.80 1.86
C GLU A 350 34.41 9.65 1.98
N ARG A 351 34.85 8.63 2.72
CA ARG A 351 36.27 8.35 2.90
C ARG A 351 36.93 7.69 1.68
N ALA A 352 36.11 7.12 0.80
CA ALA A 352 36.57 6.74 -0.51
C ALA A 352 36.82 8.04 -1.30
N ALA A 353 38.01 8.16 -1.88
CA ALA A 353 38.44 9.40 -2.51
C ALA A 353 39.58 9.19 -3.50
N LYS A 354 39.64 10.08 -4.49
CA LYS A 354 40.79 10.19 -5.37
C LYS A 354 41.59 11.43 -4.94
N MET A 355 42.86 11.24 -4.58
CA MET A 355 43.70 12.32 -4.10
C MET A 355 44.42 13.00 -5.26
N ASN A 356 44.64 14.31 -5.15
CA ASN A 356 45.43 15.02 -6.13
C ASN A 356 46.92 14.71 -5.99
N ASP A 357 47.70 15.04 -7.03
CA ASP A 357 49.13 14.76 -7.03
C ASP A 357 49.86 15.34 -5.81
N ALA A 358 49.35 16.46 -5.30
CA ALA A 358 49.92 17.11 -4.12
C ALA A 358 49.84 16.24 -2.87
N PHE A 359 48.79 15.42 -2.78
CA PHE A 359 48.59 14.51 -1.65
C PHE A 359 48.94 13.05 -1.95
N GLY A 360 49.75 12.84 -2.98
CA GLY A 360 50.28 11.51 -3.32
C GLY A 360 49.65 10.84 -4.53
N GLY A 361 48.47 11.30 -4.91
CA GLY A 361 47.78 10.77 -6.09
C GLY A 361 47.10 9.43 -5.89
N GLY A 362 47.09 8.96 -4.64
CA GLY A 362 46.47 7.67 -4.30
C GLY A 362 44.95 7.70 -4.38
N SER A 363 44.33 6.53 -4.23
CA SER A 363 42.88 6.42 -4.28
C SER A 363 42.33 5.29 -3.42
N LEU A 364 41.09 5.47 -2.98
CA LEU A 364 40.28 4.40 -2.41
C LEU A 364 38.92 4.38 -3.11
N THR A 365 38.60 3.25 -3.72
CA THR A 365 37.33 3.05 -4.41
C THR A 365 36.46 2.17 -3.51
N ALA A 366 35.18 2.51 -3.41
CA ALA A 366 34.29 1.71 -2.59
C ALA A 366 33.17 1.08 -3.41
N LEU A 367 32.91 -0.20 -3.15
CA LEU A 367 31.75 -0.88 -3.71
C LEU A 367 30.87 -1.38 -2.56
N PRO A 368 30.02 -0.50 -2.02
CA PRO A 368 29.10 -0.94 -0.98
C PRO A 368 28.04 -1.86 -1.58
N VAL A 369 27.54 -2.78 -0.75
CA VAL A 369 26.49 -3.69 -1.16
C VAL A 369 25.25 -3.41 -0.31
N ILE A 370 24.11 -3.27 -0.98
CA ILE A 370 22.83 -3.12 -0.32
C ILE A 370 21.90 -4.23 -0.78
N GLU A 371 21.25 -4.89 0.17
CA GLU A 371 20.21 -5.86 -0.12
C GLU A 371 18.84 -5.19 -0.01
N THR A 372 18.08 -5.23 -1.11
CA THR A 372 16.70 -4.76 -1.08
C THR A 372 15.75 -5.90 -0.76
N GLN A 373 14.52 -5.53 -0.42
CA GLN A 373 13.45 -6.49 -0.15
C GLN A 373 12.38 -6.33 -1.22
N ALA A 374 12.14 -7.42 -1.96
CA ALA A 374 11.15 -7.44 -3.05
C ALA A 374 11.27 -6.23 -3.98
N GLY A 375 12.51 -5.91 -4.35
CA GLY A 375 12.82 -4.84 -5.29
C GLY A 375 12.59 -3.40 -4.84
N ASP A 376 12.34 -3.18 -3.55
CA ASP A 376 12.06 -1.84 -3.05
C ASP A 376 13.31 -0.98 -2.86
N VAL A 377 13.75 -0.34 -3.93
CA VAL A 377 14.93 0.53 -3.89
C VAL A 377 14.65 1.86 -3.15
N SER A 378 13.40 2.05 -2.73
CA SER A 378 12.98 3.26 -2.03
C SER A 378 12.79 3.06 -0.52
N ALA A 379 13.17 1.88 0.00
CA ALA A 379 13.19 1.66 1.44
C ALA A 379 14.26 2.56 2.05
N TYR A 380 14.28 2.67 3.37
CA TYR A 380 15.08 3.69 4.07
C TYR A 380 16.57 3.54 3.76
N ILE A 381 17.13 2.38 4.06
CA ILE A 381 18.57 2.19 3.90
C ILE A 381 19.03 2.23 2.43
N PRO A 382 18.32 1.53 1.51
CA PRO A 382 18.62 1.72 0.09
C PRO A 382 18.63 3.19 -0.36
N THR A 383 17.58 3.94 -0.01
CA THR A 383 17.49 5.37 -0.33
C THR A 383 18.73 6.14 0.13
N ASN A 384 19.14 5.92 1.38
CA ASN A 384 20.32 6.57 1.93
C ASN A 384 21.55 6.32 1.07
N VAL A 385 21.87 5.04 0.86
CA VAL A 385 23.12 4.67 0.20
C VAL A 385 23.09 4.97 -1.30
N ILE A 386 21.91 4.85 -1.93
CA ILE A 386 21.75 5.33 -3.31
C ILE A 386 22.12 6.82 -3.41
N SER A 387 21.59 7.63 -2.49
CA SER A 387 21.85 9.07 -2.53
C SER A 387 23.31 9.41 -2.25
N ILE A 388 23.96 8.66 -1.37
CA ILE A 388 25.35 8.90 -1.01
C ILE A 388 26.34 8.61 -2.14
N THR A 389 26.10 7.51 -2.86
CA THR A 389 27.07 7.00 -3.83
C THR A 389 27.07 7.78 -5.14
N ASP A 390 28.04 7.48 -6.00
CA ASP A 390 28.20 8.18 -7.29
C ASP A 390 27.47 7.46 -8.42
N GLY A 391 26.78 6.38 -8.07
CA GLY A 391 26.15 5.54 -9.07
C GLY A 391 25.81 4.19 -8.50
N GLN A 392 24.98 3.45 -9.23
CA GLN A 392 24.41 2.20 -8.74
C GLN A 392 24.35 1.18 -9.87
N ILE A 393 24.65 -0.07 -9.53
CA ILE A 393 24.42 -1.22 -10.40
C ILE A 393 23.22 -1.96 -9.81
N PHE A 394 22.08 -1.86 -10.49
CA PHE A 394 20.83 -2.48 -10.04
C PHE A 394 20.68 -3.88 -10.59
N LEU A 395 20.54 -4.85 -9.70
CA LEU A 395 20.34 -6.25 -10.08
C LEU A 395 18.90 -6.66 -9.82
N GLU A 396 18.34 -7.50 -10.69
CA GLU A 396 16.93 -7.88 -10.61
C GLU A 396 16.70 -9.39 -10.78
N THR A 397 15.75 -9.92 -10.00
CA THR A 397 15.44 -11.34 -10.01
C THR A 397 14.85 -11.78 -11.36
N GLU A 398 13.88 -11.02 -11.89
CA GLU A 398 13.32 -11.52 -13.13
C GLU A 398 14.35 -11.48 -14.30
N LEU A 399 15.38 -10.62 -14.30
CA LEU A 399 16.43 -10.64 -15.31
C LEU A 399 17.30 -11.88 -15.11
N PHE A 400 17.67 -12.15 -13.85
CA PHE A 400 18.48 -13.32 -13.49
C PHE A 400 17.92 -14.61 -14.09
N TYR A 401 16.63 -14.85 -13.87
CA TYR A 401 15.99 -16.07 -14.35
C TYR A 401 15.60 -16.06 -15.82
N LYS A 402 15.54 -14.87 -16.41
CA LYS A 402 15.38 -14.74 -17.87
C LYS A 402 16.64 -15.15 -18.62
N GLY A 403 17.77 -15.22 -17.92
CA GLY A 403 19.05 -15.55 -18.54
C GLY A 403 20.00 -14.38 -18.61
N ILE A 404 19.54 -13.21 -18.20
CA ILE A 404 20.37 -12.02 -18.08
C ILE A 404 21.24 -12.19 -16.84
N ARG A 405 22.43 -12.73 -17.04
CA ARG A 405 23.42 -12.90 -15.97
C ARG A 405 24.78 -12.41 -16.47
N PRO A 406 25.37 -11.39 -15.80
CA PRO A 406 24.86 -10.68 -14.61
C PRO A 406 23.54 -9.94 -14.84
N ALA A 407 22.71 -9.93 -13.81
CA ALA A 407 21.32 -9.48 -13.86
C ALA A 407 21.19 -7.97 -13.72
N ILE A 408 22.00 -7.24 -14.49
CA ILE A 408 22.02 -5.80 -14.43
C ILE A 408 20.91 -5.18 -15.27
N ASN A 409 20.12 -4.33 -14.65
CA ASN A 409 19.20 -3.45 -15.35
C ASN A 409 20.01 -2.28 -15.90
N VAL A 410 20.31 -2.34 -17.20
CA VAL A 410 21.14 -1.36 -17.90
C VAL A 410 20.47 0.01 -17.99
N GLY A 411 19.14 0.02 -18.10
CA GLY A 411 18.37 1.26 -18.18
C GLY A 411 18.34 2.08 -16.91
N LEU A 412 18.34 1.39 -15.77
CA LEU A 412 18.26 2.04 -14.46
C LEU A 412 19.62 2.29 -13.81
N SER A 413 20.60 1.45 -14.13
CA SER A 413 21.91 1.58 -13.53
C SER A 413 22.60 2.83 -14.07
N VAL A 414 23.41 3.45 -13.23
CA VAL A 414 24.06 4.70 -13.61
C VAL A 414 25.44 4.85 -12.97
N SER A 415 26.32 5.55 -13.68
CA SER A 415 27.58 6.01 -13.15
C SER A 415 27.70 7.49 -13.48
N ARG A 416 27.69 8.34 -12.46
CA ARG A 416 27.81 9.77 -12.67
C ARG A 416 29.23 10.22 -13.06
N VAL A 417 30.21 9.37 -12.81
CA VAL A 417 31.57 9.61 -13.28
C VAL A 417 31.62 9.35 -14.79
N GLY A 418 30.90 8.32 -15.22
CA GLY A 418 30.71 8.02 -16.64
C GLY A 418 31.97 7.86 -17.47
N SER A 419 32.00 8.54 -18.61
CA SER A 419 33.08 8.45 -19.61
C SER A 419 34.47 8.78 -19.08
N ALA A 420 34.54 9.63 -18.07
CA ALA A 420 35.81 10.06 -17.47
C ALA A 420 36.62 8.89 -16.92
N ALA A 421 35.94 7.77 -16.66
CA ALA A 421 36.54 6.60 -16.06
C ALA A 421 36.84 5.48 -17.07
N GLN A 422 36.67 5.78 -18.36
CA GLN A 422 36.89 4.79 -19.42
C GLN A 422 38.12 5.08 -20.27
N THR A 423 38.73 4.02 -20.78
CA THR A 423 39.80 4.12 -21.77
C THR A 423 39.21 4.42 -23.16
N ARG A 424 40.04 4.95 -24.05
CA ARG A 424 39.63 5.30 -25.41
C ARG A 424 39.05 4.11 -26.18
N ALA A 425 39.65 2.93 -26.00
CA ALA A 425 39.16 1.71 -26.62
C ALA A 425 37.71 1.39 -26.22
N MET A 426 37.40 1.52 -24.93
CA MET A 426 36.02 1.29 -24.47
C MET A 426 35.10 2.43 -24.87
N LYS A 427 35.60 3.66 -24.82
CA LYS A 427 34.84 4.85 -25.16
C LYS A 427 34.43 4.89 -26.64
N GLN A 428 35.15 4.17 -27.49
CA GLN A 428 34.84 4.13 -28.93
C GLN A 428 33.69 3.17 -29.28
N VAL A 429 33.26 2.35 -28.32
CA VAL A 429 32.20 1.38 -28.55
C VAL A 429 31.04 1.46 -27.55
N ALA A 430 31.33 1.94 -26.33
CA ALA A 430 30.34 2.00 -25.26
C ALA A 430 29.22 2.99 -25.55
N GLY A 431 29.56 4.07 -26.26
CA GLY A 431 28.59 5.10 -26.61
C GLY A 431 27.53 4.59 -27.57
N THR A 432 27.99 3.95 -28.65
CA THR A 432 27.10 3.38 -29.65
C THR A 432 26.17 2.34 -29.01
N MET A 433 26.74 1.46 -28.19
CA MET A 433 25.97 0.41 -27.53
C MET A 433 24.89 0.97 -26.61
N LYS A 434 25.24 2.01 -25.86
CA LYS A 434 24.32 2.68 -24.94
C LYS A 434 23.11 3.25 -25.67
N LEU A 435 23.35 3.83 -26.84
CA LEU A 435 22.30 4.47 -27.64
C LEU A 435 21.36 3.43 -28.28
N GLU A 436 21.94 2.36 -28.81
CA GLU A 436 21.15 1.31 -29.47
C GLU A 436 20.28 0.51 -28.50
N LEU A 437 20.77 0.33 -27.27
CA LEU A 437 20.00 -0.35 -26.23
C LEU A 437 18.87 0.52 -25.69
N ALA A 438 19.12 1.83 -25.65
CA ALA A 438 18.11 2.81 -25.22
C ALA A 438 16.95 2.85 -26.21
N GLN A 439 17.29 2.86 -27.50
CA GLN A 439 16.31 2.81 -28.59
C GLN A 439 15.54 1.49 -28.61
N TYR A 440 16.23 0.40 -28.25
CA TYR A 440 15.62 -0.92 -28.16
C TYR A 440 14.63 -1.03 -27.00
N ARG A 441 14.97 -0.41 -25.87
CA ARG A 441 14.11 -0.44 -24.69
C ARG A 441 12.74 0.24 -24.89
N GLU A 442 12.69 1.20 -25.81
CA GLU A 442 11.44 1.87 -26.17
C GLU A 442 10.48 0.95 -26.93
N VAL A 443 11.03 -0.02 -27.63
CA VAL A 443 10.27 -0.90 -28.54
C VAL A 443 10.13 -2.34 -28.01
N ALA A 444 10.96 -2.68 -27.01
CA ALA A 444 11.11 -4.07 -26.53
C ALA A 444 9.84 -4.78 -26.03
N ALA A 445 8.86 -4.03 -25.53
CA ALA A 445 7.63 -4.61 -24.99
C ALA A 445 6.83 -5.43 -26.00
N PHE A 446 6.83 -4.97 -27.24
CA PHE A 446 6.16 -5.68 -28.34
C PHE A 446 7.17 -6.28 -29.33
N ALA A 447 8.23 -6.87 -28.78
CA ALA A 447 9.22 -7.63 -29.55
C ALA A 447 8.61 -8.93 -30.03
N GLN A 448 7.62 -9.42 -29.27
CA GLN A 448 6.92 -10.66 -29.57
C GLN A 448 5.49 -10.39 -30.06
N PHE A 449 5.15 -9.10 -30.18
CA PHE A 449 3.84 -8.67 -30.63
C PHE A 449 3.94 -7.68 -31.79
N GLY A 450 4.77 -8.01 -32.78
CA GLY A 450 4.96 -7.14 -33.94
C GLY A 450 5.48 -7.87 -35.16
N SER A 451 4.65 -8.76 -35.71
CA SER A 451 5.01 -9.54 -36.88
C SER A 451 4.86 -8.76 -38.19
N ASP A 452 4.09 -7.68 -38.14
CA ASP A 452 3.81 -6.87 -39.33
C ASP A 452 4.28 -5.42 -39.21
N LEU A 453 5.00 -5.08 -38.15
CA LEU A 453 5.57 -3.75 -38.02
C LEU A 453 6.76 -3.55 -38.96
N ASP A 454 7.03 -2.29 -39.31
CA ASP A 454 8.00 -1.94 -40.36
C ASP A 454 9.44 -2.32 -40.02
N ALA A 455 10.27 -2.37 -41.06
CA ALA A 455 11.66 -2.83 -40.97
C ALA A 455 12.55 -2.03 -40.01
N ALA A 456 12.30 -0.72 -39.93
CA ALA A 456 13.10 0.17 -39.10
C ALA A 456 13.05 -0.21 -37.61
N THR A 457 11.84 -0.47 -37.11
CA THR A 457 11.65 -0.91 -35.74
C THR A 457 11.94 -2.40 -35.56
N GLN A 458 11.90 -3.16 -36.66
CA GLN A 458 12.33 -4.56 -36.68
C GLN A 458 13.85 -4.66 -36.50
N GLN A 459 14.57 -3.70 -37.06
CA GLN A 459 16.03 -3.64 -36.95
C GLN A 459 16.48 -3.24 -35.54
N LEU A 460 15.73 -2.32 -34.93
CA LEU A 460 16.00 -1.89 -33.55
C LEU A 460 15.86 -3.05 -32.58
N LEU A 461 14.86 -3.90 -32.82
CA LEU A 461 14.63 -5.08 -32.01
C LEU A 461 15.70 -6.14 -32.26
N SER A 462 16.09 -6.29 -33.54
CA SER A 462 17.11 -7.26 -33.95
C SER A 462 18.50 -6.94 -33.41
N ARG A 463 18.89 -5.67 -33.51
CA ARG A 463 20.13 -5.21 -32.88
C ARG A 463 19.99 -5.33 -31.36
N GLY A 464 18.78 -5.05 -30.88
CA GLY A 464 18.44 -5.08 -29.46
C GLY A 464 18.76 -6.35 -28.70
N VAL A 465 18.01 -7.43 -28.95
CA VAL A 465 18.38 -8.55 -28.09
C VAL A 465 19.69 -9.31 -28.53
N ARG A 466 20.45 -8.76 -29.49
CA ARG A 466 21.79 -9.22 -29.81
C ARG A 466 22.80 -8.58 -28.88
N LEU A 467 22.69 -7.28 -28.69
CA LEU A 467 23.60 -6.55 -27.78
C LEU A 467 23.37 -7.00 -26.35
N THR A 468 22.11 -7.30 -26.03
CA THR A 468 21.71 -7.80 -24.72
C THR A 468 22.36 -9.15 -24.42
N GLU A 469 22.40 -10.02 -25.42
CA GLU A 469 23.06 -11.32 -25.30
C GLU A 469 24.56 -11.16 -25.11
N LEU A 470 25.13 -10.12 -25.71
CA LEU A 470 26.56 -9.83 -25.59
C LEU A 470 26.95 -9.22 -24.24
N LEU A 471 25.96 -8.82 -23.45
CA LEU A 471 26.17 -8.28 -22.11
C LEU A 471 26.10 -9.39 -21.06
N LYS A 472 25.68 -10.58 -21.48
CA LYS A 472 25.67 -11.75 -20.62
C LYS A 472 27.11 -12.22 -20.44
N GLN A 473 27.41 -12.74 -19.25
CA GLN A 473 28.77 -13.15 -18.93
C GLN A 473 28.80 -14.20 -17.84
N GLY A 474 29.65 -15.20 -18.01
CA GLY A 474 29.89 -16.21 -16.99
C GLY A 474 30.61 -15.65 -15.78
N GLN A 475 30.72 -16.48 -14.74
CA GLN A 475 31.33 -16.10 -13.48
C GLN A 475 32.80 -16.53 -13.43
N TYR A 476 33.61 -15.78 -12.69
CA TYR A 476 35.01 -16.14 -12.37
C TYR A 476 36.03 -16.02 -13.52
N SER A 477 35.62 -15.47 -14.65
CA SER A 477 36.57 -15.14 -15.73
C SER A 477 36.39 -13.69 -16.22
N PRO A 478 36.71 -12.69 -15.37
CA PRO A 478 36.64 -11.30 -15.83
C PRO A 478 37.56 -11.05 -17.01
N MET A 479 37.15 -10.17 -17.91
CA MET A 479 37.81 -9.98 -19.21
C MET A 479 38.68 -8.74 -19.28
N ALA A 480 39.83 -8.87 -19.94
CA ALA A 480 40.67 -7.74 -20.30
C ALA A 480 39.89 -6.80 -21.22
N ILE A 481 40.13 -5.49 -21.09
CA ILE A 481 39.40 -4.46 -21.84
C ILE A 481 39.38 -4.68 -23.36
N GLU A 482 40.48 -5.17 -23.91
CA GLU A 482 40.58 -5.40 -25.35
C GLU A 482 39.73 -6.58 -25.82
N GLU A 483 39.52 -7.55 -24.92
CA GLU A 483 38.63 -8.68 -25.18
C GLU A 483 37.18 -8.24 -25.11
N GLN A 484 36.87 -7.33 -24.20
CA GLN A 484 35.54 -6.74 -24.07
C GLN A 484 35.13 -5.99 -25.34
N VAL A 485 35.98 -5.07 -25.79
CA VAL A 485 35.66 -4.23 -26.95
C VAL A 485 35.59 -5.02 -28.26
N ALA A 486 36.34 -6.11 -28.35
CA ALA A 486 36.32 -6.96 -29.55
C ALA A 486 34.97 -7.68 -29.71
N VAL A 487 34.33 -8.03 -28.59
CA VAL A 487 32.98 -8.59 -28.62
C VAL A 487 31.91 -7.51 -28.79
N ILE A 488 32.08 -6.39 -28.09
CA ILE A 488 31.12 -5.27 -28.20
C ILE A 488 31.12 -4.66 -29.60
N TYR A 489 32.30 -4.57 -30.21
CA TYR A 489 32.45 -4.07 -31.58
C TYR A 489 31.70 -4.94 -32.60
N ALA A 490 31.78 -6.26 -32.41
CA ALA A 490 31.16 -7.22 -33.31
C ALA A 490 29.64 -7.09 -33.37
N GLY A 491 29.02 -6.77 -32.25
CA GLY A 491 27.58 -6.53 -32.19
C GLY A 491 27.19 -5.16 -32.68
N VAL A 492 27.98 -4.16 -32.30
CA VAL A 492 27.74 -2.76 -32.65
C VAL A 492 27.87 -2.50 -34.15
N ARG A 493 28.94 -3.01 -34.77
CA ARG A 493 29.16 -2.83 -36.19
C ARG A 493 28.34 -3.81 -37.05
N GLY A 494 27.47 -4.57 -36.39
CA GLY A 494 26.56 -5.48 -37.07
C GLY A 494 27.24 -6.63 -37.75
N TYR A 495 27.49 -7.70 -37.00
CA TYR A 495 28.05 -8.93 -37.56
C TYR A 495 27.33 -10.16 -37.02
N LEU A 496 26.37 -9.94 -36.13
CA LEU A 496 25.64 -11.03 -35.48
C LEU A 496 24.13 -10.91 -35.66
N ASP A 497 23.70 -9.97 -36.50
CA ASP A 497 22.28 -9.67 -36.71
C ASP A 497 21.51 -10.84 -37.32
N LYS A 498 22.24 -11.74 -37.98
CA LYS A 498 21.65 -12.91 -38.62
C LYS A 498 21.78 -14.18 -37.77
N LEU A 499 22.42 -14.05 -36.60
CA LEU A 499 22.62 -15.19 -35.71
C LEU A 499 21.46 -15.33 -34.72
N GLU A 500 20.93 -16.55 -34.62
CA GLU A 500 19.86 -16.89 -33.68
C GLU A 500 20.23 -16.46 -32.25
N PRO A 501 19.41 -15.58 -31.64
CA PRO A 501 19.54 -15.07 -30.28
C PRO A 501 20.09 -16.09 -29.27
N SER A 502 19.44 -17.26 -29.19
CA SER A 502 19.77 -18.30 -28.21
C SER A 502 21.18 -18.88 -28.33
N LYS A 503 21.86 -18.61 -29.44
CA LYS A 503 23.19 -19.18 -29.70
C LYS A 503 24.35 -18.24 -29.37
N ILE A 504 24.04 -16.98 -29.07
CA ILE A 504 25.06 -15.93 -28.91
C ILE A 504 26.02 -16.15 -27.74
N THR A 505 25.49 -16.57 -26.59
CA THR A 505 26.31 -16.83 -25.40
C THR A 505 27.34 -17.93 -25.64
N LYS A 506 26.90 -19.00 -26.31
CA LYS A 506 27.76 -20.12 -26.63
C LYS A 506 28.71 -19.78 -27.77
N PHE A 507 28.27 -18.86 -28.65
CA PHE A 507 29.12 -18.33 -29.73
C PHE A 507 30.31 -17.56 -29.17
N GLU A 508 30.02 -16.65 -28.23
CA GLU A 508 31.04 -15.78 -27.65
C GLU A 508 32.11 -16.56 -26.90
N ASN A 509 31.69 -17.57 -26.14
CA ASN A 509 32.60 -18.48 -25.43
C ASN A 509 33.60 -19.13 -26.38
N ALA A 510 33.07 -19.61 -27.50
CA ALA A 510 33.88 -20.26 -28.53
C ALA A 510 34.75 -19.23 -29.25
N PHE A 511 34.15 -18.07 -29.55
CA PHE A 511 34.83 -17.00 -30.25
C PHE A 511 36.00 -16.44 -29.44
N LEU A 512 35.76 -16.20 -28.15
CA LEU A 512 36.75 -15.62 -27.25
C LEU A 512 37.93 -16.57 -27.03
N SER A 513 37.65 -17.85 -26.83
CA SER A 513 38.68 -18.89 -26.71
C SER A 513 39.54 -18.94 -27.95
N HIS A 514 38.90 -18.75 -29.11
CA HIS A 514 39.57 -18.78 -30.41
C HIS A 514 40.50 -17.59 -30.64
N VAL A 515 40.05 -16.39 -30.31
CA VAL A 515 40.87 -15.19 -30.50
C VAL A 515 42.01 -15.07 -29.48
N ILE A 516 41.75 -15.43 -28.23
CA ILE A 516 42.78 -15.46 -27.19
C ILE A 516 43.93 -16.39 -27.58
N SER A 517 43.58 -17.60 -28.03
CA SER A 517 44.57 -18.63 -28.40
C SER A 517 45.29 -18.35 -29.71
N GLN A 518 44.58 -17.84 -30.71
CA GLN A 518 45.12 -17.73 -32.07
C GLN A 518 45.39 -16.30 -32.55
N HIS A 519 44.62 -15.35 -32.05
CA HIS A 519 44.76 -13.95 -32.48
C HIS A 519 45.10 -13.01 -31.33
N GLN A 520 46.14 -13.37 -30.58
CA GLN A 520 46.67 -12.54 -29.50
C GLN A 520 47.34 -11.29 -30.08
N ALA A 521 47.90 -11.44 -31.28
CA ALA A 521 48.47 -10.33 -32.04
C ALA A 521 47.42 -9.26 -32.34
N LEU A 522 46.20 -9.70 -32.64
CA LEU A 522 45.07 -8.79 -32.88
C LEU A 522 44.65 -8.09 -31.59
N LEU A 523 44.53 -8.85 -30.50
CA LEU A 523 44.12 -8.31 -29.20
C LEU A 523 45.14 -7.33 -28.63
N SER A 524 46.42 -7.60 -28.90
CA SER A 524 47.51 -6.69 -28.54
C SER A 524 47.44 -5.37 -29.29
N LYS A 525 47.08 -5.43 -30.57
CA LYS A 525 46.93 -4.25 -31.41
C LYS A 525 45.84 -3.30 -30.91
N ILE A 526 44.77 -3.86 -30.34
CA ILE A 526 43.69 -3.06 -29.76
C ILE A 526 44.13 -2.46 -28.42
N ARG A 527 45.14 -3.08 -27.81
CA ARG A 527 45.67 -2.63 -26.52
C ARG A 527 46.83 -1.65 -26.67
N THR A 528 47.80 -2.01 -27.51
CA THR A 528 48.99 -1.18 -27.76
C THR A 528 48.61 0.14 -28.45
N ASP A 529 47.61 0.09 -29.32
CA ASP A 529 47.17 1.26 -30.09
C ASP A 529 45.97 1.94 -29.45
N GLY A 530 45.34 1.28 -28.49
CA GLY A 530 44.25 1.86 -27.71
C GLY A 530 42.96 2.14 -28.46
N LYS A 531 42.71 1.37 -29.51
CA LYS A 531 41.48 1.46 -30.33
C LYS A 531 41.45 0.35 -31.38
N ILE A 532 40.33 0.25 -32.10
CA ILE A 532 40.20 -0.67 -33.23
C ILE A 532 40.42 0.11 -34.53
N SER A 533 41.57 -0.12 -35.17
CA SER A 533 41.90 0.55 -36.43
C SER A 533 41.18 -0.09 -37.62
N GLU A 534 41.43 0.42 -38.82
CA GLU A 534 40.86 -0.15 -40.05
C GLU A 534 41.43 -1.54 -40.32
N GLU A 535 42.72 -1.71 -40.02
CA GLU A 535 43.40 -3.00 -40.14
C GLU A 535 42.80 -4.02 -39.17
N SER A 536 42.61 -3.61 -37.91
CA SER A 536 41.98 -4.45 -36.89
C SER A 536 40.52 -4.77 -37.24
N ASP A 537 39.81 -3.77 -37.76
CA ASP A 537 38.42 -3.90 -38.19
C ASP A 537 38.26 -4.95 -39.30
N ALA A 538 39.19 -4.92 -40.27
CA ALA A 538 39.18 -5.86 -41.38
C ALA A 538 39.46 -7.29 -40.91
N LYS A 539 40.42 -7.44 -40.01
CA LYS A 539 40.80 -8.74 -39.46
C LYS A 539 39.68 -9.33 -38.61
N LEU A 540 39.02 -8.49 -37.81
CA LEU A 540 37.90 -8.92 -36.98
C LEU A 540 36.68 -9.31 -37.81
N LYS A 541 36.49 -8.63 -38.95
CA LYS A 541 35.41 -8.97 -39.88
C LYS A 541 35.60 -10.38 -40.44
N GLU A 542 36.81 -10.68 -40.92
CA GLU A 542 37.14 -12.00 -41.46
C GLU A 542 36.95 -13.11 -40.43
N ILE A 543 37.42 -12.88 -39.20
CA ILE A 543 37.35 -13.87 -38.14
C ILE A 543 35.91 -14.13 -37.67
N VAL A 544 35.15 -13.05 -37.44
CA VAL A 544 33.78 -13.18 -36.94
C VAL A 544 32.84 -13.84 -37.96
N THR A 545 32.83 -13.33 -39.18
CA THR A 545 31.90 -13.78 -40.22
C THR A 545 32.09 -15.26 -40.58
N ASN A 546 33.33 -15.66 -40.81
CA ASN A 546 33.65 -17.06 -41.11
C ASN A 546 33.44 -17.98 -39.91
N PHE A 547 33.67 -17.45 -38.70
CA PHE A 547 33.46 -18.18 -37.46
C PHE A 547 31.97 -18.40 -37.19
N LEU A 548 31.17 -17.39 -37.54
CA LEU A 548 29.72 -17.41 -37.35
C LEU A 548 29.06 -18.52 -38.16
N ALA A 549 29.49 -18.66 -39.41
CA ALA A 549 28.94 -19.67 -40.33
C ALA A 549 29.22 -21.10 -39.89
N GLY A 550 30.41 -21.32 -39.33
CA GLY A 550 30.79 -22.62 -38.79
C GLY A 550 30.04 -22.98 -37.52
N PHE A 551 29.78 -21.97 -36.69
CA PHE A 551 29.14 -22.18 -35.39
C PHE A 551 27.63 -22.44 -35.47
N GLU A 552 26.96 -21.81 -36.44
CA GLU A 552 25.50 -21.89 -36.56
C GLU A 552 25.01 -23.19 -37.22
N ALA A 553 25.95 -23.99 -37.73
CA ALA A 553 25.64 -25.27 -38.36
C ALA A 553 25.16 -26.29 -37.34
N VAL B 66 6.40 36.31 41.91
CA VAL B 66 6.05 36.36 43.36
C VAL B 66 4.56 36.05 43.61
N ASP B 67 3.70 36.60 42.77
CA ASP B 67 2.26 36.34 42.85
C ASP B 67 1.95 35.07 42.07
N LEU B 68 1.98 33.93 42.76
CA LEU B 68 1.81 32.62 42.14
C LEU B 68 0.38 32.34 41.66
N GLU B 69 -0.54 33.22 42.04
CA GLU B 69 -1.94 33.12 41.64
C GLU B 69 -2.18 33.76 40.28
N GLU B 70 -1.55 34.92 40.05
CA GLU B 70 -1.76 35.72 38.84
C GLU B 70 -0.60 35.64 37.83
N THR B 71 0.50 35.05 38.27
CA THR B 71 1.76 35.03 37.52
C THR B 71 2.41 33.66 37.69
N GLY B 72 3.32 33.33 36.77
CA GLY B 72 4.07 32.09 36.83
C GLY B 72 5.43 32.24 36.18
N ARG B 73 6.22 31.18 36.27
CA ARG B 73 7.55 31.15 35.64
C ARG B 73 7.66 29.93 34.72
N VAL B 74 8.25 30.14 33.55
CA VAL B 74 8.44 29.05 32.60
C VAL B 74 9.39 28.02 33.20
N LEU B 75 8.94 26.78 33.24
CA LEU B 75 9.75 25.65 33.71
C LEU B 75 10.57 25.07 32.57
N SER B 76 9.94 24.93 31.40
CA SER B 76 10.57 24.36 30.22
C SER B 76 9.84 24.83 28.97
N ILE B 77 10.54 24.82 27.84
CA ILE B 77 9.99 25.21 26.54
C ILE B 77 10.82 24.56 25.42
N GLY B 78 10.16 24.07 24.38
CA GLY B 78 10.91 23.53 23.25
C GLY B 78 10.23 22.52 22.34
N ASP B 79 8.92 22.36 22.50
CA ASP B 79 8.09 21.55 21.61
C ASP B 79 6.81 22.31 21.26
N GLY B 80 6.94 23.61 21.04
CA GLY B 80 5.78 24.49 20.81
C GLY B 80 4.96 24.76 22.06
N ILE B 81 5.24 24.01 23.14
CA ILE B 81 4.55 24.18 24.43
C ILE B 81 5.49 24.61 25.55
N ALA B 82 5.03 25.62 26.30
CA ALA B 82 5.72 26.07 27.49
C ALA B 82 5.03 25.45 28.70
N ARG B 83 5.83 24.89 29.60
CA ARG B 83 5.32 24.41 30.88
C ARG B 83 5.64 25.52 31.86
N VAL B 84 4.61 25.95 32.59
CA VAL B 84 4.71 27.11 33.47
C VAL B 84 4.31 26.72 34.89
N HIS B 85 5.15 27.08 35.85
CA HIS B 85 4.87 26.89 37.27
C HIS B 85 4.04 28.08 37.79
N GLY B 86 3.09 27.82 38.67
CA GLY B 86 2.26 28.89 39.22
C GLY B 86 0.97 29.06 38.44
N LEU B 87 0.60 30.32 38.21
CA LEU B 87 -0.67 30.68 37.55
C LEU B 87 -1.87 29.96 38.19
N ARG B 88 -1.88 29.88 39.51
CA ARG B 88 -2.87 29.06 40.22
C ARG B 88 -4.31 29.42 39.89
N ASN B 89 -4.56 30.69 39.62
CA ASN B 89 -5.91 31.17 39.31
C ASN B 89 -6.27 31.22 37.81
N VAL B 90 -5.35 30.76 36.96
CA VAL B 90 -5.61 30.79 35.51
C VAL B 90 -6.76 29.85 35.14
N GLN B 91 -7.57 30.29 34.18
CA GLN B 91 -8.65 29.49 33.63
C GLN B 91 -8.15 28.59 32.50
N ALA B 92 -8.87 27.49 32.27
CA ALA B 92 -8.67 26.68 31.07
C ALA B 92 -9.00 27.56 29.86
N GLU B 93 -8.08 27.57 28.90
CA GLU B 93 -8.20 28.31 27.63
C GLU B 93 -8.11 29.84 27.80
N GLU B 94 -7.46 30.27 28.87
CA GLU B 94 -7.19 31.68 29.10
C GLU B 94 -5.95 32.11 28.33
N MET B 95 -5.98 33.31 27.77
CA MET B 95 -4.81 33.91 27.17
C MET B 95 -3.86 34.35 28.29
N VAL B 96 -2.57 34.03 28.12
CA VAL B 96 -1.54 34.50 29.03
C VAL B 96 -0.52 35.32 28.24
N GLU B 97 0.29 36.09 28.95
CA GLU B 97 1.25 36.97 28.29
C GLU B 97 2.66 36.68 28.78
N PHE B 98 3.57 36.46 27.83
CA PHE B 98 4.97 36.23 28.15
C PHE B 98 5.75 37.54 28.25
N SER B 99 6.86 37.47 28.97
CA SER B 99 7.75 38.62 29.19
C SER B 99 8.13 39.30 27.88
N SER B 100 8.40 38.49 26.85
CA SER B 100 8.82 38.96 25.54
C SER B 100 7.73 39.71 24.78
N GLY B 101 6.48 39.55 25.22
CA GLY B 101 5.34 40.17 24.53
C GLY B 101 4.51 39.17 23.73
N LEU B 102 4.97 37.92 23.66
CA LEU B 102 4.19 36.87 23.02
C LEU B 102 2.97 36.54 23.85
N LYS B 103 1.93 36.06 23.18
CA LYS B 103 0.74 35.55 23.84
C LYS B 103 0.74 34.03 23.80
N GLY B 104 -0.04 33.43 24.69
CA GLY B 104 -0.17 31.97 24.76
C GLY B 104 -1.54 31.59 25.30
N MET B 105 -1.94 30.36 25.07
CA MET B 105 -3.20 29.85 25.61
C MET B 105 -2.94 28.77 26.65
N SER B 106 -3.52 28.93 27.83
CA SER B 106 -3.50 27.90 28.86
C SER B 106 -4.29 26.70 28.36
N LEU B 107 -3.59 25.63 27.98
CA LEU B 107 -4.23 24.43 27.43
C LEU B 107 -4.45 23.36 28.50
N ASN B 108 -3.35 22.98 29.14
CA ASN B 108 -3.31 21.92 30.12
C ASN B 108 -3.20 22.47 31.54
N LEU B 109 -4.25 22.34 32.33
CA LEU B 109 -4.15 22.66 33.75
C LEU B 109 -3.81 21.36 34.47
N GLU B 110 -2.62 21.31 35.06
CA GLU B 110 -2.18 20.12 35.77
C GLU B 110 -1.87 20.49 37.22
N PRO B 111 -1.74 19.50 38.12
CA PRO B 111 -1.52 19.81 39.54
C PRO B 111 -0.29 20.68 39.82
N ASP B 112 0.78 20.50 39.05
CA ASP B 112 2.07 21.14 39.32
C ASP B 112 2.52 22.14 38.25
N ASN B 113 1.77 22.24 37.15
CA ASN B 113 2.16 23.10 36.04
C ASN B 113 0.98 23.43 35.12
N VAL B 114 1.19 24.42 34.26
CA VAL B 114 0.22 24.77 33.22
C VAL B 114 0.91 24.63 31.87
N GLY B 115 0.30 23.85 30.98
CA GLY B 115 0.79 23.72 29.61
C GLY B 115 0.24 24.83 28.74
N VAL B 116 1.14 25.62 28.16
CA VAL B 116 0.75 26.81 27.37
C VAL B 116 1.15 26.65 25.90
N VAL B 117 0.17 26.78 25.02
CA VAL B 117 0.38 26.83 23.58
C VAL B 117 0.84 28.25 23.20
N VAL B 118 1.93 28.35 22.46
CA VAL B 118 2.55 29.66 22.22
C VAL B 118 2.18 30.21 20.84
N PHE B 119 1.61 31.41 20.81
CA PHE B 119 1.20 32.03 19.54
C PHE B 119 2.34 32.86 18.91
N GLY B 120 3.45 32.18 18.63
CA GLY B 120 4.65 32.82 18.08
C GLY B 120 5.83 31.86 18.14
N ASN B 121 7.02 32.38 17.82
CA ASN B 121 8.24 31.56 17.80
C ASN B 121 8.67 31.29 19.24
N ASP B 122 8.97 30.03 19.55
CA ASP B 122 9.37 29.70 20.93
C ASP B 122 10.81 30.07 21.31
N LYS B 123 11.60 30.53 20.33
CA LYS B 123 12.92 31.10 20.60
C LYS B 123 12.81 32.29 21.56
N LEU B 124 11.65 32.92 21.59
CA LEU B 124 11.42 34.12 22.38
C LEU B 124 11.02 33.83 23.82
N ILE B 125 10.96 32.55 24.18
CA ILE B 125 10.62 32.13 25.54
C ILE B 125 11.76 31.31 26.13
N LYS B 126 12.12 31.64 27.38
CA LYS B 126 13.20 30.98 28.10
C LYS B 126 12.73 30.48 29.46
N GLU B 127 13.33 29.39 29.94
CA GLU B 127 13.12 28.94 31.33
C GLU B 127 13.34 30.12 32.27
N GLY B 128 12.39 30.34 33.17
CA GLY B 128 12.49 31.44 34.12
C GLY B 128 11.73 32.69 33.74
N ASP B 129 11.30 32.79 32.48
CA ASP B 129 10.51 33.94 32.02
C ASP B 129 9.21 34.06 32.79
N ILE B 130 8.80 35.29 33.07
CA ILE B 130 7.55 35.55 33.77
C ILE B 130 6.37 35.45 32.80
N VAL B 131 5.30 34.79 33.25
CA VAL B 131 4.08 34.63 32.47
C VAL B 131 2.92 35.20 33.27
N LYS B 132 2.09 36.01 32.63
CA LYS B 132 0.99 36.73 33.31
C LYS B 132 -0.38 36.36 32.79
N ARG B 133 -1.33 36.26 33.73
CA ARG B 133 -2.75 36.11 33.40
C ARG B 133 -3.25 37.37 32.70
N THR B 134 -4.19 37.19 31.78
CA THR B 134 -4.92 38.32 31.20
C THR B 134 -6.35 38.32 31.71
N GLY B 135 -6.76 37.20 32.31
CA GLY B 135 -8.11 37.04 32.83
C GLY B 135 -9.15 36.72 31.77
N ALA B 136 -8.72 36.65 30.51
CA ALA B 136 -9.66 36.50 29.39
C ALA B 136 -9.46 35.19 28.62
N ILE B 137 -10.54 34.43 28.45
CA ILE B 137 -10.54 33.26 27.56
C ILE B 137 -10.11 33.78 26.19
N VAL B 138 -9.24 33.04 25.50
CA VAL B 138 -8.66 33.49 24.23
C VAL B 138 -9.73 34.18 23.38
N ASP B 139 -9.48 35.45 23.07
CA ASP B 139 -10.41 36.25 22.29
C ASP B 139 -9.68 37.14 21.28
N VAL B 140 -10.46 37.80 20.42
CA VAL B 140 -9.93 38.71 19.40
C VAL B 140 -10.79 39.97 19.29
N PRO B 141 -10.20 41.09 18.86
CA PRO B 141 -11.04 42.25 18.53
C PRO B 141 -12.00 41.92 17.39
N VAL B 142 -13.20 42.48 17.47
CA VAL B 142 -14.20 42.36 16.40
C VAL B 142 -14.84 43.73 16.16
N GLY B 143 -15.54 43.89 15.04
CA GLY B 143 -16.21 45.16 14.75
C GLY B 143 -15.97 45.63 13.33
N GLU B 144 -16.55 46.77 12.98
CA GLU B 144 -16.43 47.31 11.62
C GLU B 144 -15.08 48.00 11.40
N GLU B 145 -14.38 48.32 12.48
CA GLU B 145 -13.07 48.96 12.38
C GLU B 145 -12.04 48.10 11.63
N LEU B 146 -12.26 46.79 11.61
CA LEU B 146 -11.36 45.87 10.92
C LEU B 146 -11.51 45.83 9.39
N LEU B 147 -12.61 46.36 8.88
CA LEU B 147 -12.84 46.43 7.43
C LEU B 147 -11.74 47.25 6.75
N GLY B 148 -11.17 46.70 5.67
CA GLY B 148 -10.07 47.35 4.96
C GLY B 148 -8.69 47.03 5.52
N ARG B 149 -8.62 46.20 6.55
CA ARG B 149 -7.36 45.92 7.23
C ARG B 149 -6.84 44.51 7.03
N VAL B 150 -5.52 44.37 7.11
CA VAL B 150 -4.84 43.07 7.15
C VAL B 150 -4.27 42.87 8.55
N VAL B 151 -4.72 41.80 9.20
CA VAL B 151 -4.32 41.46 10.57
C VAL B 151 -3.71 40.06 10.66
N ASP B 152 -2.89 39.82 11.68
CA ASP B 152 -2.43 38.46 11.99
C ASP B 152 -3.53 37.68 12.73
N ALA B 153 -3.22 36.45 13.15
CA ALA B 153 -4.18 35.56 13.81
C ALA B 153 -4.76 36.11 15.12
N LEU B 154 -4.02 36.99 15.77
CA LEU B 154 -4.45 37.58 17.05
C LEU B 154 -5.23 38.87 16.84
N GLY B 155 -5.32 39.31 15.59
CA GLY B 155 -6.04 40.54 15.25
C GLY B 155 -5.22 41.82 15.33
N ASN B 156 -3.89 41.67 15.37
CA ASN B 156 -3.00 42.83 15.31
C ASN B 156 -2.76 43.24 13.87
N ALA B 157 -2.74 44.55 13.62
CA ALA B 157 -2.51 45.08 12.27
C ALA B 157 -1.12 44.68 11.76
N ILE B 158 -1.07 44.20 10.52
CA ILE B 158 0.21 43.90 9.87
C ILE B 158 0.41 44.67 8.56
N ASP B 159 -0.48 45.62 8.29
CA ASP B 159 -0.48 46.39 7.06
C ASP B 159 0.16 47.78 7.21
N GLY B 160 0.63 48.09 8.42
CA GLY B 160 1.29 49.37 8.71
C GLY B 160 0.37 50.59 8.66
N LYS B 161 -0.94 50.35 8.69
CA LYS B 161 -1.93 51.42 8.59
C LYS B 161 -2.39 51.96 9.95
N GLY B 162 -1.67 51.59 10.99
CA GLY B 162 -1.92 52.14 12.32
C GLY B 162 -2.92 51.37 13.15
N PRO B 163 -3.30 51.93 14.31
CA PRO B 163 -4.18 51.28 15.27
C PRO B 163 -5.53 50.87 14.66
N ILE B 164 -6.10 49.80 15.19
CA ILE B 164 -7.46 49.39 14.85
C ILE B 164 -8.37 49.72 16.04
N GLY B 165 -9.39 50.52 15.78
CA GLY B 165 -10.22 51.09 16.86
C GLY B 165 -11.12 50.16 17.66
N SER B 166 -11.23 48.90 17.24
CA SER B 166 -12.19 47.95 17.82
C SER B 166 -12.15 47.89 19.34
N LYS B 167 -13.32 48.03 19.96
CA LYS B 167 -13.42 48.02 21.41
C LYS B 167 -13.93 46.67 21.93
N ALA B 168 -14.88 46.08 21.20
CA ALA B 168 -15.47 44.78 21.56
C ALA B 168 -14.57 43.61 21.17
N ARG B 169 -14.74 42.49 21.88
CA ARG B 169 -13.95 41.28 21.65
C ARG B 169 -14.86 40.06 21.74
N ARG B 170 -14.53 39.03 20.97
CA ARG B 170 -15.26 37.76 21.01
C ARG B 170 -14.29 36.60 21.23
N ARG B 171 -14.72 35.62 22.01
CA ARG B 171 -13.96 34.39 22.22
C ARG B 171 -13.85 33.60 20.93
N VAL B 172 -12.63 33.19 20.59
CA VAL B 172 -12.40 32.47 19.34
C VAL B 172 -13.03 31.07 19.33
N GLY B 173 -13.24 30.49 20.51
CA GLY B 173 -13.76 29.12 20.63
C GLY B 173 -15.26 29.01 20.92
N LEU B 174 -15.99 30.11 20.78
CA LEU B 174 -17.41 30.14 21.13
C LEU B 174 -18.20 29.10 20.34
N LYS B 175 -19.05 28.32 21.01
CA LYS B 175 -19.84 27.28 20.37
C LYS B 175 -20.88 27.86 19.40
N ALA B 176 -21.06 27.20 18.26
CA ALA B 176 -22.07 27.59 17.27
C ALA B 176 -23.48 27.61 17.85
N PRO B 177 -24.36 28.49 17.33
CA PRO B 177 -25.78 28.53 17.70
C PRO B 177 -26.42 27.16 17.57
N GLY B 178 -27.35 26.84 18.46
CA GLY B 178 -28.04 25.56 18.44
C GLY B 178 -29.14 25.52 17.39
N ILE B 179 -30.08 24.60 17.56
CA ILE B 179 -31.19 24.43 16.62
C ILE B 179 -32.11 25.66 16.55
N ILE B 180 -32.62 26.09 17.70
CA ILE B 180 -33.67 27.12 17.76
C ILE B 180 -33.32 28.51 17.21
N PRO B 181 -32.09 29.03 17.46
CA PRO B 181 -31.75 30.34 16.89
C PRO B 181 -31.69 30.42 15.35
N ARG B 182 -31.83 29.29 14.67
CA ARG B 182 -31.61 29.24 13.22
C ARG B 182 -32.90 29.19 12.40
N ILE B 183 -32.76 29.47 11.11
CA ILE B 183 -33.84 29.28 10.14
C ILE B 183 -33.19 28.86 8.82
N SER B 184 -33.94 28.19 7.96
CA SER B 184 -33.40 27.66 6.71
C SER B 184 -32.84 28.77 5.84
N VAL B 185 -31.73 28.50 5.15
CA VAL B 185 -31.14 29.48 4.25
C VAL B 185 -32.07 29.75 3.07
N ARG B 186 -32.27 31.03 2.80
CA ARG B 186 -33.30 31.49 1.88
C ARG B 186 -32.82 32.60 0.96
N GLU B 187 -31.73 33.27 1.37
CA GLU B 187 -31.22 34.43 0.64
C GLU B 187 -30.02 34.05 -0.22
N PRO B 188 -30.00 34.49 -1.49
CA PRO B 188 -28.87 34.19 -2.38
C PRO B 188 -27.57 34.83 -1.92
N MET B 189 -26.50 34.05 -1.93
CA MET B 189 -25.14 34.56 -1.78
C MET B 189 -24.53 34.45 -3.17
N GLN B 190 -24.54 35.56 -3.90
CA GLN B 190 -24.19 35.57 -5.33
C GLN B 190 -22.69 35.66 -5.54
N THR B 191 -22.14 34.69 -6.27
CA THR B 191 -20.72 34.67 -6.57
C THR B 191 -20.37 35.51 -7.80
N GLY B 192 -21.34 35.64 -8.72
CA GLY B 192 -21.10 36.29 -10.01
C GLY B 192 -20.42 35.37 -11.00
N ILE B 193 -20.27 34.10 -10.62
CA ILE B 193 -19.70 33.06 -11.47
C ILE B 193 -20.84 32.20 -12.00
N LYS B 194 -21.04 32.24 -13.32
CA LYS B 194 -22.18 31.59 -13.97
C LYS B 194 -22.36 30.12 -13.57
N ALA B 195 -21.28 29.34 -13.63
CA ALA B 195 -21.34 27.92 -13.29
C ALA B 195 -21.85 27.68 -11.88
N VAL B 196 -21.44 28.54 -10.94
CA VAL B 196 -21.81 28.39 -9.55
C VAL B 196 -23.26 28.84 -9.30
N ASP B 197 -23.57 30.08 -9.69
CA ASP B 197 -24.86 30.67 -9.39
C ASP B 197 -26.04 29.95 -10.06
N SER B 198 -25.76 29.27 -11.18
CA SER B 198 -26.79 28.54 -11.90
C SER B 198 -26.93 27.10 -11.42
N LEU B 199 -25.80 26.40 -11.31
CA LEU B 199 -25.81 24.95 -11.10
C LEU B 199 -25.46 24.50 -9.69
N VAL B 200 -24.72 25.33 -8.96
CA VAL B 200 -24.33 25.02 -7.58
C VAL B 200 -24.64 26.23 -6.66
N PRO B 201 -25.93 26.65 -6.60
CA PRO B 201 -26.24 27.94 -5.98
C PRO B 201 -25.93 27.94 -4.48
N ILE B 202 -25.45 29.07 -3.97
CA ILE B 202 -25.07 29.22 -2.56
C ILE B 202 -26.00 30.22 -1.86
N GLY B 203 -26.47 29.84 -0.69
CA GLY B 203 -27.33 30.69 0.14
C GLY B 203 -26.57 31.30 1.31
N ARG B 204 -27.14 32.37 1.86
CA ARG B 204 -26.55 33.05 3.02
C ARG B 204 -26.79 32.25 4.28
N GLY B 205 -25.71 31.81 4.92
CA GLY B 205 -25.77 30.88 6.04
C GLY B 205 -25.17 29.53 5.71
N GLN B 206 -25.08 29.23 4.41
CA GLN B 206 -24.59 27.93 3.94
C GLN B 206 -23.08 27.78 4.11
N ARG B 207 -22.62 26.54 4.15
CA ARG B 207 -21.21 26.23 4.07
C ARG B 207 -21.02 25.47 2.76
N GLU B 208 -20.13 25.97 1.90
CA GLU B 208 -19.90 25.34 0.60
C GLU B 208 -18.42 25.16 0.38
N LEU B 209 -17.99 23.90 0.36
CA LEU B 209 -16.57 23.56 0.21
C LEU B 209 -16.09 23.83 -1.22
N ILE B 210 -14.93 24.46 -1.33
CA ILE B 210 -14.21 24.55 -2.60
C ILE B 210 -13.05 23.55 -2.50
N ILE B 211 -13.02 22.59 -3.41
CA ILE B 211 -12.09 21.46 -3.29
C ILE B 211 -11.47 21.08 -4.65
N GLY B 212 -10.17 20.82 -4.64
CA GLY B 212 -9.45 20.43 -5.85
C GLY B 212 -7.94 20.39 -5.63
N ASP B 213 -7.22 19.88 -6.63
CA ASP B 213 -5.76 19.80 -6.60
C ASP B 213 -5.15 21.20 -6.59
N ARG B 214 -3.83 21.26 -6.35
CA ARG B 214 -3.11 22.53 -6.42
C ARG B 214 -3.30 23.19 -7.78
N GLN B 215 -3.38 24.52 -7.78
CA GLN B 215 -3.47 25.34 -9.00
C GLN B 215 -4.63 24.98 -9.94
N THR B 216 -5.80 24.72 -9.37
CA THR B 216 -6.99 24.39 -10.16
C THR B 216 -8.00 25.55 -10.21
N GLY B 217 -7.71 26.65 -9.52
CA GLY B 217 -8.57 27.84 -9.54
C GLY B 217 -9.39 28.06 -8.27
N LYS B 218 -8.99 27.41 -7.18
CA LYS B 218 -9.77 27.46 -5.92
C LYS B 218 -9.91 28.87 -5.35
N THR B 219 -8.78 29.54 -5.11
CA THR B 219 -8.78 30.91 -4.57
C THR B 219 -9.53 31.88 -5.46
N SER B 220 -9.39 31.69 -6.79
CA SER B 220 -10.07 32.56 -7.76
C SER B 220 -11.59 32.56 -7.60
N ILE B 221 -12.18 31.43 -7.23
CA ILE B 221 -13.61 31.36 -6.94
C ILE B 221 -13.95 32.34 -5.81
N ALA B 222 -13.18 32.25 -4.73
CA ALA B 222 -13.37 33.08 -3.54
C ALA B 222 -13.18 34.57 -3.83
N ILE B 223 -12.13 34.91 -4.58
CA ILE B 223 -11.82 36.30 -4.90
C ILE B 223 -12.89 36.98 -5.75
N ASP B 224 -13.38 36.27 -6.78
CA ASP B 224 -14.46 36.81 -7.61
C ASP B 224 -15.76 37.00 -6.81
N THR B 225 -16.02 36.09 -5.88
CA THR B 225 -17.18 36.22 -4.98
C THR B 225 -17.06 37.49 -4.12
N ILE B 226 -15.89 37.72 -3.55
CA ILE B 226 -15.65 38.94 -2.76
C ILE B 226 -15.88 40.19 -3.62
N ILE B 227 -15.21 40.26 -4.77
CA ILE B 227 -15.33 41.37 -5.70
C ILE B 227 -16.78 41.59 -6.13
N ASN B 228 -17.54 40.49 -6.26
CA ASN B 228 -18.94 40.56 -6.69
C ASN B 228 -19.85 41.40 -5.79
N GLN B 229 -19.54 41.40 -4.50
CA GLN B 229 -20.38 42.03 -3.49
C GLN B 229 -20.39 43.55 -3.57
N LYS B 230 -19.43 44.12 -4.30
CA LYS B 230 -19.35 45.57 -4.49
C LYS B 230 -20.69 46.19 -4.87
N ARG B 231 -21.43 45.54 -5.77
CA ARG B 231 -22.71 46.09 -6.25
C ARG B 231 -23.78 46.23 -5.16
N PHE B 232 -23.76 45.33 -4.17
CA PHE B 232 -24.68 45.40 -3.04
C PHE B 232 -24.16 46.33 -1.96
N ASN B 233 -22.85 46.28 -1.75
CA ASN B 233 -22.19 47.08 -0.72
C ASN B 233 -22.11 48.57 -1.02
N ASP B 234 -22.24 48.92 -2.30
CA ASP B 234 -22.35 50.32 -2.70
C ASP B 234 -23.76 50.86 -2.44
N GLY B 235 -24.71 49.96 -2.19
CA GLY B 235 -26.09 50.34 -1.85
C GLY B 235 -26.24 50.88 -0.44
N THR B 236 -27.49 51.06 0.00
CA THR B 236 -27.76 51.58 1.34
C THR B 236 -28.55 50.59 2.22
N ASP B 237 -29.00 49.49 1.61
CA ASP B 237 -29.73 48.45 2.31
C ASP B 237 -28.78 47.44 2.96
N GLU B 238 -28.57 47.57 4.27
CA GLU B 238 -27.62 46.72 5.01
C GLU B 238 -27.96 45.23 4.98
N LYS B 239 -29.22 44.91 4.72
CA LYS B 239 -29.69 43.52 4.65
C LYS B 239 -29.21 42.80 3.38
N LYS B 240 -28.97 43.57 2.33
CA LYS B 240 -28.52 43.03 1.05
C LYS B 240 -26.99 42.97 0.96
N LYS B 241 -26.32 43.69 1.87
CA LYS B 241 -24.86 43.77 1.87
C LYS B 241 -24.20 42.50 2.38
N LEU B 242 -22.97 42.26 1.93
CA LEU B 242 -22.19 41.10 2.34
C LEU B 242 -20.77 41.51 2.68
N TYR B 243 -20.46 41.54 3.98
CA TYR B 243 -19.13 41.88 4.45
C TYR B 243 -18.25 40.64 4.39
N CYS B 244 -17.01 40.81 3.95
CA CYS B 244 -16.15 39.67 3.65
C CYS B 244 -14.93 39.53 4.56
N ILE B 245 -14.55 38.28 4.80
CA ILE B 245 -13.37 37.94 5.60
C ILE B 245 -12.58 36.89 4.86
N TYR B 246 -11.35 37.20 4.53
CA TYR B 246 -10.48 36.25 3.88
C TYR B 246 -9.40 35.78 4.84
N VAL B 247 -9.45 34.50 5.20
CA VAL B 247 -8.46 33.91 6.10
C VAL B 247 -7.42 33.16 5.29
N ALA B 248 -6.19 33.66 5.31
CA ALA B 248 -5.06 32.99 4.69
C ALA B 248 -4.35 32.13 5.74
N ILE B 249 -4.28 30.83 5.49
CA ILE B 249 -3.59 29.90 6.39
C ILE B 249 -2.52 29.14 5.62
N GLY B 250 -1.26 29.33 6.02
CA GLY B 250 -0.15 28.55 5.47
C GLY B 250 0.37 29.02 4.13
N GLN B 251 -0.19 30.13 3.63
CA GLN B 251 0.17 30.67 2.31
C GLN B 251 1.50 31.40 2.33
N LYS B 252 2.01 31.73 1.15
CA LYS B 252 3.15 32.62 1.01
C LYS B 252 2.68 34.04 1.27
N ARG B 253 3.50 34.81 1.98
CA ARG B 253 3.22 36.23 2.27
C ARG B 253 3.03 37.01 0.97
N SER B 254 3.83 36.70 -0.04
CA SER B 254 3.74 37.36 -1.35
C SER B 254 2.37 37.13 -1.98
N THR B 255 1.86 35.91 -1.85
CA THR B 255 0.54 35.57 -2.36
C THR B 255 -0.55 36.41 -1.72
N VAL B 256 -0.49 36.55 -0.39
CA VAL B 256 -1.48 37.36 0.33
C VAL B 256 -1.38 38.83 -0.08
N ALA B 257 -0.15 39.35 -0.16
CA ALA B 257 0.07 40.72 -0.61
C ALA B 257 -0.53 40.98 -1.98
N GLN B 258 -0.30 40.06 -2.92
CA GLN B 258 -0.84 40.17 -4.28
C GLN B 258 -2.36 40.15 -4.27
N LEU B 259 -2.90 39.39 -3.33
CA LEU B 259 -4.33 39.23 -3.12
C LEU B 259 -4.97 40.56 -2.70
N VAL B 260 -4.42 41.19 -1.65
CA VAL B 260 -4.95 42.48 -1.17
C VAL B 260 -4.84 43.56 -2.24
N LYS B 261 -3.73 43.56 -2.99
CA LYS B 261 -3.55 44.48 -4.13
C LYS B 261 -4.69 44.33 -5.14
N ARG B 262 -5.01 43.08 -5.48
CA ARG B 262 -6.12 42.76 -6.38
C ARG B 262 -7.46 43.27 -5.84
N LEU B 263 -7.72 43.00 -4.56
CA LEU B 263 -8.95 43.45 -3.91
C LEU B 263 -9.04 44.97 -3.86
N THR B 264 -7.92 45.62 -3.55
CA THR B 264 -7.84 47.07 -3.50
C THR B 264 -8.15 47.71 -4.85
N ASP B 265 -7.52 47.18 -5.90
CA ASP B 265 -7.75 47.64 -7.28
C ASP B 265 -9.21 47.53 -7.70
N ALA B 266 -9.90 46.51 -7.19
CA ALA B 266 -11.30 46.26 -7.52
C ALA B 266 -12.26 46.97 -6.57
N ASP B 267 -11.72 47.80 -5.68
CA ASP B 267 -12.49 48.52 -4.66
C ASP B 267 -13.31 47.58 -3.76
N ALA B 268 -12.72 46.42 -3.46
CA ALA B 268 -13.37 45.41 -2.64
C ALA B 268 -12.76 45.32 -1.23
N MET B 269 -11.56 45.89 -1.08
CA MET B 269 -10.85 45.82 0.19
C MET B 269 -11.59 46.54 1.32
N LYS B 270 -12.33 47.59 0.96
CA LYS B 270 -13.04 48.42 1.95
C LYS B 270 -14.12 47.67 2.74
N TYR B 271 -14.61 46.56 2.20
CA TYR B 271 -15.58 45.72 2.90
C TYR B 271 -15.02 44.34 3.25
N THR B 272 -13.70 44.23 3.25
CA THR B 272 -13.02 42.97 3.50
C THR B 272 -12.03 43.06 4.65
N ILE B 273 -11.99 42.02 5.48
CA ILE B 273 -10.98 41.86 6.50
C ILE B 273 -10.07 40.71 6.08
N VAL B 274 -8.77 40.95 6.04
CA VAL B 274 -7.86 39.85 5.78
C VAL B 274 -7.14 39.45 7.06
N VAL B 275 -7.31 38.19 7.42
CA VAL B 275 -6.60 37.57 8.54
C VAL B 275 -5.55 36.65 7.96
N SER B 276 -4.29 36.85 8.33
CA SER B 276 -3.19 36.12 7.72
C SER B 276 -2.24 35.46 8.71
N ALA B 277 -2.11 34.14 8.58
CA ALA B 277 -1.10 33.35 9.28
C ALA B 277 -0.39 32.51 8.21
N THR B 278 0.76 33.01 7.77
CA THR B 278 1.44 32.51 6.58
C THR B 278 2.43 31.37 6.86
N ALA B 279 3.06 30.87 5.80
CA ALA B 279 3.93 29.69 5.85
C ALA B 279 5.05 29.77 6.90
N SER B 280 5.54 30.98 7.18
CA SER B 280 6.58 31.16 8.20
C SER B 280 6.06 31.49 9.61
N ASP B 281 4.74 31.62 9.77
CA ASP B 281 4.15 31.83 11.09
C ASP B 281 4.06 30.50 11.85
N ALA B 282 4.27 30.54 13.17
CA ALA B 282 4.23 29.35 14.01
C ALA B 282 2.90 28.59 13.83
N ALA B 283 2.97 27.27 13.89
CA ALA B 283 1.77 26.43 13.73
C ALA B 283 0.55 26.84 14.59
N PRO B 284 0.74 27.18 15.88
CA PRO B 284 -0.43 27.61 16.66
C PRO B 284 -1.15 28.85 16.10
N LEU B 285 -0.42 29.73 15.40
CA LEU B 285 -1.04 30.90 14.75
C LEU B 285 -1.88 30.48 13.54
N GLN B 286 -1.39 29.49 12.79
CA GLN B 286 -2.12 28.94 11.65
C GLN B 286 -3.36 28.18 12.14
N TYR B 287 -3.21 27.46 13.24
CA TYR B 287 -4.31 26.79 13.93
C TYR B 287 -5.38 27.80 14.32
N LEU B 288 -4.96 28.91 14.91
CA LEU B 288 -5.86 29.94 15.44
C LEU B 288 -6.62 30.74 14.37
N ALA B 289 -5.91 31.09 13.30
CA ALA B 289 -6.40 32.03 12.28
C ALA B 289 -7.87 31.84 11.86
N PRO B 290 -8.28 30.59 11.50
CA PRO B 290 -9.69 30.38 11.13
C PRO B 290 -10.67 30.77 12.22
N TYR B 291 -10.36 30.41 13.47
CA TYR B 291 -11.27 30.73 14.59
C TYR B 291 -11.38 32.22 14.83
N SER B 292 -10.26 32.92 14.71
CA SER B 292 -10.23 34.38 14.85
C SER B 292 -11.06 35.05 13.78
N GLY B 293 -10.86 34.63 12.53
CA GLY B 293 -11.62 35.18 11.41
C GLY B 293 -13.10 34.91 11.56
N CYS B 294 -13.43 33.70 12.02
CA CYS B 294 -14.81 33.29 12.24
C CYS B 294 -15.51 34.19 13.27
N SER B 295 -14.83 34.46 14.39
CA SER B 295 -15.33 35.41 15.41
C SER B 295 -15.57 36.81 14.82
N MET B 296 -14.67 37.27 13.95
CA MET B 296 -14.87 38.54 13.25
C MET B 296 -16.10 38.50 12.33
N GLY B 297 -16.34 37.34 11.72
CA GLY B 297 -17.55 37.11 10.93
C GLY B 297 -18.82 37.06 11.77
N GLU B 298 -18.75 36.38 12.90
CA GLU B 298 -19.91 36.25 13.81
C GLU B 298 -20.39 37.61 14.33
N TYR B 299 -19.46 38.57 14.45
CA TYR B 299 -19.82 39.94 14.81
C TYR B 299 -20.92 40.44 13.88
N PHE B 300 -20.74 40.22 12.58
CA PHE B 300 -21.75 40.61 11.59
C PHE B 300 -23.01 39.75 11.67
N ARG B 301 -22.82 38.43 11.74
CA ARG B 301 -23.93 37.48 11.87
C ARG B 301 -24.87 37.88 13.01
N ASP B 302 -24.29 38.17 14.18
CA ASP B 302 -25.07 38.47 15.38
C ASP B 302 -25.51 39.93 15.50
N ASN B 303 -25.03 40.79 14.60
CA ASN B 303 -25.45 42.20 14.53
C ASN B 303 -26.54 42.44 13.47
N GLY B 304 -27.20 41.37 13.04
CA GLY B 304 -28.26 41.45 12.03
C GLY B 304 -27.77 41.73 10.61
N LYS B 305 -26.49 41.49 10.37
CA LYS B 305 -25.91 41.71 9.05
C LYS B 305 -25.36 40.40 8.50
N HIS B 306 -24.77 40.46 7.30
CA HIS B 306 -24.33 39.24 6.61
C HIS B 306 -22.86 39.28 6.28
N ALA B 307 -22.16 38.23 6.65
CA ALA B 307 -20.74 38.10 6.37
C ALA B 307 -20.45 36.83 5.57
N LEU B 308 -19.36 36.88 4.82
CA LEU B 308 -18.87 35.74 4.07
C LEU B 308 -17.44 35.52 4.51
N ILE B 309 -17.12 34.28 4.87
CA ILE B 309 -15.76 33.94 5.26
C ILE B 309 -15.19 32.83 4.38
N ILE B 310 -13.93 33.01 4.00
CA ILE B 310 -13.19 32.04 3.23
C ILE B 310 -12.03 31.55 4.08
N TYR B 311 -11.92 30.23 4.24
CA TYR B 311 -10.79 29.61 4.91
C TYR B 311 -9.89 29.01 3.85
N ASP B 312 -8.78 29.71 3.56
CA ASP B 312 -7.87 29.35 2.47
C ASP B 312 -6.46 29.05 2.99
N ASP B 313 -6.16 27.82 3.40
CA ASP B 313 -7.09 26.68 3.28
C ASP B 313 -7.07 25.80 4.52
N LEU B 314 -8.13 25.00 4.68
CA LEU B 314 -8.24 24.12 5.84
C LEU B 314 -7.32 22.90 5.83
N SER B 315 -6.78 22.55 4.66
CA SER B 315 -5.77 21.49 4.58
C SER B 315 -4.51 21.89 5.33
N LYS B 316 -4.07 23.12 5.11
CA LYS B 316 -2.88 23.63 5.79
C LYS B 316 -3.12 23.85 7.30
N GLN B 317 -4.33 24.26 7.67
CA GLN B 317 -4.67 24.35 9.10
C GLN B 317 -4.59 22.98 9.78
N ALA B 318 -5.12 21.95 9.13
CA ALA B 318 -5.08 20.58 9.67
C ALA B 318 -3.63 20.09 9.84
N VAL B 319 -2.77 20.44 8.89
CA VAL B 319 -1.35 20.10 8.95
C VAL B 319 -0.70 20.78 10.17
N ALA B 320 -1.02 22.06 10.37
CA ALA B 320 -0.55 22.85 11.52
C ALA B 320 -1.01 22.22 12.83
N TYR B 321 -2.26 21.79 12.88
CA TYR B 321 -2.80 21.14 14.07
C TYR B 321 -2.16 19.78 14.34
N ARG B 322 -1.91 19.03 13.26
CA ARG B 322 -1.18 17.76 13.37
C ARG B 322 0.23 17.96 13.93
N GLN B 323 0.92 19.03 13.49
CA GLN B 323 2.21 19.37 14.09
C GLN B 323 2.09 19.55 15.61
N MET B 324 1.15 20.40 16.02
CA MET B 324 0.92 20.67 17.44
C MET B 324 0.62 19.37 18.20
N SER B 325 -0.27 18.55 17.63
CA SER B 325 -0.74 17.32 18.28
C SER B 325 0.36 16.27 18.43
N LEU B 326 1.19 16.09 17.41
CA LEU B 326 2.31 15.13 17.50
C LEU B 326 3.38 15.59 18.49
N LEU B 327 3.59 16.90 18.54
CA LEU B 327 4.52 17.49 19.52
C LEU B 327 4.00 17.37 20.94
N LEU B 328 2.68 17.36 21.09
CA LEU B 328 2.03 17.07 22.38
C LEU B 328 1.98 15.57 22.67
N ARG B 329 2.46 14.76 21.72
CA ARG B 329 2.51 13.29 21.82
C ARG B 329 1.13 12.64 21.95
N ARG B 330 0.14 13.24 21.31
CA ARG B 330 -1.19 12.67 21.21
C ARG B 330 -1.19 11.55 20.16
N PRO B 331 -1.92 10.44 20.43
CA PRO B 331 -1.86 9.26 19.55
C PRO B 331 -2.43 9.53 18.16
N PRO B 332 -1.62 9.34 17.10
CA PRO B 332 -2.03 9.59 15.73
C PRO B 332 -2.83 8.43 15.12
N GLY B 333 -3.61 8.73 14.09
CA GLY B 333 -4.34 7.71 13.35
C GLY B 333 -4.04 7.79 11.87
N ARG B 334 -5.09 7.87 11.06
CA ARG B 334 -4.96 8.02 9.60
C ARG B 334 -4.06 9.19 9.22
N GLU B 335 -3.05 8.91 8.40
CA GLU B 335 -2.08 9.90 7.95
C GLU B 335 -1.46 10.67 9.11
N ALA B 336 -1.34 10.00 10.26
CA ALA B 336 -0.79 10.59 11.48
C ALA B 336 -1.59 11.77 12.05
N TYR B 337 -2.82 11.99 11.55
CA TYR B 337 -3.71 13.02 12.12
C TYR B 337 -4.29 12.58 13.46
N PRO B 338 -4.58 13.56 14.35
CA PRO B 338 -5.18 13.21 15.62
C PRO B 338 -6.66 12.88 15.45
N GLY B 339 -7.22 12.18 16.43
CA GLY B 339 -8.62 11.77 16.39
C GLY B 339 -9.63 12.90 16.43
N ASP B 340 -9.19 14.07 16.88
CA ASP B 340 -10.08 15.25 16.94
C ASP B 340 -9.90 16.17 15.72
N VAL B 341 -9.31 15.66 14.65
CA VAL B 341 -9.11 16.49 13.45
C VAL B 341 -10.45 16.82 12.75
N PHE B 342 -11.42 15.89 12.82
CA PHE B 342 -12.77 16.17 12.32
C PHE B 342 -13.39 17.32 13.12
N TYR B 343 -13.31 17.21 14.44
CA TYR B 343 -13.91 18.19 15.36
C TYR B 343 -13.28 19.58 15.19
N LEU B 344 -11.98 19.60 14.87
CA LEU B 344 -11.24 20.84 14.54
C LEU B 344 -11.98 21.65 13.48
N HIS B 345 -12.40 20.97 12.41
CA HIS B 345 -13.15 21.60 11.35
C HIS B 345 -14.65 21.68 11.60
N SER B 346 -15.21 20.70 12.30
CA SER B 346 -16.66 20.69 12.53
C SER B 346 -17.12 21.86 13.38
N ARG B 347 -16.41 22.13 14.48
CA ARG B 347 -16.80 23.19 15.39
C ARG B 347 -16.65 24.57 14.73
N LEU B 348 -15.67 24.69 13.83
CA LEU B 348 -15.44 25.91 13.07
C LEU B 348 -16.56 26.19 12.08
N LEU B 349 -16.89 25.21 11.25
CA LEU B 349 -17.83 25.44 10.14
C LEU B 349 -19.29 25.48 10.61
N GLU B 350 -19.58 24.83 11.74
CA GLU B 350 -20.91 24.92 12.36
C GLU B 350 -21.32 26.36 12.68
N ARG B 351 -20.32 27.24 12.80
CA ARG B 351 -20.54 28.63 13.19
C ARG B 351 -21.02 29.52 12.06
N ALA B 352 -20.74 29.11 10.82
CA ALA B 352 -21.48 29.66 9.67
C ALA B 352 -22.93 29.18 9.81
N ALA B 353 -23.86 30.13 9.85
CA ALA B 353 -25.26 29.85 10.17
C ALA B 353 -26.16 30.96 9.68
N LYS B 354 -27.44 30.64 9.49
CA LYS B 354 -28.48 31.63 9.22
C LYS B 354 -29.34 31.77 10.47
N MET B 355 -29.46 32.98 10.97
CA MET B 355 -30.19 33.24 12.21
C MET B 355 -31.62 33.60 11.92
N ASN B 356 -32.53 33.19 12.81
CA ASN B 356 -33.93 33.58 12.71
C ASN B 356 -34.09 35.07 13.03
N ASP B 357 -35.27 35.62 12.78
CA ASP B 357 -35.52 37.05 12.95
C ASP B 357 -35.41 37.54 14.39
N ALA B 358 -35.78 36.67 15.34
CA ALA B 358 -35.68 36.97 16.77
C ALA B 358 -34.23 37.17 17.21
N PHE B 359 -33.30 36.57 16.47
CA PHE B 359 -31.87 36.74 16.73
C PHE B 359 -31.23 37.81 15.84
N GLY B 360 -32.05 38.52 15.09
CA GLY B 360 -31.57 39.60 14.24
C GLY B 360 -31.57 39.31 12.74
N GLY B 361 -31.70 38.03 12.38
CA GLY B 361 -31.81 37.62 10.98
C GLY B 361 -30.53 37.63 10.18
N GLY B 362 -29.39 37.79 10.87
CA GLY B 362 -28.09 37.84 10.20
C GLY B 362 -27.60 36.48 9.76
N SER B 363 -26.45 36.45 9.10
CA SER B 363 -25.89 35.20 8.62
C SER B 363 -24.37 35.26 8.50
N LEU B 364 -23.75 34.09 8.55
CA LEU B 364 -22.37 33.93 8.19
C LEU B 364 -22.30 32.77 7.21
N THR B 365 -21.78 33.04 6.02
CA THR B 365 -21.58 32.03 4.98
C THR B 365 -20.10 31.67 4.96
N ALA B 366 -19.80 30.38 4.80
CA ALA B 366 -18.41 29.93 4.75
C ALA B 366 -18.05 29.19 3.47
N LEU B 367 -16.89 29.52 2.92
CA LEU B 367 -16.31 28.81 1.80
C LEU B 367 -14.95 28.28 2.22
N PRO B 368 -14.94 27.11 2.91
CA PRO B 368 -13.66 26.50 3.24
C PRO B 368 -13.00 25.95 1.98
N VAL B 369 -11.67 25.93 1.99
CA VAL B 369 -10.92 25.42 0.86
C VAL B 369 -10.15 24.16 1.29
N ILE B 370 -10.22 23.11 0.47
CA ILE B 370 -9.44 21.89 0.72
C ILE B 370 -8.65 21.56 -0.53
N GLU B 371 -7.39 21.18 -0.34
CA GLU B 371 -6.52 20.79 -1.43
C GLU B 371 -6.38 19.28 -1.46
N THR B 372 -6.75 18.69 -2.59
CA THR B 372 -6.64 17.25 -2.79
C THR B 372 -5.28 16.88 -3.40
N GLN B 373 -4.89 15.62 -3.23
CA GLN B 373 -3.75 15.06 -3.95
C GLN B 373 -4.32 14.20 -5.07
N ALA B 374 -4.08 14.63 -6.32
CA ALA B 374 -4.42 13.86 -7.51
C ALA B 374 -5.92 13.53 -7.65
N GLY B 375 -6.77 14.47 -7.24
CA GLY B 375 -8.22 14.36 -7.41
C GLY B 375 -8.91 13.41 -6.44
N ASP B 376 -8.19 12.96 -5.43
CA ASP B 376 -8.72 11.98 -4.48
C ASP B 376 -9.53 12.62 -3.33
N VAL B 377 -10.85 12.68 -3.51
CA VAL B 377 -11.76 13.26 -2.52
C VAL B 377 -12.12 12.27 -1.41
N SER B 378 -11.65 11.03 -1.54
CA SER B 378 -11.99 9.97 -0.59
C SER B 378 -10.98 9.88 0.55
N ALA B 379 -9.95 10.73 0.54
CA ALA B 379 -8.96 10.77 1.62
C ALA B 379 -9.58 11.31 2.91
N TYR B 380 -8.85 11.17 4.02
CA TYR B 380 -9.36 11.46 5.36
C TYR B 380 -9.85 12.90 5.51
N ILE B 381 -9.00 13.88 5.25
CA ILE B 381 -9.38 15.28 5.48
C ILE B 381 -10.47 15.75 4.48
N PRO B 382 -10.30 15.47 3.17
CA PRO B 382 -11.38 15.76 2.23
C PRO B 382 -12.76 15.20 2.65
N THR B 383 -12.84 13.90 2.96
CA THR B 383 -14.12 13.32 3.40
C THR B 383 -14.62 13.95 4.70
N ASN B 384 -13.73 14.22 5.65
CA ASN B 384 -14.12 14.92 6.88
C ASN B 384 -14.89 16.21 6.59
N VAL B 385 -14.34 17.05 5.70
CA VAL B 385 -14.94 18.37 5.44
C VAL B 385 -16.22 18.25 4.60
N ILE B 386 -16.25 17.30 3.68
CA ILE B 386 -17.47 17.01 2.92
C ILE B 386 -18.61 16.61 3.88
N SER B 387 -18.25 15.87 4.93
CA SER B 387 -19.23 15.40 5.93
C SER B 387 -19.64 16.52 6.90
N ILE B 388 -19.07 17.71 6.71
CA ILE B 388 -19.42 18.91 7.50
C ILE B 388 -20.21 19.90 6.64
N THR B 389 -19.68 20.25 5.47
CA THR B 389 -20.26 21.33 4.65
C THR B 389 -21.59 20.91 3.99
N ASP B 390 -22.22 21.86 3.30
CA ASP B 390 -23.53 21.63 2.68
C ASP B 390 -23.39 21.47 1.17
N GLY B 391 -22.36 20.72 0.75
CA GLY B 391 -22.06 20.57 -0.67
C GLY B 391 -20.65 21.00 -0.98
N GLN B 392 -20.23 20.80 -2.23
CA GLN B 392 -18.88 21.13 -2.68
C GLN B 392 -18.88 21.64 -4.12
N ILE B 393 -17.93 22.53 -4.40
CA ILE B 393 -17.56 22.89 -5.76
C ILE B 393 -16.23 22.19 -6.03
N PHE B 394 -16.25 21.25 -6.98
CA PHE B 394 -15.07 20.45 -7.29
C PHE B 394 -14.36 20.97 -8.54
N LEU B 395 -13.11 21.34 -8.37
CA LEU B 395 -12.28 21.81 -9.47
C LEU B 395 -11.32 20.69 -9.86
N GLU B 396 -11.24 20.46 -11.17
CA GLU B 396 -10.60 19.28 -11.72
C GLU B 396 -9.41 19.68 -12.61
N THR B 397 -8.25 19.10 -12.32
CA THR B 397 -7.01 19.37 -13.07
C THR B 397 -7.18 19.13 -14.57
N GLU B 398 -7.75 17.98 -14.93
CA GLU B 398 -7.98 17.63 -16.34
C GLU B 398 -8.76 18.70 -17.09
N LEU B 399 -9.81 19.23 -16.46
CA LEU B 399 -10.60 20.32 -17.04
C LEU B 399 -9.79 21.60 -17.17
N PHE B 400 -9.10 21.98 -16.09
CA PHE B 400 -8.19 23.13 -16.07
C PHE B 400 -7.13 23.03 -17.18
N TYR B 401 -6.61 21.82 -17.37
CA TYR B 401 -5.61 21.56 -18.42
C TYR B 401 -6.17 21.74 -19.83
N LYS B 402 -7.43 21.33 -20.02
CA LYS B 402 -8.10 21.47 -21.33
C LYS B 402 -8.49 22.91 -21.64
N GLY B 403 -8.36 23.80 -20.66
CA GLY B 403 -8.70 25.21 -20.84
C GLY B 403 -10.11 25.55 -20.38
N ILE B 404 -10.78 24.59 -19.76
CA ILE B 404 -12.09 24.81 -19.16
C ILE B 404 -11.89 25.61 -17.88
N ARG B 405 -12.33 26.86 -17.90
CA ARG B 405 -12.19 27.76 -16.76
C ARG B 405 -13.43 28.63 -16.56
N PRO B 406 -13.99 28.62 -15.34
CA PRO B 406 -13.54 27.84 -14.17
C PRO B 406 -13.65 26.33 -14.40
N ALA B 407 -12.70 25.58 -13.82
CA ALA B 407 -12.57 24.14 -14.04
C ALA B 407 -13.52 23.29 -13.18
N ILE B 408 -14.77 23.73 -13.12
CA ILE B 408 -15.79 23.10 -12.28
C ILE B 408 -16.35 21.85 -12.94
N ASN B 409 -16.25 20.72 -12.26
CA ASN B 409 -16.94 19.50 -12.66
C ASN B 409 -18.39 19.62 -12.23
N VAL B 410 -19.28 19.84 -13.19
CA VAL B 410 -20.70 20.08 -12.89
C VAL B 410 -21.30 18.89 -12.14
N GLY B 411 -21.16 17.70 -12.73
CA GLY B 411 -21.75 16.47 -12.19
C GLY B 411 -21.32 16.12 -10.79
N LEU B 412 -20.06 16.36 -10.47
CA LEU B 412 -19.51 16.05 -9.15
C LEU B 412 -19.73 17.15 -8.10
N SER B 413 -20.07 18.36 -8.55
CA SER B 413 -20.37 19.46 -7.64
C SER B 413 -21.82 19.38 -7.17
N VAL B 414 -22.06 19.82 -5.94
CA VAL B 414 -23.37 19.72 -5.29
C VAL B 414 -23.63 20.93 -4.41
N SER B 415 -24.86 21.44 -4.44
CA SER B 415 -25.34 22.33 -3.38
C SER B 415 -26.52 21.69 -2.68
N ARG B 416 -26.36 21.35 -1.40
CA ARG B 416 -27.42 20.64 -0.67
C ARG B 416 -28.61 21.54 -0.29
N VAL B 417 -28.36 22.84 -0.12
CA VAL B 417 -29.39 23.76 0.41
C VAL B 417 -29.58 25.04 -0.39
N GLY B 418 -28.83 25.18 -1.48
CA GLY B 418 -28.81 26.42 -2.25
C GLY B 418 -29.96 26.72 -3.19
N SER B 419 -30.72 25.70 -3.59
CA SER B 419 -31.82 25.88 -4.54
C SER B 419 -32.91 26.80 -3.98
N ALA B 420 -33.18 26.68 -2.69
CA ALA B 420 -34.06 27.58 -1.97
C ALA B 420 -33.45 28.98 -1.85
N ALA B 421 -32.16 29.10 -2.13
CA ALA B 421 -31.46 30.39 -2.11
C ALA B 421 -31.00 30.80 -3.51
N GLN B 422 -31.87 30.54 -4.50
CA GLN B 422 -31.65 30.93 -5.86
C GLN B 422 -32.84 31.79 -6.25
N THR B 423 -32.61 32.88 -7.00
CA THR B 423 -33.72 33.68 -7.49
C THR B 423 -34.56 32.83 -8.44
N ARG B 424 -35.85 33.15 -8.53
CA ARG B 424 -36.76 32.45 -9.43
C ARG B 424 -36.29 32.62 -10.89
N ALA B 425 -35.81 33.81 -11.22
CA ALA B 425 -35.26 34.10 -12.54
C ALA B 425 -34.20 33.07 -12.93
N MET B 426 -33.24 32.81 -12.05
CA MET B 426 -32.20 31.81 -12.28
C MET B 426 -32.74 30.38 -12.19
N LYS B 427 -33.56 30.12 -11.17
CA LYS B 427 -34.24 28.81 -11.01
C LYS B 427 -34.88 28.31 -12.31
N GLN B 428 -35.40 29.24 -13.10
CA GLN B 428 -36.05 28.92 -14.37
C GLN B 428 -35.07 28.37 -15.39
N VAL B 429 -34.18 29.23 -15.88
CA VAL B 429 -33.28 28.90 -16.99
C VAL B 429 -32.18 27.90 -16.61
N ALA B 430 -31.84 27.83 -15.31
CA ALA B 430 -30.79 26.93 -14.84
C ALA B 430 -31.27 25.50 -14.60
N GLY B 431 -32.54 25.34 -14.26
CA GLY B 431 -33.14 24.03 -14.05
C GLY B 431 -33.20 23.22 -15.33
N THR B 432 -33.54 23.90 -16.42
CA THR B 432 -33.54 23.30 -17.75
C THR B 432 -32.12 23.09 -18.30
N MET B 433 -31.18 23.94 -17.91
CA MET B 433 -29.76 23.73 -18.24
C MET B 433 -29.19 22.55 -17.45
N LYS B 434 -29.61 22.42 -16.20
CA LYS B 434 -29.25 21.28 -15.35
C LYS B 434 -29.70 19.98 -16.01
N LEU B 435 -30.93 19.99 -16.55
CA LEU B 435 -31.50 18.84 -17.25
C LEU B 435 -30.75 18.55 -18.56
N GLU B 436 -30.51 19.60 -19.36
CA GLU B 436 -29.83 19.47 -20.65
C GLU B 436 -28.34 19.10 -20.55
N LEU B 437 -27.74 19.33 -19.38
CA LEU B 437 -26.34 18.91 -19.14
C LEU B 437 -26.27 17.49 -18.58
N ALA B 438 -27.26 17.13 -17.77
CA ALA B 438 -27.37 15.76 -17.25
C ALA B 438 -27.68 14.76 -18.36
N GLN B 439 -28.35 15.23 -19.41
CA GLN B 439 -28.64 14.42 -20.60
C GLN B 439 -27.50 14.48 -21.61
N TYR B 440 -26.46 15.24 -21.29
CA TYR B 440 -25.30 15.41 -22.15
C TYR B 440 -24.09 14.64 -21.61
N ARG B 441 -24.12 14.31 -20.32
CA ARG B 441 -22.99 13.64 -19.66
C ARG B 441 -22.92 12.12 -19.85
N GLU B 442 -23.62 11.61 -20.86
CA GLU B 442 -23.52 10.19 -21.23
C GLU B 442 -23.46 9.99 -22.76
N VAL B 443 -23.83 11.03 -23.50
CA VAL B 443 -23.72 11.01 -24.96
C VAL B 443 -22.39 11.62 -25.44
N ALA B 444 -21.62 12.16 -24.51
CA ALA B 444 -20.33 12.79 -24.81
C ALA B 444 -19.18 11.78 -24.82
N LEU B 453 -24.27 9.84 -36.88
CA LEU B 453 -24.90 9.94 -35.56
C LEU B 453 -26.41 10.10 -35.68
N ASP B 454 -27.13 9.42 -34.81
CA ASP B 454 -28.60 9.47 -34.79
C ASP B 454 -29.11 10.81 -34.27
N ALA B 455 -30.22 11.28 -34.86
CA ALA B 455 -30.78 12.61 -34.59
C ALA B 455 -31.27 12.81 -33.15
N ALA B 456 -31.67 11.72 -32.50
CA ALA B 456 -32.17 11.74 -31.13
C ALA B 456 -31.11 12.17 -30.11
N THR B 457 -29.86 11.76 -30.36
CA THR B 457 -28.74 12.12 -29.49
C THR B 457 -27.85 13.22 -30.12
N GLN B 458 -28.16 13.58 -31.37
CA GLN B 458 -27.43 14.63 -32.07
C GLN B 458 -27.77 16.01 -31.52
N GLN B 459 -29.02 16.17 -31.07
CA GLN B 459 -29.48 17.42 -30.45
C GLN B 459 -28.93 17.57 -29.02
N LEU B 460 -28.86 16.46 -28.29
CA LEU B 460 -28.35 16.44 -26.92
C LEU B 460 -26.86 16.80 -26.85
N LEU B 461 -26.10 16.39 -27.86
CA LEU B 461 -24.68 16.73 -27.94
C LEU B 461 -24.46 18.16 -28.40
N SER B 462 -25.25 18.59 -29.39
CA SER B 462 -25.15 19.95 -29.95
C SER B 462 -25.45 21.03 -28.92
N ARG B 463 -26.45 20.77 -28.07
CA ARG B 463 -26.84 21.70 -27.02
C ARG B 463 -25.82 21.72 -25.87
N GLY B 464 -25.35 20.54 -25.49
CA GLY B 464 -24.43 20.38 -24.36
C GLY B 464 -23.08 21.07 -24.51
N VAL B 465 -22.53 21.09 -25.72
CA VAL B 465 -21.22 21.71 -25.98
C VAL B 465 -21.30 23.23 -25.96
N ARG B 466 -22.44 23.76 -26.39
CA ARG B 466 -22.68 25.21 -26.40
C ARG B 466 -23.00 25.74 -25.01
N LEU B 467 -23.70 24.94 -24.21
CA LEU B 467 -23.99 25.27 -22.82
C LEU B 467 -22.72 25.26 -21.98
N THR B 468 -21.85 24.28 -22.26
CA THR B 468 -20.53 24.18 -21.64
C THR B 468 -19.67 25.41 -21.93
N GLU B 469 -19.84 25.97 -23.13
CA GLU B 469 -19.15 27.19 -23.54
C GLU B 469 -19.64 28.42 -22.78
N LEU B 470 -20.93 28.44 -22.44
CA LEU B 470 -21.51 29.51 -21.64
C LEU B 470 -21.05 29.47 -20.19
N LEU B 471 -20.58 28.29 -19.75
CA LEU B 471 -20.11 28.11 -18.38
C LEU B 471 -18.65 28.53 -18.19
N LYS B 472 -17.98 28.83 -19.30
CA LYS B 472 -16.62 29.39 -19.29
C LYS B 472 -16.69 30.84 -18.88
N GLN B 473 -15.68 31.31 -18.16
CA GLN B 473 -15.68 32.67 -17.63
C GLN B 473 -14.27 33.12 -17.28
N GLY B 474 -13.96 34.38 -17.59
CA GLY B 474 -12.70 34.98 -17.17
C GLY B 474 -12.73 35.39 -15.71
N GLN B 475 -11.56 35.80 -15.20
CA GLN B 475 -11.41 36.26 -13.83
C GLN B 475 -11.75 37.74 -13.68
N TYR B 476 -12.06 38.13 -12.44
CA TYR B 476 -12.15 39.53 -12.00
C TYR B 476 -13.29 40.36 -12.57
N SER B 477 -14.26 39.67 -13.20
CA SER B 477 -15.43 40.36 -13.72
C SER B 477 -16.72 39.60 -13.41
N PRO B 478 -17.00 39.36 -12.11
CA PRO B 478 -18.20 38.61 -11.74
C PRO B 478 -19.45 39.30 -12.29
N MET B 479 -20.47 38.52 -12.61
CA MET B 479 -21.60 39.02 -13.37
C MET B 479 -22.87 39.20 -12.54
N ALA B 480 -23.59 40.28 -12.83
CA ALA B 480 -24.92 40.49 -12.26
C ALA B 480 -25.81 39.30 -12.58
N ILE B 481 -26.70 38.95 -11.65
CA ILE B 481 -27.59 37.78 -11.81
C ILE B 481 -28.47 37.88 -13.07
N GLU B 482 -28.99 39.07 -13.36
CA GLU B 482 -29.82 39.29 -14.53
C GLU B 482 -29.03 39.16 -15.83
N GLU B 483 -27.74 39.51 -15.78
CA GLU B 483 -26.85 39.34 -16.93
C GLU B 483 -26.54 37.86 -17.15
N GLN B 484 -26.46 37.11 -16.05
CA GLN B 484 -26.26 35.67 -16.10
C GLN B 484 -27.50 34.98 -16.65
N VAL B 485 -28.68 35.47 -16.25
CA VAL B 485 -29.94 34.89 -16.68
C VAL B 485 -30.18 35.14 -18.17
N ALA B 486 -29.61 36.23 -18.69
CA ALA B 486 -29.75 36.59 -20.11
C ALA B 486 -28.90 35.73 -21.02
N VAL B 487 -27.66 35.44 -20.59
CA VAL B 487 -26.74 34.62 -21.38
C VAL B 487 -27.14 33.15 -21.40
N ILE B 488 -27.55 32.64 -20.24
CA ILE B 488 -28.03 31.26 -20.10
C ILE B 488 -29.35 31.06 -20.85
N TYR B 489 -30.18 32.11 -20.88
CA TYR B 489 -31.44 32.11 -21.62
C TYR B 489 -31.24 31.77 -23.10
N ALA B 490 -30.22 32.36 -23.70
CA ALA B 490 -29.91 32.16 -25.12
C ALA B 490 -29.60 30.70 -25.47
N GLY B 491 -28.77 30.07 -24.65
CA GLY B 491 -28.34 28.69 -24.86
C GLY B 491 -29.44 27.67 -24.58
N VAL B 492 -30.25 27.92 -23.57
CA VAL B 492 -31.31 27.02 -23.14
C VAL B 492 -32.51 27.03 -24.10
N ARG B 493 -32.88 28.22 -24.56
CA ARG B 493 -34.03 28.37 -25.45
C ARG B 493 -33.71 27.97 -26.90
N GLY B 494 -32.41 27.86 -27.20
CA GLY B 494 -31.95 27.37 -28.49
C GLY B 494 -31.57 28.45 -29.48
N TYR B 495 -30.85 29.46 -29.01
CA TYR B 495 -30.39 30.54 -29.87
C TYR B 495 -28.90 30.45 -30.19
N LEU B 496 -28.32 29.29 -29.90
CA LEU B 496 -26.91 29.03 -30.17
C LEU B 496 -26.72 27.80 -31.04
N ASP B 497 -27.81 27.06 -31.25
CA ASP B 497 -27.79 25.78 -31.96
C ASP B 497 -27.21 25.86 -33.38
N LYS B 498 -27.58 26.90 -34.11
CA LYS B 498 -27.09 27.09 -35.48
C LYS B 498 -25.67 27.64 -35.52
N LEU B 499 -25.26 28.32 -34.44
CA LEU B 499 -23.88 28.81 -34.32
C LEU B 499 -22.95 27.68 -33.92
N GLU B 500 -21.69 27.76 -34.35
CA GLU B 500 -20.68 26.75 -34.04
C GLU B 500 -20.15 26.90 -32.61
N PRO B 501 -19.78 25.76 -31.97
CA PRO B 501 -19.31 25.76 -30.58
C PRO B 501 -18.10 26.67 -30.32
N SER B 502 -17.21 26.77 -31.30
CA SER B 502 -15.97 27.54 -31.17
C SER B 502 -16.19 29.07 -31.17
N LYS B 503 -17.40 29.50 -31.54
CA LYS B 503 -17.73 30.92 -31.61
C LYS B 503 -18.77 31.39 -30.58
N ILE B 504 -19.13 30.52 -29.65
CA ILE B 504 -20.11 30.84 -28.61
C ILE B 504 -19.58 31.90 -27.64
N THR B 505 -18.38 31.65 -27.13
CA THR B 505 -17.69 32.59 -26.22
C THR B 505 -17.66 34.01 -26.79
N LYS B 506 -17.34 34.13 -28.08
CA LYS B 506 -17.30 35.42 -28.77
C LYS B 506 -18.70 36.05 -28.89
N PHE B 507 -19.71 35.21 -29.15
CA PHE B 507 -21.10 35.67 -29.25
C PHE B 507 -21.61 36.26 -27.93
N GLU B 508 -21.32 35.55 -26.83
CA GLU B 508 -21.80 35.91 -25.51
C GLU B 508 -21.42 37.33 -25.10
N ASN B 509 -20.13 37.67 -25.25
CA ASN B 509 -19.62 38.99 -24.92
C ASN B 509 -20.20 40.10 -25.81
N ALA B 510 -20.43 39.76 -27.08
CA ALA B 510 -21.07 40.67 -28.03
C ALA B 510 -22.55 40.86 -27.71
N PHE B 511 -23.19 39.80 -27.24
CA PHE B 511 -24.61 39.82 -26.86
C PHE B 511 -24.84 40.59 -25.55
N LEU B 512 -23.89 40.46 -24.62
CA LEU B 512 -23.99 41.08 -23.31
C LEU B 512 -23.90 42.60 -23.38
N SER B 513 -22.93 43.10 -24.14
CA SER B 513 -22.77 44.53 -24.37
C SER B 513 -23.98 45.14 -25.07
N HIS B 514 -24.69 44.33 -25.87
CA HIS B 514 -25.90 44.75 -26.56
C HIS B 514 -27.08 44.96 -25.61
N VAL B 515 -27.31 44.00 -24.71
CA VAL B 515 -28.43 44.09 -23.75
C VAL B 515 -28.20 45.16 -22.68
N ILE B 516 -26.95 45.36 -22.29
CA ILE B 516 -26.58 46.39 -21.31
C ILE B 516 -26.79 47.79 -21.91
N SER B 517 -26.22 48.02 -23.10
CA SER B 517 -26.32 49.31 -23.77
C SER B 517 -27.75 49.66 -24.21
N GLN B 518 -28.45 48.68 -24.77
CA GLN B 518 -29.78 48.91 -25.35
C GLN B 518 -30.94 48.70 -24.37
N HIS B 519 -31.03 47.49 -23.81
CA HIS B 519 -32.20 47.09 -23.03
C HIS B 519 -31.93 47.01 -21.52
N GLN B 520 -31.81 48.18 -20.88
CA GLN B 520 -31.65 48.25 -19.43
C GLN B 520 -32.98 48.04 -18.71
N ALA B 521 -34.07 48.40 -19.38
CA ALA B 521 -35.42 48.28 -18.82
C ALA B 521 -35.81 46.84 -18.50
N LEU B 522 -35.41 45.91 -19.37
CA LEU B 522 -35.69 44.48 -19.17
C LEU B 522 -34.77 43.89 -18.11
N LEU B 523 -33.48 44.24 -18.17
CA LEU B 523 -32.50 43.76 -17.20
C LEU B 523 -32.77 44.29 -15.80
N SER B 524 -33.22 45.54 -15.71
CA SER B 524 -33.60 46.15 -14.44
C SER B 524 -34.84 45.51 -13.83
N LYS B 525 -35.81 45.19 -14.69
CA LYS B 525 -37.08 44.57 -14.25
C LYS B 525 -36.89 43.14 -13.76
N ILE B 526 -36.03 42.37 -14.45
CA ILE B 526 -35.70 41.01 -14.02
C ILE B 526 -34.99 41.04 -12.66
N ARG B 527 -34.06 41.99 -12.51
CA ARG B 527 -33.31 42.20 -11.27
C ARG B 527 -34.22 42.54 -10.08
N THR B 528 -35.22 43.39 -10.32
CA THR B 528 -36.15 43.83 -9.27
C THR B 528 -37.16 42.75 -8.92
N ASP B 529 -37.81 42.19 -9.93
CA ASP B 529 -38.84 41.16 -9.74
C ASP B 529 -38.27 39.81 -9.31
N GLY B 530 -37.03 39.54 -9.72
CA GLY B 530 -36.37 38.26 -9.42
C GLY B 530 -36.99 37.09 -10.17
N LYS B 531 -37.71 37.41 -11.25
CA LYS B 531 -38.48 36.43 -12.01
C LYS B 531 -38.61 36.88 -13.46
N ILE B 532 -38.72 35.91 -14.37
CA ILE B 532 -39.03 36.19 -15.78
C ILE B 532 -40.50 35.92 -16.03
N SER B 533 -41.31 36.98 -16.08
CA SER B 533 -42.74 36.87 -16.37
C SER B 533 -42.98 36.67 -17.85
N GLU B 534 -44.24 36.41 -18.24
CA GLU B 534 -44.59 36.20 -19.64
C GLU B 534 -44.28 37.41 -20.52
N GLU B 535 -44.48 38.60 -19.96
CA GLU B 535 -44.09 39.85 -20.61
C GLU B 535 -42.57 39.93 -20.80
N SER B 536 -41.82 39.57 -19.75
CA SER B 536 -40.36 39.56 -19.78
C SER B 536 -39.82 38.48 -20.72
N ASP B 537 -40.48 37.33 -20.74
CA ASP B 537 -40.09 36.20 -21.58
C ASP B 537 -40.27 36.51 -23.07
N ALA B 538 -41.42 37.09 -23.40
CA ALA B 538 -41.75 37.46 -24.78
C ALA B 538 -40.87 38.62 -25.28
N LYS B 539 -40.59 39.57 -24.40
CA LYS B 539 -39.73 40.71 -24.71
C LYS B 539 -38.29 40.26 -24.97
N LEU B 540 -37.82 39.32 -24.15
CA LEU B 540 -36.47 38.79 -24.27
C LEU B 540 -36.33 37.89 -25.49
N LYS B 541 -37.42 37.22 -25.86
CA LYS B 541 -37.47 36.38 -27.06
C LYS B 541 -37.14 37.18 -28.32
N GLU B 542 -37.72 38.37 -28.42
CA GLU B 542 -37.54 39.24 -29.58
C GLU B 542 -36.13 39.82 -29.69
N ILE B 543 -35.53 40.14 -28.54
CA ILE B 543 -34.20 40.75 -28.48
C ILE B 543 -33.11 39.78 -28.96
N VAL B 544 -33.17 38.54 -28.49
CA VAL B 544 -32.18 37.53 -28.86
C VAL B 544 -32.34 37.09 -30.32
N THR B 545 -33.59 37.04 -30.80
CA THR B 545 -33.88 36.72 -32.20
C THR B 545 -33.30 37.78 -33.13
N ASN B 546 -33.55 39.05 -32.81
CA ASN B 546 -33.10 40.18 -33.62
C ASN B 546 -31.59 40.42 -33.57
N PHE B 547 -30.96 40.02 -32.46
CA PHE B 547 -29.51 40.12 -32.34
C PHE B 547 -28.81 38.97 -33.05
N LEU B 548 -29.41 37.78 -33.00
CA LEU B 548 -28.86 36.61 -33.68
C LEU B 548 -28.79 36.81 -35.19
N ALA B 549 -29.79 37.49 -35.74
CA ALA B 549 -29.82 37.86 -37.16
C ALA B 549 -28.78 38.96 -37.47
N GLY B 550 -28.56 39.84 -36.50
CA GLY B 550 -27.58 40.91 -36.62
C GLY B 550 -26.14 40.44 -36.47
N PHE B 551 -25.93 39.49 -35.56
CA PHE B 551 -24.62 38.89 -35.33
C PHE B 551 -24.21 38.05 -36.53
N GLU B 552 -23.12 38.45 -37.19
CA GLU B 552 -22.64 37.75 -38.38
C GLU B 552 -21.41 36.89 -38.06
N ALA B 553 -20.25 37.54 -37.93
CA ALA B 553 -19.00 36.86 -37.65
C ALA B 553 -18.43 37.29 -36.30
N THR C 64 -6.83 -6.29 65.86
CA THR C 64 -5.78 -5.47 65.22
C THR C 64 -5.32 -6.10 63.90
N SER C 65 -5.47 -5.35 62.81
CA SER C 65 -5.11 -5.84 61.46
C SER C 65 -3.91 -5.12 60.85
N VAL C 66 -2.89 -5.90 60.54
CA VAL C 66 -1.71 -5.42 59.80
C VAL C 66 -1.48 -6.39 58.62
N ASP C 67 -2.28 -7.45 58.56
CA ASP C 67 -2.11 -8.52 57.59
C ASP C 67 -2.61 -8.16 56.19
N LEU C 68 -1.70 -7.74 55.32
CA LEU C 68 -2.01 -7.54 53.91
C LEU C 68 -1.49 -8.71 53.09
N GLU C 69 -1.43 -9.88 53.72
CA GLU C 69 -0.98 -11.10 53.06
C GLU C 69 -2.12 -11.80 52.34
N GLU C 70 -3.27 -11.88 52.99
CA GLU C 70 -4.43 -12.59 52.45
C GLU C 70 -5.48 -11.63 51.88
N THR C 71 -5.32 -10.34 52.18
CA THR C 71 -6.21 -9.31 51.66
C THR C 71 -5.42 -8.12 51.10
N GLY C 72 -6.14 -7.25 50.41
CA GLY C 72 -5.56 -6.04 49.84
C GLY C 72 -6.59 -4.95 49.72
N ARG C 73 -6.17 -3.82 49.16
CA ARG C 73 -7.01 -2.64 49.02
C ARG C 73 -6.88 -2.06 47.61
N VAL C 74 -8.01 -1.70 47.02
CA VAL C 74 -8.01 -1.10 45.69
C VAL C 74 -7.33 0.27 45.74
N LEU C 75 -6.28 0.42 44.93
CA LEU C 75 -5.60 1.70 44.77
C LEU C 75 -6.30 2.51 43.70
N SER C 76 -6.59 1.86 42.58
CA SER C 76 -7.29 2.49 41.48
C SER C 76 -8.18 1.50 40.74
N ILE C 77 -9.21 2.02 40.08
CA ILE C 77 -10.12 1.19 39.29
C ILE C 77 -10.59 1.94 38.05
N GLY C 78 -10.42 1.30 36.90
CA GLY C 78 -10.83 1.90 35.63
C GLY C 78 -10.72 0.91 34.49
N ASP C 79 -11.72 0.95 33.60
CA ASP C 79 -11.73 0.15 32.38
C ASP C 79 -11.47 -1.33 32.62
N GLY C 80 -12.07 -1.87 33.70
CA GLY C 80 -11.97 -3.28 34.03
C GLY C 80 -10.65 -3.71 34.63
N ILE C 81 -9.82 -2.75 35.03
CA ILE C 81 -8.55 -3.05 35.70
C ILE C 81 -8.52 -2.41 37.08
N ALA C 82 -8.37 -3.25 38.10
CA ALA C 82 -8.13 -2.76 39.46
C ALA C 82 -6.66 -2.97 39.82
N ARG C 83 -6.01 -1.92 40.30
CA ARG C 83 -4.66 -2.04 40.85
C ARG C 83 -4.81 -2.17 42.35
N VAL C 84 -4.21 -3.21 42.93
CA VAL C 84 -4.45 -3.54 44.33
C VAL C 84 -3.17 -3.50 45.17
N HIS C 85 -3.24 -2.80 46.29
CA HIS C 85 -2.19 -2.79 47.31
C HIS C 85 -2.37 -4.01 48.21
N GLY C 86 -1.27 -4.58 48.70
CA GLY C 86 -1.33 -5.75 49.57
C GLY C 86 -1.38 -7.07 48.80
N LEU C 87 -2.20 -7.99 49.30
CA LEU C 87 -2.36 -9.34 48.73
C LEU C 87 -1.00 -10.01 48.55
N ARG C 88 -0.17 -9.93 49.59
CA ARG C 88 1.21 -10.42 49.50
C ARG C 88 1.32 -11.91 49.15
N ASN C 89 0.32 -12.68 49.55
CA ASN C 89 0.32 -14.14 49.32
C ASN C 89 -0.44 -14.60 48.08
N VAL C 90 -0.97 -13.66 47.31
CA VAL C 90 -1.74 -14.00 46.10
C VAL C 90 -0.86 -14.68 45.03
N GLN C 91 -1.42 -15.68 44.36
CA GLN C 91 -0.75 -16.43 43.30
C GLN C 91 -1.05 -15.82 41.94
N ALA C 92 -0.14 -16.04 40.98
CA ALA C 92 -0.37 -15.61 39.61
C ALA C 92 -1.57 -16.34 39.03
N GLU C 93 -2.48 -15.57 38.43
CA GLU C 93 -3.72 -16.09 37.83
C GLU C 93 -4.78 -16.51 38.86
N GLU C 94 -4.55 -16.19 40.14
CA GLU C 94 -5.52 -16.54 41.18
C GLU C 94 -6.76 -15.64 41.11
N MET C 95 -7.92 -16.26 41.30
CA MET C 95 -9.18 -15.51 41.40
C MET C 95 -9.27 -14.87 42.79
N VAL C 96 -9.58 -13.58 42.82
CA VAL C 96 -9.76 -12.85 44.08
C VAL C 96 -11.18 -12.30 44.11
N GLU C 97 -11.64 -11.85 45.28
CA GLU C 97 -12.98 -11.31 45.43
C GLU C 97 -12.99 -9.90 46.04
N PHE C 98 -13.69 -8.98 45.37
CA PHE C 98 -13.82 -7.62 45.85
C PHE C 98 -14.92 -7.50 46.92
N SER C 99 -14.90 -6.39 47.65
CA SER C 99 -15.88 -6.08 48.68
C SER C 99 -17.32 -6.31 48.23
N SER C 100 -17.63 -5.86 47.00
CA SER C 100 -19.00 -5.91 46.47
C SER C 100 -19.47 -7.32 46.08
N GLY C 101 -18.53 -8.25 45.97
CA GLY C 101 -18.84 -9.62 45.56
C GLY C 101 -18.26 -9.97 44.20
N LEU C 102 -17.88 -8.95 43.42
CA LEU C 102 -17.26 -9.19 42.11
C LEU C 102 -15.98 -9.99 42.23
N LYS C 103 -15.72 -10.81 41.23
CA LYS C 103 -14.47 -11.58 41.15
C LYS C 103 -13.53 -10.99 40.11
N GLY C 104 -12.25 -11.29 40.26
CA GLY C 104 -11.23 -10.88 39.30
C GLY C 104 -10.03 -11.79 39.31
N MET C 105 -9.26 -11.77 38.22
CA MET C 105 -8.07 -12.60 38.10
C MET C 105 -6.81 -11.76 38.24
N SER C 106 -5.88 -12.25 39.06
CA SER C 106 -4.62 -11.57 39.32
C SER C 106 -3.59 -11.88 38.24
N LEU C 107 -3.54 -11.05 37.22
CA LEU C 107 -2.68 -11.32 36.05
C LEU C 107 -1.30 -10.66 36.12
N ASN C 108 -1.24 -9.48 36.72
CA ASN C 108 0.03 -8.79 36.96
C ASN C 108 0.39 -8.79 38.43
N LEU C 109 1.44 -9.51 38.80
CA LEU C 109 2.01 -9.41 40.15
C LEU C 109 3.24 -8.52 40.08
N GLU C 110 3.08 -7.28 40.53
CA GLU C 110 4.16 -6.31 40.51
C GLU C 110 4.66 -6.05 41.93
N PRO C 111 5.87 -5.49 42.08
CA PRO C 111 6.41 -5.30 43.44
C PRO C 111 5.49 -4.52 44.41
N ASP C 112 4.78 -3.52 43.91
CA ASP C 112 4.00 -2.63 44.78
C ASP C 112 2.48 -2.73 44.56
N ASN C 113 2.07 -3.58 43.62
CA ASN C 113 0.65 -3.74 43.33
C ASN C 113 0.33 -5.04 42.59
N VAL C 114 -0.96 -5.37 42.57
CA VAL C 114 -1.46 -6.49 41.78
C VAL C 114 -2.43 -5.93 40.75
N GLY C 115 -2.21 -6.27 39.48
CA GLY C 115 -3.13 -5.91 38.39
C GLY C 115 -4.21 -6.97 38.24
N VAL C 116 -5.44 -6.61 38.55
CA VAL C 116 -6.57 -7.55 38.57
C VAL C 116 -7.57 -7.19 37.48
N VAL C 117 -7.89 -8.16 36.64
CA VAL C 117 -8.92 -7.97 35.62
C VAL C 117 -10.26 -8.33 36.21
N VAL C 118 -11.27 -7.49 35.96
CA VAL C 118 -12.55 -7.56 36.66
C VAL C 118 -13.61 -8.31 35.84
N PHE C 119 -14.23 -9.31 36.44
CA PHE C 119 -15.28 -10.10 35.82
C PHE C 119 -16.66 -9.47 36.04
N GLY C 120 -16.86 -8.31 35.43
CA GLY C 120 -18.11 -7.58 35.58
C GLY C 120 -17.94 -6.08 35.49
N ASN C 121 -18.92 -5.36 36.05
CA ASN C 121 -19.01 -3.91 35.91
C ASN C 121 -18.21 -3.18 36.99
N ASP C 122 -17.18 -2.44 36.58
CA ASP C 122 -16.30 -1.80 37.56
C ASP C 122 -16.93 -0.67 38.41
N LYS C 123 -18.16 -0.26 38.09
CA LYS C 123 -18.90 0.66 38.98
C LYS C 123 -19.10 0.03 40.36
N LEU C 124 -18.99 -1.30 40.41
CA LEU C 124 -19.12 -2.06 41.65
C LEU C 124 -17.80 -2.11 42.43
N ILE C 125 -16.77 -1.43 41.92
CA ILE C 125 -15.49 -1.34 42.63
C ILE C 125 -15.10 0.12 42.84
N LYS C 126 -14.62 0.43 44.05
CA LYS C 126 -14.19 1.77 44.41
C LYS C 126 -12.79 1.74 45.04
N GLU C 127 -12.06 2.84 44.91
CA GLU C 127 -10.81 3.00 45.66
C GLU C 127 -11.07 2.74 47.15
N GLY C 128 -10.20 1.94 47.78
CA GLY C 128 -10.32 1.63 49.19
C GLY C 128 -11.06 0.34 49.50
N ASP C 129 -11.77 -0.19 48.51
CA ASP C 129 -12.44 -1.49 48.65
C ASP C 129 -11.46 -2.59 48.96
N ILE C 130 -11.85 -3.49 49.87
CA ILE C 130 -11.07 -4.67 50.18
C ILE C 130 -11.07 -5.65 49.01
N VAL C 131 -9.99 -6.42 48.90
CA VAL C 131 -9.87 -7.50 47.94
C VAL C 131 -9.37 -8.70 48.73
N LYS C 132 -9.97 -9.86 48.52
CA LYS C 132 -9.68 -11.05 49.33
C LYS C 132 -9.26 -12.23 48.47
N ARG C 133 -8.28 -13.00 48.96
CA ARG C 133 -7.79 -14.19 48.27
C ARG C 133 -8.85 -15.28 48.25
N THR C 134 -8.91 -16.03 47.14
CA THR C 134 -9.82 -17.17 47.04
C THR C 134 -9.07 -18.46 47.32
N GLY C 135 -7.78 -18.48 46.97
CA GLY C 135 -6.93 -19.63 47.18
C GLY C 135 -6.53 -20.36 45.92
N ALA C 136 -7.33 -20.22 44.85
CA ALA C 136 -7.09 -20.98 43.61
C ALA C 136 -7.49 -20.28 42.29
N ILE C 137 -7.24 -20.99 41.19
CA ILE C 137 -7.58 -20.50 39.85
C ILE C 137 -9.04 -20.84 39.50
N VAL C 138 -9.51 -20.33 38.37
CA VAL C 138 -10.90 -20.48 37.90
C VAL C 138 -11.29 -21.91 37.56
N ASP C 139 -12.56 -22.26 37.78
CA ASP C 139 -13.09 -23.58 37.41
C ASP C 139 -14.58 -23.51 37.06
N VAL C 140 -15.11 -24.59 36.47
CA VAL C 140 -16.49 -24.58 35.95
C VAL C 140 -17.22 -25.89 36.16
N PRO C 141 -18.57 -25.84 36.21
CA PRO C 141 -19.39 -27.05 36.26
C PRO C 141 -19.14 -27.92 35.03
N VAL C 142 -19.10 -29.23 35.24
CA VAL C 142 -18.65 -30.17 34.21
C VAL C 142 -19.43 -31.48 34.27
N GLY C 143 -19.93 -31.93 33.11
CA GLY C 143 -20.68 -33.18 33.03
C GLY C 143 -21.89 -33.13 32.12
N GLU C 144 -22.66 -34.23 32.13
CA GLU C 144 -23.80 -34.39 31.23
C GLU C 144 -25.03 -33.54 31.61
N GLU C 145 -24.99 -32.94 32.79
CA GLU C 145 -26.10 -32.10 33.27
C GLU C 145 -26.17 -30.77 32.52
N LEU C 146 -25.08 -30.40 31.86
CA LEU C 146 -25.00 -29.17 31.07
C LEU C 146 -25.65 -29.32 29.68
N LEU C 147 -25.84 -30.56 29.24
CA LEU C 147 -26.44 -30.85 27.95
C LEU C 147 -27.88 -30.31 27.89
N GLY C 148 -28.18 -29.60 26.82
CA GLY C 148 -29.50 -29.00 26.64
C GLY C 148 -29.64 -27.65 27.29
N ARG C 149 -28.53 -27.14 27.83
CA ARG C 149 -28.53 -25.91 28.61
C ARG C 149 -27.71 -24.79 27.97
N VAL C 150 -28.18 -23.55 28.15
CA VAL C 150 -27.43 -22.38 27.75
C VAL C 150 -26.84 -21.74 29.00
N VAL C 151 -25.52 -21.65 29.04
CA VAL C 151 -24.81 -21.09 30.20
C VAL C 151 -23.93 -19.90 29.81
N ASP C 152 -23.48 -19.15 30.80
CA ASP C 152 -22.54 -18.06 30.58
C ASP C 152 -21.10 -18.59 30.64
N ALA C 153 -20.13 -17.68 30.72
CA ALA C 153 -18.70 -18.04 30.67
C ALA C 153 -18.23 -18.82 31.89
N LEU C 154 -19.05 -18.85 32.94
CA LEU C 154 -18.71 -19.55 34.17
C LEU C 154 -19.66 -20.72 34.46
N GLY C 155 -20.47 -21.06 33.46
CA GLY C 155 -21.39 -22.18 33.57
C GLY C 155 -22.68 -21.90 34.33
N ASN C 156 -22.94 -20.62 34.59
CA ASN C 156 -24.21 -20.21 35.22
C ASN C 156 -25.35 -20.26 34.21
N ALA C 157 -26.48 -20.87 34.61
CA ALA C 157 -27.64 -21.02 33.73
C ALA C 157 -28.25 -19.67 33.33
N ILE C 158 -28.27 -19.39 32.03
CA ILE C 158 -28.82 -18.12 31.54
C ILE C 158 -30.09 -18.34 30.72
N ASP C 159 -30.58 -19.58 30.71
CA ASP C 159 -31.71 -19.98 29.87
C ASP C 159 -33.06 -20.03 30.60
N GLY C 160 -33.06 -19.69 31.89
CA GLY C 160 -34.31 -19.63 32.68
C GLY C 160 -34.89 -20.98 33.05
N LYS C 161 -34.08 -22.04 32.90
CA LYS C 161 -34.54 -23.40 33.12
C LYS C 161 -34.22 -23.93 34.52
N GLY C 162 -33.43 -23.17 35.28
CA GLY C 162 -33.07 -23.55 36.66
C GLY C 162 -31.58 -23.78 36.82
N PRO C 163 -31.09 -23.79 38.07
CA PRO C 163 -29.67 -23.97 38.40
C PRO C 163 -29.05 -25.23 37.80
N ILE C 164 -27.76 -25.16 37.43
CA ILE C 164 -27.03 -26.29 36.85
C ILE C 164 -26.39 -27.13 37.96
N GLY C 165 -26.80 -28.39 38.07
CA GLY C 165 -26.33 -29.26 39.14
C GLY C 165 -25.51 -30.45 38.68
N SER C 166 -24.21 -30.23 38.49
CA SER C 166 -23.28 -31.30 38.12
C SER C 166 -22.58 -31.89 39.34
N LYS C 167 -22.20 -33.16 39.25
CA LYS C 167 -21.44 -33.83 40.31
C LYS C 167 -19.94 -33.62 40.16
N ALA C 168 -19.52 -33.04 39.03
CA ALA C 168 -18.11 -32.80 38.77
C ALA C 168 -17.83 -31.36 38.37
N ARG C 169 -16.63 -30.89 38.72
CA ARG C 169 -16.14 -29.57 38.36
C ARG C 169 -14.78 -29.74 37.67
N ARG C 170 -14.35 -28.74 36.93
CA ARG C 170 -13.04 -28.79 36.27
C ARG C 170 -12.44 -27.41 36.07
N ARG C 171 -11.12 -27.31 36.30
CA ARG C 171 -10.34 -26.08 36.08
C ARG C 171 -10.36 -25.66 34.61
N VAL C 172 -10.30 -24.34 34.34
CA VAL C 172 -10.37 -23.84 32.97
C VAL C 172 -9.00 -23.72 32.27
N GLY C 173 -7.93 -23.53 33.04
CA GLY C 173 -6.60 -23.28 32.48
C GLY C 173 -5.61 -24.44 32.42
N LEU C 174 -6.12 -25.67 32.28
CA LEU C 174 -5.27 -26.87 32.22
C LEU C 174 -4.52 -27.03 30.90
N LYS C 175 -3.28 -27.50 30.98
CA LYS C 175 -2.45 -27.70 29.79
C LYS C 175 -2.89 -28.92 28.97
N ALA C 176 -2.72 -28.83 27.65
CA ALA C 176 -3.03 -29.90 26.72
C ALA C 176 -2.25 -31.19 27.01
N PRO C 177 -2.85 -32.36 26.70
CA PRO C 177 -2.12 -33.62 26.82
C PRO C 177 -0.88 -33.62 25.93
N GLY C 178 0.19 -34.25 26.41
CA GLY C 178 1.44 -34.31 25.67
C GLY C 178 1.41 -35.36 24.58
N ILE C 179 2.59 -35.79 24.16
CA ILE C 179 2.73 -36.79 23.10
C ILE C 179 2.12 -38.15 23.48
N ILE C 180 2.44 -38.64 24.68
CA ILE C 180 2.13 -40.03 25.08
C ILE C 180 0.64 -40.37 25.22
N PRO C 181 -0.16 -39.53 25.92
CA PRO C 181 -1.59 -39.84 26.08
C PRO C 181 -2.38 -39.89 24.76
N ARG C 182 -1.72 -39.58 23.65
CA ARG C 182 -2.39 -39.43 22.36
C ARG C 182 -2.25 -40.63 21.45
N ILE C 183 -3.15 -40.70 20.46
CA ILE C 183 -3.05 -41.64 19.36
C ILE C 183 -3.58 -40.96 18.09
N SER C 184 -3.09 -41.38 16.93
CA SER C 184 -3.43 -40.75 15.67
C SER C 184 -4.94 -40.66 15.41
N VAL C 185 -5.37 -39.51 14.90
CA VAL C 185 -6.77 -39.29 14.50
C VAL C 185 -7.13 -40.29 13.40
N ARG C 186 -8.18 -41.07 13.63
CA ARG C 186 -8.55 -42.17 12.74
C ARG C 186 -10.06 -42.42 12.63
N GLU C 187 -10.83 -41.77 13.50
CA GLU C 187 -12.28 -41.93 13.51
C GLU C 187 -12.92 -40.75 12.80
N PRO C 188 -13.89 -41.02 11.90
CA PRO C 188 -14.60 -39.94 11.21
C PRO C 188 -15.48 -39.07 12.10
N MET C 189 -15.32 -37.75 11.98
CA MET C 189 -16.25 -36.80 12.56
C MET C 189 -17.09 -36.24 11.40
N GLN C 190 -18.24 -36.87 11.15
CA GLN C 190 -19.07 -36.54 9.98
C GLN C 190 -19.83 -35.21 10.15
N THR C 191 -19.65 -34.32 9.19
CA THR C 191 -20.36 -33.04 9.18
C THR C 191 -21.72 -33.16 8.48
N GLY C 192 -21.82 -34.13 7.57
CA GLY C 192 -22.98 -34.27 6.72
C GLY C 192 -22.97 -33.31 5.54
N ILE C 193 -21.87 -32.58 5.41
CA ILE C 193 -21.65 -31.66 4.30
C ILE C 193 -20.71 -32.34 3.29
N LYS C 194 -21.26 -32.62 2.11
CA LYS C 194 -20.55 -33.35 1.06
C LYS C 194 -19.16 -32.81 0.79
N ALA C 195 -19.05 -31.50 0.59
CA ALA C 195 -17.79 -30.85 0.28
C ALA C 195 -16.74 -31.03 1.38
N VAL C 196 -17.17 -30.94 2.64
CA VAL C 196 -16.27 -31.11 3.77
C VAL C 196 -15.84 -32.56 3.93
N ASP C 197 -16.81 -33.47 4.06
CA ASP C 197 -16.55 -34.88 4.31
C ASP C 197 -15.75 -35.57 3.22
N SER C 198 -15.92 -35.13 1.97
CA SER C 198 -15.21 -35.72 0.83
C SER C 198 -13.85 -35.07 0.56
N LEU C 199 -13.78 -33.74 0.66
CA LEU C 199 -12.59 -32.99 0.24
C LEU C 199 -11.65 -32.60 1.38
N VAL C 200 -12.21 -32.21 2.52
CA VAL C 200 -11.39 -31.80 3.67
C VAL C 200 -11.89 -32.49 4.94
N PRO C 201 -11.75 -33.83 5.01
CA PRO C 201 -12.43 -34.62 6.04
C PRO C 201 -11.92 -34.33 7.44
N ILE C 202 -12.84 -34.35 8.40
CA ILE C 202 -12.50 -34.10 9.80
C ILE C 202 -12.63 -35.40 10.59
N GLY C 203 -11.61 -35.70 11.38
CA GLY C 203 -11.62 -36.85 12.28
C GLY C 203 -11.82 -36.44 13.73
N ARG C 204 -12.07 -37.42 14.58
CA ARG C 204 -12.28 -37.17 16.00
C ARG C 204 -10.96 -36.90 16.72
N GLY C 205 -10.85 -35.73 17.33
CA GLY C 205 -9.59 -35.27 17.94
C GLY C 205 -8.88 -34.20 17.11
N GLN C 206 -9.41 -33.93 15.92
CA GLN C 206 -8.83 -32.95 15.00
C GLN C 206 -9.28 -31.52 15.34
N ARG C 207 -8.49 -30.55 14.91
CA ARG C 207 -8.89 -29.15 14.93
C ARG C 207 -9.00 -28.72 13.48
N GLU C 208 -10.16 -28.21 13.09
CA GLU C 208 -10.37 -27.73 11.72
C GLU C 208 -11.00 -26.36 11.77
N LEU C 209 -10.26 -25.37 11.30
CA LEU C 209 -10.70 -23.98 11.27
C LEU C 209 -11.79 -23.75 10.23
N ILE C 210 -12.76 -22.91 10.59
CA ILE C 210 -13.72 -22.37 9.65
C ILE C 210 -13.43 -20.88 9.50
N ILE C 211 -13.10 -20.46 8.27
CA ILE C 211 -12.57 -19.10 8.07
C ILE C 211 -13.18 -18.41 6.83
N GLY C 212 -13.42 -17.10 6.95
CA GLY C 212 -13.99 -16.33 5.86
C GLY C 212 -14.50 -14.98 6.29
N ASP C 213 -14.88 -14.17 5.31
CA ASP C 213 -15.45 -12.85 5.58
C ASP C 213 -16.80 -12.98 6.27
N ARG C 214 -17.31 -11.86 6.77
CA ARG C 214 -18.67 -11.77 7.29
C ARG C 214 -19.66 -12.37 6.31
N GLN C 215 -20.65 -13.08 6.85
CA GLN C 215 -21.78 -13.62 6.10
C GLN C 215 -21.41 -14.51 4.89
N THR C 216 -20.40 -15.36 5.07
CA THR C 216 -19.97 -16.31 4.04
C THR C 216 -20.46 -17.73 4.31
N GLY C 217 -21.01 -17.96 5.51
CA GLY C 217 -21.63 -19.24 5.86
C GLY C 217 -20.89 -20.03 6.92
N LYS C 218 -20.08 -19.35 7.72
CA LYS C 218 -19.19 -20.00 8.71
C LYS C 218 -19.95 -20.72 9.83
N THR C 219 -20.81 -20.00 10.53
CA THR C 219 -21.64 -20.60 11.58
C THR C 219 -22.45 -21.78 11.03
N SER C 220 -22.98 -21.62 9.84
CA SER C 220 -23.83 -22.64 9.22
C SER C 220 -23.15 -23.99 9.05
N ILE C 221 -21.84 -23.99 8.82
CA ILE C 221 -21.06 -25.23 8.77
C ILE C 221 -21.11 -25.93 10.12
N ALA C 222 -20.88 -25.17 11.19
CA ALA C 222 -20.88 -25.69 12.55
C ALA C 222 -22.26 -26.20 12.95
N ILE C 223 -23.30 -25.46 12.58
CA ILE C 223 -24.69 -25.80 12.91
C ILE C 223 -25.16 -27.09 12.22
N ASP C 224 -24.94 -27.19 10.92
CA ASP C 224 -25.21 -28.42 10.19
C ASP C 224 -24.46 -29.62 10.79
N THR C 225 -23.23 -29.37 11.28
CA THR C 225 -22.44 -30.41 11.92
C THR C 225 -23.07 -30.93 13.22
N ILE C 226 -23.48 -30.00 14.08
CA ILE C 226 -24.16 -30.36 15.34
C ILE C 226 -25.44 -31.15 15.07
N ILE C 227 -26.30 -30.61 14.19
CA ILE C 227 -27.54 -31.28 13.79
C ILE C 227 -27.28 -32.67 13.21
N ASN C 228 -26.14 -32.83 12.54
CA ASN C 228 -25.77 -34.13 11.93
C ASN C 228 -25.61 -35.29 12.92
N GLN C 229 -25.28 -34.97 14.16
CA GLN C 229 -24.96 -36.01 15.15
C GLN C 229 -26.17 -36.74 15.72
N LYS C 230 -27.37 -36.23 15.47
CA LYS C 230 -28.62 -36.83 15.97
C LYS C 230 -28.77 -38.31 15.56
N ARG C 231 -28.35 -38.60 14.33
CA ARG C 231 -28.35 -39.96 13.79
C ARG C 231 -27.60 -40.95 14.69
N PHE C 232 -26.50 -40.50 15.27
CA PHE C 232 -25.67 -41.35 16.13
C PHE C 232 -26.12 -41.31 17.57
N ASN C 233 -26.54 -40.14 18.02
CA ASN C 233 -26.88 -39.90 19.42
C ASN C 233 -28.18 -40.55 19.87
N ASP C 234 -29.09 -40.79 18.93
CA ASP C 234 -30.35 -41.48 19.20
C ASP C 234 -30.13 -42.98 19.45
N GLY C 235 -28.99 -43.50 18.98
CA GLY C 235 -28.65 -44.91 19.13
C GLY C 235 -28.14 -45.28 20.51
N THR C 236 -27.57 -46.48 20.63
CA THR C 236 -27.13 -47.03 21.92
C THR C 236 -25.64 -47.35 21.94
N ASP C 237 -24.94 -47.03 20.86
CA ASP C 237 -23.49 -47.21 20.78
C ASP C 237 -22.78 -45.93 21.19
N GLU C 238 -22.21 -45.94 22.40
CA GLU C 238 -21.62 -44.75 23.01
C GLU C 238 -20.32 -44.27 22.36
N LYS C 239 -19.64 -45.18 21.67
CA LYS C 239 -18.38 -44.85 20.99
C LYS C 239 -18.58 -44.15 19.64
N LYS C 240 -19.83 -44.11 19.17
CA LYS C 240 -20.17 -43.46 17.91
C LYS C 240 -20.86 -42.11 18.14
N LYS C 241 -21.30 -41.89 19.37
CA LYS C 241 -21.97 -40.65 19.75
C LYS C 241 -21.01 -39.46 19.73
N LEU C 242 -21.56 -38.27 19.56
CA LEU C 242 -20.77 -37.04 19.62
C LEU C 242 -21.55 -35.96 20.33
N TYR C 243 -21.06 -35.58 21.50
CA TYR C 243 -21.66 -34.50 22.28
C TYR C 243 -21.08 -33.16 21.86
N CYS C 244 -21.94 -32.15 21.74
CA CYS C 244 -21.56 -30.88 21.12
C CYS C 244 -21.54 -29.71 22.08
N ILE C 245 -20.59 -28.80 21.86
CA ILE C 245 -20.48 -27.56 22.62
C ILE C 245 -20.33 -26.38 21.68
N TYR C 246 -21.27 -25.44 21.75
CA TYR C 246 -21.17 -24.22 20.97
C TYR C 246 -20.77 -23.06 21.88
N VAL C 247 -19.59 -22.51 21.66
CA VAL C 247 -19.14 -21.34 22.39
C VAL C 247 -19.30 -20.08 21.55
N ALA C 248 -20.19 -19.20 22.01
CA ALA C 248 -20.41 -17.90 21.38
C ALA C 248 -19.59 -16.84 22.10
N ILE C 249 -18.69 -16.18 21.37
CA ILE C 249 -17.85 -15.12 21.94
C ILE C 249 -18.10 -13.81 21.22
N GLY C 250 -18.57 -12.81 21.96
CA GLY C 250 -18.74 -11.45 21.41
C GLY C 250 -19.95 -11.24 20.53
N GLN C 251 -20.81 -12.25 20.39
CA GLN C 251 -22.01 -12.15 19.58
C GLN C 251 -23.09 -11.35 20.31
N LYS C 252 -24.16 -11.00 19.61
CA LYS C 252 -25.28 -10.37 20.28
C LYS C 252 -26.26 -11.45 20.78
N ARG C 253 -26.88 -11.18 21.92
CA ARG C 253 -27.74 -12.15 22.57
C ARG C 253 -28.87 -12.67 21.70
N SER C 254 -29.47 -11.81 20.88
CA SER C 254 -30.57 -12.24 20.01
C SER C 254 -30.13 -13.26 18.96
N THR C 255 -28.88 -13.13 18.49
CA THR C 255 -28.30 -14.07 17.54
C THR C 255 -28.10 -15.44 18.20
N VAL C 256 -27.58 -15.44 19.42
CA VAL C 256 -27.41 -16.67 20.17
C VAL C 256 -28.77 -17.33 20.45
N ALA C 257 -29.80 -16.53 20.70
CA ALA C 257 -31.15 -17.02 20.93
C ALA C 257 -31.75 -17.68 19.70
N GLN C 258 -31.55 -17.06 18.53
CA GLN C 258 -32.01 -17.63 17.27
C GLN C 258 -31.28 -18.94 16.95
N LEU C 259 -29.99 -18.96 17.30
CA LEU C 259 -29.15 -20.16 17.19
C LEU C 259 -29.76 -21.31 18.00
N VAL C 260 -30.10 -21.02 19.26
CA VAL C 260 -30.67 -22.00 20.18
C VAL C 260 -32.04 -22.50 19.72
N LYS C 261 -32.87 -21.59 19.18
CA LYS C 261 -34.18 -21.97 18.63
C LYS C 261 -34.03 -22.97 17.49
N ARG C 262 -33.02 -22.74 16.64
CA ARG C 262 -32.70 -23.63 15.51
C ARG C 262 -32.29 -25.03 15.99
N LEU C 263 -31.44 -25.07 17.01
CA LEU C 263 -30.95 -26.34 17.55
C LEU C 263 -32.03 -27.11 18.32
N THR C 264 -32.99 -26.38 18.88
CA THR C 264 -34.10 -27.00 19.60
C THR C 264 -35.12 -27.58 18.63
N ASP C 265 -35.40 -26.84 17.55
CA ASP C 265 -36.35 -27.28 16.52
C ASP C 265 -35.89 -28.53 15.77
N ALA C 266 -34.57 -28.68 15.66
CA ALA C 266 -33.96 -29.84 15.01
C ALA C 266 -33.75 -30.97 16.01
N ASP C 267 -34.20 -30.75 17.24
CA ASP C 267 -34.03 -31.68 18.37
C ASP C 267 -32.55 -32.03 18.60
N ALA C 268 -31.70 -31.00 18.53
CA ALA C 268 -30.26 -31.18 18.67
C ALA C 268 -29.72 -30.64 19.99
N MET C 269 -30.47 -29.73 20.61
CA MET C 269 -30.06 -29.12 21.89
C MET C 269 -29.82 -30.14 22.99
N LYS C 270 -30.58 -31.23 22.96
CA LYS C 270 -30.51 -32.28 23.99
C LYS C 270 -29.11 -32.87 24.20
N TYR C 271 -28.27 -32.81 23.16
CA TYR C 271 -26.89 -33.25 23.27
C TYR C 271 -25.89 -32.10 23.07
N THR C 272 -26.37 -30.88 23.23
CA THR C 272 -25.55 -29.68 23.01
C THR C 272 -25.51 -28.79 24.26
N ILE C 273 -24.30 -28.37 24.63
CA ILE C 273 -24.10 -27.30 25.61
C ILE C 273 -23.81 -25.99 24.88
N VAL C 274 -24.56 -24.93 25.19
CA VAL C 274 -24.26 -23.60 24.67
C VAL C 274 -23.59 -22.76 25.75
N VAL C 275 -22.36 -22.33 25.46
CA VAL C 275 -21.57 -21.46 26.34
C VAL C 275 -21.50 -20.08 25.69
N SER C 276 -22.04 -19.08 26.36
CA SER C 276 -22.18 -17.76 25.75
C SER C 276 -21.59 -16.61 26.55
N ALA C 277 -20.54 -16.00 26.00
CA ALA C 277 -20.05 -14.71 26.50
C ALA C 277 -20.28 -13.65 25.42
N THR C 278 -21.35 -12.87 25.60
CA THR C 278 -21.82 -11.97 24.55
C THR C 278 -21.16 -10.58 24.56
N ALA C 279 -21.61 -9.74 23.63
CA ALA C 279 -21.01 -8.43 23.34
C ALA C 279 -20.98 -7.43 24.51
N SER C 280 -21.96 -7.52 25.40
CA SER C 280 -22.00 -6.65 26.58
C SER C 280 -21.42 -7.29 27.84
N ASP C 281 -20.94 -8.54 27.73
CA ASP C 281 -20.16 -9.15 28.81
C ASP C 281 -18.77 -8.52 28.83
N ALA C 282 -18.22 -8.33 30.04
CA ALA C 282 -16.89 -7.75 30.21
C ALA C 282 -15.82 -8.57 29.48
N ALA C 283 -14.77 -7.88 29.04
CA ALA C 283 -13.70 -8.50 28.25
C ALA C 283 -13.10 -9.79 28.84
N PRO C 284 -12.90 -9.84 30.18
CA PRO C 284 -12.42 -11.08 30.79
C PRO C 284 -13.34 -12.28 30.58
N LEU C 285 -14.65 -12.04 30.56
CA LEU C 285 -15.59 -13.14 30.37
C LEU C 285 -15.50 -13.70 28.94
N GLN C 286 -15.34 -12.82 27.95
CA GLN C 286 -15.19 -13.22 26.56
C GLN C 286 -13.86 -13.95 26.31
N TYR C 287 -12.79 -13.42 26.88
CA TYR C 287 -11.49 -14.08 26.90
C TYR C 287 -11.57 -15.48 27.50
N LEU C 288 -12.34 -15.62 28.58
CA LEU C 288 -12.43 -16.89 29.31
C LEU C 288 -13.31 -17.94 28.64
N ALA C 289 -14.40 -17.51 27.99
CA ALA C 289 -15.43 -18.45 27.49
C ALA C 289 -14.91 -19.67 26.69
N PRO C 290 -13.97 -19.47 25.75
CA PRO C 290 -13.44 -20.63 25.01
C PRO C 290 -12.79 -21.70 25.91
N TYR C 291 -12.00 -21.26 26.89
CA TYR C 291 -11.34 -22.17 27.83
C TYR C 291 -12.33 -22.93 28.70
N SER C 292 -13.40 -22.24 29.12
CA SER C 292 -14.45 -22.84 29.95
C SER C 292 -15.23 -23.91 29.18
N GLY C 293 -15.59 -23.58 27.94
CA GLY C 293 -16.23 -24.52 27.03
C GLY C 293 -15.34 -25.71 26.78
N CYS C 294 -14.04 -25.44 26.61
CA CYS C 294 -13.02 -26.48 26.38
C CYS C 294 -12.95 -27.45 27.57
N SER C 295 -13.14 -26.94 28.77
CA SER C 295 -13.09 -27.76 29.97
C SER C 295 -14.30 -28.69 30.06
N MET C 296 -15.46 -28.17 29.66
CA MET C 296 -16.67 -28.97 29.54
C MET C 296 -16.51 -30.12 28.53
N GLY C 297 -15.79 -29.84 27.44
CA GLY C 297 -15.54 -30.84 26.40
C GLY C 297 -14.49 -31.86 26.79
N GLU C 298 -13.51 -31.42 27.58
CA GLU C 298 -12.45 -32.30 28.08
C GLU C 298 -12.97 -33.35 29.07
N TYR C 299 -14.16 -33.09 29.65
CA TYR C 299 -14.84 -34.06 30.48
C TYR C 299 -15.17 -35.33 29.69
N PHE C 300 -15.77 -35.13 28.52
CA PHE C 300 -16.12 -36.25 27.63
C PHE C 300 -14.86 -36.93 27.12
N ARG C 301 -13.88 -36.11 26.76
CA ARG C 301 -12.60 -36.57 26.21
C ARG C 301 -11.87 -37.52 27.16
N ASP C 302 -11.87 -37.19 28.45
CA ASP C 302 -11.14 -37.97 29.45
C ASP C 302 -11.94 -39.11 30.05
N ASN C 303 -13.19 -39.26 29.61
CA ASN C 303 -14.07 -40.33 30.09
C ASN C 303 -14.57 -41.25 28.98
N GLY C 304 -13.73 -41.45 27.96
CA GLY C 304 -14.02 -42.40 26.88
C GLY C 304 -15.16 -42.03 25.96
N LYS C 305 -15.52 -40.74 25.97
CA LYS C 305 -16.58 -40.22 25.10
C LYS C 305 -16.01 -39.23 24.11
N HIS C 306 -16.84 -38.81 23.15
CA HIS C 306 -16.40 -37.91 22.10
C HIS C 306 -17.23 -36.62 22.07
N ALA C 307 -16.53 -35.50 22.11
CA ALA C 307 -17.17 -34.19 22.09
C ALA C 307 -16.67 -33.34 20.92
N LEU C 308 -17.54 -32.44 20.47
CA LEU C 308 -17.19 -31.47 19.44
C LEU C 308 -17.39 -30.09 20.04
N ILE C 309 -16.41 -29.21 19.85
CA ILE C 309 -16.50 -27.83 20.34
C ILE C 309 -16.30 -26.82 19.21
N ILE C 310 -17.18 -25.83 19.19
CA ILE C 310 -17.12 -24.74 18.22
C ILE C 310 -16.80 -23.45 18.97
N TYR C 311 -15.78 -22.74 18.49
CA TYR C 311 -15.44 -21.43 19.04
C TYR C 311 -15.85 -20.33 18.06
N ASP C 312 -17.00 -19.72 18.32
CA ASP C 312 -17.60 -18.73 17.43
C ASP C 312 -17.68 -17.33 18.07
N ASP C 313 -16.66 -16.49 17.87
CA ASP C 313 -15.47 -16.81 17.07
C ASP C 313 -14.19 -16.38 17.79
N LEU C 314 -13.05 -16.87 17.33
CA LEU C 314 -11.77 -16.54 17.99
C LEU C 314 -11.23 -15.15 17.66
N SER C 315 -11.74 -14.54 16.59
CA SER C 315 -11.42 -13.16 16.26
C SER C 315 -11.90 -12.23 17.37
N LYS C 316 -13.13 -12.45 17.84
CA LYS C 316 -13.68 -11.63 18.91
C LYS C 316 -13.02 -11.91 20.26
N GLN C 317 -12.61 -13.15 20.51
CA GLN C 317 -11.83 -13.46 21.73
C GLN C 317 -10.49 -12.71 21.73
N ALA C 318 -9.81 -12.67 20.57
CA ALA C 318 -8.54 -11.97 20.45
C ALA C 318 -8.70 -10.47 20.73
N VAL C 319 -9.82 -9.90 20.26
CA VAL C 319 -10.14 -8.49 20.51
C VAL C 319 -10.36 -8.20 22.01
N ALA C 320 -11.10 -9.07 22.69
CA ALA C 320 -11.33 -8.93 24.13
C ALA C 320 -10.03 -9.05 24.92
N TYR C 321 -9.18 -9.99 24.51
CA TYR C 321 -7.87 -10.18 25.11
C TYR C 321 -6.94 -8.99 24.85
N ARG C 322 -7.01 -8.43 23.64
CA ARG C 322 -6.23 -7.23 23.31
C ARG C 322 -6.57 -6.06 24.23
N GLN C 323 -7.87 -5.85 24.47
CA GLN C 323 -8.32 -4.80 25.38
C GLN C 323 -7.71 -4.96 26.77
N MET C 324 -7.87 -6.15 27.35
CA MET C 324 -7.40 -6.44 28.70
C MET C 324 -5.92 -6.15 28.82
N SER C 325 -5.17 -6.60 27.81
CA SER C 325 -3.72 -6.51 27.78
C SER C 325 -3.23 -5.07 27.68
N LEU C 326 -3.86 -4.30 26.79
CA LEU C 326 -3.56 -2.87 26.65
C LEU C 326 -3.86 -2.09 27.93
N LEU C 327 -4.92 -2.49 28.61
CA LEU C 327 -5.34 -1.80 29.83
C LEU C 327 -4.55 -2.23 31.07
N LEU C 328 -3.96 -3.44 31.02
CA LEU C 328 -2.97 -3.85 32.00
C LEU C 328 -1.61 -3.18 31.72
N ARG C 329 -1.58 -2.36 30.67
CA ARG C 329 -0.39 -1.60 30.26
C ARG C 329 0.74 -2.47 29.72
N ARG C 330 0.40 -3.70 29.29
CA ARG C 330 1.33 -4.56 28.57
C ARG C 330 1.46 -3.99 27.16
N PRO C 331 2.71 -3.71 26.72
CA PRO C 331 2.91 -3.00 25.46
C PRO C 331 2.45 -3.82 24.24
N PRO C 332 1.72 -3.17 23.30
CA PRO C 332 1.19 -3.81 22.10
C PRO C 332 2.25 -4.28 21.10
N GLY C 333 1.88 -5.23 20.27
CA GLY C 333 2.71 -5.68 19.15
C GLY C 333 1.97 -5.45 17.84
N ARG C 334 2.20 -6.33 16.86
CA ARG C 334 1.53 -6.23 15.55
C ARG C 334 0.04 -5.98 15.69
N GLU C 335 -0.45 -4.94 15.00
CA GLU C 335 -1.88 -4.61 14.96
C GLU C 335 -2.48 -4.34 16.34
N ALA C 336 -1.61 -3.89 17.25
CA ALA C 336 -1.97 -3.60 18.64
C ALA C 336 -2.33 -4.82 19.49
N TYR C 337 -2.31 -6.01 18.88
CA TYR C 337 -2.52 -7.26 19.62
C TYR C 337 -1.32 -7.56 20.52
N PRO C 338 -1.56 -8.27 21.63
CA PRO C 338 -0.46 -8.53 22.58
C PRO C 338 0.58 -9.45 21.95
N GLY C 339 1.82 -9.36 22.45
CA GLY C 339 2.94 -10.11 21.87
C GLY C 339 2.72 -11.60 21.74
N ASP C 340 1.87 -12.14 22.62
CA ASP C 340 1.57 -13.56 22.68
C ASP C 340 0.11 -13.86 22.31
N VAL C 341 -0.36 -13.22 21.24
CA VAL C 341 -1.71 -13.49 20.73
C VAL C 341 -1.80 -14.89 20.08
N PHE C 342 -0.69 -15.35 19.52
CA PHE C 342 -0.58 -16.73 19.01
C PHE C 342 -0.81 -17.74 20.14
N TYR C 343 -0.10 -17.54 21.24
CA TYR C 343 -0.12 -18.45 22.39
C TYR C 343 -1.51 -18.53 23.01
N LEU C 344 -2.25 -17.43 22.95
CA LEU C 344 -3.64 -17.39 23.41
C LEU C 344 -4.48 -18.49 22.73
N HIS C 345 -4.33 -18.59 21.41
CA HIS C 345 -5.11 -19.56 20.64
C HIS C 345 -4.49 -20.94 20.56
N SER C 346 -3.16 -20.99 20.59
CA SER C 346 -2.45 -22.27 20.48
C SER C 346 -2.62 -23.15 21.73
N ARG C 347 -2.65 -22.55 22.91
CA ARG C 347 -2.87 -23.32 24.13
C ARG C 347 -4.31 -23.85 24.23
N LEU C 348 -5.27 -23.07 23.75
CA LEU C 348 -6.67 -23.48 23.69
C LEU C 348 -6.90 -24.65 22.74
N LEU C 349 -6.36 -24.52 21.52
CA LEU C 349 -6.64 -25.47 20.45
C LEU C 349 -5.86 -26.79 20.58
N GLU C 350 -4.71 -26.74 21.23
CA GLU C 350 -3.92 -27.96 21.53
C GLU C 350 -4.65 -28.93 22.46
N ARG C 351 -5.63 -28.42 23.19
CA ARG C 351 -6.38 -29.22 24.16
C ARG C 351 -7.42 -30.10 23.48
N ALA C 352 -7.76 -29.75 22.24
CA ALA C 352 -8.51 -30.66 21.39
C ALA C 352 -7.52 -31.76 21.00
N ALA C 353 -7.88 -33.01 21.28
CA ALA C 353 -6.96 -34.13 21.08
C ALA C 353 -7.71 -35.47 21.03
N LYS C 354 -7.07 -36.45 20.40
CA LYS C 354 -7.54 -37.83 20.41
C LYS C 354 -6.69 -38.62 21.41
N MET C 355 -7.37 -39.33 22.33
CA MET C 355 -6.70 -40.04 23.41
C MET C 355 -6.49 -41.49 23.05
N ASN C 356 -5.35 -42.06 23.44
CA ASN C 356 -5.13 -43.49 23.28
C ASN C 356 -6.06 -44.30 24.20
N ASP C 357 -6.08 -45.63 24.02
CA ASP C 357 -6.98 -46.49 24.78
C ASP C 357 -6.68 -46.50 26.29
N ALA C 358 -5.42 -46.29 26.65
CA ALA C 358 -5.00 -46.18 28.05
C ALA C 358 -5.72 -45.06 28.78
N PHE C 359 -5.98 -43.98 28.06
CA PHE C 359 -6.62 -42.79 28.63
C PHE C 359 -8.13 -42.74 28.32
N GLY C 360 -8.68 -43.86 27.85
CA GLY C 360 -10.10 -43.97 27.59
C GLY C 360 -10.52 -44.03 26.12
N GLY C 361 -9.62 -43.61 25.23
CA GLY C 361 -9.90 -43.60 23.79
C GLY C 361 -10.83 -42.49 23.35
N GLY C 362 -11.19 -41.60 24.27
CA GLY C 362 -12.08 -40.47 23.98
C GLY C 362 -11.43 -39.39 23.13
N SER C 363 -12.21 -38.36 22.79
CA SER C 363 -11.70 -37.28 21.94
C SER C 363 -12.45 -35.97 22.15
N LEU C 364 -11.78 -34.88 21.77
CA LEU C 364 -12.42 -33.57 21.66
C LEU C 364 -12.01 -32.96 20.32
N THR C 365 -13.00 -32.72 19.46
CA THR C 365 -12.78 -32.12 18.14
C THR C 365 -13.13 -30.63 18.22
N ALA C 366 -12.27 -29.76 17.69
CA ALA C 366 -12.54 -28.31 17.71
C ALA C 366 -12.75 -27.71 16.33
N LEU C 367 -13.80 -26.92 16.21
CA LEU C 367 -14.03 -26.10 15.03
C LEU C 367 -13.97 -24.62 15.42
N PRO C 368 -12.75 -24.06 15.48
CA PRO C 368 -12.63 -22.62 15.72
C PRO C 368 -13.05 -21.84 14.47
N VAL C 369 -13.53 -20.63 14.70
CA VAL C 369 -14.01 -19.76 13.63
C VAL C 369 -13.18 -18.48 13.64
N ILE C 370 -12.73 -18.07 12.45
CA ILE C 370 -11.99 -16.81 12.27
C ILE C 370 -12.68 -15.98 11.18
N GLU C 371 -12.90 -14.70 11.46
CA GLU C 371 -13.45 -13.79 10.48
C GLU C 371 -12.32 -13.00 9.80
N THR C 372 -12.24 -13.14 8.48
CA THR C 372 -11.28 -12.36 7.69
C THR C 372 -11.92 -11.03 7.28
N GLN C 373 -11.09 -10.11 6.80
CA GLN C 373 -11.55 -8.83 6.27
C GLN C 373 -11.15 -8.76 4.80
N ALA C 374 -12.12 -8.48 3.94
CA ALA C 374 -11.87 -8.41 2.48
C ALA C 374 -11.27 -9.69 1.88
N GLY C 375 -11.51 -10.83 2.54
CA GLY C 375 -11.14 -12.14 2.01
C GLY C 375 -9.66 -12.49 2.06
N ASP C 376 -8.92 -11.84 2.94
CA ASP C 376 -7.48 -12.01 3.01
C ASP C 376 -7.08 -13.15 3.97
N VAL C 377 -7.14 -14.38 3.48
CA VAL C 377 -6.70 -15.57 4.25
C VAL C 377 -5.25 -15.49 4.69
N SER C 378 -4.46 -14.69 3.97
CA SER C 378 -3.03 -14.57 4.19
C SER C 378 -2.66 -13.51 5.22
N ALA C 379 -3.64 -13.02 5.98
CA ALA C 379 -3.39 -11.99 6.99
C ALA C 379 -2.73 -12.54 8.26
N TYR C 380 -2.31 -11.64 9.14
CA TYR C 380 -1.57 -12.01 10.37
C TYR C 380 -2.33 -13.01 11.25
N ILE C 381 -3.43 -12.58 11.86
CA ILE C 381 -4.20 -13.42 12.79
C ILE C 381 -4.79 -14.69 12.15
N PRO C 382 -5.41 -14.57 10.95
CA PRO C 382 -5.78 -15.75 10.19
C PRO C 382 -4.66 -16.80 10.01
N THR C 383 -3.48 -16.40 9.51
CA THR C 383 -2.37 -17.35 9.33
C THR C 383 -1.82 -17.87 10.67
N ASN C 384 -1.94 -17.06 11.73
CA ASN C 384 -1.64 -17.51 13.08
C ASN C 384 -2.48 -18.73 13.44
N VAL C 385 -3.80 -18.60 13.25
CA VAL C 385 -4.74 -19.68 13.57
C VAL C 385 -4.68 -20.83 12.54
N ILE C 386 -4.52 -20.50 11.25
CA ILE C 386 -4.27 -21.56 10.26
C ILE C 386 -3.04 -22.36 10.67
N SER C 387 -2.03 -21.69 11.21
CA SER C 387 -0.79 -22.35 11.61
C SER C 387 -0.90 -23.15 12.92
N ILE C 388 -2.08 -23.12 13.55
CA ILE C 388 -2.34 -23.94 14.73
C ILE C 388 -3.16 -25.19 14.39
N THR C 389 -4.25 -24.99 13.65
CA THR C 389 -5.23 -26.05 13.37
C THR C 389 -4.71 -27.11 12.39
N ASP C 390 -5.43 -28.22 12.32
CA ASP C 390 -5.09 -29.34 11.43
C ASP C 390 -5.83 -29.20 10.09
N GLY C 391 -5.88 -27.97 9.58
CA GLY C 391 -6.59 -27.67 8.36
C GLY C 391 -7.59 -26.55 8.53
N GLN C 392 -8.20 -26.16 7.42
CA GLN C 392 -9.16 -25.06 7.41
C GLN C 392 -10.16 -25.21 6.26
N ILE C 393 -11.36 -24.71 6.50
CA ILE C 393 -12.40 -24.61 5.49
C ILE C 393 -12.51 -23.11 5.17
N PHE C 394 -12.10 -22.74 3.96
CA PHE C 394 -12.11 -21.33 3.57
C PHE C 394 -13.33 -20.98 2.71
N LEU C 395 -14.13 -20.03 3.20
CA LEU C 395 -15.36 -19.60 2.53
C LEU C 395 -15.20 -18.21 1.93
N GLU C 396 -15.79 -17.99 0.76
CA GLU C 396 -15.67 -16.72 0.03
C GLU C 396 -17.01 -16.20 -0.48
N THR C 397 -17.18 -14.88 -0.39
CA THR C 397 -18.38 -14.19 -0.87
C THR C 397 -18.62 -14.39 -2.37
N GLU C 398 -17.55 -14.30 -3.16
CA GLU C 398 -17.60 -14.51 -4.61
C GLU C 398 -18.28 -15.83 -4.94
N LEU C 399 -17.80 -16.91 -4.33
CA LEU C 399 -18.33 -18.24 -4.54
C LEU C 399 -19.77 -18.31 -4.06
N PHE C 400 -20.02 -17.76 -2.88
CA PHE C 400 -21.34 -17.71 -2.29
C PHE C 400 -22.40 -17.18 -3.25
N TYR C 401 -22.14 -16.01 -3.84
CA TYR C 401 -23.11 -15.40 -4.74
C TYR C 401 -23.16 -16.01 -6.14
N LYS C 402 -22.10 -16.71 -6.53
CA LYS C 402 -22.09 -17.48 -7.79
C LYS C 402 -23.00 -18.71 -7.72
N GLY C 403 -23.48 -19.01 -6.51
CA GLY C 403 -24.29 -20.20 -6.28
C GLY C 403 -23.50 -21.36 -5.72
N ILE C 404 -22.20 -21.15 -5.49
CA ILE C 404 -21.38 -22.14 -4.83
C ILE C 404 -21.63 -22.05 -3.32
N ARG C 405 -22.63 -22.80 -2.86
CA ARG C 405 -22.95 -22.88 -1.45
C ARG C 405 -23.07 -24.36 -1.08
N PRO C 406 -22.34 -24.82 -0.04
CA PRO C 406 -21.41 -24.03 0.79
C PRO C 406 -20.28 -23.41 -0.03
N ALA C 407 -19.92 -22.18 0.34
CA ALA C 407 -18.99 -21.35 -0.43
C ALA C 407 -17.51 -21.71 -0.24
N ILE C 408 -17.21 -23.00 -0.31
CA ILE C 408 -15.86 -23.51 -0.02
C ILE C 408 -14.91 -23.36 -1.20
N ASN C 409 -13.80 -22.66 -0.97
CA ASN C 409 -12.69 -22.63 -1.91
C ASN C 409 -11.86 -23.90 -1.73
N VAL C 410 -11.88 -24.78 -2.74
CA VAL C 410 -11.26 -26.10 -2.62
C VAL C 410 -9.74 -26.02 -2.51
N GLY C 411 -9.11 -25.28 -3.41
CA GLY C 411 -7.65 -25.19 -3.46
C GLY C 411 -7.04 -24.60 -2.20
N LEU C 412 -7.76 -23.65 -1.59
CA LEU C 412 -7.26 -22.97 -0.40
C LEU C 412 -7.63 -23.66 0.92
N SER C 413 -8.59 -24.58 0.86
CA SER C 413 -8.97 -25.37 2.03
C SER C 413 -8.10 -26.62 2.08
N VAL C 414 -7.78 -27.08 3.30
CA VAL C 414 -7.05 -28.34 3.48
C VAL C 414 -7.53 -29.10 4.71
N SER C 415 -7.28 -30.40 4.73
CA SER C 415 -7.32 -31.21 5.94
C SER C 415 -5.94 -31.82 6.12
N ARG C 416 -5.42 -31.75 7.35
CA ARG C 416 -4.09 -32.29 7.64
C ARG C 416 -4.12 -33.73 8.14
N VAL C 417 -5.33 -34.28 8.22
CA VAL C 417 -5.52 -35.70 8.55
C VAL C 417 -5.84 -36.54 7.31
N GLY C 418 -6.60 -35.97 6.38
CA GLY C 418 -6.86 -36.61 5.09
C GLY C 418 -7.73 -37.86 5.17
N SER C 419 -7.43 -38.85 4.33
CA SER C 419 -8.29 -40.03 4.19
C SER C 419 -8.36 -40.92 5.43
N ALA C 420 -7.42 -40.74 6.35
CA ALA C 420 -7.42 -41.46 7.62
C ALA C 420 -8.66 -41.15 8.46
N ALA C 421 -9.30 -40.02 8.17
CA ALA C 421 -10.52 -39.60 8.87
C ALA C 421 -11.80 -39.95 8.09
N GLN C 422 -11.67 -40.77 7.05
CA GLN C 422 -12.81 -41.16 6.20
C GLN C 422 -13.13 -42.63 6.31
N THR C 423 -14.40 -42.98 6.10
CA THR C 423 -14.80 -44.39 5.90
C THR C 423 -14.21 -44.86 4.57
N ARG C 424 -13.96 -46.16 4.46
CA ARG C 424 -13.44 -46.73 3.21
C ARG C 424 -14.31 -46.36 2.00
N ALA C 425 -15.62 -46.42 2.19
CA ALA C 425 -16.58 -46.03 1.15
C ALA C 425 -16.31 -44.63 0.59
N MET C 426 -16.16 -43.64 1.49
CA MET C 426 -15.85 -42.27 1.07
C MET C 426 -14.45 -42.15 0.45
N LYS C 427 -13.49 -42.87 1.03
CA LYS C 427 -12.13 -42.91 0.53
C LYS C 427 -12.08 -43.48 -0.90
N GLN C 428 -12.94 -44.47 -1.17
CA GLN C 428 -13.09 -45.05 -2.51
C GLN C 428 -13.53 -44.02 -3.55
N VAL C 429 -14.58 -43.26 -3.25
CA VAL C 429 -15.16 -42.31 -4.21
C VAL C 429 -14.49 -40.92 -4.27
N ALA C 430 -13.82 -40.53 -3.19
CA ALA C 430 -13.25 -39.18 -3.10
C ALA C 430 -11.73 -39.14 -2.99
N GLY C 431 -11.09 -40.29 -3.16
CA GLY C 431 -9.64 -40.45 -2.97
C GLY C 431 -8.72 -39.44 -3.66
N THR C 432 -9.03 -39.12 -4.91
CA THR C 432 -8.18 -38.22 -5.71
C THR C 432 -8.88 -36.91 -6.09
N MET C 433 -10.11 -36.74 -5.61
CA MET C 433 -10.98 -35.66 -6.05
C MET C 433 -10.49 -34.24 -5.69
N LYS C 434 -9.85 -34.09 -4.54
CA LYS C 434 -9.41 -32.76 -4.10
C LYS C 434 -8.34 -32.15 -5.00
N LEU C 435 -7.31 -32.93 -5.32
CA LEU C 435 -6.24 -32.46 -6.20
C LEU C 435 -6.76 -32.26 -7.62
N GLU C 436 -7.68 -33.13 -8.02
CA GLU C 436 -8.33 -33.11 -9.32
C GLU C 436 -9.15 -31.83 -9.52
N LEU C 437 -9.90 -31.43 -8.49
CA LEU C 437 -10.72 -30.21 -8.54
C LEU C 437 -9.87 -28.95 -8.49
N ALA C 438 -8.74 -29.02 -7.77
CA ALA C 438 -7.74 -27.95 -7.76
C ALA C 438 -7.17 -27.74 -9.15
N GLN C 439 -6.83 -28.84 -9.82
CA GLN C 439 -6.34 -28.78 -11.19
C GLN C 439 -7.40 -28.31 -12.18
N TYR C 440 -8.65 -28.72 -11.96
CA TYR C 440 -9.77 -28.30 -12.81
C TYR C 440 -9.94 -26.77 -12.83
N ARG C 441 -9.87 -26.15 -11.66
CA ARG C 441 -10.03 -24.69 -11.56
C ARG C 441 -8.91 -23.91 -12.25
N GLU C 442 -7.70 -24.47 -12.26
CA GLU C 442 -6.57 -23.88 -12.97
C GLU C 442 -6.80 -23.94 -14.48
N VAL C 443 -7.26 -25.09 -14.96
CA VAL C 443 -7.49 -25.29 -16.39
C VAL C 443 -8.71 -24.49 -16.87
N ALA C 444 -9.73 -24.38 -16.02
CA ALA C 444 -10.91 -23.57 -16.32
C ALA C 444 -10.53 -22.11 -16.56
N ALA C 445 -9.71 -21.57 -15.66
CA ALA C 445 -9.21 -20.20 -15.77
C ALA C 445 -8.35 -20.00 -17.02
N PHE C 446 -7.51 -20.98 -17.34
CA PHE C 446 -6.61 -20.91 -18.49
C PHE C 446 -7.34 -21.05 -19.83
N ALA C 447 -8.40 -21.85 -19.86
CA ALA C 447 -9.13 -22.10 -21.11
C ALA C 447 -10.28 -21.13 -21.37
N GLN C 448 -10.39 -20.08 -20.55
CA GLN C 448 -11.52 -19.14 -20.59
C GLN C 448 -11.93 -18.70 -22.00
N PHE C 449 -10.95 -18.39 -22.84
CA PHE C 449 -11.18 -18.09 -24.25
C PHE C 449 -11.37 -19.38 -25.06
N GLY C 450 -12.36 -19.39 -25.94
CA GLY C 450 -12.71 -20.58 -26.72
C GLY C 450 -11.69 -20.96 -27.79
N SER C 451 -10.46 -21.21 -27.37
CA SER C 451 -9.39 -21.65 -28.25
C SER C 451 -9.34 -23.18 -28.28
N ASP C 452 -8.99 -23.74 -29.43
CA ASP C 452 -8.95 -25.19 -29.64
C ASP C 452 -8.34 -25.96 -28.47
N LEU C 453 -9.17 -26.77 -27.82
CA LEU C 453 -8.76 -27.59 -26.68
C LEU C 453 -8.83 -29.07 -27.05
N ASP C 454 -7.85 -29.85 -26.57
CA ASP C 454 -7.85 -31.29 -26.81
C ASP C 454 -8.94 -32.01 -26.01
N ALA C 455 -9.19 -33.27 -26.35
CA ALA C 455 -10.23 -34.08 -25.72
C ALA C 455 -10.00 -34.27 -24.22
N ALA C 456 -8.74 -34.46 -23.83
CA ALA C 456 -8.38 -34.69 -22.43
C ALA C 456 -8.69 -33.49 -21.53
N THR C 457 -8.36 -32.28 -22.01
CA THR C 457 -8.66 -31.07 -21.25
C THR C 457 -10.16 -30.81 -21.19
N GLN C 458 -10.86 -31.08 -22.30
CA GLN C 458 -12.31 -30.94 -22.36
C GLN C 458 -13.00 -31.87 -21.37
N GLN C 459 -12.50 -33.10 -21.28
CA GLN C 459 -13.00 -34.09 -20.34
C GLN C 459 -12.75 -33.66 -18.89
N LEU C 460 -11.56 -33.11 -18.64
CA LEU C 460 -11.19 -32.60 -17.33
C LEU C 460 -12.11 -31.45 -16.93
N LEU C 461 -12.47 -30.62 -17.92
CA LEU C 461 -13.38 -29.50 -17.68
C LEU C 461 -14.82 -29.99 -17.46
N SER C 462 -15.26 -30.92 -18.31
CA SER C 462 -16.59 -31.50 -18.17
C SER C 462 -16.79 -32.13 -16.81
N ARG C 463 -15.85 -32.97 -16.39
CA ARG C 463 -15.92 -33.64 -15.10
C ARG C 463 -15.95 -32.64 -13.95
N GLY C 464 -15.02 -31.69 -13.96
CA GLY C 464 -14.88 -30.69 -12.89
C GLY C 464 -16.11 -29.83 -12.68
N VAL C 465 -16.73 -29.41 -13.78
CA VAL C 465 -17.95 -28.60 -13.75
C VAL C 465 -19.09 -29.37 -13.07
N ARG C 466 -19.18 -30.66 -13.38
CA ARG C 466 -20.26 -31.49 -12.87
C ARG C 466 -20.07 -31.86 -11.39
N LEU C 467 -18.83 -32.12 -11.00
CA LEU C 467 -18.49 -32.37 -9.59
C LEU C 467 -18.72 -31.13 -8.73
N THR C 468 -18.46 -29.96 -9.31
CA THR C 468 -18.69 -28.68 -8.63
C THR C 468 -20.18 -28.52 -8.29
N GLU C 469 -21.05 -28.86 -9.24
CA GLU C 469 -22.50 -28.84 -9.01
C GLU C 469 -22.92 -29.82 -7.93
N LEU C 470 -22.29 -31.00 -7.93
CA LEU C 470 -22.58 -32.06 -6.94
C LEU C 470 -22.27 -31.67 -5.51
N LEU C 471 -21.25 -30.82 -5.32
CA LEU C 471 -20.82 -30.42 -3.98
C LEU C 471 -21.61 -29.22 -3.43
N LYS C 472 -22.49 -28.66 -4.25
CA LYS C 472 -23.45 -27.67 -3.78
C LYS C 472 -24.45 -28.38 -2.88
N GLN C 473 -24.79 -27.74 -1.76
CA GLN C 473 -25.69 -28.36 -0.78
C GLN C 473 -26.48 -27.30 -0.03
N GLY C 474 -27.74 -27.60 0.27
CA GLY C 474 -28.58 -26.71 1.05
C GLY C 474 -28.25 -26.75 2.54
N GLN C 475 -29.03 -26.02 3.33
CA GLN C 475 -28.85 -25.95 4.77
C GLN C 475 -29.81 -26.83 5.54
N TYR C 476 -29.41 -27.19 6.77
CA TYR C 476 -30.29 -27.84 7.76
C TYR C 476 -30.77 -29.24 7.39
N SER C 477 -30.05 -29.89 6.48
CA SER C 477 -30.32 -31.29 6.13
C SER C 477 -29.03 -32.09 5.95
N PRO C 478 -28.15 -32.11 6.98
CA PRO C 478 -26.87 -32.80 6.85
C PRO C 478 -27.04 -34.26 6.46
N MET C 479 -26.26 -34.70 5.48
CA MET C 479 -26.45 -35.99 4.82
C MET C 479 -25.68 -37.14 5.45
N ALA C 480 -26.36 -38.28 5.61
CA ALA C 480 -25.73 -39.52 6.09
C ALA C 480 -24.64 -39.97 5.10
N ILE C 481 -23.59 -40.60 5.63
CA ILE C 481 -22.38 -40.86 4.85
C ILE C 481 -22.60 -41.74 3.61
N GLU C 482 -23.45 -42.76 3.75
CA GLU C 482 -23.74 -43.69 2.65
C GLU C 482 -24.48 -42.99 1.51
N GLU C 483 -25.30 -42.01 1.85
CA GLU C 483 -26.00 -41.17 0.87
C GLU C 483 -25.04 -40.27 0.10
N GLN C 484 -24.09 -39.67 0.82
CA GLN C 484 -23.02 -38.87 0.22
C GLN C 484 -22.20 -39.69 -0.77
N VAL C 485 -21.78 -40.87 -0.35
CA VAL C 485 -21.02 -41.77 -1.20
C VAL C 485 -21.79 -42.12 -2.48
N ALA C 486 -23.09 -42.38 -2.34
CA ALA C 486 -23.95 -42.74 -3.47
C ALA C 486 -24.03 -41.65 -4.54
N VAL C 487 -24.16 -40.38 -4.12
CA VAL C 487 -24.22 -39.28 -5.08
C VAL C 487 -22.85 -39.01 -5.71
N ILE C 488 -21.82 -38.96 -4.89
CA ILE C 488 -20.45 -38.73 -5.37
C ILE C 488 -20.08 -39.81 -6.38
N TYR C 489 -20.51 -41.04 -6.10
CA TYR C 489 -20.31 -42.20 -6.98
C TYR C 489 -20.76 -41.92 -8.41
N ALA C 490 -21.96 -41.36 -8.57
CA ALA C 490 -22.51 -41.04 -9.89
C ALA C 490 -21.63 -40.05 -10.66
N GLY C 491 -21.03 -39.11 -9.94
CA GLY C 491 -20.14 -38.12 -10.52
C GLY C 491 -18.76 -38.66 -10.84
N VAL C 492 -18.15 -39.32 -9.86
CA VAL C 492 -16.77 -39.80 -9.97
C VAL C 492 -16.59 -40.95 -10.98
N ARG C 493 -17.65 -41.72 -11.19
CA ARG C 493 -17.62 -42.84 -12.14
C ARG C 493 -17.98 -42.43 -13.56
N GLY C 494 -18.37 -41.16 -13.73
CA GLY C 494 -18.52 -40.58 -15.07
C GLY C 494 -19.92 -40.53 -15.67
N TYR C 495 -20.93 -40.86 -14.87
CA TYR C 495 -22.31 -40.94 -15.35
C TYR C 495 -22.95 -39.58 -15.64
N LEU C 496 -22.36 -38.51 -15.10
CA LEU C 496 -22.91 -37.16 -15.27
C LEU C 496 -22.27 -36.38 -16.42
N ASP C 497 -21.28 -36.99 -17.07
CA ASP C 497 -20.40 -36.29 -18.01
C ASP C 497 -21.09 -35.69 -19.25
N LYS C 498 -22.20 -36.29 -19.65
CA LYS C 498 -22.93 -35.83 -20.84
C LYS C 498 -24.16 -34.97 -20.51
N LEU C 499 -24.48 -34.87 -19.22
CA LEU C 499 -25.59 -34.06 -18.76
C LEU C 499 -25.25 -32.58 -18.79
N GLU C 500 -26.25 -31.74 -19.05
CA GLU C 500 -26.09 -30.29 -18.90
C GLU C 500 -25.78 -29.97 -17.44
N PRO C 501 -24.77 -29.10 -17.21
CA PRO C 501 -24.40 -28.65 -15.87
C PRO C 501 -25.59 -28.15 -15.05
N SER C 502 -26.53 -27.47 -15.70
CA SER C 502 -27.71 -26.90 -15.04
C SER C 502 -28.68 -27.95 -14.49
N LYS C 503 -28.57 -29.19 -14.98
CA LYS C 503 -29.49 -30.26 -14.59
C LYS C 503 -28.90 -31.27 -13.60
N ILE C 504 -27.68 -31.00 -13.12
CA ILE C 504 -26.99 -31.90 -12.18
C ILE C 504 -27.67 -31.99 -10.82
N THR C 505 -28.04 -30.83 -10.27
CA THR C 505 -28.78 -30.78 -9.00
C THR C 505 -30.13 -31.48 -9.12
N LYS C 506 -30.77 -31.35 -10.28
CA LYS C 506 -32.02 -32.06 -10.57
C LYS C 506 -31.79 -33.57 -10.52
N PHE C 507 -30.69 -34.03 -11.15
CA PHE C 507 -30.30 -35.44 -11.14
C PHE C 507 -30.08 -35.93 -9.71
N GLU C 508 -29.26 -35.20 -8.96
CA GLU C 508 -28.93 -35.57 -7.58
C GLU C 508 -30.16 -35.72 -6.68
N ASN C 509 -31.07 -34.74 -6.76
CA ASN C 509 -32.31 -34.77 -5.99
C ASN C 509 -33.18 -35.99 -6.32
N ALA C 510 -33.34 -36.25 -7.62
CA ALA C 510 -34.12 -37.38 -8.08
C ALA C 510 -33.46 -38.73 -7.77
N PHE C 511 -32.13 -38.78 -7.91
CA PHE C 511 -31.39 -40.01 -7.70
C PHE C 511 -31.32 -40.41 -6.22
N LEU C 512 -31.05 -39.44 -5.35
CA LEU C 512 -30.96 -39.67 -3.92
C LEU C 512 -32.31 -40.14 -3.34
N SER C 513 -33.38 -39.46 -3.73
CA SER C 513 -34.72 -39.83 -3.28
C SER C 513 -35.14 -41.23 -3.75
N HIS C 514 -34.62 -41.63 -4.91
CA HIS C 514 -34.89 -42.97 -5.46
C HIS C 514 -34.19 -44.08 -4.67
N VAL C 515 -32.91 -43.90 -4.38
CA VAL C 515 -32.13 -44.91 -3.64
C VAL C 515 -32.55 -45.01 -2.17
N ILE C 516 -33.06 -43.90 -1.64
CA ILE C 516 -33.66 -43.87 -0.29
C ILE C 516 -34.98 -44.65 -0.33
N SER C 517 -35.72 -44.51 -1.42
CA SER C 517 -37.01 -45.15 -1.59
C SER C 517 -36.90 -46.66 -1.82
N GLN C 518 -36.11 -47.05 -2.81
CA GLN C 518 -36.11 -48.43 -3.29
C GLN C 518 -34.88 -49.25 -2.89
N HIS C 519 -33.79 -48.57 -2.53
CA HIS C 519 -32.53 -49.27 -2.29
C HIS C 519 -31.93 -49.01 -0.90
N GLN C 520 -32.78 -49.10 0.13
CA GLN C 520 -32.35 -49.02 1.53
C GLN C 520 -31.41 -50.16 1.92
N ALA C 521 -31.57 -51.30 1.25
CA ALA C 521 -30.71 -52.46 1.47
C ALA C 521 -29.28 -52.17 1.04
N LEU C 522 -29.13 -51.41 -0.04
CA LEU C 522 -27.81 -51.03 -0.55
C LEU C 522 -27.16 -49.98 0.35
N LEU C 523 -27.92 -48.92 0.66
CA LEU C 523 -27.45 -47.84 1.54
C LEU C 523 -27.07 -48.36 2.93
N SER C 524 -27.95 -49.18 3.50
CA SER C 524 -27.71 -49.80 4.80
C SER C 524 -26.48 -50.68 4.83
N LYS C 525 -26.19 -51.31 3.69
CA LYS C 525 -25.01 -52.16 3.56
C LYS C 525 -23.73 -51.34 3.49
N ILE C 526 -23.80 -50.17 2.84
CA ILE C 526 -22.66 -49.24 2.76
C ILE C 526 -22.40 -48.62 4.14
N ARG C 527 -23.47 -48.34 4.88
CA ARG C 527 -23.38 -47.77 6.22
C ARG C 527 -22.80 -48.76 7.24
N THR C 528 -23.23 -50.02 7.15
CA THR C 528 -22.78 -51.09 8.05
C THR C 528 -21.35 -51.54 7.76
N ASP C 529 -21.10 -51.91 6.49
CA ASP C 529 -19.78 -52.33 6.05
C ASP C 529 -18.76 -51.19 6.12
N GLY C 530 -19.23 -49.95 5.91
CA GLY C 530 -18.36 -48.79 5.86
C GLY C 530 -17.55 -48.72 4.57
N LYS C 531 -17.95 -49.53 3.59
CA LYS C 531 -17.25 -49.63 2.30
C LYS C 531 -18.22 -50.01 1.18
N ILE C 532 -17.75 -49.87 -0.06
CA ILE C 532 -18.48 -50.37 -1.23
C ILE C 532 -17.87 -51.70 -1.65
N SER C 533 -18.55 -52.79 -1.33
CA SER C 533 -18.13 -54.12 -1.75
C SER C 533 -18.29 -54.26 -3.26
N GLU C 534 -17.76 -55.35 -3.82
CA GLU C 534 -17.88 -55.61 -5.25
C GLU C 534 -19.35 -55.84 -5.64
N GLU C 535 -20.14 -56.36 -4.69
CA GLU C 535 -21.56 -56.56 -4.91
C GLU C 535 -22.32 -55.24 -4.91
N SER C 536 -21.99 -54.37 -3.96
CA SER C 536 -22.57 -53.03 -3.87
C SER C 536 -22.19 -52.18 -5.09
N ASP C 537 -20.96 -52.35 -5.58
CA ASP C 537 -20.46 -51.63 -6.74
C ASP C 537 -21.22 -52.04 -8.01
N ALA C 538 -21.50 -53.35 -8.12
CA ALA C 538 -22.26 -53.88 -9.25
C ALA C 538 -23.71 -53.40 -9.22
N LYS C 539 -24.30 -53.38 -8.02
CA LYS C 539 -25.67 -52.90 -7.83
C LYS C 539 -25.80 -51.42 -8.16
N LEU C 540 -24.90 -50.60 -7.61
CA LEU C 540 -24.84 -49.17 -7.91
C LEU C 540 -24.70 -48.90 -9.41
N LYS C 541 -23.80 -49.65 -10.05
CA LYS C 541 -23.55 -49.55 -11.49
C LYS C 541 -24.82 -49.78 -12.31
N GLU C 542 -25.58 -50.82 -11.96
CA GLU C 542 -26.85 -51.15 -12.61
C GLU C 542 -27.89 -50.04 -12.42
N ILE C 543 -27.94 -49.48 -11.22
CA ILE C 543 -28.92 -48.45 -10.87
C ILE C 543 -28.68 -47.15 -11.63
N VAL C 544 -27.44 -46.64 -11.59
CA VAL C 544 -27.11 -45.37 -12.22
C VAL C 544 -27.16 -45.42 -13.76
N THR C 545 -26.77 -46.56 -14.34
CA THR C 545 -26.83 -46.74 -15.79
C THR C 545 -28.27 -46.61 -16.30
N ASN C 546 -29.17 -47.38 -15.71
CA ASN C 546 -30.59 -47.37 -16.09
C ASN C 546 -31.29 -46.06 -15.75
N PHE C 547 -30.92 -45.48 -14.61
CA PHE C 547 -31.47 -44.20 -14.16
C PHE C 547 -31.06 -43.07 -15.09
N LEU C 548 -29.78 -43.09 -15.47
CA LEU C 548 -29.19 -42.09 -16.37
C LEU C 548 -29.80 -42.16 -17.77
N ALA C 549 -30.05 -43.38 -18.25
CA ALA C 549 -30.67 -43.60 -19.55
C ALA C 549 -32.08 -43.01 -19.61
N GLY C 550 -32.76 -43.00 -18.47
CA GLY C 550 -34.10 -42.42 -18.35
C GLY C 550 -34.05 -40.91 -18.24
N PHE C 551 -33.04 -40.41 -17.52
CA PHE C 551 -32.88 -38.99 -17.25
C PHE C 551 -32.51 -38.19 -18.49
N GLU C 552 -31.71 -38.79 -19.37
CA GLU C 552 -31.24 -38.13 -20.59
C GLU C 552 -32.35 -37.88 -21.62
N ALA C 553 -33.36 -38.75 -21.62
CA ALA C 553 -34.51 -38.58 -22.51
C ALA C 553 -35.53 -37.60 -21.92
N THR D 59 23.24 -20.08 46.32
CA THR D 59 22.61 -18.76 46.67
C THR D 59 21.08 -18.79 46.47
N THR D 60 20.37 -18.03 47.31
CA THR D 60 18.91 -18.06 47.35
C THR D 60 18.28 -16.68 47.10
N GLY D 61 17.30 -16.66 46.21
CA GLY D 61 16.55 -15.44 45.91
C GLY D 61 15.09 -15.59 46.23
N ARG D 62 14.35 -14.49 46.09
CA ARG D 62 12.91 -14.49 46.26
C ARG D 62 12.26 -13.87 45.03
N ILE D 63 11.19 -14.49 44.55
CA ILE D 63 10.37 -13.90 43.49
C ILE D 63 9.81 -12.56 43.97
N VAL D 64 9.97 -11.53 43.16
CA VAL D 64 9.41 -10.21 43.48
C VAL D 64 8.34 -9.74 42.50
N ALA D 65 8.32 -10.34 41.31
CA ALA D 65 7.32 -10.00 40.29
C ALA D 65 7.06 -11.16 39.33
N VAL D 66 5.81 -11.29 38.90
CA VAL D 66 5.39 -12.28 37.90
C VAL D 66 4.43 -11.64 36.91
N ILE D 67 4.83 -11.61 35.64
CA ILE D 67 3.96 -11.15 34.56
C ILE D 67 4.12 -12.11 33.40
N GLY D 68 3.13 -12.98 33.20
CA GLY D 68 3.20 -14.04 32.20
C GLY D 68 4.44 -14.90 32.39
N ALA D 69 5.20 -15.09 31.32
CA ALA D 69 6.38 -15.94 31.32
C ALA D 69 7.61 -15.27 31.94
N VAL D 70 7.47 -14.01 32.35
CA VAL D 70 8.60 -13.22 32.86
C VAL D 70 8.53 -13.06 34.38
N VAL D 71 9.60 -13.50 35.06
CA VAL D 71 9.67 -13.55 36.51
C VAL D 71 10.90 -12.79 37.02
N ASP D 72 10.67 -11.83 37.91
CA ASP D 72 11.76 -11.08 38.53
C ASP D 72 12.12 -11.70 39.88
N VAL D 73 13.42 -11.87 40.12
CA VAL D 73 13.92 -12.50 41.35
C VAL D 73 14.97 -11.61 42.01
N GLN D 74 14.80 -11.36 43.31
CA GLN D 74 15.77 -10.57 44.07
C GLN D 74 16.69 -11.49 44.88
N PHE D 75 17.98 -11.19 44.83
CA PHE D 75 19.00 -11.89 45.61
C PHE D 75 19.68 -10.93 46.56
N ASP D 76 19.66 -11.25 47.85
CA ASP D 76 20.32 -10.42 48.87
C ASP D 76 21.84 -10.48 48.78
N GLU D 77 22.36 -11.59 48.26
CA GLU D 77 23.79 -11.82 48.20
C GLU D 77 24.28 -12.16 46.78
N GLY D 78 24.61 -13.43 46.55
CA GLY D 78 25.20 -13.87 45.29
C GLY D 78 24.26 -13.85 44.09
N LEU D 79 24.35 -12.76 43.32
CA LEU D 79 23.55 -12.57 42.12
C LEU D 79 24.01 -13.49 40.98
N PRO D 80 23.08 -14.30 40.42
CA PRO D 80 23.42 -15.24 39.35
C PRO D 80 23.67 -14.53 38.01
N PRO D 81 24.74 -14.96 37.29
CA PRO D 81 25.03 -14.34 35.99
C PRO D 81 23.96 -14.60 34.93
N ILE D 82 23.91 -13.78 33.90
CA ILE D 82 22.99 -13.97 32.77
C ILE D 82 23.20 -15.37 32.16
N LEU D 83 22.08 -16.00 31.78
CA LEU D 83 22.03 -17.36 31.21
C LEU D 83 21.95 -18.49 32.24
N ASN D 84 22.15 -18.18 33.51
CA ASN D 84 22.06 -19.20 34.55
C ASN D 84 20.65 -19.77 34.72
N ALA D 85 20.59 -21.05 35.08
CA ALA D 85 19.32 -21.72 35.33
C ALA D 85 19.01 -21.66 36.82
N LEU D 86 17.81 -21.18 37.13
CA LEU D 86 17.35 -21.04 38.51
C LEU D 86 16.23 -22.04 38.75
N GLU D 87 16.20 -22.58 39.96
CA GLU D 87 15.21 -23.59 40.35
C GLU D 87 14.22 -22.99 41.34
N VAL D 88 12.96 -22.91 40.94
CA VAL D 88 11.90 -22.47 41.85
C VAL D 88 11.60 -23.58 42.85
N GLN D 89 11.59 -23.23 44.14
CA GLN D 89 11.26 -24.17 45.19
C GLN D 89 9.75 -24.27 45.34
N GLY D 90 9.28 -25.33 45.99
CA GLY D 90 7.86 -25.53 46.26
C GLY D 90 6.98 -25.78 45.05
N ARG D 91 7.55 -26.43 44.04
CA ARG D 91 6.79 -26.82 42.84
C ARG D 91 6.71 -28.34 42.73
N GLU D 92 5.57 -28.83 42.27
CA GLU D 92 5.34 -30.27 42.08
C GLU D 92 6.24 -30.83 40.98
N THR D 93 6.30 -30.12 39.86
CA THR D 93 7.20 -30.46 38.76
C THR D 93 8.25 -29.38 38.61
N ARG D 94 9.47 -29.77 38.24
CA ARG D 94 10.60 -28.86 38.13
C ARG D 94 10.30 -27.64 37.25
N LEU D 95 10.49 -26.45 37.82
CA LEU D 95 10.31 -25.19 37.10
C LEU D 95 11.60 -24.38 37.06
N VAL D 96 12.16 -24.27 35.85
CA VAL D 96 13.41 -23.56 35.62
C VAL D 96 13.15 -22.13 35.11
N LEU D 97 13.83 -21.17 35.71
CA LEU D 97 13.89 -19.81 35.19
C LEU D 97 15.27 -19.57 34.61
N GLU D 98 15.34 -19.00 33.42
CA GLU D 98 16.63 -18.61 32.86
C GLU D 98 16.88 -17.11 33.01
N VAL D 99 18.04 -16.76 33.56
CA VAL D 99 18.39 -15.37 33.77
C VAL D 99 18.63 -14.68 32.43
N ALA D 100 17.92 -13.58 32.20
CA ALA D 100 17.99 -12.83 30.96
C ALA D 100 18.67 -11.49 31.15
N GLN D 101 18.43 -10.85 32.29
CA GLN D 101 18.94 -9.50 32.55
C GLN D 101 19.25 -9.28 34.04
N HIS D 102 20.17 -8.37 34.30
CA HIS D 102 20.33 -7.77 35.62
C HIS D 102 19.68 -6.39 35.59
N LEU D 103 18.59 -6.23 36.33
CA LEU D 103 17.82 -4.98 36.32
C LEU D 103 18.42 -3.90 37.22
N GLY D 104 19.32 -4.32 38.11
CA GLY D 104 19.82 -3.45 39.16
C GLY D 104 19.04 -3.71 40.44
N GLU D 105 19.50 -3.11 41.54
CA GLU D 105 18.89 -3.29 42.87
C GLU D 105 18.84 -4.76 43.27
N SER D 106 19.91 -5.49 42.95
CA SER D 106 20.06 -6.91 43.28
C SER D 106 18.95 -7.80 42.70
N THR D 107 18.36 -7.34 41.61
CA THR D 107 17.23 -8.04 41.00
C THR D 107 17.58 -8.49 39.57
N VAL D 108 17.29 -9.75 39.28
CA VAL D 108 17.43 -10.28 37.93
C VAL D 108 16.07 -10.53 37.30
N ARG D 109 16.00 -10.35 35.98
CA ARG D 109 14.81 -10.65 35.22
C ARG D 109 15.03 -11.96 34.48
N THR D 110 14.04 -12.85 34.55
CA THR D 110 14.18 -14.23 34.10
C THR D 110 13.06 -14.65 33.17
N ILE D 111 13.32 -15.68 32.35
CA ILE D 111 12.27 -16.30 31.53
C ILE D 111 11.99 -17.73 32.01
N ALA D 112 10.72 -18.01 32.28
CA ALA D 112 10.31 -19.33 32.77
C ALA D 112 10.27 -20.38 31.65
N MET D 113 10.67 -21.60 32.00
CA MET D 113 10.66 -22.75 31.07
C MET D 113 9.38 -23.56 31.14
N ASP D 114 8.50 -23.21 32.08
CA ASP D 114 7.18 -23.81 32.19
C ASP D 114 6.21 -22.74 32.70
N GLY D 115 4.95 -23.12 32.89
CA GLY D 115 3.90 -22.18 33.29
C GLY D 115 4.22 -21.50 34.60
N THR D 116 3.75 -20.26 34.74
CA THR D 116 4.03 -19.47 35.95
C THR D 116 2.84 -19.40 36.91
N GLU D 117 1.74 -20.07 36.55
CA GLU D 117 0.58 -20.16 37.43
C GLU D 117 0.98 -20.76 38.78
N GLY D 118 0.51 -20.13 39.85
CA GLY D 118 0.76 -20.62 41.20
C GLY D 118 1.97 -20.00 41.88
N LEU D 119 2.76 -19.25 41.14
CA LEU D 119 3.92 -18.56 41.73
C LEU D 119 3.49 -17.43 42.65
N VAL D 120 4.26 -17.23 43.72
CA VAL D 120 3.95 -16.23 44.75
C VAL D 120 5.15 -15.33 44.98
N ARG D 121 4.89 -14.03 45.16
CA ARG D 121 5.94 -13.09 45.55
C ARG D 121 6.46 -13.48 46.93
N GLY D 122 7.76 -13.77 47.01
CA GLY D 122 8.38 -14.27 48.22
C GLY D 122 8.86 -15.70 48.07
N GLN D 123 8.40 -16.39 47.04
CA GLN D 123 8.79 -17.77 46.78
C GLN D 123 10.30 -17.86 46.55
N LYS D 124 10.93 -18.86 47.16
CA LYS D 124 12.38 -19.02 47.13
C LYS D 124 12.84 -19.57 45.79
N VAL D 125 14.00 -19.09 45.32
CA VAL D 125 14.57 -19.54 44.05
C VAL D 125 16.07 -19.81 44.24
N LEU D 126 16.52 -21.00 43.84
CA LEU D 126 17.93 -21.38 43.95
C LEU D 126 18.68 -21.20 42.64
N ASP D 127 19.88 -20.64 42.72
CA ASP D 127 20.79 -20.57 41.58
C ASP D 127 21.47 -21.92 41.45
N SER D 128 21.33 -22.57 40.30
CA SER D 128 21.99 -23.85 40.05
C SER D 128 23.50 -23.69 39.82
N GLY D 129 23.92 -22.47 39.54
CA GLY D 129 25.33 -22.17 39.29
C GLY D 129 25.78 -22.50 37.88
N ALA D 130 24.81 -22.72 36.99
CA ALA D 130 25.09 -23.04 35.57
C ALA D 130 23.85 -22.82 34.70
N PRO D 131 24.05 -22.64 33.37
CA PRO D 131 22.93 -22.65 32.42
C PRO D 131 22.19 -23.98 32.42
N ILE D 132 21.08 -24.07 31.68
CA ILE D 132 20.33 -25.32 31.56
C ILE D 132 21.27 -26.39 31.02
N ARG D 133 21.33 -27.52 31.72
CA ARG D 133 22.17 -28.64 31.33
C ARG D 133 21.31 -29.86 31.04
N ILE D 134 21.58 -30.51 29.91
CA ILE D 134 20.75 -31.62 29.43
C ILE D 134 21.58 -32.88 29.15
N PRO D 135 20.94 -34.06 29.18
CA PRO D 135 21.62 -35.30 28.82
C PRO D 135 22.01 -35.34 27.36
N VAL D 136 23.24 -35.73 27.08
CA VAL D 136 23.70 -35.98 25.71
C VAL D 136 24.24 -37.41 25.62
N GLY D 137 24.74 -37.80 24.45
CA GLY D 137 25.30 -39.13 24.26
C GLY D 137 24.30 -40.11 23.66
N PRO D 138 24.75 -41.36 23.39
CA PRO D 138 23.96 -42.39 22.68
C PRO D 138 22.66 -42.80 23.38
N GLU D 139 22.55 -42.53 24.68
CA GLU D 139 21.34 -42.88 25.43
C GLU D 139 20.15 -41.94 25.15
N THR D 140 20.39 -40.87 24.42
CA THR D 140 19.32 -39.99 23.97
C THR D 140 18.60 -40.57 22.74
N LEU D 141 19.28 -41.47 22.04
CA LEU D 141 18.74 -42.11 20.84
C LEU D 141 17.53 -42.99 21.17
N GLY D 142 16.42 -42.76 20.46
CA GLY D 142 15.19 -43.51 20.66
C GLY D 142 14.33 -42.98 21.79
N ARG D 143 14.81 -41.94 22.46
CA ARG D 143 14.12 -41.31 23.58
C ARG D 143 13.53 -39.96 23.15
N ILE D 144 12.59 -39.45 23.94
CA ILE D 144 12.08 -38.09 23.76
C ILE D 144 12.40 -37.25 24.99
N MET D 145 12.99 -36.08 24.76
CA MET D 145 13.36 -35.13 25.81
C MET D 145 12.64 -33.79 25.65
N ASN D 146 12.52 -33.05 26.75
CA ASN D 146 12.00 -31.68 26.72
C ASN D 146 13.13 -30.64 26.80
N VAL D 147 12.76 -29.37 26.99
CA VAL D 147 13.72 -28.24 27.01
C VAL D 147 14.86 -28.40 28.01
N ILE D 148 14.50 -28.88 29.19
CA ILE D 148 15.45 -28.97 30.32
C ILE D 148 16.06 -30.36 30.48
N GLY D 149 15.79 -31.25 29.51
CA GLY D 149 16.44 -32.55 29.47
C GLY D 149 15.67 -33.74 30.06
N GLU D 150 14.46 -33.47 30.55
CA GLU D 150 13.63 -34.50 31.17
C GLU D 150 13.02 -35.43 30.11
N PRO D 151 12.89 -36.74 30.43
CA PRO D 151 12.21 -37.66 29.53
C PRO D 151 10.70 -37.41 29.50
N ILE D 152 10.12 -37.38 28.30
CA ILE D 152 8.68 -37.21 28.15
C ILE D 152 8.04 -38.38 27.39
N ASP D 153 8.69 -39.55 27.47
CA ASP D 153 8.21 -40.74 26.76
C ASP D 153 7.76 -41.88 27.68
N GLU D 154 7.63 -41.57 28.98
CA GLU D 154 7.18 -42.54 30.00
C GLU D 154 8.03 -43.81 30.08
N ARG D 155 9.29 -43.69 29.69
CA ARG D 155 10.20 -44.83 29.65
C ARG D 155 11.26 -44.74 30.74
N GLY D 156 10.99 -43.93 31.76
CA GLY D 156 11.91 -43.77 32.87
C GLY D 156 13.07 -42.84 32.54
N PRO D 157 14.09 -42.81 33.40
CA PRO D 157 15.19 -41.85 33.27
C PRO D 157 16.00 -42.04 31.99
N ILE D 158 16.58 -40.94 31.51
CA ILE D 158 17.58 -41.01 30.45
C ILE D 158 18.82 -41.62 31.09
N LYS D 159 19.11 -42.88 30.74
CA LYS D 159 20.19 -43.64 31.37
C LYS D 159 21.60 -43.14 31.00
N THR D 160 21.86 -41.88 31.32
CA THR D 160 23.12 -41.22 31.00
C THR D 160 23.66 -40.43 32.19
N LYS D 161 24.93 -40.05 32.11
CA LYS D 161 25.53 -39.17 33.10
C LYS D 161 26.54 -38.20 32.47
N GLN D 162 26.47 -38.06 31.15
CA GLN D 162 27.16 -36.98 30.46
C GLN D 162 26.13 -35.89 30.14
N PHE D 163 26.45 -34.66 30.52
CA PHE D 163 25.54 -33.53 30.38
C PHE D 163 26.21 -32.38 29.61
N ALA D 164 25.39 -31.50 29.03
CA ALA D 164 25.90 -30.35 28.30
C ALA D 164 24.99 -29.14 28.47
N ALA D 165 25.61 -27.97 28.62
CA ALA D 165 24.88 -26.70 28.68
C ALA D 165 24.28 -26.39 27.32
N ILE D 166 23.04 -25.91 27.31
CA ILE D 166 22.35 -25.60 26.05
C ILE D 166 22.84 -24.29 25.40
N HIS D 167 23.62 -23.52 26.16
CA HIS D 167 24.28 -22.32 25.63
C HIS D 167 25.76 -22.61 25.44
N ALA D 168 26.25 -22.29 24.24
CA ALA D 168 27.63 -22.58 23.85
C ALA D 168 28.08 -21.62 22.76
N GLU D 169 29.39 -21.42 22.66
CA GLU D 169 29.98 -20.57 21.63
C GLU D 169 29.93 -21.28 20.28
N ALA D 170 29.70 -20.50 19.22
CA ALA D 170 29.72 -21.02 17.85
C ALA D 170 31.14 -21.39 17.41
N PRO D 171 31.30 -22.43 16.58
CA PRO D 171 32.63 -22.75 16.05
C PRO D 171 33.26 -21.54 15.36
N GLU D 172 34.58 -21.39 15.54
CA GLU D 172 35.31 -20.24 15.00
C GLU D 172 35.48 -20.35 13.49
N PHE D 173 35.93 -19.26 12.86
CA PHE D 173 36.19 -19.23 11.42
C PHE D 173 37.19 -20.30 10.97
N VAL D 174 38.22 -20.56 11.78
CA VAL D 174 39.22 -21.58 11.46
C VAL D 174 38.67 -23.01 11.40
N GLU D 175 37.51 -23.22 12.01
CA GLU D 175 36.92 -24.56 12.10
C GLU D 175 36.00 -24.89 10.91
N MET D 176 35.89 -23.96 9.97
CA MET D 176 34.94 -24.12 8.85
C MET D 176 35.44 -25.09 7.77
N SER D 177 34.50 -25.84 7.21
CA SER D 177 34.76 -26.75 6.09
C SER D 177 34.18 -26.15 4.80
N VAL D 178 34.91 -26.28 3.70
CA VAL D 178 34.44 -25.77 2.41
C VAL D 178 33.95 -26.87 1.46
N GLU D 179 33.98 -28.11 1.94
CA GLU D 179 33.52 -29.27 1.16
C GLU D 179 32.03 -29.15 0.88
N GLN D 180 31.64 -29.33 -0.38
CA GLN D 180 30.23 -29.30 -0.76
C GLN D 180 29.92 -30.23 -1.92
N GLU D 181 29.34 -31.38 -1.59
CA GLU D 181 28.93 -32.34 -2.61
C GLU D 181 27.43 -32.62 -2.54
N ILE D 182 26.83 -32.87 -3.70
CA ILE D 182 25.39 -33.05 -3.82
C ILE D 182 24.82 -34.18 -2.95
N LEU D 183 23.67 -33.89 -2.33
CA LEU D 183 22.89 -34.88 -1.61
C LEU D 183 21.59 -35.06 -2.37
N VAL D 184 21.48 -36.16 -3.12
CA VAL D 184 20.29 -36.43 -3.92
C VAL D 184 19.10 -36.81 -3.04
N THR D 185 17.96 -36.17 -3.29
CA THR D 185 16.75 -36.39 -2.47
C THR D 185 15.73 -37.34 -3.12
N GLY D 186 15.79 -37.48 -4.45
CA GLY D 186 14.76 -38.20 -5.20
C GLY D 186 13.53 -37.33 -5.47
N ILE D 187 13.64 -36.06 -5.09
CA ILE D 187 12.58 -35.07 -5.31
C ILE D 187 13.01 -34.22 -6.50
N LYS D 188 12.25 -34.34 -7.59
CA LYS D 188 12.63 -33.75 -8.88
C LYS D 188 12.95 -32.26 -8.81
N VAL D 189 12.05 -31.48 -8.22
CA VAL D 189 12.19 -30.02 -8.22
C VAL D 189 13.43 -29.58 -7.43
N VAL D 190 13.63 -30.19 -6.26
CA VAL D 190 14.80 -29.93 -5.43
C VAL D 190 16.10 -30.33 -6.15
N ASP D 191 16.19 -31.59 -6.58
CA ASP D 191 17.40 -32.10 -7.24
C ASP D 191 17.78 -31.36 -8.53
N LEU D 192 16.79 -30.96 -9.31
CA LEU D 192 17.04 -30.29 -10.59
C LEU D 192 17.49 -28.85 -10.39
N LEU D 193 16.75 -28.11 -9.57
CA LEU D 193 16.86 -26.64 -9.55
C LEU D 193 17.71 -26.07 -8.42
N ALA D 194 17.65 -26.69 -7.25
CA ALA D 194 18.35 -26.15 -6.07
C ALA D 194 18.78 -27.29 -5.17
N PRO D 195 19.72 -28.11 -5.65
CA PRO D 195 20.06 -29.34 -4.93
C PRO D 195 20.68 -29.09 -3.55
N TYR D 196 20.46 -30.02 -2.65
CA TYR D 196 21.04 -29.95 -1.32
C TYR D 196 22.47 -30.47 -1.35
N ALA D 197 23.25 -30.05 -0.35
CA ALA D 197 24.64 -30.51 -0.20
C ALA D 197 24.79 -31.27 1.12
N LYS D 198 25.61 -32.31 1.10
CA LYS D 198 25.93 -33.05 2.30
C LYS D 198 26.71 -32.13 3.24
N GLY D 199 26.31 -32.10 4.51
CA GLY D 199 26.92 -31.21 5.49
C GLY D 199 26.54 -29.74 5.35
N GLY D 200 25.57 -29.46 4.47
CA GLY D 200 25.16 -28.07 4.22
C GLY D 200 23.95 -27.67 5.03
N LYS D 201 23.62 -26.38 4.99
CA LYS D 201 22.47 -25.84 5.69
C LYS D 201 21.32 -25.65 4.72
N ILE D 202 20.23 -26.37 4.97
CA ILE D 202 19.06 -26.39 4.11
C ILE D 202 17.89 -25.76 4.83
N GLY D 203 17.20 -24.85 4.15
CA GLY D 203 16.01 -24.20 4.69
C GLY D 203 14.77 -24.41 3.84
N LEU D 204 13.66 -24.73 4.50
CA LEU D 204 12.38 -24.94 3.84
C LEU D 204 11.41 -23.85 4.27
N PHE D 205 11.29 -22.80 3.44
CA PHE D 205 10.40 -21.67 3.72
C PHE D 205 8.96 -21.95 3.28
N GLY D 206 8.01 -21.43 4.03
CA GLY D 206 6.62 -21.53 3.65
C GLY D 206 5.67 -20.86 4.62
N GLY D 207 4.60 -20.28 4.08
CA GLY D 207 3.49 -19.81 4.87
C GLY D 207 2.70 -20.95 5.48
N ALA D 208 1.67 -20.62 6.24
CA ALA D 208 0.88 -21.62 6.96
C ALA D 208 0.19 -22.61 6.01
N GLY D 209 0.52 -23.90 6.17
CA GLY D 209 -0.18 -24.97 5.45
C GLY D 209 0.21 -25.18 3.99
N VAL D 210 1.43 -24.80 3.62
CA VAL D 210 1.87 -24.97 2.22
C VAL D 210 2.73 -26.20 1.96
N GLY D 211 3.26 -26.81 3.02
CA GLY D 211 3.91 -28.12 2.88
C GLY D 211 5.30 -28.30 3.46
N LYS D 212 5.71 -27.42 4.37
CA LYS D 212 7.01 -27.50 5.02
C LYS D 212 7.24 -28.84 5.70
N THR D 213 6.27 -29.26 6.52
CA THR D 213 6.37 -30.48 7.32
C THR D 213 6.29 -31.74 6.47
N VAL D 214 5.35 -31.78 5.54
CA VAL D 214 5.25 -32.91 4.62
C VAL D 214 6.61 -33.12 3.92
N LEU D 215 7.23 -32.03 3.47
CA LEU D 215 8.52 -32.11 2.80
C LEU D 215 9.63 -32.60 3.72
N ILE D 216 9.68 -32.06 4.94
CA ILE D 216 10.70 -32.49 5.91
C ILE D 216 10.53 -33.98 6.24
N MET D 217 9.29 -34.43 6.34
CA MET D 217 8.99 -35.86 6.59
C MET D 217 9.38 -36.72 5.41
N GLU D 218 9.15 -36.21 4.20
CA GLU D 218 9.59 -36.93 2.99
C GLU D 218 11.12 -37.03 2.92
N LEU D 219 11.81 -35.96 3.31
CA LEU D 219 13.27 -35.96 3.38
C LEU D 219 13.81 -36.96 4.41
N ILE D 220 13.16 -37.01 5.57
CA ILE D 220 13.49 -38.00 6.61
C ILE D 220 13.30 -39.41 6.06
N ASN D 221 12.25 -39.59 5.26
CA ASN D 221 11.94 -40.87 4.62
C ASN D 221 12.98 -41.25 3.55
N ASN D 222 13.37 -40.26 2.74
CA ASN D 222 14.25 -40.49 1.57
C ASN D 222 15.75 -40.45 1.87
N VAL D 223 16.13 -39.78 2.95
CA VAL D 223 17.53 -39.52 3.27
C VAL D 223 17.95 -40.17 4.60
N ALA D 224 17.12 -40.02 5.63
CA ALA D 224 17.47 -40.44 6.98
C ALA D 224 17.29 -41.93 7.26
N LYS D 225 16.33 -42.57 6.60
CA LYS D 225 16.07 -44.00 6.80
C LYS D 225 17.23 -44.88 6.31
N ALA D 226 18.05 -44.34 5.41
CA ALA D 226 19.23 -45.03 4.90
C ALA D 226 20.51 -44.24 5.21
N HIS D 227 20.52 -43.59 6.37
CA HIS D 227 21.66 -42.78 6.80
C HIS D 227 22.66 -43.58 7.62
N GLY D 228 23.94 -43.29 7.43
CA GLY D 228 25.03 -44.03 8.07
C GLY D 228 25.41 -43.57 9.47
N GLY D 229 24.73 -42.53 9.97
CA GLY D 229 25.01 -41.99 11.30
C GLY D 229 23.77 -41.82 12.15
N TYR D 230 23.76 -40.75 12.94
CA TYR D 230 22.65 -40.47 13.83
C TYR D 230 21.87 -39.26 13.34
N SER D 231 20.58 -39.21 13.68
CA SER D 231 19.75 -38.04 13.41
C SER D 231 19.19 -37.45 14.69
N VAL D 232 19.02 -36.14 14.70
CA VAL D 232 18.33 -35.43 15.78
C VAL D 232 17.16 -34.68 15.15
N PHE D 233 15.96 -34.91 15.66
CA PHE D 233 14.80 -34.12 15.29
C PHE D 233 14.40 -33.24 16.46
N ALA D 234 14.26 -31.95 16.18
CA ALA D 234 13.84 -30.98 17.18
C ALA D 234 12.47 -30.40 16.81
N GLY D 235 11.45 -30.78 17.57
CA GLY D 235 10.13 -30.18 17.46
C GLY D 235 10.13 -28.89 18.23
N VAL D 236 10.04 -27.77 17.51
CA VAL D 236 10.13 -26.43 18.08
C VAL D 236 8.84 -25.67 17.77
N GLY D 237 8.02 -25.47 18.80
CA GLY D 237 6.77 -24.73 18.70
C GLY D 237 5.74 -25.25 17.71
N GLU D 238 5.75 -26.55 17.45
CA GLU D 238 4.77 -27.11 16.51
C GLU D 238 3.65 -27.94 17.16
N ARG D 239 2.98 -28.78 16.37
CA ARG D 239 1.84 -29.55 16.86
C ARG D 239 2.28 -30.79 17.60
N THR D 240 1.70 -31.02 18.79
CA THR D 240 2.00 -32.23 19.56
C THR D 240 1.56 -33.48 18.79
N ARG D 241 0.44 -33.38 18.07
CA ARG D 241 -0.08 -34.49 17.26
C ARG D 241 0.94 -34.97 16.23
N GLU D 242 1.68 -34.02 15.64
CA GLU D 242 2.77 -34.34 14.71
C GLU D 242 3.94 -35.04 15.39
N GLY D 243 4.18 -34.70 16.66
CA GLY D 243 5.20 -35.37 17.46
C GLY D 243 4.83 -36.82 17.74
N ASN D 244 3.55 -37.05 18.07
CA ASN D 244 3.03 -38.40 18.27
C ASN D 244 3.04 -39.22 16.97
N ASP D 245 2.65 -38.59 15.87
CA ASP D 245 2.67 -39.21 14.55
C ASP D 245 4.06 -39.73 14.23
N LEU D 246 5.05 -38.86 14.36
CA LEU D 246 6.44 -39.16 14.00
C LEU D 246 7.07 -40.23 14.89
N TYR D 247 6.77 -40.15 16.19
CA TYR D 247 7.30 -41.08 17.19
C TYR D 247 6.87 -42.51 16.90
N HIS D 248 5.56 -42.71 16.69
CA HIS D 248 5.02 -44.04 16.37
C HIS D 248 5.38 -44.54 14.97
N GLU D 249 5.64 -43.62 14.05
CA GLU D 249 6.08 -43.96 12.70
C GLU D 249 7.49 -44.52 12.70
N MET D 250 8.36 -43.92 13.50
CA MET D 250 9.75 -44.37 13.64
C MET D 250 9.89 -45.67 14.43
N ILE D 251 8.90 -45.96 15.27
CA ILE D 251 8.83 -47.26 15.96
C ILE D 251 8.42 -48.33 14.95
N GLU D 252 7.45 -47.98 14.10
CA GLU D 252 6.95 -48.89 13.07
C GLU D 252 8.01 -49.18 12.00
N SER D 253 8.88 -48.20 11.74
CA SER D 253 9.95 -48.36 10.76
C SER D 253 11.23 -48.96 11.37
N GLY D 254 11.36 -48.87 12.69
CA GLY D 254 12.51 -49.45 13.39
C GLY D 254 13.69 -48.51 13.59
N VAL D 255 13.55 -47.28 13.11
CA VAL D 255 14.57 -46.24 13.32
C VAL D 255 14.62 -45.86 14.81
N ILE D 256 13.49 -46.06 15.50
CA ILE D 256 13.47 -46.09 16.95
C ILE D 256 13.11 -47.51 17.39
N ASN D 257 13.92 -48.07 18.29
CA ASN D 257 13.63 -49.38 18.87
C ASN D 257 13.54 -49.28 20.38
N LEU D 258 12.40 -49.71 20.93
CA LEU D 258 12.12 -49.57 22.36
C LEU D 258 12.70 -50.70 23.21
N LYS D 259 13.33 -51.68 22.58
CA LYS D 259 13.81 -52.87 23.28
C LYS D 259 15.31 -53.14 23.19
N ASP D 260 15.93 -52.74 22.09
CA ASP D 260 17.38 -52.83 21.95
C ASP D 260 18.01 -51.46 21.75
N ALA D 261 19.32 -51.41 21.53
CA ALA D 261 20.04 -50.15 21.42
C ALA D 261 20.33 -49.73 19.97
N THR D 262 19.48 -50.16 19.04
CA THR D 262 19.68 -49.88 17.60
C THR D 262 18.98 -48.59 17.11
N SER D 263 18.48 -47.77 18.04
CA SER D 263 17.83 -46.50 17.68
C SER D 263 18.80 -45.53 17.01
N LYS D 264 18.33 -44.87 15.96
CA LYS D 264 19.19 -43.99 15.14
C LYS D 264 18.88 -42.51 15.36
N VAL D 265 17.74 -42.22 15.97
CA VAL D 265 17.23 -40.85 16.09
C VAL D 265 16.96 -40.46 17.56
N ALA D 266 17.43 -39.27 17.94
CA ALA D 266 17.16 -38.67 19.24
C ALA D 266 16.13 -37.55 19.08
N LEU D 267 15.10 -37.56 19.91
CA LEU D 267 13.99 -36.59 19.79
C LEU D 267 13.96 -35.57 20.93
N VAL D 268 13.74 -34.31 20.55
CA VAL D 268 13.63 -33.21 21.50
C VAL D 268 12.40 -32.39 21.08
N TYR D 269 11.49 -32.13 22.03
CA TYR D 269 10.24 -31.44 21.72
C TYR D 269 9.84 -30.39 22.75
N GLY D 270 9.38 -29.25 22.26
CA GLY D 270 8.73 -28.20 23.04
C GLY D 270 7.75 -27.54 22.10
N GLN D 271 6.51 -28.03 22.10
CA GLN D 271 5.55 -27.68 21.07
C GLN D 271 4.76 -26.41 21.41
N MET D 272 3.78 -26.07 20.57
CA MET D 272 3.04 -24.81 20.75
C MET D 272 2.08 -24.83 21.93
N ASN D 273 2.09 -25.92 22.70
CA ASN D 273 1.36 -25.98 23.96
C ASN D 273 2.17 -25.42 25.12
N GLU D 274 3.45 -25.13 24.86
CA GLU D 274 4.37 -24.67 25.90
C GLU D 274 4.47 -23.15 25.95
N PRO D 275 4.78 -22.58 27.13
CA PRO D 275 5.00 -21.14 27.24
C PRO D 275 6.25 -20.71 26.45
N PRO D 276 6.38 -19.40 26.13
CA PRO D 276 7.42 -18.91 25.22
C PRO D 276 8.86 -19.21 25.62
N GLY D 277 9.15 -19.28 26.91
CA GLY D 277 10.49 -19.61 27.37
C GLY D 277 10.95 -20.96 26.86
N ALA D 278 10.06 -21.95 26.98
CA ALA D 278 10.29 -23.29 26.45
C ALA D 278 10.56 -23.23 24.95
N ARG D 279 9.66 -22.58 24.22
CA ARG D 279 9.75 -22.46 22.77
C ARG D 279 10.98 -21.66 22.30
N ALA D 280 11.43 -20.72 23.13
CA ALA D 280 12.63 -19.94 22.84
C ALA D 280 13.92 -20.76 23.00
N ARG D 281 13.85 -21.81 23.83
CA ARG D 281 15.05 -22.58 24.17
C ARG D 281 15.16 -24.02 23.64
N VAL D 282 14.03 -24.71 23.39
CA VAL D 282 14.07 -26.06 22.75
C VAL D 282 14.95 -26.28 21.53
N ALA D 283 15.15 -25.24 20.70
CA ALA D 283 16.05 -25.37 19.56
C ALA D 283 17.49 -25.52 20.06
N LEU D 284 17.84 -24.77 21.09
CA LEU D 284 19.18 -24.87 21.69
C LEU D 284 19.41 -26.24 22.29
N THR D 285 18.38 -26.79 22.94
CA THR D 285 18.42 -28.13 23.49
C THR D 285 18.64 -29.15 22.37
N GLY D 286 17.80 -29.07 21.33
CA GLY D 286 17.88 -29.97 20.19
C GLY D 286 19.23 -29.97 19.53
N LEU D 287 19.80 -28.78 19.33
CA LEU D 287 21.09 -28.65 18.64
C LEU D 287 22.28 -29.02 19.53
N THR D 288 22.11 -28.90 20.85
CA THR D 288 23.14 -29.32 21.80
C THR D 288 23.36 -30.83 21.67
N VAL D 289 22.27 -31.58 21.59
CA VAL D 289 22.32 -33.02 21.36
C VAL D 289 23.08 -33.31 20.06
N ALA D 290 22.85 -32.50 19.04
CA ALA D 290 23.51 -32.63 17.73
C ALA D 290 25.00 -32.33 17.78
N GLU D 291 25.36 -31.27 18.51
CA GLU D 291 26.76 -30.86 18.70
C GLU D 291 27.63 -31.95 19.34
N TYR D 292 27.06 -32.69 20.30
CA TYR D 292 27.78 -33.81 20.92
C TYR D 292 28.13 -34.88 19.89
N PHE D 293 27.13 -35.27 19.11
CA PHE D 293 27.31 -36.31 18.09
C PHE D 293 28.30 -35.90 16.99
N ARG D 294 28.43 -34.59 16.77
CA ARG D 294 29.36 -34.05 15.79
C ARG D 294 30.79 -34.00 16.31
N ASP D 295 30.97 -33.49 17.53
CA ASP D 295 32.30 -33.17 18.05
C ASP D 295 32.99 -34.30 18.81
N GLN D 296 32.23 -35.02 19.64
CA GLN D 296 32.81 -36.05 20.50
C GLN D 296 32.90 -37.38 19.77
N GLU D 297 32.22 -37.47 18.64
CA GLU D 297 32.24 -38.67 17.80
C GLU D 297 33.03 -38.44 16.51
N GLY D 298 32.58 -37.50 15.69
CA GLY D 298 33.21 -37.21 14.40
C GLY D 298 32.45 -37.81 13.21
N GLN D 299 31.45 -38.63 13.51
CA GLN D 299 30.57 -39.21 12.49
C GLN D 299 29.58 -38.16 11.98
N ASP D 300 28.89 -38.48 10.89
CA ASP D 300 27.96 -37.54 10.26
C ASP D 300 26.61 -37.53 10.96
N VAL D 301 26.04 -36.33 11.09
CA VAL D 301 24.80 -36.13 11.82
C VAL D 301 23.78 -35.45 10.89
N LEU D 302 22.52 -35.89 10.98
CA LEU D 302 21.42 -35.16 10.36
C LEU D 302 20.59 -34.49 11.45
N LEU D 303 20.35 -33.20 11.28
CA LEU D 303 19.56 -32.42 12.23
C LEU D 303 18.34 -31.80 11.53
N PHE D 304 17.16 -32.22 11.96
CA PHE D 304 15.90 -31.70 11.41
C PHE D 304 15.21 -30.84 12.46
N ILE D 305 14.80 -29.63 12.07
CA ILE D 305 14.12 -28.71 12.96
C ILE D 305 12.80 -28.23 12.35
N ASP D 306 11.71 -28.43 13.08
CA ASP D 306 10.40 -27.96 12.67
C ASP D 306 9.73 -27.42 13.94
N ASN D 307 9.63 -26.09 14.09
CA ASN D 307 9.96 -25.10 13.07
C ASN D 307 10.83 -24.00 13.69
N ILE D 308 11.93 -23.64 13.03
CA ILE D 308 12.91 -22.71 13.62
C ILE D 308 12.41 -21.25 13.79
N PHE D 309 11.37 -20.88 13.04
CA PHE D 309 10.70 -19.58 13.24
C PHE D 309 10.27 -19.43 14.68
N ARG D 310 9.82 -20.52 15.28
CA ARG D 310 9.19 -20.51 16.60
C ARG D 310 10.12 -20.06 17.72
N PHE D 311 11.43 -20.22 17.47
CA PHE D 311 12.50 -19.66 18.31
C PHE D 311 12.47 -18.12 18.32
N THR D 312 12.27 -17.53 17.14
CA THR D 312 12.23 -16.08 17.00
C THR D 312 10.90 -15.55 17.50
N GLN D 313 9.82 -16.26 17.18
CA GLN D 313 8.49 -15.88 17.65
C GLN D 313 8.45 -15.83 19.17
N ALA D 314 9.04 -16.82 19.83
CA ALA D 314 9.04 -16.89 21.29
C ALA D 314 9.78 -15.70 21.91
N GLY D 315 10.91 -15.33 21.30
CA GLY D 315 11.64 -14.13 21.67
C GLY D 315 10.79 -12.87 21.53
N SER D 316 9.97 -12.80 20.49
CA SER D 316 9.10 -11.64 20.27
C SER D 316 7.94 -11.60 21.27
N GLU D 317 7.49 -12.77 21.71
CA GLU D 317 6.39 -12.86 22.70
C GLU D 317 6.74 -12.24 24.04
N VAL D 318 8.00 -12.33 24.44
CA VAL D 318 8.42 -11.83 25.76
C VAL D 318 9.19 -10.50 25.71
N SER D 319 9.46 -10.02 24.50
CA SER D 319 10.32 -8.85 24.29
C SER D 319 9.85 -7.58 25.02
N ALA D 320 8.57 -7.23 24.89
CA ALA D 320 8.02 -6.06 25.58
C ALA D 320 8.11 -6.18 27.12
N LEU D 321 7.88 -7.38 27.65
CA LEU D 321 7.98 -7.62 29.09
C LEU D 321 9.42 -7.63 29.62
N LEU D 322 10.39 -7.80 28.70
CA LEU D 322 11.81 -7.66 29.00
C LEU D 322 12.26 -6.19 28.86
N GLY D 323 11.29 -5.31 28.65
CA GLY D 323 11.53 -3.86 28.63
C GLY D 323 12.11 -3.31 27.36
N ARG D 324 11.92 -4.02 26.24
CA ARG D 324 12.46 -3.57 24.96
C ARG D 324 11.45 -2.75 24.17
N ILE D 325 11.93 -1.63 23.63
CA ILE D 325 11.25 -0.91 22.55
C ILE D 325 11.17 -1.83 21.34
N PRO D 326 10.00 -1.91 20.67
CA PRO D 326 9.94 -2.78 19.50
C PRO D 326 10.74 -2.28 18.29
N SER D 327 11.21 -3.24 17.50
CA SER D 327 11.76 -2.95 16.19
C SER D 327 10.63 -3.10 15.17
N ALA D 328 10.98 -3.08 13.88
CA ALA D 328 10.00 -3.19 12.80
C ALA D 328 9.15 -4.46 12.91
N VAL D 329 7.87 -4.34 12.56
CA VAL D 329 6.91 -5.45 12.50
C VAL D 329 6.73 -6.16 13.85
N GLY D 330 6.84 -5.39 14.93
CA GLY D 330 6.69 -5.89 16.29
C GLY D 330 7.77 -6.82 16.83
N TYR D 331 8.88 -6.97 16.11
CA TYR D 331 9.94 -7.88 16.57
C TYR D 331 10.90 -7.26 17.59
N GLN D 332 11.58 -8.12 18.33
CA GLN D 332 12.64 -7.73 19.25
C GLN D 332 13.79 -7.05 18.47
N PRO D 333 14.40 -6.00 19.06
CA PRO D 333 15.56 -5.35 18.44
C PRO D 333 16.75 -6.30 18.24
N THR D 334 16.78 -7.38 19.00
CA THR D 334 17.89 -8.34 19.00
C THR D 334 17.68 -9.50 18.01
N LEU D 335 16.61 -9.45 17.22
CA LEU D 335 16.24 -10.55 16.30
C LEU D 335 17.42 -11.18 15.57
N ALA D 336 18.27 -10.34 14.96
CA ALA D 336 19.35 -10.82 14.09
C ALA D 336 20.57 -11.40 14.82
N THR D 337 20.95 -10.78 15.93
CA THR D 337 22.06 -11.32 16.75
C THR D 337 21.62 -12.57 17.50
N ASP D 338 20.39 -12.55 18.03
CA ASP D 338 19.78 -13.75 18.63
C ASP D 338 19.86 -14.93 17.66
N MET D 339 19.37 -14.71 16.45
CA MET D 339 19.40 -15.72 15.40
C MET D 339 20.83 -16.14 15.05
N GLY D 340 21.73 -15.17 14.98
CA GLY D 340 23.12 -15.43 14.62
C GLY D 340 23.87 -16.33 15.61
N THR D 341 23.65 -16.11 16.90
CA THR D 341 24.32 -16.88 17.94
C THR D 341 23.82 -18.33 17.99
N MET D 342 22.59 -18.54 17.53
CA MET D 342 21.96 -19.85 17.47
C MET D 342 22.32 -20.57 16.16
N GLN D 343 22.17 -19.87 15.03
CA GLN D 343 22.43 -20.47 13.70
C GLN D 343 23.88 -20.85 13.48
N GLU D 344 24.81 -20.04 14.00
CA GLU D 344 26.24 -20.27 13.76
C GLU D 344 26.79 -21.50 14.49
N ARG D 345 25.98 -22.08 15.36
CA ARG D 345 26.30 -23.36 16.01
C ARG D 345 25.83 -24.52 15.15
N ILE D 346 24.76 -24.29 14.40
CA ILE D 346 24.19 -25.29 13.49
C ILE D 346 25.05 -25.34 12.23
N THR D 347 26.09 -26.17 12.25
CA THR D 347 27.06 -26.18 11.16
C THR D 347 27.99 -27.39 11.16
N THR D 348 28.49 -27.70 9.96
CA THR D 348 29.58 -28.63 9.76
C THR D 348 30.88 -27.92 10.16
N THR D 349 31.80 -28.68 10.74
CA THR D 349 33.12 -28.19 11.09
C THR D 349 34.16 -29.18 10.59
N LYS D 350 35.43 -28.83 10.76
CA LYS D 350 36.54 -29.75 10.47
C LYS D 350 36.49 -30.99 11.36
N LYS D 351 35.76 -30.92 12.47
CA LYS D 351 35.62 -32.06 13.39
C LYS D 351 34.53 -33.04 12.96
N GLY D 352 33.47 -32.53 12.33
CA GLY D 352 32.35 -33.37 11.95
C GLY D 352 31.27 -32.67 11.15
N SER D 353 30.45 -33.46 10.48
CA SER D 353 29.46 -32.96 9.53
C SER D 353 28.06 -32.91 10.14
N ILE D 354 27.36 -31.78 9.92
CA ILE D 354 25.94 -31.72 10.19
C ILE D 354 25.23 -31.29 8.92
N THR D 355 24.38 -32.17 8.41
CA THR D 355 23.42 -31.79 7.38
C THR D 355 22.16 -31.34 8.12
N SER D 356 21.90 -30.02 8.08
CA SER D 356 20.75 -29.46 8.78
C SER D 356 19.63 -29.08 7.83
N VAL D 357 18.42 -29.50 8.18
CA VAL D 357 17.21 -29.15 7.43
C VAL D 357 16.22 -28.48 8.37
N GLN D 358 15.97 -27.20 8.14
CA GLN D 358 15.13 -26.40 9.02
C GLN D 358 13.89 -25.92 8.30
N ALA D 359 12.73 -26.25 8.85
CA ALA D 359 11.47 -25.69 8.39
C ALA D 359 11.35 -24.27 8.91
N ILE D 360 10.96 -23.35 8.03
CA ILE D 360 10.95 -21.92 8.34
C ILE D 360 9.59 -21.31 7.98
N TYR D 361 8.83 -20.97 9.02
CA TYR D 361 7.51 -20.37 8.85
C TYR D 361 7.64 -18.94 8.33
N VAL D 362 6.71 -18.56 7.45
CA VAL D 362 6.68 -17.23 6.83
C VAL D 362 5.35 -16.56 7.21
N PRO D 363 5.37 -15.65 8.20
CA PRO D 363 4.13 -15.03 8.68
C PRO D 363 3.44 -14.23 7.58
N ALA D 364 2.12 -14.42 7.49
CA ALA D 364 1.28 -13.71 6.51
C ALA D 364 1.78 -13.91 5.07
N ASP D 365 2.41 -15.06 4.81
CA ASP D 365 3.03 -15.41 3.51
C ASP D 365 4.06 -14.41 2.99
N ASP D 366 4.48 -13.48 3.83
CA ASP D 366 5.38 -12.41 3.42
C ASP D 366 6.84 -12.79 3.64
N LEU D 367 7.54 -13.09 2.55
CA LEU D 367 8.95 -13.48 2.62
C LEU D 367 9.88 -12.37 3.08
N THR D 368 9.38 -11.13 3.10
CA THR D 368 10.15 -9.97 3.57
C THR D 368 9.96 -9.75 5.08
N ASP D 369 9.08 -10.54 5.70
CA ASP D 369 8.93 -10.50 7.15
C ASP D 369 10.31 -10.71 7.81
N PRO D 370 10.66 -9.86 8.78
CA PRO D 370 11.99 -9.91 9.40
C PRO D 370 12.50 -11.29 9.78
N ALA D 371 11.63 -12.16 10.28
CA ALA D 371 12.02 -13.52 10.70
C ALA D 371 12.55 -14.38 9.53
N PRO D 372 11.71 -14.69 8.51
CA PRO D 372 12.29 -15.40 7.37
C PRO D 372 13.36 -14.61 6.61
N ALA D 373 13.17 -13.30 6.45
CA ALA D 373 14.11 -12.46 5.72
C ALA D 373 15.54 -12.54 6.27
N THR D 374 15.65 -12.58 7.60
CA THR D 374 16.93 -12.70 8.28
C THR D 374 17.51 -14.13 8.20
N THR D 375 16.64 -15.12 7.97
CA THR D 375 17.08 -16.53 7.93
C THR D 375 17.84 -16.90 6.65
N PHE D 376 17.50 -16.27 5.53
CA PHE D 376 18.07 -16.64 4.21
C PHE D 376 19.60 -16.73 4.21
N ALA D 377 20.26 -15.72 4.79
CA ALA D 377 21.72 -15.62 4.80
C ALA D 377 22.44 -16.74 5.57
N HIS D 378 21.69 -17.50 6.36
CA HIS D 378 22.24 -18.60 7.15
C HIS D 378 22.23 -19.94 6.42
N LEU D 379 21.76 -19.94 5.17
CA LEU D 379 21.52 -21.19 4.45
C LEU D 379 22.41 -21.35 3.22
N ASP D 380 22.66 -22.60 2.83
CA ASP D 380 23.39 -22.91 1.60
C ASP D 380 22.45 -23.30 0.48
N ALA D 381 21.28 -23.84 0.85
CA ALA D 381 20.24 -24.19 -0.09
C ALA D 381 18.88 -23.79 0.47
N THR D 382 18.06 -23.21 -0.38
CA THR D 382 16.76 -22.69 0.05
C THR D 382 15.66 -23.30 -0.82
N THR D 383 14.66 -23.87 -0.16
CA THR D 383 13.50 -24.39 -0.84
C THR D 383 12.34 -23.50 -0.40
N VAL D 384 11.83 -22.70 -1.33
CA VAL D 384 10.75 -21.76 -1.02
C VAL D 384 9.43 -22.30 -1.54
N LEU D 385 8.50 -22.52 -0.62
CA LEU D 385 7.16 -23.03 -0.95
C LEU D 385 6.20 -21.86 -1.09
N SER D 386 5.19 -22.00 -1.95
CA SER D 386 4.28 -20.90 -2.25
C SER D 386 2.84 -21.35 -2.21
N ARG D 387 1.98 -20.59 -1.51
CA ARG D 387 0.55 -20.88 -1.45
C ARG D 387 -0.08 -20.75 -2.84
N ALA D 388 0.44 -19.81 -3.64
CA ALA D 388 -0.05 -19.59 -5.00
C ALA D 388 0.09 -20.84 -5.84
N ILE D 389 1.11 -21.63 -5.52
CA ILE D 389 1.38 -22.89 -6.23
C ILE D 389 0.59 -24.06 -5.62
N ALA D 390 0.61 -24.16 -4.30
CA ALA D 390 -0.16 -25.20 -3.59
C ALA D 390 -1.65 -25.15 -3.98
N GLU D 391 -2.17 -23.92 -4.11
CA GLU D 391 -3.56 -23.66 -4.46
C GLU D 391 -3.97 -24.30 -5.79
N LEU D 392 -2.97 -24.54 -6.65
CA LEU D 392 -3.19 -25.12 -7.96
C LEU D 392 -3.17 -26.65 -7.93
N GLY D 393 -2.90 -27.24 -6.76
CA GLY D 393 -2.72 -28.67 -6.64
C GLY D 393 -1.33 -29.14 -7.04
N ILE D 394 -0.41 -28.20 -7.21
CA ILE D 394 0.98 -28.53 -7.52
C ILE D 394 1.72 -28.77 -6.19
N TYR D 395 2.04 -30.04 -5.96
CA TYR D 395 2.76 -30.47 -4.77
C TYR D 395 3.96 -31.32 -5.19
N PRO D 396 5.13 -31.13 -4.54
CA PRO D 396 5.36 -30.11 -3.50
C PRO D 396 5.29 -28.70 -4.09
N ALA D 397 4.82 -27.75 -3.28
CA ALA D 397 4.52 -26.39 -3.75
C ALA D 397 5.76 -25.52 -3.90
N VAL D 398 6.82 -26.08 -4.45
CA VAL D 398 8.11 -25.39 -4.55
C VAL D 398 8.06 -24.31 -5.64
N ASP D 399 8.42 -23.08 -5.26
CA ASP D 399 8.60 -21.99 -6.23
C ASP D 399 9.91 -22.19 -6.98
N PRO D 400 9.84 -22.58 -8.27
CA PRO D 400 11.06 -22.85 -9.02
C PRO D 400 11.85 -21.57 -9.34
N LEU D 401 11.21 -20.43 -9.15
CA LEU D 401 11.83 -19.14 -9.41
C LEU D 401 12.18 -18.38 -8.13
N ASP D 402 12.24 -19.11 -7.00
CA ASP D 402 12.64 -18.49 -5.73
C ASP D 402 13.35 -19.48 -4.80
N SER D 403 13.84 -20.56 -5.37
CA SER D 403 14.61 -21.57 -4.63
C SER D 403 16.02 -21.62 -5.19
N THR D 404 17.02 -21.62 -4.32
CA THR D 404 18.42 -21.46 -4.73
C THR D 404 19.33 -22.46 -4.00
N SER D 405 20.54 -22.66 -4.54
CA SER D 405 21.54 -23.50 -3.90
C SER D 405 22.95 -23.07 -4.31
N ARG D 406 23.84 -23.04 -3.31
CA ARG D 406 25.26 -22.74 -3.54
C ARG D 406 25.89 -23.66 -4.60
N ILE D 407 25.46 -24.92 -4.64
CA ILE D 407 26.05 -25.90 -5.56
C ILE D 407 25.41 -25.92 -6.96
N MET D 408 24.38 -25.11 -7.19
CA MET D 408 23.87 -24.90 -8.56
C MET D 408 24.90 -24.08 -9.36
N ASP D 409 25.91 -24.80 -9.83
CA ASP D 409 27.12 -24.26 -10.44
C ASP D 409 27.54 -25.32 -11.44
N PRO D 410 27.82 -24.93 -12.71
CA PRO D 410 28.24 -25.91 -13.73
C PRO D 410 29.51 -26.68 -13.36
N ASN D 411 30.40 -26.06 -12.58
CA ASN D 411 31.63 -26.71 -12.15
C ASN D 411 31.43 -27.75 -11.05
N ILE D 412 30.25 -27.75 -10.43
CA ILE D 412 29.95 -28.70 -9.36
C ILE D 412 28.97 -29.80 -9.83
N VAL D 413 27.85 -29.39 -10.42
CA VAL D 413 26.82 -30.33 -10.88
C VAL D 413 27.02 -30.80 -12.33
N GLY D 414 27.93 -30.15 -13.05
CA GLY D 414 28.16 -30.46 -14.45
C GLY D 414 27.34 -29.57 -15.34
N SER D 415 27.78 -29.40 -16.59
CA SER D 415 27.14 -28.48 -17.53
C SER D 415 25.73 -28.94 -17.95
N GLU D 416 25.55 -30.25 -18.13
CA GLU D 416 24.25 -30.81 -18.49
C GLU D 416 23.18 -30.47 -17.44
N HIS D 417 23.43 -30.83 -16.19
CA HIS D 417 22.54 -30.50 -15.08
C HIS D 417 22.25 -29.00 -15.01
N TYR D 418 23.31 -28.18 -15.04
CA TYR D 418 23.17 -26.73 -14.92
C TYR D 418 22.36 -26.12 -16.07
N ASP D 419 22.67 -26.54 -17.30
CA ASP D 419 21.96 -26.05 -18.49
C ASP D 419 20.46 -26.34 -18.48
N VAL D 420 20.09 -27.56 -18.09
CA VAL D 420 18.68 -27.95 -18.00
C VAL D 420 17.95 -27.17 -16.90
N ALA D 421 18.61 -27.00 -15.76
CA ALA D 421 18.05 -26.24 -14.65
C ALA D 421 17.77 -24.78 -15.04
N ARG D 422 18.75 -24.14 -15.69
CA ARG D 422 18.60 -22.75 -16.14
C ARG D 422 17.59 -22.62 -17.27
N GLY D 423 17.55 -23.63 -18.14
CA GLY D 423 16.56 -23.73 -19.21
C GLY D 423 15.13 -23.80 -18.69
N VAL D 424 14.93 -24.63 -17.68
CA VAL D 424 13.63 -24.76 -16.99
C VAL D 424 13.22 -23.44 -16.33
N GLN D 425 14.16 -22.80 -15.65
CA GLN D 425 13.87 -21.53 -15.00
C GLN D 425 13.53 -20.43 -16.01
N LYS D 426 14.28 -20.37 -17.11
CA LYS D 426 14.03 -19.39 -18.17
C LYS D 426 12.63 -19.54 -18.78
N ILE D 427 12.26 -20.76 -19.16
CA ILE D 427 10.95 -21.00 -19.78
C ILE D 427 9.80 -20.64 -18.82
N LEU D 428 9.98 -20.95 -17.54
CA LEU D 428 8.99 -20.63 -16.52
C LEU D 428 8.89 -19.14 -16.26
N GLN D 429 10.02 -18.43 -16.30
CA GLN D 429 10.00 -16.96 -16.11
C GLN D 429 9.38 -16.27 -17.31
N ASP D 430 9.67 -16.79 -18.51
CA ASP D 430 9.04 -16.29 -19.75
C ASP D 430 7.53 -16.46 -19.72
N TYR D 431 7.06 -17.64 -19.30
CA TYR D 431 5.63 -17.90 -19.18
C TYR D 431 4.96 -17.01 -18.12
N LYS D 432 5.58 -16.92 -16.94
CA LYS D 432 5.08 -16.07 -15.86
C LYS D 432 4.86 -14.62 -16.33
N SER D 433 5.80 -14.11 -17.11
CA SER D 433 5.72 -12.75 -17.65
C SER D 433 4.63 -12.61 -18.73
N LEU D 434 4.26 -13.72 -19.36
CA LEU D 434 3.24 -13.72 -20.41
C LEU D 434 1.82 -13.91 -19.89
N GLN D 435 1.68 -14.73 -18.85
CA GLN D 435 0.37 -15.10 -18.28
C GLN D 435 -0.64 -13.97 -18.24
N ASP D 436 -0.22 -12.84 -17.67
CA ASP D 436 -1.08 -11.69 -17.41
C ASP D 436 -1.48 -10.99 -18.70
N ILE D 437 -0.58 -10.98 -19.67
CA ILE D 437 -0.84 -10.36 -20.98
C ILE D 437 -1.85 -11.22 -21.74
N ILE D 438 -1.64 -12.54 -21.75
CA ILE D 438 -2.52 -13.45 -22.46
C ILE D 438 -3.88 -13.63 -21.77
N ALA D 439 -3.93 -13.39 -20.46
CA ALA D 439 -5.20 -13.45 -19.71
C ALA D 439 -6.20 -12.39 -20.19
N ILE D 440 -5.67 -11.29 -20.75
CA ILE D 440 -6.50 -10.18 -21.21
C ILE D 440 -6.61 -10.12 -22.74
N LEU D 441 -5.48 -10.27 -23.44
CA LEU D 441 -5.46 -10.14 -24.90
C LEU D 441 -5.68 -11.45 -25.65
N GLY D 442 -5.46 -12.58 -24.97
CA GLY D 442 -5.76 -13.88 -25.53
C GLY D 442 -4.58 -14.63 -26.12
N MET D 443 -4.69 -15.96 -26.09
CA MET D 443 -3.68 -16.88 -26.63
C MET D 443 -3.41 -16.67 -28.12
N ASP D 444 -4.46 -16.35 -28.87
CA ASP D 444 -4.38 -16.22 -30.33
C ASP D 444 -3.51 -15.06 -30.77
N GLU D 445 -3.21 -14.16 -29.85
CA GLU D 445 -2.35 -13.01 -30.13
C GLU D 445 -0.86 -13.37 -30.03
N LEU D 446 -0.56 -14.49 -29.39
CA LEU D 446 0.81 -14.97 -29.25
C LEU D 446 1.36 -15.49 -30.56
N SER D 447 2.65 -15.25 -30.78
CA SER D 447 3.38 -15.84 -31.87
C SER D 447 3.57 -17.34 -31.60
N GLU D 448 3.85 -18.10 -32.66
CA GLU D 448 4.04 -19.55 -32.54
C GLU D 448 5.15 -19.90 -31.54
N GLU D 449 6.19 -19.07 -31.50
CA GLU D 449 7.30 -19.22 -30.56
C GLU D 449 6.84 -19.02 -29.11
N ASP D 450 5.92 -18.08 -28.91
CA ASP D 450 5.39 -17.79 -27.58
C ASP D 450 4.44 -18.86 -27.04
N LYS D 451 3.58 -19.39 -27.92
CA LYS D 451 2.59 -20.39 -27.49
C LYS D 451 3.20 -21.78 -27.36
N LEU D 452 4.37 -21.96 -27.96
CA LEU D 452 5.18 -23.15 -27.76
C LEU D 452 5.84 -23.10 -26.39
N THR D 453 6.34 -21.93 -26.01
CA THR D 453 6.90 -21.74 -24.67
C THR D 453 5.82 -21.81 -23.59
N VAL D 454 4.59 -21.43 -23.93
CA VAL D 454 3.46 -21.55 -23.00
C VAL D 454 3.13 -23.02 -22.73
N SER D 455 2.90 -23.80 -23.79
CA SER D 455 2.50 -25.19 -23.63
C SER D 455 3.60 -26.02 -22.95
N ARG D 456 4.86 -25.81 -23.35
CA ARG D 456 5.99 -26.50 -22.73
C ARG D 456 6.17 -26.11 -21.27
N ALA D 457 5.99 -24.83 -20.96
CA ALA D 457 6.12 -24.33 -19.59
C ALA D 457 5.08 -24.95 -18.65
N ARG D 458 3.87 -25.13 -19.17
CA ARG D 458 2.77 -25.69 -18.40
C ARG D 458 3.00 -27.18 -18.15
N LYS D 459 3.65 -27.85 -19.09
CA LYS D 459 4.05 -29.25 -18.92
C LYS D 459 5.20 -29.38 -17.93
N ILE D 460 6.14 -28.44 -17.99
CA ILE D 460 7.26 -28.36 -17.05
C ILE D 460 6.79 -28.09 -15.61
N GLN D 461 5.86 -27.14 -15.45
CA GLN D 461 5.25 -26.87 -14.14
C GLN D 461 4.64 -28.13 -13.52
N ARG D 462 3.96 -28.91 -14.36
CA ARG D 462 3.32 -30.15 -13.94
C ARG D 462 4.32 -31.27 -13.64
N PHE D 463 5.38 -31.37 -14.44
CA PHE D 463 6.37 -32.42 -14.23
C PHE D 463 7.25 -32.19 -12.98
N LEU D 464 7.16 -30.99 -12.41
CA LEU D 464 7.82 -30.65 -11.16
C LEU D 464 7.02 -31.12 -9.95
N SER D 465 5.72 -31.35 -10.15
CA SER D 465 4.87 -31.94 -9.12
C SER D 465 5.20 -33.42 -9.00
N GLN D 466 4.95 -34.00 -7.82
CA GLN D 466 5.39 -35.37 -7.54
C GLN D 466 4.64 -35.96 -6.34
N PRO D 467 4.17 -37.20 -6.46
CA PRO D 467 3.51 -37.83 -5.31
C PRO D 467 4.54 -38.33 -4.28
N PHE D 468 4.39 -37.84 -3.05
CA PHE D 468 5.28 -38.22 -1.95
C PHE D 468 4.71 -39.43 -1.21
N GLN D 469 5.59 -40.32 -0.77
CA GLN D 469 5.20 -41.48 0.03
C GLN D 469 4.49 -41.06 1.31
N VAL D 470 4.98 -40.00 1.95
CA VAL D 470 4.37 -39.50 3.18
C VAL D 470 3.09 -38.71 2.94
N ALA D 471 2.73 -38.50 1.67
CA ALA D 471 1.56 -37.70 1.31
C ALA D 471 0.46 -38.52 0.65
N GLU D 472 0.58 -39.85 0.73
CA GLU D 472 -0.39 -40.76 0.12
C GLU D 472 -1.81 -40.54 0.65
N VAL D 473 -1.92 -40.16 1.93
CA VAL D 473 -3.21 -39.83 2.56
C VAL D 473 -3.84 -38.54 2.00
N PHE D 474 -3.07 -37.77 1.26
CA PHE D 474 -3.52 -36.50 0.70
C PHE D 474 -3.71 -36.56 -0.82
N THR D 475 -2.87 -37.34 -1.50
CA THR D 475 -2.86 -37.38 -2.97
C THR D 475 -3.71 -38.49 -3.57
N GLY D 476 -3.81 -39.62 -2.87
CA GLY D 476 -4.49 -40.80 -3.40
C GLY D 476 -3.60 -41.55 -4.40
N HIS D 477 -2.35 -41.09 -4.51
CA HIS D 477 -1.36 -41.70 -5.39
C HIS D 477 -0.25 -42.33 -4.58
N LEU D 478 0.28 -43.43 -5.09
CA LEU D 478 1.47 -44.08 -4.52
C LEU D 478 2.65 -43.12 -4.64
N GLY D 479 3.46 -43.05 -3.59
CA GLY D 479 4.63 -42.19 -3.57
C GLY D 479 5.70 -42.63 -4.57
N LYS D 480 6.50 -41.67 -5.03
CA LYS D 480 7.55 -41.95 -6.01
C LYS D 480 8.85 -41.24 -5.68
N LEU D 481 9.96 -41.93 -5.93
CA LEU D 481 11.30 -41.39 -5.78
C LEU D 481 11.99 -41.43 -7.14
N VAL D 482 12.43 -40.29 -7.62
CA VAL D 482 13.02 -40.21 -8.97
C VAL D 482 14.52 -39.96 -8.91
N PRO D 483 15.32 -40.90 -9.47
CA PRO D 483 16.77 -40.69 -9.57
C PRO D 483 17.14 -39.40 -10.32
N LEU D 484 18.22 -38.77 -9.91
CA LEU D 484 18.70 -37.52 -10.52
C LEU D 484 18.91 -37.63 -12.03
N LYS D 485 19.44 -38.76 -12.47
CA LYS D 485 19.65 -39.03 -13.90
C LYS D 485 18.34 -38.90 -14.68
N GLU D 486 17.28 -39.47 -14.12
CA GLU D 486 15.96 -39.48 -14.75
C GLU D 486 15.29 -38.11 -14.70
N THR D 487 15.56 -37.37 -13.63
CA THR D 487 15.07 -36.00 -13.47
C THR D 487 15.62 -35.09 -14.58
N ILE D 488 16.94 -35.16 -14.79
CA ILE D 488 17.61 -34.37 -15.82
C ILE D 488 17.08 -34.73 -17.21
N LYS D 489 17.05 -36.02 -17.53
CA LYS D 489 16.59 -36.50 -18.83
C LYS D 489 15.17 -36.02 -19.12
N GLY D 490 14.28 -36.22 -18.15
CA GLY D 490 12.86 -35.85 -18.29
C GLY D 490 12.62 -34.40 -18.66
N PHE D 491 13.24 -33.48 -17.92
CA PHE D 491 13.11 -32.06 -18.24
C PHE D 491 13.82 -31.67 -19.54
N GLN D 492 14.96 -32.30 -19.80
CA GLN D 492 15.65 -32.12 -21.08
C GLN D 492 14.73 -32.37 -22.27
N GLN D 493 14.01 -33.48 -22.23
CA GLN D 493 13.15 -33.90 -23.35
C GLN D 493 11.95 -32.98 -23.53
N ILE D 494 11.35 -32.52 -22.42
CA ILE D 494 10.23 -31.58 -22.50
C ILE D 494 10.70 -30.26 -23.13
N LEU D 495 11.82 -29.74 -22.63
CA LEU D 495 12.45 -28.54 -23.18
C LEU D 495 12.74 -28.66 -24.67
N ALA D 496 13.18 -29.85 -25.09
CA ALA D 496 13.56 -30.09 -26.48
C ALA D 496 12.35 -30.30 -27.40
N GLY D 497 11.15 -30.29 -26.82
CA GLY D 497 9.90 -30.43 -27.58
C GLY D 497 9.55 -31.87 -27.94
N GLU D 498 10.14 -32.82 -27.22
CA GLU D 498 9.94 -34.24 -27.49
C GLU D 498 8.56 -34.76 -27.10
N TYR D 499 7.84 -33.98 -26.29
CA TYR D 499 6.50 -34.37 -25.84
C TYR D 499 5.44 -33.30 -26.13
N ASP D 500 5.69 -32.48 -27.16
CA ASP D 500 4.75 -31.44 -27.57
C ASP D 500 3.38 -31.99 -27.92
N HIS D 501 3.35 -33.25 -28.37
CA HIS D 501 2.11 -33.90 -28.81
C HIS D 501 1.28 -34.49 -27.68
N LEU D 502 1.84 -34.55 -26.48
CA LEU D 502 1.17 -35.15 -25.32
C LEU D 502 0.33 -34.13 -24.57
N PRO D 503 -0.80 -34.57 -23.97
CA PRO D 503 -1.62 -33.65 -23.20
C PRO D 503 -0.91 -33.16 -21.94
N GLU D 504 -1.31 -31.97 -21.50
CA GLU D 504 -0.80 -31.29 -20.31
C GLU D 504 -0.84 -32.18 -19.07
N GLN D 505 -2.00 -32.78 -18.83
CA GLN D 505 -2.28 -33.50 -17.59
C GLN D 505 -1.49 -34.79 -17.43
N ALA D 506 -0.97 -35.34 -18.53
CA ALA D 506 -0.12 -36.52 -18.49
C ALA D 506 1.11 -36.30 -17.59
N PHE D 507 1.53 -35.04 -17.49
CA PHE D 507 2.74 -34.66 -16.76
C PHE D 507 2.49 -34.39 -15.28
N TYR D 508 1.22 -34.26 -14.91
CA TYR D 508 0.83 -33.92 -13.55
C TYR D 508 0.89 -35.13 -12.60
N MET D 509 1.55 -34.94 -11.46
CA MET D 509 1.53 -35.89 -10.34
C MET D 509 2.04 -37.29 -10.74
N VAL D 510 3.22 -37.32 -11.36
CA VAL D 510 3.89 -38.58 -11.69
C VAL D 510 5.34 -38.57 -11.19
N GLY D 511 6.00 -39.73 -11.31
CA GLY D 511 7.42 -39.84 -11.00
C GLY D 511 8.26 -39.58 -12.24
N PRO D 512 8.87 -40.64 -12.82
CA PRO D 512 9.72 -40.49 -14.00
C PRO D 512 8.91 -40.17 -15.26
N ILE D 513 9.59 -39.70 -16.30
CA ILE D 513 8.95 -39.28 -17.54
C ILE D 513 8.20 -40.41 -18.28
N GLU D 514 8.62 -41.65 -18.05
CA GLU D 514 7.94 -42.82 -18.62
C GLU D 514 6.49 -42.96 -18.14
N GLU D 515 6.22 -42.50 -16.91
CA GLU D 515 4.86 -42.51 -16.35
C GLU D 515 3.95 -41.47 -17.02
N ALA D 516 4.54 -40.37 -17.47
CA ALA D 516 3.80 -39.34 -18.20
C ALA D 516 3.36 -39.87 -19.57
N VAL D 517 4.25 -40.60 -20.23
CA VAL D 517 3.94 -41.24 -21.51
C VAL D 517 2.82 -42.27 -21.31
N ALA D 518 2.99 -43.14 -20.31
CA ALA D 518 1.98 -44.14 -19.94
C ALA D 518 0.64 -43.50 -19.55
N LYS D 519 0.69 -42.37 -18.86
CA LYS D 519 -0.51 -41.64 -18.45
C LYS D 519 -1.22 -41.05 -19.67
N ALA D 520 -0.45 -40.55 -20.63
CA ALA D 520 -0.98 -40.00 -21.87
C ALA D 520 -1.73 -41.08 -22.68
N ASP D 521 -1.17 -42.29 -22.71
CA ASP D 521 -1.81 -43.43 -23.36
C ASP D 521 -3.11 -43.82 -22.64
N LYS D 522 -3.07 -43.82 -21.31
CA LYS D 522 -4.23 -44.11 -20.48
C LYS D 522 -5.33 -43.05 -20.62
N LEU D 523 -4.93 -41.79 -20.82
CA LEU D 523 -5.87 -40.68 -20.97
C LEU D 523 -6.63 -40.69 -22.30
N ALA D 524 -6.07 -41.38 -23.30
CA ALA D 524 -6.75 -41.58 -24.58
C ALA D 524 -8.00 -42.43 -24.39
N GLU D 525 -7.81 -43.63 -23.83
CA GLU D 525 -8.91 -44.51 -23.43
C GLU D 525 -8.36 -45.70 -22.63
N THR E 59 28.38 33.95 29.43
CA THR E 59 28.57 33.04 30.60
C THR E 59 29.01 31.63 30.16
N THR E 60 29.57 30.88 31.11
CA THR E 60 30.15 29.56 30.83
C THR E 60 29.33 28.44 31.46
N GLY E 61 28.87 27.51 30.61
CA GLY E 61 28.13 26.34 31.06
C GLY E 61 28.99 25.10 31.06
N ARG E 62 28.39 23.97 31.44
CA ARG E 62 29.08 22.69 31.52
C ARG E 62 28.29 21.58 30.84
N ILE E 63 28.98 20.74 30.06
CA ILE E 63 28.33 19.60 29.43
C ILE E 63 27.90 18.60 30.52
N VAL E 64 26.61 18.25 30.51
CA VAL E 64 26.07 17.25 31.43
C VAL E 64 25.63 15.95 30.74
N ALA E 65 25.45 16.01 29.43
CA ALA E 65 25.11 14.82 28.62
C ALA E 65 25.67 14.89 27.21
N VAL E 66 26.13 13.75 26.69
CA VAL E 66 26.47 13.61 25.27
C VAL E 66 25.87 12.30 24.74
N ILE E 67 24.91 12.42 23.83
CA ILE E 67 24.31 11.25 23.19
C ILE E 67 24.31 11.49 21.68
N GLY E 68 25.31 10.93 21.01
CA GLY E 68 25.50 11.18 19.58
C GLY E 68 25.70 12.66 19.34
N ALA E 69 24.99 13.20 18.36
CA ALA E 69 25.09 14.62 18.02
C ALA E 69 24.18 15.51 18.89
N VAL E 70 23.68 14.96 20.00
CA VAL E 70 22.87 15.73 20.95
C VAL E 70 23.66 15.93 22.23
N VAL E 71 23.82 17.18 22.66
CA VAL E 71 24.60 17.54 23.84
C VAL E 71 23.79 18.44 24.78
N ASP E 72 23.70 18.05 26.06
CA ASP E 72 23.01 18.86 27.08
C ASP E 72 24.04 19.67 27.88
N VAL E 73 23.70 20.94 28.15
CA VAL E 73 24.61 21.87 28.84
C VAL E 73 23.87 22.58 29.98
N GLN E 74 24.50 22.59 31.16
CA GLN E 74 23.93 23.29 32.32
C GLN E 74 24.62 24.64 32.53
N PHE E 75 23.81 25.67 32.74
CA PHE E 75 24.31 27.03 33.00
C PHE E 75 23.93 27.50 34.39
N ASP E 76 24.88 28.13 35.08
CA ASP E 76 24.66 28.61 36.45
C ASP E 76 23.75 29.83 36.56
N GLU E 77 23.86 30.74 35.60
CA GLU E 77 23.09 31.98 35.64
C GLU E 77 21.97 31.99 34.59
N GLY E 78 21.98 32.99 33.73
CA GLY E 78 21.00 33.09 32.64
C GLY E 78 21.30 32.07 31.55
N LEU E 79 20.25 31.39 31.08
CA LEU E 79 20.39 30.39 30.04
C LEU E 79 20.43 31.03 28.66
N PRO E 80 21.20 30.42 27.72
CA PRO E 80 21.18 30.88 26.34
C PRO E 80 19.85 30.55 25.68
N PRO E 81 19.21 31.55 25.03
CA PRO E 81 17.96 31.33 24.30
C PRO E 81 18.09 30.25 23.21
N ILE E 82 16.97 29.59 22.91
CA ILE E 82 16.87 28.66 21.80
C ILE E 82 17.40 29.32 20.52
N LEU E 83 18.24 28.59 19.79
CA LEU E 83 18.90 29.01 18.54
C LEU E 83 20.28 29.66 18.74
N ASN E 84 20.63 30.03 19.97
CA ASN E 84 21.96 30.56 20.26
C ASN E 84 23.05 29.54 19.98
N ALA E 85 24.16 30.03 19.43
CA ALA E 85 25.35 29.23 19.18
C ALA E 85 26.19 29.16 20.46
N LEU E 86 26.58 27.94 20.83
CA LEU E 86 27.49 27.76 21.95
C LEU E 86 28.81 27.19 21.45
N GLU E 87 29.90 27.68 22.04
CA GLU E 87 31.25 27.28 21.66
C GLU E 87 31.85 26.36 22.71
N VAL E 88 32.13 25.13 22.31
CA VAL E 88 32.74 24.16 23.22
C VAL E 88 34.21 24.51 23.43
N GLN E 89 34.61 24.63 24.69
CA GLN E 89 35.98 24.99 25.04
C GLN E 89 36.91 23.78 25.01
N GLY E 90 38.17 24.03 24.69
CA GLY E 90 39.22 23.02 24.73
C GLY E 90 39.13 21.91 23.70
N ARG E 91 38.99 22.27 22.43
CA ARG E 91 38.96 21.29 21.33
C ARG E 91 39.63 21.88 20.07
N GLU E 92 40.24 20.98 19.30
CA GLU E 92 41.27 21.31 18.30
C GLU E 92 40.69 22.25 17.25
N THR E 93 39.60 21.80 16.62
CA THR E 93 38.85 22.62 15.67
C THR E 93 37.65 23.26 16.39
N ARG E 94 36.78 23.93 15.66
CA ARG E 94 35.67 24.64 16.28
C ARG E 94 34.42 23.75 16.36
N LEU E 95 33.86 23.62 17.56
CA LEU E 95 32.63 22.86 17.76
C LEU E 95 31.50 23.76 18.27
N VAL E 96 30.52 24.01 17.41
CA VAL E 96 29.36 24.82 17.74
C VAL E 96 28.17 23.93 18.10
N LEU E 97 27.48 24.28 19.18
CA LEU E 97 26.26 23.62 19.59
C LEU E 97 25.12 24.63 19.49
N GLU E 98 24.05 24.28 18.79
CA GLU E 98 22.90 25.19 18.67
C GLU E 98 21.82 24.79 19.65
N VAL E 99 21.39 25.73 20.49
CA VAL E 99 20.35 25.46 21.48
C VAL E 99 19.02 25.15 20.80
N ALA E 100 18.40 24.05 21.21
CA ALA E 100 17.12 23.61 20.64
C ALA E 100 15.98 23.66 21.66
N GLN E 101 16.30 23.39 22.93
CA GLN E 101 15.29 23.32 23.99
C GLN E 101 15.82 23.81 25.32
N HIS E 102 14.91 24.33 26.13
CA HIS E 102 15.19 24.54 27.54
C HIS E 102 14.52 23.38 28.27
N LEU E 103 15.34 22.50 28.84
CA LEU E 103 14.85 21.28 29.48
C LEU E 103 14.32 21.49 30.89
N GLY E 104 14.61 22.65 31.47
CA GLY E 104 14.35 22.89 32.90
C GLY E 104 15.61 22.62 33.70
N GLU E 105 15.56 22.98 34.98
CA GLU E 105 16.69 22.80 35.90
C GLU E 105 18.02 23.32 35.33
N SER E 106 17.96 24.51 34.73
CA SER E 106 19.13 25.23 34.20
C SER E 106 19.87 24.52 33.06
N THR E 107 19.21 23.54 32.44
CA THR E 107 19.83 22.73 31.40
C THR E 107 19.18 22.96 30.03
N VAL E 108 20.01 23.09 29.00
CA VAL E 108 19.54 23.22 27.61
C VAL E 108 19.96 22.00 26.80
N ARG E 109 19.14 21.65 25.81
CA ARG E 109 19.50 20.60 24.87
C ARG E 109 19.92 21.27 23.57
N THR E 110 21.04 20.80 23.02
CA THR E 110 21.64 21.40 21.82
C THR E 110 21.88 20.36 20.75
N ILE E 111 21.95 20.81 19.50
CA ILE E 111 22.36 19.96 18.38
C ILE E 111 23.77 20.38 17.93
N ALA E 112 24.66 19.39 17.79
CA ALA E 112 26.06 19.67 17.46
C ALA E 112 26.24 19.89 15.96
N MET E 113 27.14 20.83 15.62
CA MET E 113 27.47 21.15 14.23
C MET E 113 28.66 20.37 13.67
N ASP E 114 29.36 19.64 14.55
CA ASP E 114 30.43 18.73 14.13
C ASP E 114 30.38 17.50 15.05
N GLY E 115 31.30 16.56 14.85
CA GLY E 115 31.36 15.34 15.66
C GLY E 115 31.54 15.62 17.15
N THR E 116 31.03 14.71 17.97
CA THR E 116 31.03 14.92 19.43
C THR E 116 31.97 13.97 20.18
N GLU E 117 32.73 13.18 19.43
CA GLU E 117 33.67 12.25 20.06
C GLU E 117 34.68 13.00 20.91
N GLY E 118 35.13 12.37 21.99
CA GLY E 118 36.15 12.98 22.85
C GLY E 118 35.62 13.96 23.88
N LEU E 119 34.32 14.25 23.83
CA LEU E 119 33.70 15.16 24.80
C LEU E 119 33.54 14.52 26.17
N VAL E 120 33.76 15.32 27.21
CA VAL E 120 33.72 14.86 28.59
C VAL E 120 32.62 15.63 29.32
N ARG E 121 31.92 14.96 30.23
CA ARG E 121 30.94 15.66 31.07
C ARG E 121 31.69 16.62 31.98
N GLY E 122 31.25 17.87 31.99
CA GLY E 122 31.91 18.94 32.73
C GLY E 122 32.75 19.85 31.84
N GLN E 123 32.96 19.46 30.59
CA GLN E 123 33.70 20.29 29.63
C GLN E 123 33.02 21.66 29.46
N LYS E 124 33.82 22.71 29.48
CA LYS E 124 33.30 24.08 29.47
C LYS E 124 32.74 24.49 28.11
N VAL E 125 31.63 25.23 28.16
CA VAL E 125 30.90 25.65 26.97
C VAL E 125 30.55 27.12 27.11
N LEU E 126 30.86 27.91 26.09
CA LEU E 126 30.65 29.35 26.12
C LEU E 126 29.43 29.76 25.29
N ASP E 127 28.52 30.51 25.91
CA ASP E 127 27.39 31.13 25.22
C ASP E 127 27.91 32.33 24.42
N SER E 128 27.70 32.31 23.11
CA SER E 128 28.18 33.38 22.23
C SER E 128 27.35 34.66 22.34
N GLY E 129 26.09 34.51 22.74
CA GLY E 129 25.18 35.65 22.89
C GLY E 129 24.25 35.84 21.71
N ALA E 130 24.40 34.99 20.69
CA ALA E 130 23.61 35.09 19.46
C ALA E 130 23.54 33.76 18.72
N PRO E 131 22.62 33.64 17.75
CA PRO E 131 22.67 32.47 16.87
C PRO E 131 23.97 32.41 16.08
N ILE E 132 24.20 31.33 15.35
CA ILE E 132 25.37 31.20 14.50
C ILE E 132 25.47 32.45 13.62
N ARG E 133 26.65 33.08 13.65
CA ARG E 133 26.93 34.28 12.86
C ARG E 133 28.04 34.04 11.86
N ILE E 134 27.78 34.41 10.60
CA ILE E 134 28.68 34.11 9.49
C ILE E 134 29.12 35.37 8.72
N PRO E 135 30.28 35.32 8.04
CA PRO E 135 30.74 36.44 7.22
C PRO E 135 29.77 36.75 6.08
N VAL E 136 29.40 38.03 5.95
CA VAL E 136 28.56 38.50 4.84
C VAL E 136 29.23 39.69 4.17
N GLY E 137 29.18 39.72 2.85
CA GLY E 137 29.75 40.82 2.08
C GLY E 137 30.33 40.38 0.75
N PRO E 138 30.94 41.32 0.01
CA PRO E 138 31.56 41.01 -1.29
C PRO E 138 32.67 39.97 -1.19
N GLU E 139 33.34 39.89 -0.04
CA GLU E 139 34.47 38.99 0.17
C GLU E 139 34.07 37.51 0.26
N THR E 140 32.78 37.22 0.29
CA THR E 140 32.33 35.82 0.28
C THR E 140 32.39 35.24 -1.13
N LEU E 141 32.32 36.12 -2.13
CA LEU E 141 32.33 35.71 -3.54
C LEU E 141 33.61 35.02 -3.95
N GLY E 142 33.47 33.79 -4.43
CA GLY E 142 34.59 32.96 -4.87
C GLY E 142 35.13 32.05 -3.77
N ARG E 143 34.60 32.21 -2.56
CA ARG E 143 35.06 31.45 -1.40
C ARG E 143 34.12 30.29 -1.08
N ILE E 144 34.64 29.29 -0.37
CA ILE E 144 33.81 28.22 0.17
C ILE E 144 33.82 28.30 1.70
N MET E 145 32.64 28.41 2.29
CA MET E 145 32.49 28.37 3.74
C MET E 145 31.60 27.20 4.17
N ASN E 146 31.70 26.81 5.45
CA ASN E 146 30.80 25.81 5.99
C ASN E 146 29.60 26.44 6.68
N VAL E 147 28.79 25.62 7.35
CA VAL E 147 27.55 26.06 7.97
C VAL E 147 27.76 27.16 9.04
N ILE E 148 28.89 27.08 9.76
CA ILE E 148 29.24 28.07 10.80
C ILE E 148 30.13 29.21 10.28
N GLY E 149 30.35 29.25 8.97
CA GLY E 149 31.00 30.37 8.31
C GLY E 149 32.52 30.29 8.21
N GLU E 150 33.08 29.14 8.56
CA GLU E 150 34.52 28.90 8.46
C GLU E 150 34.93 28.66 7.01
N PRO E 151 36.07 29.23 6.59
CA PRO E 151 36.58 28.87 5.26
C PRO E 151 36.99 27.40 5.18
N ILE E 152 36.65 26.75 4.08
CA ILE E 152 37.02 25.35 3.87
C ILE E 152 37.75 25.15 2.53
N ASP E 153 38.18 26.25 1.93
CA ASP E 153 38.94 26.23 0.68
C ASP E 153 40.46 26.46 0.87
N GLU E 154 40.90 26.47 2.14
CA GLU E 154 42.30 26.69 2.51
C GLU E 154 42.93 27.98 1.93
N ARG E 155 42.15 29.06 1.91
CA ARG E 155 42.64 30.34 1.40
C ARG E 155 42.76 31.42 2.49
N GLY E 156 42.44 31.04 3.73
CA GLY E 156 42.51 31.96 4.87
C GLY E 156 41.16 32.53 5.23
N PRO E 157 41.13 33.45 6.21
CA PRO E 157 39.89 34.08 6.67
C PRO E 157 39.11 34.77 5.54
N ILE E 158 37.78 34.73 5.66
CA ILE E 158 36.89 35.48 4.78
C ILE E 158 36.69 36.85 5.42
N LYS E 159 37.41 37.84 4.91
CA LYS E 159 37.57 39.14 5.56
C LYS E 159 36.45 40.12 5.21
N THR E 160 35.27 39.87 5.77
CA THR E 160 34.14 40.77 5.59
C THR E 160 34.14 41.83 6.69
N LYS E 161 33.50 42.96 6.42
CA LYS E 161 33.35 44.01 7.43
C LYS E 161 32.04 43.87 8.21
N GLN E 162 31.24 42.86 7.87
CA GLN E 162 30.01 42.54 8.59
C GLN E 162 29.88 41.04 8.82
N PHE E 163 29.22 40.67 9.92
CA PHE E 163 28.80 39.30 10.17
C PHE E 163 27.29 39.31 10.39
N ALA E 164 26.63 38.19 10.10
CA ALA E 164 25.18 38.12 10.24
C ALA E 164 24.67 36.79 10.76
N ALA E 165 23.64 36.85 11.60
CA ALA E 165 22.97 35.68 12.16
C ALA E 165 22.22 34.89 11.09
N ILE E 166 22.37 33.57 11.11
CA ILE E 166 21.77 32.69 10.10
C ILE E 166 20.29 32.45 10.31
N HIS E 167 19.83 32.66 11.54
CA HIS E 167 18.40 32.65 11.82
C HIS E 167 17.94 34.09 11.80
N ALA E 168 17.12 34.39 10.80
CA ALA E 168 16.56 35.73 10.61
C ALA E 168 15.13 35.55 10.15
N GLU E 169 14.24 36.34 10.73
CA GLU E 169 12.83 36.26 10.38
C GLU E 169 12.64 36.64 8.91
N ALA E 170 11.69 35.97 8.26
CA ALA E 170 11.29 36.31 6.90
C ALA E 170 10.75 37.74 6.85
N PRO E 171 10.91 38.44 5.70
CA PRO E 171 10.38 39.80 5.59
C PRO E 171 8.91 39.91 6.01
N GLU E 172 8.56 41.04 6.63
CA GLU E 172 7.20 41.23 7.15
C GLU E 172 6.21 41.53 6.03
N PHE E 173 4.92 41.45 6.33
CA PHE E 173 3.87 41.74 5.34
C PHE E 173 4.08 43.07 4.62
N VAL E 174 4.38 44.13 5.38
CA VAL E 174 4.56 45.47 4.82
C VAL E 174 5.75 45.60 3.86
N GLU E 175 6.68 44.65 3.93
CA GLU E 175 7.90 44.68 3.12
C GLU E 175 7.70 43.98 1.77
N MET E 176 6.53 43.41 1.56
CA MET E 176 6.24 42.61 0.38
C MET E 176 6.07 43.47 -0.87
N SER E 177 6.59 42.96 -1.98
CA SER E 177 6.40 43.59 -3.28
C SER E 177 5.29 42.85 -4.03
N VAL E 178 4.35 43.60 -4.58
CA VAL E 178 3.27 43.01 -5.39
C VAL E 178 3.66 42.98 -6.87
N GLU E 179 4.77 43.65 -7.18
CA GLU E 179 5.33 43.68 -8.54
C GLU E 179 5.80 42.30 -8.97
N GLN E 180 5.20 41.80 -10.04
CA GLN E 180 5.59 40.53 -10.65
C GLN E 180 6.53 40.82 -11.81
N GLU E 181 7.78 40.39 -11.68
CA GLU E 181 8.81 40.69 -12.68
C GLU E 181 9.57 39.45 -13.12
N ILE E 182 9.79 39.33 -14.42
CA ILE E 182 10.61 38.27 -14.99
C ILE E 182 12.09 38.54 -14.75
N LEU E 183 12.79 37.56 -14.18
CA LEU E 183 14.23 37.60 -14.09
C LEU E 183 14.79 36.97 -15.36
N VAL E 184 15.25 37.82 -16.27
CA VAL E 184 15.75 37.40 -17.57
C VAL E 184 17.07 36.64 -17.41
N THR E 185 17.07 35.39 -17.86
CA THR E 185 18.23 34.52 -17.75
C THR E 185 19.08 34.57 -19.01
N GLY E 186 18.46 35.00 -20.11
CA GLY E 186 19.13 35.05 -21.40
C GLY E 186 19.19 33.70 -22.10
N ILE E 187 18.48 32.72 -21.54
CA ILE E 187 18.39 31.38 -22.10
C ILE E 187 17.03 31.23 -22.77
N LYS E 188 17.05 30.87 -24.06
CA LYS E 188 15.84 30.81 -24.89
C LYS E 188 14.74 29.88 -24.37
N VAL E 189 15.08 28.62 -24.04
CA VAL E 189 14.09 27.66 -23.53
C VAL E 189 13.38 28.17 -22.28
N VAL E 190 14.15 28.78 -21.38
CA VAL E 190 13.67 29.22 -20.07
C VAL E 190 12.86 30.52 -20.19
N ASP E 191 13.46 31.54 -20.78
CA ASP E 191 12.83 32.86 -20.89
C ASP E 191 11.50 32.83 -21.62
N LEU E 192 11.44 32.11 -22.73
CA LEU E 192 10.22 32.04 -23.56
C LEU E 192 9.11 31.23 -22.89
N LEU E 193 9.41 30.00 -22.51
CA LEU E 193 8.37 29.02 -22.16
C LEU E 193 8.13 28.83 -20.66
N ALA E 194 9.19 28.91 -19.85
CA ALA E 194 9.04 28.72 -18.40
C ALA E 194 9.85 29.75 -17.61
N PRO E 195 9.55 31.06 -17.79
CA PRO E 195 10.39 32.13 -17.26
C PRO E 195 10.50 32.15 -15.74
N TYR E 196 11.65 32.61 -15.25
CA TYR E 196 11.88 32.75 -13.82
C TYR E 196 11.27 34.06 -13.35
N ALA E 197 10.72 34.04 -12.14
CA ALA E 197 10.17 35.23 -11.52
C ALA E 197 11.12 35.71 -10.42
N LYS E 198 11.39 37.02 -10.41
CA LYS E 198 12.17 37.64 -9.33
C LYS E 198 11.52 37.31 -7.98
N GLY E 199 12.33 36.85 -7.03
CA GLY E 199 11.84 36.44 -5.72
C GLY E 199 11.14 35.09 -5.69
N GLY E 200 11.06 34.43 -6.85
CA GLY E 200 10.39 33.14 -6.97
C GLY E 200 11.29 31.94 -6.70
N LYS E 201 10.68 30.76 -6.61
CA LYS E 201 11.42 29.51 -6.45
C LYS E 201 11.17 28.59 -7.63
N ILE E 202 12.25 28.04 -8.17
CA ILE E 202 12.17 27.20 -9.35
C ILE E 202 12.65 25.81 -8.96
N GLY E 203 11.81 24.81 -9.20
CA GLY E 203 12.19 23.42 -9.01
C GLY E 203 12.99 22.89 -10.20
N LEU E 204 14.23 22.50 -9.94
CA LEU E 204 15.10 21.95 -10.97
C LEU E 204 15.06 20.42 -10.95
N PHE E 205 14.49 19.83 -12.01
CA PHE E 205 14.29 18.38 -12.09
C PHE E 205 15.28 17.72 -13.06
N GLY E 206 15.53 16.43 -12.83
CA GLY E 206 16.52 15.67 -13.61
C GLY E 206 17.67 15.25 -12.72
N GLY E 207 18.23 14.08 -13.00
CA GLY E 207 19.37 13.57 -12.23
C GLY E 207 20.67 14.16 -12.71
N ALA E 208 21.60 13.28 -13.11
CA ALA E 208 22.88 13.70 -13.65
C ALA E 208 23.01 13.34 -15.12
N GLY E 209 24.02 13.90 -15.78
CA GLY E 209 24.27 13.67 -17.19
C GLY E 209 23.34 14.44 -18.10
N VAL E 210 22.54 15.34 -17.53
CA VAL E 210 21.63 16.18 -18.30
C VAL E 210 22.04 17.67 -18.31
N GLY E 211 23.31 17.91 -17.99
CA GLY E 211 23.89 19.26 -18.03
C GLY E 211 23.40 20.19 -16.94
N LYS E 212 23.22 19.66 -15.73
CA LYS E 212 22.73 20.44 -14.60
C LYS E 212 23.71 21.55 -14.19
N THR E 213 24.96 21.17 -13.95
CA THR E 213 25.98 22.11 -13.46
C THR E 213 26.29 23.22 -14.48
N VAL E 214 26.33 22.86 -15.76
CA VAL E 214 26.57 23.83 -16.83
C VAL E 214 25.43 24.86 -16.92
N LEU E 215 24.19 24.38 -16.77
CA LEU E 215 23.03 25.28 -16.66
C LEU E 215 23.19 26.22 -15.48
N ILE E 216 23.55 25.66 -14.31
CA ILE E 216 23.76 26.44 -13.10
C ILE E 216 24.83 27.52 -13.30
N MET E 217 25.97 27.13 -13.86
CA MET E 217 27.08 28.04 -14.09
C MET E 217 26.75 29.13 -15.10
N GLU E 218 25.97 28.79 -16.13
CA GLU E 218 25.54 29.76 -17.12
C GLU E 218 24.54 30.74 -16.51
N LEU E 219 23.68 30.25 -15.63
CA LEU E 219 22.72 31.11 -14.93
C LEU E 219 23.45 32.16 -14.12
N ILE E 220 24.44 31.73 -13.33
CA ILE E 220 25.31 32.61 -12.55
C ILE E 220 26.01 33.63 -13.46
N ASN E 221 26.57 33.14 -14.56
CA ASN E 221 27.23 34.00 -15.54
C ASN E 221 26.29 35.04 -16.13
N ASN E 222 25.10 34.61 -16.53
CA ASN E 222 24.13 35.48 -17.20
C ASN E 222 23.47 36.54 -16.32
N VAL E 223 23.06 36.14 -15.11
CA VAL E 223 22.41 37.06 -14.17
C VAL E 223 23.37 38.21 -13.76
N ALA E 224 24.65 37.87 -13.57
CA ALA E 224 25.68 38.85 -13.26
C ALA E 224 25.98 39.76 -14.44
N LYS E 225 25.92 39.19 -15.65
CA LYS E 225 26.24 39.91 -16.88
C LYS E 225 25.09 40.83 -17.31
N ALA E 226 23.87 40.31 -17.28
CA ALA E 226 22.69 41.05 -17.74
C ALA E 226 22.19 42.07 -16.71
N HIS E 227 21.98 41.61 -15.48
CA HIS E 227 21.39 42.43 -14.42
C HIS E 227 22.43 43.10 -13.54
N GLY E 228 23.49 42.36 -13.20
CA GLY E 228 24.50 42.83 -12.24
C GLY E 228 24.27 42.28 -10.84
N GLY E 229 23.62 41.12 -10.76
CA GLY E 229 23.34 40.48 -9.47
C GLY E 229 24.20 39.24 -9.26
N TYR E 230 24.62 39.01 -8.02
CA TYR E 230 25.48 37.88 -7.71
C TYR E 230 24.69 36.63 -7.33
N SER E 231 25.41 35.52 -7.16
CA SER E 231 24.79 34.24 -6.86
C SER E 231 25.35 33.61 -5.60
N VAL E 232 24.55 32.76 -4.98
CA VAL E 232 24.99 31.98 -3.82
C VAL E 232 24.62 30.53 -4.05
N PHE E 233 25.61 29.64 -3.88
CA PHE E 233 25.37 28.20 -4.00
C PHE E 233 25.47 27.51 -2.64
N ALA E 234 24.35 26.94 -2.21
CA ALA E 234 24.30 26.17 -0.98
C ALA E 234 24.22 24.68 -1.30
N GLY E 235 25.31 23.96 -1.02
CA GLY E 235 25.35 22.52 -1.15
C GLY E 235 24.83 21.87 0.13
N VAL E 236 23.58 21.44 0.11
CA VAL E 236 22.95 20.80 1.27
C VAL E 236 23.06 19.30 1.09
N GLY E 237 23.90 18.67 1.89
CA GLY E 237 24.25 17.26 1.70
C GLY E 237 25.12 17.07 0.47
N GLU E 238 26.09 17.96 0.30
CA GLU E 238 27.04 17.91 -0.82
C GLU E 238 27.96 16.69 -0.68
N ARG E 239 28.08 15.91 -1.75
CA ARG E 239 29.09 14.86 -1.80
C ARG E 239 30.42 15.56 -1.98
N THR E 240 31.37 15.25 -1.10
CA THR E 240 32.66 15.95 -1.05
C THR E 240 33.40 15.88 -2.38
N ARG E 241 33.26 14.76 -3.09
CA ARG E 241 33.87 14.61 -4.40
C ARG E 241 33.26 15.58 -5.38
N GLU E 242 31.93 15.69 -5.36
CA GLU E 242 31.21 16.55 -6.28
C GLU E 242 31.32 18.03 -5.92
N GLY E 243 31.55 18.30 -4.63
CA GLY E 243 31.85 19.64 -4.15
C GLY E 243 33.18 20.14 -4.68
N ASN E 244 34.15 19.22 -4.79
CA ASN E 244 35.45 19.52 -5.38
C ASN E 244 35.36 19.75 -6.89
N ASP E 245 34.62 18.88 -7.58
CA ASP E 245 34.40 18.99 -9.02
C ASP E 245 33.75 20.32 -9.39
N LEU E 246 32.65 20.67 -8.70
CA LEU E 246 31.92 21.91 -8.97
C LEU E 246 32.81 23.15 -8.81
N TYR E 247 33.59 23.16 -7.72
CA TYR E 247 34.52 24.26 -7.43
C TYR E 247 35.51 24.47 -8.57
N HIS E 248 36.11 23.39 -9.06
CA HIS E 248 37.10 23.49 -10.13
C HIS E 248 36.49 23.76 -11.50
N GLU E 249 35.26 23.31 -11.70
CA GLU E 249 34.51 23.62 -12.93
C GLU E 249 34.14 25.10 -12.98
N MET E 250 33.78 25.65 -11.84
CA MET E 250 33.47 27.08 -11.72
C MET E 250 34.67 27.96 -11.97
N ILE E 251 35.85 27.50 -11.53
CA ILE E 251 37.12 28.17 -11.80
C ILE E 251 37.42 28.18 -13.30
N GLU E 252 37.19 27.04 -13.95
CA GLU E 252 37.43 26.90 -15.39
C GLU E 252 36.50 27.74 -16.23
N SER E 253 35.24 27.85 -15.82
CA SER E 253 34.23 28.62 -16.53
C SER E 253 34.40 30.12 -16.33
N GLY E 254 35.05 30.50 -15.23
CA GLY E 254 35.33 31.90 -14.94
C GLY E 254 34.37 32.54 -13.96
N VAL E 255 33.36 31.80 -13.52
CA VAL E 255 32.40 32.33 -12.53
C VAL E 255 33.03 32.47 -11.13
N ILE E 256 34.10 31.70 -10.89
CA ILE E 256 34.97 31.93 -9.74
C ILE E 256 36.37 32.31 -10.25
N ASN E 257 36.88 33.43 -9.76
CA ASN E 257 38.24 33.88 -10.08
C ASN E 257 39.10 33.94 -8.82
N LEU E 258 40.17 33.16 -8.80
CA LEU E 258 41.06 33.06 -7.65
C LEU E 258 42.13 34.16 -7.61
N LYS E 259 42.25 34.92 -8.69
CA LYS E 259 43.31 35.93 -8.81
C LYS E 259 42.86 37.37 -8.59
N ASP E 260 41.57 37.64 -8.81
CA ASP E 260 40.99 38.97 -8.54
C ASP E 260 39.64 38.88 -7.84
N ALA E 261 38.94 40.01 -7.73
CA ALA E 261 37.66 40.07 -7.01
C ALA E 261 36.43 39.99 -7.92
N THR E 262 36.57 39.34 -9.07
CA THR E 262 35.47 39.31 -10.06
C THR E 262 34.56 38.07 -9.96
N SER E 263 34.73 37.26 -8.91
CA SER E 263 33.91 36.05 -8.73
C SER E 263 32.43 36.38 -8.61
N LYS E 264 31.60 35.51 -9.17
CA LYS E 264 30.17 35.75 -9.30
C LYS E 264 29.33 34.94 -8.31
N VAL E 265 29.95 33.90 -7.73
CA VAL E 265 29.28 33.04 -6.75
C VAL E 265 30.02 32.95 -5.42
N ALA E 266 29.26 32.88 -4.34
CA ALA E 266 29.78 32.46 -3.04
C ALA E 266 29.31 31.04 -2.75
N LEU E 267 30.24 30.17 -2.34
CA LEU E 267 29.92 28.77 -2.07
C LEU E 267 29.77 28.48 -0.58
N VAL E 268 28.70 27.76 -0.24
CA VAL E 268 28.44 27.31 1.12
C VAL E 268 28.16 25.81 1.08
N TYR E 269 29.02 25.03 1.74
CA TYR E 269 28.94 23.57 1.68
C TYR E 269 28.58 22.91 3.02
N GLY E 270 27.55 22.08 2.99
CA GLY E 270 27.19 21.22 4.11
C GLY E 270 27.31 19.78 3.61
N GLN E 271 28.48 19.18 3.82
CA GLN E 271 28.80 17.89 3.21
C GLN E 271 28.09 16.70 3.88
N MET E 272 27.97 15.60 3.15
CA MET E 272 27.17 14.46 3.60
C MET E 272 27.61 13.83 4.91
N ASN E 273 28.92 13.84 5.16
CA ASN E 273 29.52 13.26 6.36
C ASN E 273 29.44 14.13 7.62
N GLU E 274 28.70 15.23 7.53
CA GLU E 274 28.48 16.13 8.66
C GLU E 274 27.20 15.75 9.42
N PRO E 275 27.14 16.05 10.73
CA PRO E 275 25.95 15.69 11.52
C PRO E 275 24.65 16.34 11.01
N PRO E 276 23.48 15.76 11.38
CA PRO E 276 22.18 16.28 10.96
C PRO E 276 22.01 17.80 11.15
N GLY E 277 22.41 18.29 12.32
CA GLY E 277 22.36 19.73 12.62
C GLY E 277 23.04 20.61 11.58
N ALA E 278 24.22 20.21 11.11
CA ALA E 278 24.96 20.99 10.12
C ALA E 278 24.25 21.03 8.75
N ARG E 279 23.84 19.85 8.27
CA ARG E 279 23.13 19.75 7.00
C ARG E 279 21.75 20.43 7.02
N ALA E 280 21.14 20.51 8.20
CA ALA E 280 19.84 21.18 8.36
C ALA E 280 19.95 22.71 8.27
N ARG E 281 21.05 23.25 8.78
CA ARG E 281 21.22 24.70 8.89
C ARG E 281 21.97 25.34 7.72
N VAL E 282 22.64 24.53 6.90
CA VAL E 282 23.50 25.10 5.85
C VAL E 282 22.73 25.91 4.78
N ALA E 283 21.48 25.53 4.50
CA ALA E 283 20.63 26.31 3.62
C ALA E 283 20.39 27.71 4.16
N LEU E 284 20.24 27.81 5.48
CA LEU E 284 20.08 29.10 6.16
C LEU E 284 21.33 29.95 6.05
N THR E 285 22.50 29.31 6.17
CA THR E 285 23.78 29.99 6.01
C THR E 285 23.87 30.63 4.61
N GLY E 286 23.57 29.83 3.58
CA GLY E 286 23.54 30.32 2.20
C GLY E 286 22.55 31.44 2.01
N LEU E 287 21.36 31.29 2.63
CA LEU E 287 20.32 32.30 2.60
C LEU E 287 20.82 33.63 3.16
N THR E 288 21.58 33.55 4.25
CA THR E 288 22.09 34.73 4.95
C THR E 288 23.13 35.49 4.10
N VAL E 289 23.96 34.75 3.38
CA VAL E 289 24.92 35.36 2.45
C VAL E 289 24.18 36.12 1.35
N ALA E 290 23.11 35.51 0.83
CA ALA E 290 22.28 36.10 -0.22
C ALA E 290 21.53 37.34 0.28
N GLU E 291 21.03 37.27 1.51
CA GLU E 291 20.28 38.37 2.13
C GLU E 291 21.11 39.67 2.24
N TYR E 292 22.42 39.54 2.40
CA TYR E 292 23.29 40.71 2.41
C TYR E 292 23.25 41.46 1.08
N PHE E 293 23.36 40.72 -0.03
CA PHE E 293 23.38 41.33 -1.35
C PHE E 293 22.04 41.98 -1.72
N ARG E 294 20.95 41.42 -1.21
CA ARG E 294 19.63 42.03 -1.37
C ARG E 294 19.44 43.22 -0.43
N ASP E 295 19.50 42.97 0.87
CA ASP E 295 19.10 43.94 1.90
C ASP E 295 20.12 45.03 2.18
N GLN E 296 21.36 44.85 1.71
CA GLN E 296 22.42 45.83 1.93
C GLN E 296 22.92 46.45 0.63
N GLU E 297 22.74 45.75 -0.49
CA GLU E 297 23.23 46.21 -1.79
C GLU E 297 22.15 46.32 -2.87
N GLY E 298 20.90 46.09 -2.48
CA GLY E 298 19.75 46.26 -3.37
C GLY E 298 19.70 45.39 -4.62
N GLN E 299 20.31 44.22 -4.56
CA GLN E 299 20.47 43.36 -5.72
C GLN E 299 19.31 42.40 -5.96
N ASP E 300 19.21 41.92 -7.19
CA ASP E 300 18.40 40.77 -7.51
C ASP E 300 19.34 39.57 -7.51
N VAL E 301 19.29 38.82 -6.42
CA VAL E 301 20.26 37.76 -6.12
C VAL E 301 19.72 36.40 -6.54
N LEU E 302 20.63 35.52 -6.98
CA LEU E 302 20.31 34.12 -7.24
C LEU E 302 20.80 33.22 -6.12
N LEU E 303 19.93 32.36 -5.62
CA LEU E 303 20.32 31.36 -4.63
C LEU E 303 20.03 29.94 -5.14
N PHE E 304 21.09 29.13 -5.25
CA PHE E 304 20.95 27.74 -5.61
C PHE E 304 20.95 26.87 -4.36
N ILE E 305 19.97 25.97 -4.27
CA ILE E 305 19.93 24.99 -3.18
C ILE E 305 19.95 23.58 -3.77
N ASP E 306 21.08 22.90 -3.55
CA ASP E 306 21.30 21.57 -4.09
C ASP E 306 21.68 20.63 -2.91
N ASN E 307 20.76 19.84 -2.34
CA ASN E 307 19.36 19.46 -2.71
C ASN E 307 18.30 19.92 -1.67
N ILE E 308 17.12 20.35 -2.10
CA ILE E 308 16.04 20.68 -1.17
C ILE E 308 15.49 19.47 -0.38
N PHE E 309 15.51 18.29 -0.98
CA PHE E 309 15.09 17.11 -0.24
C PHE E 309 16.05 16.79 0.92
N ARG E 310 17.34 17.08 0.74
CA ARG E 310 18.34 16.80 1.75
C ARG E 310 18.28 17.81 2.91
N PHE E 311 17.70 18.98 2.62
CA PHE E 311 17.31 19.95 3.64
C PHE E 311 16.17 19.39 4.51
N THR E 312 15.16 18.84 3.85
CA THR E 312 14.05 18.17 4.54
C THR E 312 14.53 16.95 5.33
N GLN E 313 15.35 16.11 4.70
CA GLN E 313 15.90 14.91 5.31
C GLN E 313 16.69 15.21 6.59
N ALA E 314 17.53 16.24 6.54
CA ALA E 314 18.34 16.65 7.69
C ALA E 314 17.47 17.16 8.82
N GLY E 315 16.42 17.89 8.47
CA GLY E 315 15.40 18.32 9.43
C GLY E 315 14.70 17.14 10.10
N SER E 316 14.42 16.09 9.32
CA SER E 316 13.78 14.89 9.86
C SER E 316 14.70 14.18 10.86
N GLU E 317 15.99 14.14 10.52
CA GLU E 317 17.02 13.53 11.36
C GLU E 317 17.20 14.28 12.68
N VAL E 318 17.26 15.61 12.60
CA VAL E 318 17.35 16.47 13.79
C VAL E 318 16.14 16.27 14.70
N SER E 319 14.94 16.28 14.11
CA SER E 319 13.70 16.07 14.85
C SER E 319 13.72 14.71 15.55
N ALA E 320 14.15 13.67 14.83
CA ALA E 320 14.31 12.33 15.39
C ALA E 320 15.26 12.32 16.58
N LEU E 321 16.42 12.95 16.42
CA LEU E 321 17.45 12.98 17.48
C LEU E 321 16.98 13.68 18.75
N LEU E 322 16.11 14.67 18.61
CA LEU E 322 15.53 15.41 19.74
C LEU E 322 14.35 14.70 20.40
N GLY E 323 14.03 13.51 19.91
CA GLY E 323 12.98 12.67 20.50
C GLY E 323 11.57 13.06 20.11
N ARG E 324 11.43 13.91 19.09
CA ARG E 324 10.11 14.32 18.63
C ARG E 324 9.48 13.18 17.85
N ILE E 325 8.19 12.95 18.11
CA ILE E 325 7.46 11.85 17.48
C ILE E 325 7.29 12.10 15.98
N PRO E 326 7.73 11.14 15.15
CA PRO E 326 7.56 11.29 13.70
C PRO E 326 6.10 11.39 13.26
N SER E 327 5.91 12.12 12.17
CA SER E 327 4.62 12.30 11.53
C SER E 327 4.50 11.27 10.39
N ALA E 328 3.57 11.53 9.46
CA ALA E 328 3.32 10.62 8.33
C ALA E 328 4.58 10.34 7.52
N VAL E 329 4.76 9.06 7.17
CA VAL E 329 5.88 8.62 6.34
C VAL E 329 7.25 8.82 7.01
N GLY E 330 7.24 9.07 8.33
CA GLY E 330 8.49 9.24 9.09
C GLY E 330 9.08 10.63 9.12
N TYR E 331 8.41 11.58 8.47
CA TYR E 331 8.90 12.96 8.44
C TYR E 331 8.70 13.66 9.79
N GLN E 332 9.45 14.74 10.01
CA GLN E 332 9.31 15.53 11.23
C GLN E 332 7.90 16.12 11.34
N PRO E 333 7.36 16.26 12.57
CA PRO E 333 6.04 16.90 12.68
C PRO E 333 6.07 18.35 12.22
N THR E 334 7.26 18.95 12.28
CA THR E 334 7.51 20.33 11.84
C THR E 334 7.88 20.47 10.35
N LEU E 335 7.55 19.46 9.55
CA LEU E 335 7.90 19.47 8.12
C LEU E 335 7.54 20.78 7.41
N ALA E 336 6.29 21.23 7.55
CA ALA E 336 5.80 22.41 6.82
C ALA E 336 6.35 23.74 7.36
N THR E 337 6.55 23.83 8.67
CA THR E 337 7.12 25.04 9.28
C THR E 337 8.63 25.13 9.06
N ASP E 338 9.32 23.98 9.16
CA ASP E 338 10.74 23.92 8.80
C ASP E 338 10.95 24.45 7.39
N MET E 339 10.11 24.00 6.45
CA MET E 339 10.15 24.44 5.06
C MET E 339 9.75 25.92 4.92
N GLY E 340 8.67 26.32 5.59
CA GLY E 340 8.14 27.68 5.49
C GLY E 340 9.04 28.78 6.01
N THR E 341 9.66 28.57 7.17
CA THR E 341 10.51 29.59 7.77
C THR E 341 11.76 29.86 6.91
N MET E 342 12.17 28.85 6.16
CA MET E 342 13.30 28.96 5.23
C MET E 342 12.85 29.61 3.91
N GLN E 343 11.84 29.03 3.26
CA GLN E 343 11.37 29.47 1.94
C GLN E 343 10.89 30.91 1.89
N GLU E 344 10.16 31.33 2.93
CA GLU E 344 9.60 32.68 2.99
C GLU E 344 10.66 33.78 3.02
N ARG E 345 11.91 33.42 3.31
CA ARG E 345 13.02 34.38 3.25
C ARG E 345 13.46 34.64 1.81
N ILE E 346 13.06 33.74 0.91
CA ILE E 346 13.30 33.90 -0.51
C ILE E 346 12.09 34.61 -1.10
N THR E 347 12.26 35.89 -1.41
CA THR E 347 11.15 36.71 -1.90
C THR E 347 11.63 38.04 -2.47
N THR E 348 10.73 38.76 -3.14
CA THR E 348 10.97 40.12 -3.58
C THR E 348 10.55 41.08 -2.47
N THR E 349 11.46 41.97 -2.09
CA THR E 349 11.16 43.02 -1.12
C THR E 349 11.35 44.38 -1.79
N LYS E 350 11.17 45.45 -1.01
CA LYS E 350 11.38 46.81 -1.49
C LYS E 350 12.85 47.04 -1.89
N LYS E 351 13.77 46.45 -1.13
CA LYS E 351 15.21 46.56 -1.40
C LYS E 351 15.67 45.83 -2.67
N GLY E 352 15.15 44.63 -2.89
CA GLY E 352 15.53 43.81 -4.04
C GLY E 352 14.81 42.47 -4.04
N SER E 353 15.51 41.42 -4.44
CA SER E 353 14.93 40.07 -4.47
C SER E 353 15.99 38.97 -4.38
N ILE E 354 15.61 37.87 -3.74
CA ILE E 354 16.36 36.62 -3.85
C ILE E 354 15.50 35.65 -4.62
N THR E 355 16.01 35.20 -5.76
CA THR E 355 15.37 34.17 -6.56
C THR E 355 16.13 32.87 -6.33
N SER E 356 15.42 31.76 -6.19
CA SER E 356 16.08 30.50 -5.89
C SER E 356 15.80 29.35 -6.87
N VAL E 357 16.87 28.72 -7.34
CA VAL E 357 16.74 27.49 -8.14
C VAL E 357 17.07 26.31 -7.23
N GLN E 358 16.11 25.41 -7.09
CA GLN E 358 16.20 24.34 -6.12
C GLN E 358 16.09 22.97 -6.78
N ALA E 359 17.19 22.23 -6.78
CA ALA E 359 17.20 20.89 -7.36
C ALA E 359 16.33 19.95 -6.50
N ILE E 360 15.40 19.26 -7.15
CA ILE E 360 14.36 18.51 -6.45
C ILE E 360 14.58 17.02 -6.64
N TYR E 361 14.71 16.30 -5.54
CA TYR E 361 14.63 14.85 -5.55
C TYR E 361 13.24 14.44 -5.08
N VAL E 362 12.61 13.55 -5.83
CA VAL E 362 11.28 13.05 -5.52
C VAL E 362 11.41 11.62 -5.01
N PRO E 363 11.26 11.42 -3.68
CA PRO E 363 11.38 10.08 -3.10
C PRO E 363 10.35 9.10 -3.67
N ALA E 364 10.82 7.90 -3.99
CA ALA E 364 10.00 6.80 -4.55
C ALA E 364 9.24 7.20 -5.83
N ASP E 365 9.73 8.24 -6.50
CA ASP E 365 9.03 8.85 -7.65
C ASP E 365 7.55 9.16 -7.33
N ASP E 366 7.27 9.45 -6.06
CA ASP E 366 5.93 9.72 -5.59
C ASP E 366 5.76 11.22 -5.36
N LEU E 367 5.07 11.89 -6.27
CA LEU E 367 4.88 13.35 -6.19
C LEU E 367 3.91 13.74 -5.08
N THR E 368 3.21 12.77 -4.51
CA THR E 368 2.31 13.02 -3.40
C THR E 368 3.00 12.74 -2.06
N ASP E 369 4.29 12.38 -2.11
CA ASP E 369 5.07 12.17 -0.88
C ASP E 369 5.14 13.50 -0.12
N PRO E 370 4.99 13.47 1.21
CA PRO E 370 5.00 14.72 1.97
C PRO E 370 6.14 15.70 1.63
N ALA E 371 7.36 15.20 1.41
CA ALA E 371 8.50 16.09 1.13
C ALA E 371 8.34 16.94 -0.14
N PRO E 372 8.20 16.30 -1.33
CA PRO E 372 7.96 17.09 -2.55
C PRO E 372 6.63 17.86 -2.53
N ALA E 373 5.59 17.26 -1.97
CA ALA E 373 4.29 17.93 -1.87
C ALA E 373 4.40 19.26 -1.09
N THR E 374 5.07 19.22 0.05
CA THR E 374 5.29 20.42 0.87
C THR E 374 6.18 21.45 0.15
N THR E 375 7.20 20.97 -0.56
CA THR E 375 8.09 21.86 -1.32
C THR E 375 7.35 22.52 -2.50
N PHE E 376 6.50 21.74 -3.18
CA PHE E 376 5.78 22.22 -4.36
C PHE E 376 4.90 23.45 -4.07
N ALA E 377 4.40 23.54 -2.84
CA ALA E 377 3.61 24.69 -2.40
C ALA E 377 4.36 26.02 -2.53
N HIS E 378 5.70 25.95 -2.51
CA HIS E 378 6.55 27.15 -2.54
C HIS E 378 7.14 27.45 -3.92
N LEU E 379 6.97 26.53 -4.87
CA LEU E 379 7.54 26.69 -6.20
C LEU E 379 6.63 27.47 -7.14
N ASP E 380 7.26 28.30 -7.97
CA ASP E 380 6.59 29.17 -8.93
C ASP E 380 6.83 28.71 -10.37
N ALA E 381 7.84 27.87 -10.54
CA ALA E 381 8.24 27.38 -11.85
C ALA E 381 9.01 26.09 -11.74
N THR E 382 9.15 25.40 -12.88
CA THR E 382 9.97 24.20 -12.95
C THR E 382 10.91 24.29 -14.15
N THR E 383 12.13 23.77 -13.98
CA THR E 383 13.01 23.48 -15.10
C THR E 383 13.25 21.97 -15.14
N VAL E 384 12.73 21.32 -16.17
CA VAL E 384 12.85 19.88 -16.33
C VAL E 384 13.96 19.58 -17.32
N LEU E 385 15.07 19.05 -16.79
CA LEU E 385 16.19 18.60 -17.62
C LEU E 385 15.97 17.14 -17.98
N SER E 386 16.00 16.85 -19.28
CA SER E 386 15.61 15.54 -19.79
C SER E 386 16.71 14.82 -20.56
N ARG E 387 16.80 13.51 -20.35
CA ARG E 387 17.75 12.67 -21.08
C ARG E 387 17.36 12.53 -22.55
N ALA E 388 16.06 12.45 -22.81
CA ALA E 388 15.53 12.40 -24.17
C ALA E 388 15.89 13.64 -24.98
N ILE E 389 15.84 14.82 -24.33
CA ILE E 389 16.21 16.08 -24.97
C ILE E 389 17.73 16.16 -25.18
N ALA E 390 18.47 15.57 -24.24
CA ALA E 390 19.94 15.55 -24.30
C ALA E 390 20.44 14.65 -25.43
N GLU E 391 19.84 13.47 -25.55
CA GLU E 391 20.22 12.49 -26.58
C GLU E 391 19.87 12.95 -27.99
N LEU E 392 18.92 13.86 -28.11
CA LEU E 392 18.60 14.50 -29.39
C LEU E 392 19.62 15.58 -29.77
N GLY E 393 20.56 15.85 -28.86
CA GLY E 393 21.63 16.82 -29.11
C GLY E 393 21.24 18.27 -28.81
N ILE E 394 20.04 18.45 -28.25
CA ILE E 394 19.56 19.78 -27.90
C ILE E 394 20.05 20.16 -26.51
N TYR E 395 20.83 21.25 -26.45
CA TYR E 395 21.36 21.76 -25.19
C TYR E 395 21.16 23.27 -25.08
N PRO E 396 20.65 23.74 -23.91
CA PRO E 396 20.33 22.95 -22.71
C PRO E 396 19.25 21.89 -22.94
N ALA E 397 19.35 20.79 -22.20
CA ALA E 397 18.45 19.65 -22.34
C ALA E 397 17.11 19.84 -21.62
N VAL E 398 16.56 21.06 -21.71
CA VAL E 398 15.32 21.41 -21.05
C VAL E 398 14.11 20.96 -21.88
N ASP E 399 13.27 20.11 -21.29
CA ASP E 399 12.01 19.71 -21.90
C ASP E 399 11.10 20.94 -22.02
N PRO E 400 10.80 21.36 -23.25
CA PRO E 400 10.05 22.60 -23.51
C PRO E 400 8.56 22.52 -23.21
N LEU E 401 8.06 21.31 -22.98
CA LEU E 401 6.64 21.09 -22.68
C LEU E 401 6.39 20.78 -21.21
N ASP E 402 7.36 20.13 -20.56
CA ASP E 402 7.23 19.75 -19.15
C ASP E 402 7.54 20.88 -18.18
N SER E 403 8.48 21.75 -18.57
CA SER E 403 8.84 22.92 -17.78
C SER E 403 7.73 23.97 -17.85
N THR E 404 7.27 24.42 -16.69
CA THR E 404 6.20 25.41 -16.60
C THR E 404 6.56 26.57 -15.67
N SER E 405 5.80 27.65 -15.78
CA SER E 405 5.99 28.84 -14.95
C SER E 405 4.65 29.53 -14.65
N ARG E 406 4.47 29.94 -13.41
CA ARG E 406 3.24 30.63 -12.98
C ARG E 406 3.10 32.03 -13.57
N ILE E 407 4.22 32.63 -13.97
CA ILE E 407 4.20 33.99 -14.54
C ILE E 407 4.07 34.00 -16.07
N MET E 408 3.88 32.81 -16.66
CA MET E 408 3.48 32.73 -18.06
C MET E 408 2.01 33.12 -18.20
N ASP E 409 1.79 34.43 -18.21
CA ASP E 409 0.46 35.03 -18.17
C ASP E 409 0.49 36.29 -19.04
N PRO E 410 -0.54 36.47 -19.90
CA PRO E 410 -0.61 37.67 -20.74
C PRO E 410 -0.61 38.97 -19.95
N ASN E 411 -0.89 38.88 -18.64
CA ASN E 411 -0.91 40.04 -17.76
C ASN E 411 0.45 40.36 -17.14
N ILE E 412 1.17 39.33 -16.72
CA ILE E 412 2.49 39.49 -16.11
C ILE E 412 3.55 39.73 -17.20
N VAL E 413 3.79 38.72 -18.03
CA VAL E 413 4.62 38.91 -19.22
C VAL E 413 3.76 39.53 -20.32
N GLY E 414 4.41 40.06 -21.35
CA GLY E 414 3.72 40.75 -22.43
C GLY E 414 2.70 39.89 -23.15
N SER E 415 1.75 40.54 -23.82
CA SER E 415 0.79 39.86 -24.68
C SER E 415 1.54 39.18 -25.83
N GLU E 416 2.59 39.84 -26.29
CA GLU E 416 3.48 39.31 -27.33
C GLU E 416 4.26 38.09 -26.81
N HIS E 417 4.61 38.11 -25.53
CA HIS E 417 5.32 36.99 -24.89
C HIS E 417 4.43 35.76 -24.77
N TYR E 418 3.22 35.95 -24.27
CA TYR E 418 2.27 34.87 -24.04
C TYR E 418 1.86 34.14 -25.32
N ASP E 419 1.48 34.92 -26.33
CA ASP E 419 1.00 34.38 -27.61
C ASP E 419 2.04 33.49 -28.31
N VAL E 420 3.26 34.02 -28.45
CA VAL E 420 4.37 33.30 -29.09
C VAL E 420 4.71 32.00 -28.34
N ALA E 421 4.76 32.08 -27.01
CA ALA E 421 5.04 30.92 -26.17
C ALA E 421 3.94 29.87 -26.23
N ARG E 422 2.68 30.30 -26.24
CA ARG E 422 1.54 29.42 -26.44
C ARG E 422 1.56 28.80 -27.84
N GLY E 423 2.01 29.59 -28.81
CA GLY E 423 2.17 29.13 -30.19
C GLY E 423 3.27 28.10 -30.34
N VAL E 424 4.34 28.27 -29.58
CA VAL E 424 5.47 27.32 -29.57
C VAL E 424 5.05 26.02 -28.88
N GLN E 425 4.29 26.13 -27.80
CA GLN E 425 3.76 24.97 -27.08
C GLN E 425 2.81 24.15 -27.96
N LYS E 426 1.85 24.83 -28.59
CA LYS E 426 0.86 24.18 -29.45
C LYS E 426 1.53 23.45 -30.60
N ILE E 427 2.46 24.12 -31.27
CA ILE E 427 3.12 23.58 -32.47
C ILE E 427 4.07 22.41 -32.15
N LEU E 428 4.56 22.34 -30.91
CA LEU E 428 5.40 21.23 -30.48
C LEU E 428 4.57 20.02 -30.08
N GLN E 429 3.38 20.28 -29.54
CA GLN E 429 2.42 19.24 -29.18
C GLN E 429 1.76 18.67 -30.43
N ASP E 430 1.45 19.55 -31.39
CA ASP E 430 0.86 19.15 -32.66
C ASP E 430 1.85 18.36 -33.52
N TYR E 431 3.14 18.70 -33.40
CA TYR E 431 4.21 17.95 -34.06
C TYR E 431 4.31 16.53 -33.53
N LYS E 432 4.11 16.37 -32.21
CA LYS E 432 4.12 15.06 -31.57
C LYS E 432 2.88 14.24 -31.97
N SER E 433 1.77 14.95 -32.21
CA SER E 433 0.54 14.33 -32.68
C SER E 433 0.68 13.81 -34.12
N LEU E 434 1.43 14.55 -34.94
CA LEU E 434 1.66 14.20 -36.34
C LEU E 434 2.84 13.22 -36.51
N GLN E 435 3.52 12.92 -35.41
CA GLN E 435 4.60 11.92 -35.40
C GLN E 435 4.04 10.50 -35.55
N ASP E 436 2.85 10.28 -35.00
CA ASP E 436 2.15 8.99 -35.10
C ASP E 436 1.82 8.63 -36.54
N ILE E 437 1.36 9.61 -37.31
CA ILE E 437 1.02 9.42 -38.72
C ILE E 437 2.29 9.42 -39.57
N LEU E 446 1.10 13.39 -45.09
CA LEU E 446 0.51 14.56 -44.44
C LEU E 446 0.08 15.61 -45.47
N SER E 447 -0.88 16.44 -45.08
CA SER E 447 -1.40 17.52 -45.91
C SER E 447 -0.43 18.71 -45.97
N GLU E 448 -0.78 19.71 -46.77
CA GLU E 448 0.05 20.91 -46.93
C GLU E 448 0.12 21.75 -45.65
N GLU E 449 -0.97 21.76 -44.89
CA GLU E 449 -1.02 22.47 -43.61
C GLU E 449 -0.25 21.72 -42.53
N ASP E 450 -0.35 20.39 -42.56
CA ASP E 450 0.36 19.52 -41.61
C ASP E 450 1.87 19.49 -41.86
N LYS E 451 2.27 19.48 -43.14
CA LYS E 451 3.69 19.54 -43.53
C LYS E 451 4.32 20.87 -43.13
N LEU E 452 3.53 21.95 -43.21
CA LEU E 452 3.96 23.28 -42.81
C LEU E 452 4.19 23.38 -41.30
N THR E 453 3.32 22.72 -40.53
CA THR E 453 3.43 22.71 -39.06
C THR E 453 4.56 21.80 -38.56
N VAL E 454 4.94 20.81 -39.36
CA VAL E 454 6.01 19.88 -39.01
C VAL E 454 7.40 20.52 -39.16
N SER E 455 7.63 21.14 -40.32
CA SER E 455 8.92 21.80 -40.60
C SER E 455 9.15 23.03 -39.72
N ARG E 456 8.07 23.75 -39.41
CA ARG E 456 8.11 24.88 -38.47
C ARG E 456 8.53 24.45 -37.07
N ALA E 457 7.96 23.34 -36.60
CA ALA E 457 8.21 22.83 -35.25
C ALA E 457 9.62 22.24 -35.09
N ARG E 458 10.11 21.57 -36.13
CA ARG E 458 11.47 21.03 -36.13
C ARG E 458 12.52 22.14 -36.10
N LYS E 459 12.22 23.26 -36.75
CA LYS E 459 13.09 24.44 -36.69
C LYS E 459 13.00 25.15 -35.34
N ILE E 460 11.84 25.02 -34.70
CA ILE E 460 11.62 25.54 -33.35
C ILE E 460 12.38 24.71 -32.30
N GLN E 461 12.39 23.39 -32.47
CA GLN E 461 13.16 22.47 -31.62
C GLN E 461 14.64 22.84 -31.58
N ARG E 462 15.19 23.18 -32.75
CA ARG E 462 16.59 23.56 -32.87
C ARG E 462 16.90 24.97 -32.36
N PHE E 463 15.98 25.91 -32.58
CA PHE E 463 16.18 27.30 -32.14
C PHE E 463 16.04 27.44 -30.62
N LEU E 464 15.52 26.40 -29.98
CA LEU E 464 15.48 26.32 -28.52
C LEU E 464 16.85 25.96 -27.95
N SER E 465 17.71 25.34 -28.78
CA SER E 465 19.07 25.02 -28.36
C SER E 465 19.94 26.27 -28.34
N GLN E 466 21.05 26.21 -27.60
CA GLN E 466 21.87 27.40 -27.34
C GLN E 466 23.31 27.04 -26.96
N PRO E 467 24.29 27.72 -27.57
CA PRO E 467 25.66 27.63 -27.07
C PRO E 467 25.84 28.46 -25.80
N PHE E 468 26.46 27.86 -24.79
CA PHE E 468 26.68 28.54 -23.52
C PHE E 468 28.08 29.15 -23.40
N GLN E 469 28.14 30.32 -22.76
CA GLN E 469 29.39 31.04 -22.49
C GLN E 469 30.30 30.23 -21.58
N VAL E 470 29.69 29.43 -20.71
CA VAL E 470 30.40 28.57 -19.76
C VAL E 470 31.07 27.38 -20.46
N ALA E 471 30.48 26.93 -21.57
CA ALA E 471 31.07 25.87 -22.38
C ALA E 471 31.75 26.46 -23.63
N GLU E 472 32.74 27.31 -23.40
CA GLU E 472 33.47 27.98 -24.49
C GLU E 472 34.90 27.46 -24.67
N VAL E 473 35.57 27.17 -23.56
CA VAL E 473 36.93 26.64 -23.60
C VAL E 473 36.91 25.15 -23.93
N PHE E 474 35.85 24.46 -23.49
CA PHE E 474 35.67 23.03 -23.75
C PHE E 474 35.34 22.75 -25.22
N THR E 475 34.49 23.58 -25.81
CA THR E 475 34.03 23.36 -27.18
C THR E 475 34.78 24.21 -28.20
N GLY E 476 34.92 25.50 -27.91
CA GLY E 476 35.49 26.46 -28.85
C GLY E 476 34.41 27.30 -29.53
N HIS E 477 33.18 26.78 -29.48
CA HIS E 477 32.01 27.46 -30.03
C HIS E 477 31.62 28.65 -29.14
N LEU E 478 31.41 29.81 -29.76
CA LEU E 478 31.10 31.05 -29.05
C LEU E 478 29.75 30.97 -28.34
N GLY E 479 29.77 31.14 -27.02
CA GLY E 479 28.55 31.08 -26.20
C GLY E 479 27.74 32.37 -26.27
N LYS E 480 26.43 32.24 -26.17
CA LYS E 480 25.52 33.37 -26.41
C LYS E 480 24.55 33.67 -25.27
N LEU E 481 24.43 34.96 -24.95
CA LEU E 481 23.39 35.45 -24.05
C LEU E 481 22.39 36.22 -24.89
N VAL E 482 21.16 35.71 -24.96
CA VAL E 482 20.13 36.25 -25.84
C VAL E 482 19.13 37.08 -25.04
N PRO E 483 19.05 38.40 -25.31
CA PRO E 483 18.05 39.28 -24.68
C PRO E 483 16.62 38.80 -24.92
N LEU E 484 15.72 39.16 -24.00
CA LEU E 484 14.34 38.65 -24.00
C LEU E 484 13.57 38.90 -25.28
N LYS E 485 13.58 40.14 -25.76
CA LYS E 485 12.83 40.53 -26.95
C LYS E 485 13.39 39.89 -28.22
N GLU E 486 14.68 39.62 -28.24
CA GLU E 486 15.34 38.89 -29.32
C GLU E 486 14.87 37.43 -29.38
N THR E 487 14.57 36.85 -28.22
CA THR E 487 14.07 35.49 -28.14
C THR E 487 12.63 35.40 -28.66
N ILE E 488 11.77 36.30 -28.16
CA ILE E 488 10.36 36.34 -28.55
C ILE E 488 10.18 36.51 -30.06
N LYS E 489 10.89 37.49 -30.64
CA LYS E 489 10.79 37.78 -32.07
C LYS E 489 11.42 36.69 -32.95
N GLY E 490 12.37 35.95 -32.36
CA GLY E 490 13.02 34.83 -33.05
C GLY E 490 12.04 33.69 -33.32
N PHE E 491 11.31 33.29 -32.28
CA PHE E 491 10.29 32.25 -32.39
C PHE E 491 9.03 32.73 -33.09
N GLN E 492 8.84 34.06 -33.10
CA GLN E 492 7.71 34.69 -33.77
C GLN E 492 7.87 34.62 -35.29
N GLN E 493 9.11 34.81 -35.75
CA GLN E 493 9.43 34.78 -37.18
C GLN E 493 9.44 33.36 -37.77
N ILE E 494 9.51 32.35 -36.91
CA ILE E 494 9.46 30.95 -37.35
C ILE E 494 8.00 30.47 -37.44
N LEU E 495 7.19 30.86 -36.47
CA LEU E 495 5.76 30.50 -36.45
C LEU E 495 5.01 31.09 -37.64
N ALA E 496 5.42 32.28 -38.07
CA ALA E 496 4.81 32.98 -39.19
C ALA E 496 5.22 32.40 -40.55
N GLY E 497 6.18 31.46 -40.53
CA GLY E 497 6.67 30.81 -41.75
C GLY E 497 7.58 31.68 -42.59
N GLU E 498 8.11 32.73 -41.97
CA GLU E 498 9.00 33.69 -42.66
C GLU E 498 10.36 33.08 -42.97
N TYR E 499 10.71 32.02 -42.26
CA TYR E 499 11.99 31.34 -42.46
C TYR E 499 11.82 29.88 -42.91
N ASP E 500 10.60 29.53 -43.30
CA ASP E 500 10.33 28.23 -43.93
C ASP E 500 10.84 28.23 -45.37
N HIS E 501 11.31 29.38 -45.82
CA HIS E 501 12.00 29.55 -47.09
C HIS E 501 13.45 29.08 -46.94
N LEU E 502 13.96 29.12 -45.71
CA LEU E 502 15.35 28.76 -45.42
C LEU E 502 15.49 27.37 -44.77
N PRO E 503 16.71 26.78 -44.83
CA PRO E 503 16.97 25.42 -44.32
C PRO E 503 16.72 25.22 -42.82
N GLU E 504 16.77 23.96 -42.39
CA GLU E 504 16.38 23.57 -41.03
C GLU E 504 17.52 23.63 -40.01
N GLN E 505 18.64 22.99 -40.34
CA GLN E 505 19.76 22.85 -39.40
C GLN E 505 20.60 24.12 -39.21
N ALA E 506 20.18 25.20 -39.86
CA ALA E 506 20.77 26.52 -39.66
C ALA E 506 20.29 27.13 -38.34
N PHE E 507 19.28 26.49 -37.74
CA PHE E 507 18.68 26.95 -36.49
C PHE E 507 19.25 26.23 -35.26
N TYR E 508 20.09 25.23 -35.51
CA TYR E 508 20.71 24.45 -34.44
C TYR E 508 21.96 25.13 -33.87
N MET E 509 22.01 25.20 -32.54
CA MET E 509 23.16 25.76 -31.79
C MET E 509 23.59 27.17 -32.22
N VAL E 510 22.65 28.10 -32.19
CA VAL E 510 22.92 29.52 -32.43
C VAL E 510 22.32 30.38 -31.33
N GLY E 511 22.66 31.67 -31.34
CA GLY E 511 22.13 32.62 -30.37
C GLY E 511 20.92 33.37 -30.89
N PRO E 512 21.07 34.68 -31.16
CA PRO E 512 20.00 35.49 -31.76
C PRO E 512 19.69 35.04 -33.18
N ILE E 513 18.46 35.27 -33.63
CA ILE E 513 17.99 34.79 -34.94
C ILE E 513 18.83 35.31 -36.11
N GLU E 514 19.45 36.48 -35.95
CA GLU E 514 20.34 37.08 -36.95
C GLU E 514 21.52 36.18 -37.31
N GLU E 515 21.89 35.29 -36.39
CA GLU E 515 22.97 34.33 -36.60
C GLU E 515 22.48 33.11 -37.37
N ALA E 516 21.20 32.78 -37.22
CA ALA E 516 20.58 31.68 -37.95
C ALA E 516 20.34 32.05 -39.42
N VAL E 517 20.11 33.34 -39.67
CA VAL E 517 20.00 33.88 -41.02
C VAL E 517 21.37 33.89 -41.69
N ALA E 518 22.39 34.30 -40.92
CA ALA E 518 23.77 34.32 -41.38
C ALA E 518 24.33 32.91 -41.58
N LYS E 519 23.85 31.95 -40.79
CA LYS E 519 24.23 30.55 -40.94
C LYS E 519 23.61 29.94 -42.19
N ALA E 520 22.54 30.57 -42.68
CA ALA E 520 21.91 30.20 -43.94
C ALA E 520 22.49 31.01 -45.10
N ASP E 521 22.92 32.23 -44.82
CA ASP E 521 23.58 33.10 -45.79
C ASP E 521 24.98 32.58 -46.14
N LYS E 522 25.71 32.12 -45.13
CA LYS E 522 27.04 31.55 -45.31
C LYS E 522 26.95 30.16 -45.92
N LEU E 523 26.15 29.30 -45.31
CA LEU E 523 25.92 27.95 -45.81
C LEU E 523 24.63 27.90 -46.64
N ALA E 524 24.77 28.12 -47.93
CA ALA E 524 23.63 28.13 -48.85
C ALA E 524 23.82 27.10 -49.97
N THR F 59 -20.76 14.94 49.26
CA THR F 59 -20.20 16.29 49.58
C THR F 59 -19.52 16.97 48.36
N THR F 60 -18.41 17.66 48.63
CA THR F 60 -17.75 18.53 47.65
C THR F 60 -16.34 18.06 47.22
N GLY F 61 -16.08 18.21 45.93
CA GLY F 61 -14.78 17.95 45.35
C GLY F 61 -14.15 19.22 44.81
N ARG F 62 -12.86 19.14 44.49
CA ARG F 62 -12.13 20.25 43.90
C ARG F 62 -11.41 19.77 42.64
N ILE F 63 -11.50 20.56 41.57
CA ILE F 63 -10.81 20.26 40.33
C ILE F 63 -9.29 20.32 40.52
N VAL F 64 -8.59 19.29 40.07
CA VAL F 64 -7.11 19.27 40.18
C VAL F 64 -6.40 19.28 38.83
N ALA F 65 -7.13 18.93 37.77
CA ALA F 65 -6.57 18.88 36.42
C ALA F 65 -7.67 18.98 35.37
N VAL F 66 -7.35 19.64 34.26
CA VAL F 66 -8.26 19.79 33.13
C VAL F 66 -7.46 19.68 31.82
N ILE F 67 -7.89 18.79 30.93
CA ILE F 67 -7.41 18.77 29.54
C ILE F 67 -8.57 18.39 28.65
N GLY F 68 -9.04 19.34 27.86
CA GLY F 68 -10.22 19.16 27.02
C GLY F 68 -11.37 18.60 27.84
N ALA F 69 -11.93 17.49 27.38
CA ALA F 69 -13.10 16.87 28.00
C ALA F 69 -12.81 16.16 29.32
N VAL F 70 -11.53 15.98 29.65
CA VAL F 70 -11.15 15.18 30.82
C VAL F 70 -10.76 16.06 32.00
N VAL F 71 -11.49 15.89 33.10
CA VAL F 71 -11.30 16.68 34.31
C VAL F 71 -11.09 15.75 35.51
N ASP F 72 -9.98 15.97 36.23
CA ASP F 72 -9.70 15.22 37.45
C ASP F 72 -10.18 16.03 38.66
N VAL F 73 -10.84 15.33 39.60
CA VAL F 73 -11.45 15.96 40.78
C VAL F 73 -11.07 15.18 42.05
N GLN F 74 -10.58 15.90 43.06
CA GLN F 74 -10.22 15.31 44.34
C GLN F 74 -11.33 15.54 45.38
N PHE F 75 -11.65 14.49 46.14
CA PHE F 75 -12.72 14.57 47.13
C PHE F 75 -12.17 14.34 48.55
N ASP F 76 -12.57 15.18 49.49
CA ASP F 76 -12.09 15.08 50.87
C ASP F 76 -12.88 14.09 51.74
N GLU F 77 -14.17 13.96 51.47
CA GLU F 77 -15.03 13.04 52.21
C GLU F 77 -15.99 12.31 51.28
N GLY F 78 -15.78 11.02 51.11
CA GLY F 78 -16.69 10.21 50.30
C GLY F 78 -16.41 10.43 48.83
N LEU F 79 -16.14 9.33 48.14
CA LEU F 79 -15.75 9.35 46.74
C LEU F 79 -16.91 8.86 45.88
N PRO F 80 -17.29 9.62 44.84
CA PRO F 80 -18.38 9.18 43.96
C PRO F 80 -18.01 7.91 43.19
N PRO F 81 -18.93 6.93 43.14
CA PRO F 81 -18.69 5.76 42.30
C PRO F 81 -18.63 6.10 40.81
N ILE F 82 -17.98 5.22 40.05
CA ILE F 82 -17.91 5.34 38.61
C ILE F 82 -19.33 5.44 38.02
N LEU F 83 -19.46 6.31 37.01
CA LEU F 83 -20.74 6.66 36.33
C LEU F 83 -21.59 7.75 36.96
N ASN F 84 -21.27 8.15 38.20
CA ASN F 84 -21.99 9.25 38.85
C ASN F 84 -21.81 10.57 38.12
N ALA F 85 -22.90 11.34 38.07
CA ALA F 85 -22.88 12.69 37.54
C ALA F 85 -22.45 13.66 38.63
N LEU F 86 -21.43 14.46 38.33
CA LEU F 86 -20.97 15.50 39.23
C LEU F 86 -21.41 16.83 38.63
N GLU F 87 -21.68 17.80 39.49
CA GLU F 87 -22.13 19.12 39.10
C GLU F 87 -21.05 20.14 39.41
N VAL F 88 -20.53 20.79 38.36
CA VAL F 88 -19.51 21.82 38.56
C VAL F 88 -20.17 23.10 39.04
N GLN F 89 -19.69 23.62 40.17
CA GLN F 89 -20.27 24.80 40.78
C GLN F 89 -19.86 26.09 40.08
N GLY F 90 -20.83 26.98 39.88
CA GLY F 90 -20.56 28.33 39.43
C GLY F 90 -20.55 28.58 37.93
N ARG F 91 -21.13 27.66 37.18
CA ARG F 91 -21.23 27.81 35.74
C ARG F 91 -22.55 28.46 35.36
N GLU F 92 -22.55 29.21 34.26
CA GLU F 92 -23.77 29.87 33.78
C GLU F 92 -24.82 28.86 33.31
N THR F 93 -24.37 27.78 32.66
CA THR F 93 -25.24 26.68 32.27
C THR F 93 -24.72 25.39 32.89
N ARG F 94 -25.62 24.46 33.21
CA ARG F 94 -25.25 23.23 33.89
C ARG F 94 -24.08 22.52 33.21
N LEU F 95 -23.00 22.29 33.96
CA LEU F 95 -21.86 21.50 33.47
C LEU F 95 -21.72 20.20 34.25
N VAL F 96 -21.98 19.08 33.58
CA VAL F 96 -21.93 17.79 34.23
C VAL F 96 -20.60 17.10 33.94
N LEU F 97 -20.01 16.51 34.98
CA LEU F 97 -18.85 15.63 34.82
C LEU F 97 -19.26 14.21 35.20
N GLU F 98 -18.96 13.24 34.33
CA GLU F 98 -19.30 11.86 34.61
C GLU F 98 -18.04 11.13 35.07
N VAL F 99 -18.13 10.50 36.25
CA VAL F 99 -17.00 9.75 36.81
C VAL F 99 -16.69 8.55 35.91
N ALA F 100 -15.44 8.47 35.44
CA ALA F 100 -14.99 7.38 34.57
C ALA F 100 -14.06 6.39 35.28
N GLN F 101 -13.17 6.91 36.14
CA GLN F 101 -12.17 6.09 36.83
C GLN F 101 -11.88 6.62 38.22
N HIS F 102 -11.46 5.73 39.11
CA HIS F 102 -10.85 6.12 40.37
C HIS F 102 -9.33 6.02 40.17
N LEU F 103 -8.64 7.16 40.28
CA LEU F 103 -7.19 7.21 40.04
C LEU F 103 -6.34 6.85 41.25
N GLY F 104 -6.96 6.85 42.43
CA GLY F 104 -6.23 6.75 43.69
C GLY F 104 -6.07 8.11 44.34
N GLU F 105 -5.58 8.12 45.56
CA GLU F 105 -5.44 9.34 46.37
C GLU F 105 -6.69 10.23 46.33
N SER F 106 -7.85 9.60 46.54
CA SER F 106 -9.15 10.31 46.65
C SER F 106 -9.50 11.15 45.42
N THR F 107 -8.93 10.79 44.28
CA THR F 107 -9.09 11.58 43.07
C THR F 107 -9.78 10.75 41.99
N VAL F 108 -10.76 11.34 41.33
CA VAL F 108 -11.45 10.66 40.24
C VAL F 108 -11.16 11.34 38.90
N ARG F 109 -11.22 10.56 37.82
CA ARG F 109 -11.08 11.07 36.48
C ARG F 109 -12.45 11.07 35.86
N THR F 110 -12.83 12.22 35.28
CA THR F 110 -14.18 12.42 34.80
C THR F 110 -14.20 12.88 33.35
N ILE F 111 -15.36 12.73 32.71
CA ILE F 111 -15.59 13.20 31.35
C ILE F 111 -16.69 14.25 31.33
N ALA F 112 -16.36 15.43 30.81
CA ALA F 112 -17.30 16.57 30.78
C ALA F 112 -18.37 16.38 29.72
N MET F 113 -19.58 16.81 30.02
CA MET F 113 -20.71 16.78 29.08
C MET F 113 -20.90 18.10 28.31
N ASP F 114 -20.03 19.07 28.57
CA ASP F 114 -20.01 20.34 27.83
C ASP F 114 -18.59 20.92 27.89
N GLY F 115 -18.38 22.10 27.32
CA GLY F 115 -17.04 22.68 27.23
C GLY F 115 -16.41 22.90 28.59
N THR F 116 -15.09 22.74 28.66
CA THR F 116 -14.36 22.93 29.92
C THR F 116 -13.61 24.27 30.02
N GLU F 117 -13.75 25.13 29.00
CA GLU F 117 -13.16 26.45 29.08
C GLU F 117 -13.67 27.19 30.32
N GLY F 118 -12.78 27.90 30.99
CA GLY F 118 -13.17 28.70 32.15
C GLY F 118 -13.06 27.98 33.48
N LEU F 119 -12.80 26.67 33.44
CA LEU F 119 -12.58 25.91 34.67
C LEU F 119 -11.22 26.26 35.28
N VAL F 120 -11.17 26.31 36.61
CA VAL F 120 -9.94 26.63 37.32
C VAL F 120 -9.65 25.50 38.30
N ARG F 121 -8.37 25.21 38.50
CA ARG F 121 -7.97 24.27 39.55
C ARG F 121 -8.43 24.82 40.90
N GLY F 122 -9.07 23.97 41.70
CA GLY F 122 -9.62 24.35 43.00
C GLY F 122 -11.11 24.62 42.97
N GLN F 123 -11.69 24.67 41.77
CA GLN F 123 -13.11 24.95 41.58
C GLN F 123 -13.92 23.81 42.17
N LYS F 124 -15.00 24.16 42.88
CA LYS F 124 -15.82 23.19 43.60
C LYS F 124 -16.72 22.39 42.67
N VAL F 125 -16.92 21.12 43.04
CA VAL F 125 -17.71 20.15 42.29
C VAL F 125 -18.55 19.35 43.28
N LEU F 126 -19.85 19.21 43.01
CA LEU F 126 -20.72 18.44 43.90
C LEU F 126 -21.14 17.11 43.29
N ASP F 127 -21.27 16.09 44.13
CA ASP F 127 -21.75 14.77 43.73
C ASP F 127 -23.28 14.73 43.79
N SER F 128 -23.92 14.47 42.66
CA SER F 128 -25.40 14.40 42.60
C SER F 128 -25.95 13.11 43.21
N GLY F 129 -25.07 12.13 43.44
CA GLY F 129 -25.46 10.86 44.04
C GLY F 129 -26.11 9.88 43.09
N ALA F 130 -25.96 10.11 41.79
CA ALA F 130 -26.58 9.29 40.76
C ALA F 130 -25.91 9.56 39.41
N PRO F 131 -26.04 8.60 38.46
CA PRO F 131 -25.61 8.89 37.10
C PRO F 131 -26.50 9.98 36.49
N ILE F 132 -26.14 10.47 35.31
CA ILE F 132 -26.99 11.38 34.56
C ILE F 132 -28.42 10.81 34.46
N ARG F 133 -29.39 11.59 34.93
CA ARG F 133 -30.79 11.19 34.88
C ARG F 133 -31.56 12.16 34.01
N ILE F 134 -32.44 11.61 33.18
CA ILE F 134 -33.18 12.40 32.19
C ILE F 134 -34.69 12.14 32.30
N PRO F 135 -35.50 13.13 31.88
CA PRO F 135 -36.94 12.94 31.76
C PRO F 135 -37.28 11.82 30.79
N VAL F 136 -38.18 10.92 31.21
CA VAL F 136 -38.72 9.89 30.31
C VAL F 136 -40.24 9.82 30.49
N GLY F 137 -40.93 9.48 29.41
CA GLY F 137 -42.38 9.42 29.43
C GLY F 137 -43.02 10.18 28.29
N PRO F 138 -44.37 10.24 28.28
CA PRO F 138 -45.16 10.87 27.23
C PRO F 138 -44.82 12.34 26.94
N GLU F 139 -44.38 13.08 27.95
CA GLU F 139 -44.10 14.50 27.71
C GLU F 139 -42.72 14.78 27.13
N THR F 140 -42.00 13.73 26.74
CA THR F 140 -40.80 13.90 25.90
C THR F 140 -41.22 14.02 24.44
N LEU F 141 -42.45 13.60 24.14
CA LEU F 141 -42.96 13.62 22.78
C LEU F 141 -43.24 15.05 22.31
N GLY F 142 -42.72 15.39 21.14
CA GLY F 142 -42.80 16.75 20.60
C GLY F 142 -41.69 17.67 21.08
N ARG F 143 -40.88 17.18 22.00
CA ARG F 143 -39.85 18.00 22.63
C ARG F 143 -38.47 17.69 22.05
N ILE F 144 -37.55 18.64 22.19
CA ILE F 144 -36.14 18.37 21.93
C ILE F 144 -35.35 18.47 23.23
N MET F 145 -34.54 17.45 23.52
CA MET F 145 -33.63 17.49 24.67
C MET F 145 -32.16 17.32 24.25
N ASN F 146 -31.26 17.77 25.12
CA ASN F 146 -29.83 17.52 24.92
C ASN F 146 -29.33 16.28 25.69
N VAL F 147 -28.01 16.07 25.71
CA VAL F 147 -27.41 14.89 26.33
C VAL F 147 -27.87 14.68 27.77
N ILE F 148 -28.01 15.77 28.51
CA ILE F 148 -28.37 15.71 29.93
C ILE F 148 -29.87 15.90 30.21
N GLY F 149 -30.67 15.75 29.16
CA GLY F 149 -32.13 15.81 29.29
C GLY F 149 -32.74 17.18 29.51
N GLU F 150 -31.97 18.22 29.20
CA GLU F 150 -32.48 19.59 29.27
C GLU F 150 -33.28 19.93 28.02
N PRO F 151 -34.43 20.62 28.18
CA PRO F 151 -35.16 21.10 27.01
C PRO F 151 -34.32 22.11 26.22
N ILE F 152 -34.21 21.90 24.91
CA ILE F 152 -33.46 22.84 24.07
C ILE F 152 -34.33 23.40 22.94
N ASP F 153 -35.64 23.45 23.20
CA ASP F 153 -36.60 23.92 22.22
C ASP F 153 -37.30 25.22 22.64
N GLU F 154 -36.85 25.79 23.77
CA GLU F 154 -37.41 27.03 24.32
C GLU F 154 -38.90 26.92 24.70
N ARG F 155 -39.35 25.72 25.03
CA ARG F 155 -40.77 25.50 25.39
C ARG F 155 -40.97 25.18 26.87
N GLY F 156 -39.96 25.48 27.69
CA GLY F 156 -40.03 25.30 29.14
C GLY F 156 -39.70 23.91 29.62
N PRO F 157 -40.00 23.63 30.90
CA PRO F 157 -39.72 22.35 31.56
C PRO F 157 -40.39 21.15 30.89
N ILE F 158 -39.72 20.00 30.96
CA ILE F 158 -40.30 18.74 30.54
C ILE F 158 -40.81 18.06 31.81
N LYS F 159 -42.06 18.31 32.15
CA LYS F 159 -42.61 17.81 33.42
C LYS F 159 -43.12 16.37 33.34
N THR F 160 -42.17 15.45 33.23
CA THR F 160 -42.43 14.02 33.30
C THR F 160 -42.68 13.62 34.75
N LYS F 161 -43.33 12.48 34.94
CA LYS F 161 -43.57 11.95 36.27
C LYS F 161 -42.40 11.11 36.75
N GLN F 162 -41.55 10.69 35.82
CA GLN F 162 -40.42 9.80 36.09
C GLN F 162 -39.14 10.30 35.43
N PHE F 163 -38.01 9.92 36.00
CA PHE F 163 -36.71 10.12 35.39
C PHE F 163 -36.05 8.77 35.22
N ALA F 164 -35.02 8.69 34.39
CA ALA F 164 -34.26 7.44 34.23
C ALA F 164 -32.79 7.75 34.03
N ALA F 165 -31.93 6.91 34.60
CA ALA F 165 -30.49 7.01 34.37
C ALA F 165 -30.17 6.59 32.93
N ILE F 166 -29.21 7.27 32.31
CA ILE F 166 -28.90 7.00 30.90
C ILE F 166 -28.06 5.74 30.75
N HIS F 167 -27.54 5.25 31.88
CA HIS F 167 -26.88 3.97 31.92
C HIS F 167 -27.87 2.96 32.51
N ALA F 168 -28.17 1.94 31.73
CA ALA F 168 -29.00 0.83 32.14
C ALA F 168 -28.30 -0.40 31.59
N GLU F 169 -28.55 -1.56 32.19
CA GLU F 169 -27.93 -2.78 31.66
C GLU F 169 -28.77 -3.30 30.50
N ALA F 170 -28.09 -3.90 29.53
CA ALA F 170 -28.72 -4.50 28.37
C ALA F 170 -29.71 -5.58 28.77
N PRO F 171 -30.83 -5.69 28.03
CA PRO F 171 -31.74 -6.83 28.19
C PRO F 171 -30.99 -8.15 28.21
N GLU F 172 -31.37 -9.04 29.11
CA GLU F 172 -30.72 -10.33 29.26
C GLU F 172 -31.11 -11.28 28.14
N PHE F 173 -30.33 -12.35 27.97
CA PHE F 173 -30.62 -13.38 26.97
C PHE F 173 -32.06 -13.89 27.05
N VAL F 174 -32.56 -14.11 28.27
CA VAL F 174 -33.94 -14.58 28.50
C VAL F 174 -35.02 -13.64 27.95
N GLU F 175 -34.65 -12.39 27.71
CA GLU F 175 -35.61 -11.38 27.28
C GLU F 175 -35.72 -11.27 25.75
N MET F 176 -34.91 -12.05 25.04
CA MET F 176 -34.82 -11.95 23.59
C MET F 176 -36.06 -12.48 22.89
N SER F 177 -36.44 -11.81 21.81
CA SER F 177 -37.50 -12.27 20.93
C SER F 177 -36.89 -12.88 19.67
N VAL F 178 -37.46 -13.99 19.20
CA VAL F 178 -36.98 -14.63 17.97
C VAL F 178 -37.91 -14.36 16.78
N GLU F 179 -38.88 -13.47 16.98
CA GLU F 179 -39.86 -13.12 15.95
C GLU F 179 -39.23 -12.39 14.76
N GLN F 180 -39.44 -12.95 13.57
CA GLN F 180 -38.88 -12.42 12.33
C GLN F 180 -39.97 -12.24 11.28
N GLU F 181 -40.46 -11.01 11.16
CA GLU F 181 -41.53 -10.66 10.25
C GLU F 181 -41.01 -9.56 9.33
N ILE F 182 -41.30 -9.66 8.04
CA ILE F 182 -40.82 -8.67 7.08
C ILE F 182 -41.45 -7.29 7.30
N LEU F 183 -40.62 -6.26 7.18
CA LEU F 183 -41.07 -4.88 7.13
C LEU F 183 -40.80 -4.32 5.72
N VAL F 184 -41.86 -4.27 4.92
CA VAL F 184 -41.79 -3.80 3.54
C VAL F 184 -41.60 -2.28 3.52
N THR F 185 -40.56 -1.83 2.82
CA THR F 185 -40.18 -0.41 2.80
C THR F 185 -40.67 0.30 1.54
N GLY F 186 -40.95 -0.49 0.50
CA GLY F 186 -41.28 0.07 -0.80
C GLY F 186 -40.05 0.50 -1.59
N ILE F 187 -38.87 0.28 -1.01
CA ILE F 187 -37.61 0.53 -1.71
C ILE F 187 -37.16 -0.79 -2.33
N LYS F 188 -37.11 -0.82 -3.67
CA LYS F 188 -36.84 -2.04 -4.44
C LYS F 188 -35.59 -2.84 -4.00
N VAL F 189 -34.43 -2.20 -3.94
CA VAL F 189 -33.17 -2.88 -3.55
C VAL F 189 -33.28 -3.58 -2.21
N VAL F 190 -33.87 -2.87 -1.24
CA VAL F 190 -33.98 -3.35 0.12
C VAL F 190 -34.96 -4.50 0.18
N ASP F 191 -36.19 -4.25 -0.28
CA ASP F 191 -37.26 -5.25 -0.22
C ASP F 191 -36.89 -6.55 -0.95
N LEU F 192 -36.18 -6.42 -2.08
CA LEU F 192 -35.81 -7.58 -2.88
C LEU F 192 -34.68 -8.40 -2.26
N LEU F 193 -33.57 -7.75 -1.97
CA LEU F 193 -32.32 -8.45 -1.68
C LEU F 193 -31.97 -8.58 -0.21
N ALA F 194 -32.30 -7.57 0.57
CA ALA F 194 -31.93 -7.55 1.98
C ALA F 194 -33.06 -6.93 2.81
N PRO F 195 -34.21 -7.63 2.89
CA PRO F 195 -35.40 -7.04 3.52
C PRO F 195 -35.22 -6.71 5.01
N TYR F 196 -35.86 -5.64 5.46
CA TYR F 196 -35.84 -5.29 6.88
C TYR F 196 -36.90 -6.13 7.61
N ALA F 197 -36.72 -6.28 8.92
CA ALA F 197 -37.70 -6.99 9.75
C ALA F 197 -38.31 -6.07 10.81
N LYS F 198 -39.58 -6.31 11.14
CA LYS F 198 -40.24 -5.57 12.23
C LYS F 198 -39.54 -5.88 13.54
N GLY F 199 -39.25 -4.84 14.31
CA GLY F 199 -38.50 -5.00 15.56
C GLY F 199 -37.05 -5.38 15.36
N GLY F 200 -36.55 -5.30 14.13
CA GLY F 200 -35.17 -5.66 13.81
C GLY F 200 -34.18 -4.51 13.86
N LYS F 201 -32.89 -4.87 13.90
CA LYS F 201 -31.81 -3.89 13.89
C LYS F 201 -31.29 -3.69 12.46
N ILE F 202 -31.47 -2.47 11.96
CA ILE F 202 -31.08 -2.08 10.60
C ILE F 202 -29.91 -1.10 10.64
N GLY F 203 -28.90 -1.34 9.81
CA GLY F 203 -27.77 -0.43 9.67
C GLY F 203 -27.54 0.07 8.26
N LEU F 204 -27.33 1.37 8.14
CA LEU F 204 -27.09 2.03 6.84
C LEU F 204 -25.67 2.54 6.77
N PHE F 205 -24.82 1.79 6.07
CA PHE F 205 -23.39 2.11 5.96
C PHE F 205 -23.13 3.03 4.76
N GLY F 206 -22.31 4.06 4.97
CA GLY F 206 -21.94 4.94 3.87
C GLY F 206 -20.79 5.89 4.14
N GLY F 207 -19.94 6.09 3.11
CA GLY F 207 -18.92 7.14 3.16
C GLY F 207 -19.54 8.53 3.09
N ALA F 208 -18.70 9.55 3.15
CA ALA F 208 -19.15 10.95 3.12
C ALA F 208 -19.94 11.30 1.85
N GLY F 209 -21.19 11.71 2.04
CA GLY F 209 -22.03 12.24 0.94
C GLY F 209 -22.72 11.24 0.03
N VAL F 210 -22.73 9.96 0.41
CA VAL F 210 -23.24 8.93 -0.50
C VAL F 210 -24.74 8.68 -0.41
N GLY F 211 -25.35 9.02 0.72
CA GLY F 211 -26.81 8.91 0.83
C GLY F 211 -27.42 8.35 2.09
N LYS F 212 -26.67 8.34 3.19
CA LYS F 212 -27.15 7.80 4.47
C LYS F 212 -28.39 8.53 4.99
N THR F 213 -28.29 9.85 5.07
CA THR F 213 -29.33 10.68 5.68
C THR F 213 -30.56 10.74 4.79
N VAL F 214 -30.35 10.88 3.48
CA VAL F 214 -31.48 10.83 2.54
C VAL F 214 -32.25 9.52 2.71
N LEU F 215 -31.50 8.42 2.87
CA LEU F 215 -32.13 7.09 3.03
C LEU F 215 -32.90 6.98 4.35
N ILE F 216 -32.30 7.43 5.45
CA ILE F 216 -33.00 7.41 6.74
C ILE F 216 -34.25 8.30 6.71
N MET F 217 -34.18 9.41 5.99
CA MET F 217 -35.33 10.32 5.87
C MET F 217 -36.45 9.73 5.01
N GLU F 218 -36.08 8.99 3.96
CA GLU F 218 -37.05 8.28 3.13
C GLU F 218 -37.75 7.17 3.92
N LEU F 219 -37.00 6.51 4.80
CA LEU F 219 -37.53 5.45 5.65
C LEU F 219 -38.51 5.99 6.69
N ILE F 220 -38.18 7.15 7.28
CA ILE F 220 -39.10 7.87 8.16
C ILE F 220 -40.39 8.20 7.41
N ASN F 221 -40.25 8.51 6.12
CA ASN F 221 -41.40 8.79 5.26
C ASN F 221 -42.22 7.55 4.92
N ASN F 222 -41.54 6.41 4.70
CA ASN F 222 -42.18 5.18 4.26
C ASN F 222 -42.64 4.23 5.37
N VAL F 223 -41.96 4.27 6.51
CA VAL F 223 -42.22 3.35 7.61
C VAL F 223 -43.07 3.97 8.71
N ALA F 224 -42.68 5.16 9.16
CA ALA F 224 -43.26 5.79 10.36
C ALA F 224 -44.76 6.07 10.25
N LYS F 225 -45.21 6.50 9.09
CA LYS F 225 -46.63 6.80 8.86
C LYS F 225 -47.47 5.51 8.83
N ALA F 226 -46.90 4.45 8.25
CA ALA F 226 -47.54 3.13 8.25
C ALA F 226 -47.46 2.47 9.64
N HIS F 227 -46.56 2.98 10.48
CA HIS F 227 -46.33 2.45 11.82
C HIS F 227 -47.32 3.03 12.83
N GLY F 228 -47.76 2.19 13.76
CA GLY F 228 -48.65 2.62 14.83
C GLY F 228 -47.96 2.59 16.19
N GLY F 229 -47.32 3.69 16.55
CA GLY F 229 -46.61 3.81 17.82
C GLY F 229 -45.84 5.11 17.91
N TYR F 230 -44.76 5.10 18.69
CA TYR F 230 -43.93 6.29 18.88
C TYR F 230 -42.60 6.14 18.15
N SER F 231 -41.98 7.28 17.84
CA SER F 231 -40.64 7.30 17.26
C SER F 231 -39.72 8.13 18.14
N VAL F 232 -38.44 7.74 18.15
CA VAL F 232 -37.39 8.55 18.77
C VAL F 232 -36.29 8.76 17.74
N PHE F 233 -35.95 10.03 17.49
CA PHE F 233 -34.80 10.37 16.66
C PHE F 233 -33.67 10.92 17.51
N ALA F 234 -32.52 10.26 17.45
CA ALA F 234 -31.30 10.74 18.11
C ALA F 234 -30.31 11.27 17.08
N GLY F 235 -30.05 12.57 17.12
CA GLY F 235 -29.00 13.18 16.31
C GLY F 235 -27.71 13.06 17.08
N VAL F 236 -26.74 12.34 16.51
CA VAL F 236 -25.50 12.06 17.18
C VAL F 236 -24.34 12.51 16.28
N GLY F 237 -23.70 13.62 16.66
CA GLY F 237 -22.53 14.14 15.97
C GLY F 237 -22.72 14.50 14.49
N GLU F 238 -23.94 14.87 14.14
CA GLU F 238 -24.23 15.26 12.77
C GLU F 238 -24.52 16.77 12.66
N ARG F 239 -25.15 17.20 11.58
CA ARG F 239 -25.34 18.63 11.32
C ARG F 239 -26.50 19.21 12.14
N THR F 240 -26.21 20.26 12.91
CA THR F 240 -27.24 20.96 13.66
C THR F 240 -28.37 21.45 12.75
N ARG F 241 -27.99 21.95 11.55
CA ARG F 241 -28.98 22.44 10.60
C ARG F 241 -29.91 21.33 10.06
N GLU F 242 -29.41 20.09 10.03
CA GLU F 242 -30.25 18.93 9.73
C GLU F 242 -31.31 18.69 10.82
N GLY F 243 -30.95 18.95 12.07
CA GLY F 243 -31.93 18.90 13.17
C GLY F 243 -32.99 19.98 13.05
N ASN F 244 -32.56 21.19 12.72
CA ASN F 244 -33.48 22.30 12.46
C ASN F 244 -34.47 21.97 11.35
N ASP F 245 -33.94 21.42 10.25
CA ASP F 245 -34.78 20.98 9.13
C ASP F 245 -35.83 19.96 9.56
N LEU F 246 -35.39 18.92 10.27
CA LEU F 246 -36.26 17.82 10.71
C LEU F 246 -37.35 18.30 11.66
N TYR F 247 -36.95 19.03 12.69
CA TYR F 247 -37.87 19.63 13.66
C TYR F 247 -39.00 20.42 12.99
N HIS F 248 -38.64 21.39 12.14
CA HIS F 248 -39.62 22.26 11.51
C HIS F 248 -40.49 21.57 10.45
N GLU F 249 -39.92 20.57 9.78
CA GLU F 249 -40.69 19.77 8.83
C GLU F 249 -41.73 18.91 9.57
N MET F 250 -41.37 18.45 10.76
CA MET F 250 -42.30 17.70 11.61
C MET F 250 -43.40 18.59 12.19
N ILE F 251 -43.09 19.84 12.45
CA ILE F 251 -44.11 20.82 12.86
C ILE F 251 -45.07 21.07 11.68
N GLU F 252 -44.51 21.24 10.49
CA GLU F 252 -45.31 21.49 9.28
C GLU F 252 -46.24 20.32 8.95
N SER F 253 -45.74 19.09 9.04
CA SER F 253 -46.52 17.91 8.74
C SER F 253 -47.50 17.54 9.86
N GLY F 254 -47.16 17.95 11.08
CA GLY F 254 -48.02 17.71 12.23
C GLY F 254 -47.66 16.49 13.07
N VAL F 255 -46.55 15.81 12.74
CA VAL F 255 -46.10 14.69 13.59
C VAL F 255 -45.55 15.22 14.92
N ILE F 256 -45.17 16.49 14.92
CA ILE F 256 -44.97 17.26 16.14
C ILE F 256 -46.06 18.35 16.19
N ASN F 257 -46.81 18.35 17.28
CA ASN F 257 -47.85 19.35 17.51
C ASN F 257 -47.47 20.18 18.74
N LEU F 258 -47.35 21.49 18.53
CA LEU F 258 -46.95 22.41 19.58
C LEU F 258 -48.14 22.87 20.43
N LYS F 259 -49.35 22.57 19.96
CA LYS F 259 -50.58 23.02 20.61
C LYS F 259 -51.30 21.91 21.38
N ASP F 260 -50.97 20.65 21.08
CA ASP F 260 -51.68 19.50 21.63
C ASP F 260 -50.69 18.43 22.10
N ALA F 261 -51.21 17.42 22.77
CA ALA F 261 -50.38 16.29 23.25
C ALA F 261 -50.33 15.15 22.22
N THR F 262 -50.52 15.48 20.95
CA THR F 262 -50.65 14.47 19.91
C THR F 262 -49.34 14.13 19.18
N SER F 263 -48.22 14.65 19.65
CA SER F 263 -46.92 14.37 19.02
C SER F 263 -46.54 12.90 19.13
N LYS F 264 -45.90 12.37 18.08
CA LYS F 264 -45.58 10.95 18.00
C LYS F 264 -44.07 10.71 17.97
N VAL F 265 -43.30 11.79 18.09
CA VAL F 265 -41.85 11.72 17.98
C VAL F 265 -41.18 12.47 19.14
N ALA F 266 -40.15 11.86 19.71
CA ALA F 266 -39.29 12.50 20.70
C ALA F 266 -37.92 12.70 20.09
N LEU F 267 -37.35 13.89 20.28
CA LEU F 267 -36.06 14.25 19.69
C LEU F 267 -34.97 14.47 20.73
N VAL F 268 -33.79 13.93 20.45
CA VAL F 268 -32.62 14.07 21.31
C VAL F 268 -31.45 14.44 20.41
N TYR F 269 -30.71 15.49 20.76
CA TYR F 269 -29.63 15.98 19.91
C TYR F 269 -28.32 16.32 20.62
N GLY F 270 -27.23 15.85 20.03
CA GLY F 270 -25.87 16.21 20.43
C GLY F 270 -24.99 16.17 19.20
N GLN F 271 -24.92 17.30 18.49
CA GLN F 271 -24.36 17.34 17.13
C GLN F 271 -22.85 17.62 17.05
N MET F 272 -22.36 17.85 15.84
CA MET F 272 -20.90 17.99 15.62
C MET F 272 -20.30 19.33 16.11
N ASN F 273 -21.14 20.20 16.67
CA ASN F 273 -20.66 21.38 17.40
C ASN F 273 -20.31 21.10 18.88
N GLU F 274 -20.65 19.89 19.33
CA GLU F 274 -20.46 19.52 20.74
C GLU F 274 -19.11 18.90 21.02
N PRO F 275 -18.60 19.08 22.25
CA PRO F 275 -17.36 18.43 22.62
C PRO F 275 -17.60 16.91 22.76
N PRO F 276 -16.52 16.11 22.76
CA PRO F 276 -16.66 14.65 22.62
C PRO F 276 -17.43 13.92 23.73
N GLY F 277 -17.38 14.40 24.96
CA GLY F 277 -18.12 13.77 26.05
C GLY F 277 -19.61 13.73 25.75
N ALA F 278 -20.13 14.85 25.24
CA ALA F 278 -21.52 14.97 24.86
C ALA F 278 -21.86 14.06 23.68
N ARG F 279 -20.97 14.04 22.67
CA ARG F 279 -21.18 13.19 21.50
C ARG F 279 -21.09 11.69 21.83
N ALA F 280 -20.29 11.34 22.84
CA ALA F 280 -20.15 9.94 23.27
C ALA F 280 -21.36 9.46 24.05
N ARG F 281 -22.02 10.35 24.80
CA ARG F 281 -23.14 9.96 25.66
C ARG F 281 -24.53 10.17 25.08
N VAL F 282 -24.67 11.05 24.08
CA VAL F 282 -26.01 11.44 23.60
C VAL F 282 -26.82 10.27 23.00
N ALA F 283 -26.14 9.29 22.43
CA ALA F 283 -26.81 8.07 21.93
C ALA F 283 -27.49 7.33 23.08
N LEU F 284 -26.84 7.29 24.25
CA LEU F 284 -27.43 6.67 25.45
C LEU F 284 -28.68 7.41 25.89
N THR F 285 -28.64 8.75 25.83
CA THR F 285 -29.81 9.59 26.11
C THR F 285 -30.99 9.20 25.22
N GLY F 286 -30.74 9.10 23.91
CA GLY F 286 -31.75 8.67 22.94
C GLY F 286 -32.32 7.30 23.26
N LEU F 287 -31.42 6.34 23.54
CA LEU F 287 -31.79 4.97 23.90
C LEU F 287 -32.72 4.91 25.11
N THR F 288 -32.37 5.69 26.13
CA THR F 288 -33.11 5.73 27.40
C THR F 288 -34.55 6.16 27.17
N VAL F 289 -34.73 7.17 26.32
CA VAL F 289 -36.06 7.64 25.96
C VAL F 289 -36.85 6.50 25.28
N ALA F 290 -36.20 5.77 24.39
CA ALA F 290 -36.83 4.66 23.67
C ALA F 290 -37.12 3.48 24.60
N GLU F 291 -36.18 3.18 25.48
CA GLU F 291 -36.33 2.11 26.48
C GLU F 291 -37.60 2.26 27.30
N TYR F 292 -37.91 3.49 27.70
CA TYR F 292 -39.14 3.76 28.44
C TYR F 292 -40.36 3.34 27.64
N PHE F 293 -40.45 3.80 26.39
CA PHE F 293 -41.59 3.51 25.54
C PHE F 293 -41.73 2.01 25.25
N ARG F 294 -40.59 1.32 25.13
CA ARG F 294 -40.58 -0.13 24.93
C ARG F 294 -41.08 -0.90 26.16
N ASP F 295 -40.64 -0.49 27.35
CA ASP F 295 -40.85 -1.26 28.57
C ASP F 295 -42.05 -0.83 29.42
N GLN F 296 -42.14 0.47 29.69
CA GLN F 296 -43.15 1.01 30.59
C GLN F 296 -44.45 1.34 29.85
N GLU F 297 -44.47 1.04 28.56
CA GLU F 297 -45.65 1.24 27.73
C GLU F 297 -45.92 0.01 26.86
N GLY F 298 -44.95 -0.90 26.81
CA GLY F 298 -45.04 -2.12 26.02
C GLY F 298 -45.57 -1.89 24.62
N GLN F 299 -45.02 -0.90 23.95
CA GLN F 299 -45.53 -0.44 22.66
C GLN F 299 -44.48 -0.51 21.57
N ASP F 300 -44.92 -0.58 20.32
CA ASP F 300 -44.00 -0.60 19.18
C ASP F 300 -43.30 0.75 19.04
N VAL F 301 -41.98 0.71 19.11
CA VAL F 301 -41.16 1.93 19.02
C VAL F 301 -40.29 1.86 17.78
N LEU F 302 -40.14 3.01 17.12
CA LEU F 302 -39.14 3.19 16.07
C LEU F 302 -38.03 4.08 16.60
N LEU F 303 -36.79 3.64 16.42
CA LEU F 303 -35.65 4.43 16.84
C LEU F 303 -34.74 4.70 15.66
N PHE F 304 -34.53 5.99 15.37
CA PHE F 304 -33.67 6.44 14.29
C PHE F 304 -32.47 7.15 14.88
N ILE F 305 -31.27 6.74 14.48
CA ILE F 305 -30.02 7.36 14.94
C ILE F 305 -29.13 7.78 13.76
N ASP F 306 -28.83 9.07 13.69
CA ASP F 306 -27.90 9.64 12.70
C ASP F 306 -26.91 10.52 13.48
N ASN F 307 -25.68 10.06 13.72
CA ASN F 307 -25.04 8.90 13.10
C ASN F 307 -24.25 8.14 14.18
N ILE F 308 -24.44 6.81 14.28
CA ILE F 308 -23.86 6.05 15.39
C ILE F 308 -22.32 5.93 15.39
N PHE F 309 -21.69 6.05 14.23
CA PHE F 309 -20.22 6.12 14.17
C PHE F 309 -19.69 7.21 15.09
N ARG F 310 -20.42 8.33 15.15
CA ARG F 310 -19.98 9.52 15.88
C ARG F 310 -19.78 9.23 17.38
N PHE F 311 -20.55 8.26 17.89
CA PHE F 311 -20.39 7.70 19.25
C PHE F 311 -18.97 7.13 19.45
N THR F 312 -18.52 6.32 18.49
CA THR F 312 -17.22 5.67 18.57
C THR F 312 -16.06 6.65 18.35
N GLN F 313 -16.23 7.55 17.39
CA GLN F 313 -15.27 8.61 17.12
C GLN F 313 -15.06 9.49 18.37
N ALA F 314 -16.17 9.90 18.99
CA ALA F 314 -16.10 10.69 20.23
C ALA F 314 -15.34 9.93 21.32
N GLY F 315 -15.57 8.62 21.41
CA GLY F 315 -14.84 7.74 22.32
C GLY F 315 -13.34 7.75 22.05
N SER F 316 -12.96 7.76 20.78
CA SER F 316 -11.55 7.86 20.40
C SER F 316 -10.91 9.15 20.89
N GLU F 317 -11.65 10.26 20.76
CA GLU F 317 -11.18 11.56 21.22
C GLU F 317 -10.94 11.60 22.74
N VAL F 318 -11.87 11.04 23.51
CA VAL F 318 -11.73 11.02 24.99
C VAL F 318 -10.62 10.06 25.42
N SER F 319 -10.52 8.91 24.75
CA SER F 319 -9.53 7.89 25.08
C SER F 319 -8.12 8.45 25.00
N ALA F 320 -7.89 9.27 23.96
CA ALA F 320 -6.63 9.99 23.75
C ALA F 320 -6.33 10.93 24.91
N LEU F 321 -7.37 11.49 25.51
CA LEU F 321 -7.24 12.40 26.64
C LEU F 321 -7.11 11.65 27.98
N LEU F 322 -7.59 10.40 28.01
CA LEU F 322 -7.50 9.55 29.20
C LEU F 322 -6.14 8.88 29.33
N GLY F 323 -5.33 8.99 28.29
CA GLY F 323 -3.97 8.43 28.30
C GLY F 323 -3.85 6.92 28.13
N ARG F 324 -4.93 6.25 27.73
CA ARG F 324 -4.89 4.83 27.37
C ARG F 324 -3.81 4.56 26.31
N ILE F 325 -3.20 3.37 26.33
CA ILE F 325 -2.40 2.93 25.20
C ILE F 325 -3.37 2.72 24.05
N PRO F 326 -3.11 3.36 22.89
CA PRO F 326 -4.07 3.26 21.78
C PRO F 326 -4.08 1.88 21.12
N SER F 327 -5.19 1.55 20.49
CA SER F 327 -5.34 0.31 19.74
C SER F 327 -5.08 0.59 18.25
N ALA F 328 -5.48 -0.33 17.37
CA ALA F 328 -5.27 -0.18 15.92
C ALA F 328 -5.94 1.08 15.35
N VAL F 329 -5.25 1.73 14.40
CA VAL F 329 -5.74 2.93 13.72
C VAL F 329 -5.99 4.10 14.69
N GLY F 330 -5.34 4.05 15.85
CA GLY F 330 -5.44 5.12 16.84
C GLY F 330 -6.68 5.10 17.71
N TYR F 331 -7.49 4.05 17.56
CA TYR F 331 -8.73 3.93 18.34
C TYR F 331 -8.53 3.53 19.82
N GLN F 332 -9.54 3.84 20.62
CA GLN F 332 -9.64 3.38 22.01
C GLN F 332 -9.55 1.84 22.09
N PRO F 333 -8.80 1.32 23.09
CA PRO F 333 -8.70 -0.13 23.25
C PRO F 333 -10.05 -0.77 23.60
N THR F 334 -11.00 0.06 24.04
CA THR F 334 -12.31 -0.37 24.48
C THR F 334 -13.38 -0.24 23.39
N LEU F 335 -12.96 -0.07 22.14
CA LEU F 335 -13.91 0.20 21.06
C LEU F 335 -15.09 -0.80 21.02
N ALA F 336 -14.77 -2.10 21.04
CA ALA F 336 -15.78 -3.16 20.90
C ALA F 336 -16.69 -3.35 22.11
N THR F 337 -16.13 -3.32 23.31
CA THR F 337 -16.94 -3.45 24.51
C THR F 337 -17.82 -2.22 24.72
N ASP F 338 -17.27 -1.04 24.48
CA ASP F 338 -18.05 0.21 24.56
C ASP F 338 -19.23 0.13 23.60
N MET F 339 -18.97 -0.33 22.38
CA MET F 339 -20.01 -0.47 21.38
C MET F 339 -21.03 -1.53 21.79
N GLY F 340 -20.55 -2.65 22.33
CA GLY F 340 -21.42 -3.73 22.76
C GLY F 340 -22.36 -3.31 23.87
N THR F 341 -21.84 -2.60 24.86
CA THR F 341 -22.65 -2.18 26.02
C THR F 341 -23.75 -1.20 25.61
N MET F 342 -23.46 -0.40 24.58
CA MET F 342 -24.44 0.51 24.00
C MET F 342 -25.42 -0.21 23.05
N GLN F 343 -24.89 -0.98 22.09
CA GLN F 343 -25.74 -1.62 21.07
C GLN F 343 -26.71 -2.65 21.64
N GLU F 344 -26.26 -3.41 22.64
CA GLU F 344 -27.11 -4.43 23.26
C GLU F 344 -28.38 -3.88 23.93
N ARG F 345 -28.42 -2.57 24.14
CA ARG F 345 -29.63 -1.90 24.65
C ARG F 345 -30.60 -1.54 23.52
N ILE F 346 -30.06 -1.38 22.32
CA ILE F 346 -30.86 -1.08 21.14
C ILE F 346 -31.42 -2.40 20.64
N THR F 347 -32.54 -2.81 21.22
CA THR F 347 -33.07 -4.12 20.89
C THR F 347 -34.54 -4.26 21.26
N THR F 348 -35.22 -5.07 20.47
CA THR F 348 -36.53 -5.60 20.81
C THR F 348 -36.39 -6.60 21.95
N THR F 349 -37.39 -6.66 22.82
CA THR F 349 -37.46 -7.66 23.88
C THR F 349 -38.85 -8.30 23.85
N LYS F 350 -39.05 -9.31 24.68
CA LYS F 350 -40.38 -9.91 24.84
C LYS F 350 -41.39 -8.87 25.35
N LYS F 351 -40.88 -7.82 25.98
CA LYS F 351 -41.70 -6.78 26.60
C LYS F 351 -42.19 -5.73 25.60
N GLY F 352 -41.43 -5.53 24.53
CA GLY F 352 -41.78 -4.54 23.52
C GLY F 352 -40.83 -4.48 22.33
N SER F 353 -41.32 -3.89 21.25
CA SER F 353 -40.60 -3.88 19.99
C SER F 353 -39.89 -2.55 19.74
N ILE F 354 -38.62 -2.62 19.36
CA ILE F 354 -37.91 -1.48 18.81
C ILE F 354 -37.40 -1.84 17.40
N THR F 355 -37.94 -1.16 16.40
CA THR F 355 -37.37 -1.22 15.06
C THR F 355 -36.36 -0.09 14.98
N SER F 356 -35.08 -0.46 14.92
CA SER F 356 -34.02 0.54 14.95
C SER F 356 -33.32 0.68 13.61
N VAL F 357 -33.10 1.93 13.20
CA VAL F 357 -32.39 2.24 11.96
C VAL F 357 -31.25 3.20 12.29
N GLN F 358 -30.01 2.72 12.13
CA GLN F 358 -28.84 3.52 12.48
C GLN F 358 -28.01 3.83 11.25
N ALA F 359 -27.81 5.12 10.98
CA ALA F 359 -26.90 5.55 9.93
C ALA F 359 -25.48 5.37 10.47
N ILE F 360 -24.61 4.80 9.64
CA ILE F 360 -23.26 4.41 10.05
C ILE F 360 -22.20 4.98 9.11
N TYR F 361 -21.51 6.02 9.55
CA TYR F 361 -20.48 6.68 8.74
C TYR F 361 -19.25 5.78 8.58
N VAL F 362 -18.66 5.83 7.39
CA VAL F 362 -17.52 4.98 7.04
C VAL F 362 -16.29 5.86 6.72
N PRO F 363 -15.31 5.90 7.64
CA PRO F 363 -14.13 6.76 7.51
C PRO F 363 -13.34 6.45 6.25
N ALA F 364 -13.07 7.47 5.45
CA ALA F 364 -12.30 7.32 4.20
C ALA F 364 -12.81 6.18 3.30
N ASP F 365 -14.13 5.92 3.35
CA ASP F 365 -14.81 4.88 2.58
C ASP F 365 -14.31 3.45 2.91
N ASP F 366 -13.56 3.32 4.01
CA ASP F 366 -12.94 2.05 4.39
C ASP F 366 -13.84 1.20 5.31
N LEU F 367 -14.56 0.23 4.73
CA LEU F 367 -15.43 -0.64 5.51
C LEU F 367 -14.70 -1.55 6.50
N THR F 368 -13.39 -1.70 6.34
CA THR F 368 -12.57 -2.48 7.26
C THR F 368 -12.08 -1.65 8.45
N ASP F 369 -12.37 -0.35 8.46
CA ASP F 369 -12.07 0.51 9.60
C ASP F 369 -12.74 -0.10 10.82
N PRO F 370 -12.00 -0.19 11.96
CA PRO F 370 -12.54 -0.80 13.17
C PRO F 370 -13.95 -0.34 13.59
N ALA F 371 -14.30 0.93 13.36
CA ALA F 371 -15.63 1.41 13.71
C ALA F 371 -16.76 0.69 12.93
N PRO F 372 -16.83 0.88 11.58
CA PRO F 372 -17.89 0.16 10.83
C PRO F 372 -17.74 -1.36 10.90
N ALA F 373 -16.51 -1.85 10.93
CA ALA F 373 -16.24 -3.31 10.89
C ALA F 373 -16.82 -4.03 12.11
N THR F 374 -16.76 -3.37 13.26
CA THR F 374 -17.29 -3.90 14.50
C THR F 374 -18.81 -3.73 14.58
N THR F 375 -19.36 -2.81 13.81
CA THR F 375 -20.81 -2.54 13.83
C THR F 375 -21.66 -3.63 13.14
N PHE F 376 -21.12 -4.23 12.08
CA PHE F 376 -21.86 -5.24 11.29
C PHE F 376 -22.59 -6.31 12.12
N ALA F 377 -21.88 -6.93 13.06
CA ALA F 377 -22.41 -8.05 13.84
C ALA F 377 -23.52 -7.65 14.82
N HIS F 378 -23.75 -6.35 14.95
CA HIS F 378 -24.82 -5.84 15.80
C HIS F 378 -26.12 -5.65 15.04
N LEU F 379 -26.15 -6.07 13.78
CA LEU F 379 -27.29 -5.77 12.90
C LEU F 379 -27.96 -7.01 12.36
N ASP F 380 -29.27 -6.92 12.12
CA ASP F 380 -30.03 -7.98 11.48
C ASP F 380 -30.14 -7.75 9.97
N ALA F 381 -30.14 -6.49 9.57
CA ALA F 381 -30.12 -6.12 8.14
C ALA F 381 -29.14 -4.98 7.93
N THR F 382 -28.39 -5.06 6.84
CA THR F 382 -27.39 -4.04 6.53
C THR F 382 -27.64 -3.53 5.12
N THR F 383 -27.64 -2.22 4.97
CA THR F 383 -27.70 -1.59 3.67
C THR F 383 -26.39 -0.84 3.50
N VAL F 384 -25.52 -1.37 2.65
CA VAL F 384 -24.20 -0.79 2.42
C VAL F 384 -24.21 0.05 1.15
N LEU F 385 -23.93 1.34 1.31
CA LEU F 385 -23.87 2.27 0.18
C LEU F 385 -22.46 2.34 -0.39
N SER F 386 -22.38 2.65 -1.68
CA SER F 386 -21.12 2.69 -2.41
C SER F 386 -20.94 4.01 -3.18
N ARG F 387 -19.82 4.67 -2.99
CA ARG F 387 -19.50 5.92 -3.70
C ARG F 387 -19.42 5.67 -5.20
N ALA F 388 -18.81 4.56 -5.58
CA ALA F 388 -18.67 4.21 -7.00
C ALA F 388 -20.04 4.13 -7.66
N ILE F 389 -20.98 3.50 -6.97
CA ILE F 389 -22.36 3.34 -7.45
C ILE F 389 -23.08 4.70 -7.54
N ALA F 390 -22.95 5.52 -6.51
CA ALA F 390 -23.50 6.88 -6.54
C ALA F 390 -22.98 7.69 -7.74
N GLU F 391 -21.68 7.56 -8.01
CA GLU F 391 -21.02 8.31 -9.10
C GLU F 391 -21.51 7.86 -10.48
N LEU F 392 -22.00 6.62 -10.56
CA LEU F 392 -22.63 6.10 -11.78
C LEU F 392 -24.05 6.61 -11.95
N GLY F 393 -24.57 7.27 -10.91
CA GLY F 393 -25.91 7.85 -10.95
C GLY F 393 -27.01 6.96 -10.37
N ILE F 394 -26.62 5.81 -9.83
CA ILE F 394 -27.59 4.89 -9.22
C ILE F 394 -27.89 5.33 -7.79
N TYR F 395 -29.13 5.80 -7.58
CA TYR F 395 -29.62 6.13 -6.26
C TYR F 395 -30.91 5.35 -5.99
N PRO F 396 -31.07 4.80 -4.76
CA PRO F 396 -30.10 4.83 -3.66
C PRO F 396 -28.86 4.01 -4.03
N ALA F 397 -27.70 4.47 -3.57
CA ALA F 397 -26.40 3.90 -3.96
C ALA F 397 -26.06 2.62 -3.21
N VAL F 398 -27.04 1.72 -3.12
CA VAL F 398 -26.88 0.45 -2.40
C VAL F 398 -26.01 -0.54 -3.18
N ASP F 399 -25.02 -1.12 -2.49
CA ASP F 399 -24.23 -2.22 -3.05
C ASP F 399 -25.02 -3.53 -2.92
N PRO F 400 -25.55 -4.04 -4.05
CA PRO F 400 -26.48 -5.16 -4.00
C PRO F 400 -25.78 -6.47 -3.62
N LEU F 401 -24.45 -6.47 -3.65
CA LEU F 401 -23.65 -7.64 -3.32
C LEU F 401 -22.95 -7.51 -1.97
N ASP F 402 -23.31 -6.48 -1.19
CA ASP F 402 -22.71 -6.27 0.13
C ASP F 402 -23.75 -5.85 1.16
N SER F 403 -25.03 -6.01 0.81
CA SER F 403 -26.14 -5.70 1.71
C SER F 403 -26.86 -7.00 2.04
N THR F 404 -27.09 -7.25 3.32
CA THR F 404 -27.61 -8.56 3.77
C THR F 404 -28.76 -8.46 4.77
N SER F 405 -29.49 -9.57 4.94
CA SER F 405 -30.58 -9.66 5.90
C SER F 405 -30.74 -11.09 6.41
N ARG F 406 -31.00 -11.21 7.71
CA ARG F 406 -31.24 -12.50 8.34
C ARG F 406 -32.52 -13.18 7.83
N ILE F 407 -33.48 -12.39 7.35
CA ILE F 407 -34.74 -12.94 6.85
C ILE F 407 -34.72 -13.27 5.35
N MET F 408 -33.58 -13.04 4.70
CA MET F 408 -33.37 -13.54 3.33
C MET F 408 -33.17 -15.06 3.42
N ASP F 409 -34.31 -15.75 3.43
CA ASP F 409 -34.40 -17.17 3.75
C ASP F 409 -35.68 -17.65 3.08
N PRO F 410 -35.60 -18.75 2.29
CA PRO F 410 -36.80 -19.21 1.57
C PRO F 410 -37.97 -19.58 2.50
N ASN F 411 -37.66 -20.04 3.70
CA ASN F 411 -38.68 -20.41 4.68
C ASN F 411 -39.37 -19.19 5.29
N ILE F 412 -38.76 -18.01 5.09
CA ILE F 412 -39.31 -16.77 5.61
C ILE F 412 -39.99 -15.93 4.51
N VAL F 413 -39.28 -15.64 3.43
CA VAL F 413 -39.83 -14.80 2.36
C VAL F 413 -40.51 -15.59 1.23
N GLY F 414 -40.45 -16.92 1.30
CA GLY F 414 -41.01 -17.78 0.26
C GLY F 414 -39.98 -18.02 -0.83
N SER F 415 -40.08 -19.16 -1.50
CA SER F 415 -39.09 -19.55 -2.49
C SER F 415 -39.02 -18.59 -3.69
N GLU F 416 -40.16 -18.03 -4.09
CA GLU F 416 -40.18 -17.12 -5.23
C GLU F 416 -39.31 -15.88 -4.99
N HIS F 417 -39.58 -15.18 -3.89
CA HIS F 417 -38.77 -14.05 -3.44
C HIS F 417 -37.29 -14.43 -3.39
N TYR F 418 -36.99 -15.51 -2.69
CA TYR F 418 -35.61 -15.95 -2.48
C TYR F 418 -34.90 -16.22 -3.81
N ASP F 419 -35.57 -16.96 -4.70
CA ASP F 419 -34.99 -17.33 -5.99
C ASP F 419 -34.67 -16.14 -6.90
N VAL F 420 -35.58 -15.16 -6.94
CA VAL F 420 -35.39 -13.96 -7.76
C VAL F 420 -34.24 -13.11 -7.19
N ALA F 421 -34.20 -12.98 -5.87
CA ALA F 421 -33.12 -12.27 -5.19
C ALA F 421 -31.75 -12.88 -5.51
N ARG F 422 -31.60 -14.18 -5.27
CA ARG F 422 -30.35 -14.90 -5.56
C ARG F 422 -30.00 -14.89 -7.05
N GLY F 423 -31.03 -14.95 -7.91
CA GLY F 423 -30.86 -14.88 -9.36
C GLY F 423 -30.33 -13.53 -9.81
N VAL F 424 -30.87 -12.46 -9.22
CA VAL F 424 -30.38 -11.10 -9.44
C VAL F 424 -28.92 -10.96 -8.99
N GLN F 425 -28.61 -11.51 -7.82
CA GLN F 425 -27.26 -11.41 -7.26
C GLN F 425 -26.24 -12.21 -8.06
N LYS F 426 -26.65 -13.35 -8.60
CA LYS F 426 -25.78 -14.18 -9.44
C LYS F 426 -25.37 -13.44 -10.70
N ILE F 427 -26.35 -12.86 -11.39
CA ILE F 427 -26.07 -12.12 -12.62
C ILE F 427 -25.22 -10.88 -12.36
N LEU F 428 -25.43 -10.22 -11.22
CA LEU F 428 -24.62 -9.08 -10.83
C LEU F 428 -23.19 -9.45 -10.48
N GLN F 429 -23.02 -10.62 -9.85
CA GLN F 429 -21.68 -11.10 -9.50
C GLN F 429 -20.92 -11.52 -10.75
N ASP F 430 -21.64 -12.17 -11.67
CA ASP F 430 -21.07 -12.57 -12.96
C ASP F 430 -20.63 -11.37 -13.78
N TYR F 431 -21.39 -10.28 -13.69
CA TYR F 431 -21.01 -9.02 -14.33
C TYR F 431 -19.79 -8.43 -13.64
N LYS F 432 -19.79 -8.46 -12.31
CA LYS F 432 -18.69 -7.94 -11.53
C LYS F 432 -17.37 -8.62 -11.88
N SER F 433 -17.36 -9.95 -11.85
CA SER F 433 -16.01 -10.52 -12.06
C SER F 433 -15.57 -10.54 -13.57
N LEU F 434 -16.20 -9.69 -14.39
CA LEU F 434 -15.74 -9.38 -15.74
C LEU F 434 -15.19 -7.95 -15.85
N GLN F 435 -15.28 -7.19 -14.75
CA GLN F 435 -14.87 -5.79 -14.74
C GLN F 435 -13.43 -5.55 -15.19
N ASP F 436 -12.53 -6.46 -14.84
CA ASP F 436 -11.13 -6.37 -15.25
C ASP F 436 -11.00 -6.26 -16.76
N ILE F 437 -11.57 -7.22 -17.48
CA ILE F 437 -11.47 -7.28 -18.93
C ILE F 437 -12.26 -6.17 -19.62
N ILE F 438 -13.44 -5.84 -19.09
CA ILE F 438 -14.28 -4.78 -19.64
C ILE F 438 -13.59 -3.41 -19.56
N ALA F 439 -12.98 -3.12 -18.41
CA ALA F 439 -12.28 -1.84 -18.20
C ALA F 439 -11.18 -1.60 -19.24
N ILE F 440 -10.53 -2.68 -19.69
CA ILE F 440 -9.49 -2.57 -20.70
C ILE F 440 -10.05 -2.59 -22.13
N LEU F 441 -10.77 -3.65 -22.46
CA LEU F 441 -11.15 -3.90 -23.86
C LEU F 441 -12.59 -3.54 -24.22
N GLY F 442 -13.43 -3.26 -23.22
CA GLY F 442 -14.83 -2.95 -23.47
C GLY F 442 -15.69 -4.19 -23.58
N MET F 443 -16.98 -3.98 -23.79
CA MET F 443 -17.96 -5.08 -23.80
C MET F 443 -17.93 -5.89 -25.09
N ASP F 444 -17.42 -5.29 -26.16
CA ASP F 444 -17.44 -5.88 -27.50
C ASP F 444 -16.50 -7.09 -27.68
N GLU F 445 -15.58 -7.30 -26.75
CA GLU F 445 -14.67 -8.44 -26.82
C GLU F 445 -15.23 -9.72 -26.21
N LEU F 446 -16.25 -9.57 -25.37
CA LEU F 446 -16.85 -10.70 -24.65
C LEU F 446 -17.62 -11.65 -25.57
N SER F 447 -17.77 -12.89 -25.13
CA SER F 447 -18.60 -13.87 -25.82
C SER F 447 -20.07 -13.43 -25.80
N GLU F 448 -20.87 -14.00 -26.70
CA GLU F 448 -22.30 -13.69 -26.77
C GLU F 448 -22.99 -14.00 -25.45
N GLU F 449 -22.59 -15.11 -24.83
CA GLU F 449 -23.10 -15.54 -23.53
C GLU F 449 -22.85 -14.46 -22.47
N ASP F 450 -21.61 -14.00 -22.36
CA ASP F 450 -21.22 -12.96 -21.40
C ASP F 450 -21.83 -11.59 -21.71
N LYS F 451 -21.99 -11.28 -22.99
CA LYS F 451 -22.67 -10.05 -23.41
C LYS F 451 -24.13 -10.01 -22.96
N LEU F 452 -24.79 -11.16 -23.00
CA LEU F 452 -26.16 -11.30 -22.54
C LEU F 452 -26.28 -11.03 -21.04
N THR F 453 -25.34 -11.57 -20.27
CA THR F 453 -25.31 -11.39 -18.82
C THR F 453 -24.96 -9.95 -18.45
N VAL F 454 -24.12 -9.30 -19.25
CA VAL F 454 -23.77 -7.90 -19.05
C VAL F 454 -24.97 -6.98 -19.33
N SER F 455 -25.68 -7.24 -20.43
CA SER F 455 -26.84 -6.42 -20.80
C SER F 455 -27.97 -6.49 -19.77
N ARG F 456 -28.26 -7.70 -19.28
CA ARG F 456 -29.30 -7.90 -18.28
C ARG F 456 -28.90 -7.34 -16.91
N ALA F 457 -27.63 -7.55 -16.54
CA ALA F 457 -27.10 -7.04 -15.28
C ALA F 457 -27.15 -5.52 -15.24
N ARG F 458 -26.81 -4.88 -16.35
CA ARG F 458 -26.90 -3.42 -16.46
C ARG F 458 -28.34 -2.91 -16.36
N LYS F 459 -29.29 -3.68 -16.89
CA LYS F 459 -30.71 -3.31 -16.76
C LYS F 459 -31.22 -3.49 -15.33
N ILE F 460 -30.79 -4.58 -14.72
CA ILE F 460 -31.09 -4.87 -13.31
C ILE F 460 -30.50 -3.80 -12.39
N GLN F 461 -29.24 -3.42 -12.63
CA GLN F 461 -28.58 -2.35 -11.89
C GLN F 461 -29.41 -1.09 -11.92
N ARG F 462 -29.91 -0.74 -13.10
CA ARG F 462 -30.73 0.45 -13.29
C ARG F 462 -32.12 0.30 -12.66
N PHE F 463 -32.73 -0.89 -12.79
CA PHE F 463 -34.05 -1.12 -12.20
C PHE F 463 -34.00 -1.14 -10.66
N LEU F 464 -32.80 -1.30 -10.11
CA LEU F 464 -32.59 -1.22 -8.66
C LEU F 464 -32.56 0.23 -8.15
N SER F 465 -32.35 1.19 -9.06
CA SER F 465 -32.44 2.61 -8.73
C SER F 465 -33.90 3.02 -8.61
N GLN F 466 -34.16 4.10 -7.88
CA GLN F 466 -35.53 4.48 -7.55
C GLN F 466 -35.60 5.93 -7.09
N PRO F 467 -36.53 6.73 -7.65
CA PRO F 467 -36.75 8.09 -7.16
C PRO F 467 -37.38 8.10 -5.77
N PHE F 468 -36.75 8.83 -4.85
CA PHE F 468 -37.23 8.98 -3.49
C PHE F 468 -38.09 10.24 -3.35
N GLN F 469 -39.16 10.13 -2.58
CA GLN F 469 -40.03 11.26 -2.29
C GLN F 469 -39.22 12.42 -1.70
N VAL F 470 -38.17 12.06 -0.97
CA VAL F 470 -37.33 12.99 -0.23
C VAL F 470 -36.24 13.65 -1.10
N ALA F 471 -35.90 13.00 -2.22
CA ALA F 471 -34.79 13.47 -3.06
C ALA F 471 -35.23 14.09 -4.38
N GLU F 472 -36.45 14.64 -4.41
CA GLU F 472 -37.07 15.13 -5.65
C GLU F 472 -36.32 16.30 -6.29
N VAL F 473 -35.70 17.14 -5.45
CA VAL F 473 -34.90 18.27 -5.93
C VAL F 473 -33.68 17.78 -6.73
N PHE F 474 -33.13 16.64 -6.34
CA PHE F 474 -31.89 16.15 -6.93
C PHE F 474 -32.10 15.25 -8.15
N THR F 475 -33.13 14.41 -8.10
CA THR F 475 -33.45 13.53 -9.21
C THR F 475 -34.22 14.26 -10.30
N GLY F 476 -35.12 15.15 -9.88
CA GLY F 476 -36.02 15.85 -10.79
C GLY F 476 -37.29 15.06 -11.06
N HIS F 477 -37.43 13.92 -10.37
CA HIS F 477 -38.57 13.02 -10.55
C HIS F 477 -39.41 12.91 -9.30
N LEU F 478 -40.72 12.72 -9.49
CA LEU F 478 -41.64 12.40 -8.40
C LEU F 478 -41.22 11.09 -7.73
N GLY F 479 -41.27 11.07 -6.40
CA GLY F 479 -40.87 9.90 -5.62
C GLY F 479 -41.79 8.71 -5.85
N LYS F 480 -41.23 7.51 -5.74
CA LYS F 480 -41.98 6.29 -5.98
C LYS F 480 -41.84 5.28 -4.85
N LEU F 481 -42.94 4.61 -4.53
CA LEU F 481 -42.96 3.53 -3.57
C LEU F 481 -43.55 2.30 -4.26
N VAL F 482 -42.80 1.20 -4.24
CA VAL F 482 -43.17 0.00 -5.01
C VAL F 482 -43.58 -1.15 -4.09
N PRO F 483 -44.78 -1.72 -4.30
CA PRO F 483 -45.19 -2.92 -3.56
C PRO F 483 -44.24 -4.09 -3.77
N LEU F 484 -44.04 -4.89 -2.72
CA LEU F 484 -43.12 -6.03 -2.76
C LEU F 484 -43.39 -6.98 -3.92
N LYS F 485 -44.66 -7.33 -4.11
CA LYS F 485 -45.05 -8.23 -5.19
C LYS F 485 -44.65 -7.69 -6.58
N GLU F 486 -44.72 -6.38 -6.73
CA GLU F 486 -44.34 -5.71 -7.98
C GLU F 486 -42.83 -5.68 -8.18
N THR F 487 -42.08 -5.51 -7.09
CA THR F 487 -40.62 -5.61 -7.12
C THR F 487 -40.17 -7.02 -7.56
N ILE F 488 -40.73 -8.05 -6.94
CA ILE F 488 -40.42 -9.44 -7.29
C ILE F 488 -40.70 -9.71 -8.77
N LYS F 489 -41.90 -9.31 -9.22
CA LYS F 489 -42.35 -9.53 -10.59
C LYS F 489 -41.48 -8.84 -11.64
N GLY F 490 -41.13 -7.58 -11.39
CA GLY F 490 -40.28 -6.79 -12.28
C GLY F 490 -38.91 -7.38 -12.55
N PHE F 491 -38.20 -7.75 -11.48
CA PHE F 491 -36.89 -8.38 -11.60
C PHE F 491 -36.97 -9.82 -12.11
N GLN F 492 -38.10 -10.48 -11.84
CA GLN F 492 -38.35 -11.82 -12.35
C GLN F 492 -38.41 -11.78 -13.87
N GLN F 493 -39.16 -10.81 -14.40
CA GLN F 493 -39.32 -10.63 -15.84
C GLN F 493 -38.01 -10.27 -16.54
N ILE F 494 -37.19 -9.43 -15.92
CA ILE F 494 -35.89 -9.04 -16.49
C ILE F 494 -34.98 -10.27 -16.58
N LEU F 495 -34.84 -11.01 -15.48
CA LEU F 495 -34.06 -12.25 -15.45
C LEU F 495 -34.49 -13.27 -16.49
N ALA F 496 -35.79 -13.33 -16.75
CA ALA F 496 -36.36 -14.25 -17.75
C ALA F 496 -36.07 -13.81 -19.19
N GLY F 497 -35.59 -12.58 -19.35
CA GLY F 497 -35.25 -12.04 -20.66
C GLY F 497 -36.42 -11.42 -21.39
N GLU F 498 -37.50 -11.17 -20.65
CA GLU F 498 -38.72 -10.57 -21.21
C GLU F 498 -38.52 -9.15 -21.74
N TYR F 499 -37.50 -8.46 -21.25
CA TYR F 499 -37.21 -7.10 -21.70
C TYR F 499 -35.81 -6.91 -22.29
N ASP F 500 -35.24 -7.99 -22.83
CA ASP F 500 -33.93 -7.97 -23.48
C ASP F 500 -33.84 -6.96 -24.63
N HIS F 501 -34.98 -6.70 -25.26
CA HIS F 501 -35.09 -5.79 -26.39
C HIS F 501 -35.12 -4.31 -25.99
N LEU F 502 -35.51 -4.02 -24.75
CA LEU F 502 -35.63 -2.65 -24.27
C LEU F 502 -34.28 -2.00 -23.96
N PRO F 503 -34.16 -0.67 -24.21
CA PRO F 503 -32.94 0.05 -23.89
C PRO F 503 -32.70 0.17 -22.39
N GLU F 504 -31.43 0.16 -21.98
CA GLU F 504 -31.04 0.18 -20.56
C GLU F 504 -31.59 1.38 -19.80
N GLN F 505 -31.53 2.56 -20.42
CA GLN F 505 -31.96 3.82 -19.79
C GLN F 505 -33.44 3.86 -19.42
N ALA F 506 -34.25 3.02 -20.08
CA ALA F 506 -35.68 2.89 -19.76
C ALA F 506 -35.90 2.38 -18.33
N PHE F 507 -34.96 1.58 -17.82
CA PHE F 507 -35.05 0.99 -16.49
C PHE F 507 -34.54 1.91 -15.39
N TYR F 508 -33.98 3.05 -15.79
CA TYR F 508 -33.37 3.99 -14.84
C TYR F 508 -34.41 4.91 -14.20
N MET F 509 -34.31 5.07 -12.87
CA MET F 509 -35.16 5.97 -12.09
C MET F 509 -36.66 5.83 -12.35
N VAL F 510 -37.17 4.61 -12.23
CA VAL F 510 -38.60 4.36 -12.31
C VAL F 510 -39.09 3.68 -11.04
N GLY F 511 -40.41 3.47 -10.95
CA GLY F 511 -41.00 2.67 -9.88
C GLY F 511 -41.20 1.25 -10.37
N PRO F 512 -42.46 0.87 -10.65
CA PRO F 512 -42.79 -0.46 -11.16
C PRO F 512 -42.29 -0.67 -12.59
N ILE F 513 -42.23 -1.92 -13.01
CA ILE F 513 -41.71 -2.28 -14.32
C ILE F 513 -42.49 -1.66 -15.50
N GLU F 514 -43.78 -1.38 -15.29
CA GLU F 514 -44.62 -0.77 -16.33
C GLU F 514 -44.10 0.59 -16.76
N GLU F 515 -43.48 1.32 -15.83
CA GLU F 515 -42.91 2.63 -16.12
C GLU F 515 -41.69 2.54 -17.04
N ALA F 516 -40.92 1.45 -16.89
CA ALA F 516 -39.79 1.17 -17.76
C ALA F 516 -40.25 0.85 -19.19
N VAL F 517 -41.38 0.16 -19.32
CA VAL F 517 -42.00 -0.14 -20.61
C VAL F 517 -42.48 1.15 -21.29
N ALA F 518 -43.22 1.96 -20.54
CA ALA F 518 -43.74 3.24 -21.04
C ALA F 518 -42.62 4.19 -21.46
N LYS F 519 -41.54 4.20 -20.68
CA LYS F 519 -40.38 5.04 -20.94
C LYS F 519 -39.67 4.65 -22.24
N ALA F 520 -39.56 3.35 -22.49
CA ALA F 520 -38.95 2.83 -23.71
C ALA F 520 -39.79 3.14 -24.96
N ASP F 521 -41.10 3.16 -24.78
CA ASP F 521 -42.04 3.46 -25.86
C ASP F 521 -41.93 4.92 -26.34
N LYS F 522 -41.62 5.82 -25.41
CA LYS F 522 -41.43 7.23 -25.74
C LYS F 522 -40.11 7.47 -26.46
N LEU F 523 -39.11 6.64 -26.18
CA LEU F 523 -37.80 6.73 -26.83
C LEU F 523 -37.83 6.22 -28.26
N ALA F 524 -38.49 5.09 -28.48
CA ALA F 524 -38.62 4.48 -29.80
C ALA F 524 -40.00 3.86 -30.01
N ALA G 26 -4.96 -4.44 -4.03
CA ALA G 26 -5.03 -4.58 -2.53
C ALA G 26 -3.66 -4.39 -1.88
N THR G 27 -2.72 -5.28 -2.22
CA THR G 27 -1.40 -5.28 -1.61
C THR G 27 -0.35 -4.89 -2.66
N LEU G 28 0.73 -4.25 -2.23
CA LEU G 28 1.73 -3.66 -3.14
C LEU G 28 2.31 -4.61 -4.20
N LYS G 29 2.60 -5.85 -3.79
CA LYS G 29 3.09 -6.88 -4.71
C LYS G 29 2.07 -7.20 -5.81
N ASP G 30 0.79 -7.30 -5.41
CA ASP G 30 -0.30 -7.57 -6.35
C ASP G 30 -0.47 -6.43 -7.35
N ILE G 31 -0.46 -5.19 -6.87
CA ILE G 31 -0.56 -4.01 -7.73
C ILE G 31 0.66 -3.89 -8.64
N THR G 32 1.83 -4.28 -8.13
CA THR G 32 3.08 -4.19 -8.89
C THR G 32 2.97 -5.03 -10.15
N ARG G 33 2.49 -6.28 -10.01
CA ARG G 33 2.32 -7.18 -11.14
C ARG G 33 1.29 -6.65 -12.15
N ARG G 34 0.13 -6.23 -11.64
CA ARG G 34 -0.92 -5.64 -12.48
C ARG G 34 -0.42 -4.43 -13.25
N LEU G 35 0.31 -3.55 -12.56
CA LEU G 35 0.88 -2.35 -13.20
C LEU G 35 1.82 -2.68 -14.36
N LYS G 36 2.68 -3.68 -14.18
CA LYS G 36 3.58 -4.11 -15.24
C LYS G 36 2.81 -4.72 -16.40
N SER G 37 1.72 -5.41 -16.07
CA SER G 37 0.84 -6.04 -17.04
C SER G 37 0.08 -5.02 -17.90
N ILE G 38 -0.57 -4.04 -17.26
CA ILE G 38 -1.37 -3.05 -17.99
C ILE G 38 -0.48 -2.03 -18.73
N LYS G 39 0.76 -1.87 -18.26
CA LYS G 39 1.76 -1.07 -18.99
C LYS G 39 2.18 -1.73 -20.30
N ASN G 40 2.35 -3.05 -20.28
CA ASN G 40 2.67 -3.81 -21.49
C ASN G 40 1.51 -3.78 -22.49
N ILE G 41 0.29 -3.97 -21.98
CA ILE G 41 -0.92 -3.93 -22.79
C ILE G 41 -1.09 -2.59 -23.49
N GLN G 42 -0.93 -1.50 -22.75
CA GLN G 42 -1.00 -0.14 -23.30
C GLN G 42 -0.10 0.02 -24.53
N LYS G 43 1.13 -0.47 -24.41
CA LYS G 43 2.09 -0.39 -25.50
C LYS G 43 1.70 -1.27 -26.69
N ILE G 44 1.31 -2.51 -26.40
CA ILE G 44 0.90 -3.45 -27.44
C ILE G 44 -0.35 -2.94 -28.18
N THR G 45 -1.34 -2.47 -27.43
CA THR G 45 -2.58 -1.94 -28.01
C THR G 45 -2.30 -0.75 -28.93
N LYS G 46 -1.34 0.08 -28.55
CA LYS G 46 -0.94 1.23 -29.36
C LYS G 46 -0.26 0.80 -30.66
N SER G 47 0.63 -0.20 -30.57
CA SER G 47 1.31 -0.74 -31.74
C SER G 47 0.33 -1.46 -32.68
N MET G 48 -0.66 -2.12 -32.08
CA MET G 48 -1.71 -2.80 -32.83
C MET G 48 -2.62 -1.82 -33.54
N LYS G 49 -2.86 -0.68 -32.91
CA LYS G 49 -3.60 0.42 -33.53
C LYS G 49 -2.83 0.92 -34.75
N MET G 50 -1.51 1.06 -34.61
CA MET G 50 -0.66 1.58 -35.68
C MET G 50 -0.51 0.65 -36.88
N VAL G 51 -0.46 -0.66 -36.63
CA VAL G 51 -0.44 -1.67 -37.68
C VAL G 51 -1.77 -1.68 -38.44
N ALA G 52 -2.87 -1.62 -37.68
CA ALA G 52 -4.22 -1.59 -38.24
C ALA G 52 -4.50 -0.32 -39.03
N ALA G 53 -3.91 0.79 -38.58
CA ALA G 53 -4.03 2.08 -39.30
C ALA G 53 -3.37 2.01 -40.68
N ALA G 54 -2.23 1.33 -40.76
CA ALA G 54 -1.52 1.13 -42.03
C ALA G 54 -2.25 0.12 -42.92
N LYS G 55 -2.77 -0.95 -42.30
CA LYS G 55 -3.56 -1.96 -42.99
C LYS G 55 -4.87 -1.40 -43.54
N TYR G 56 -5.51 -0.53 -42.77
CA TYR G 56 -6.71 0.17 -43.24
C TYR G 56 -6.38 1.14 -44.38
N ALA G 57 -5.28 1.87 -44.24
CA ALA G 57 -4.83 2.80 -45.29
C ALA G 57 -4.67 2.10 -46.64
N ARG G 58 -4.09 0.90 -46.61
CA ARG G 58 -3.94 0.06 -47.81
C ARG G 58 -5.30 -0.43 -48.31
N ALA G 59 -6.17 -0.83 -47.39
CA ALA G 59 -7.47 -1.41 -47.72
C ALA G 59 -8.43 -0.40 -48.34
N GLU G 60 -8.43 0.83 -47.80
CA GLU G 60 -9.28 1.91 -48.31
C GLU G 60 -8.89 2.33 -49.74
N ARG G 61 -7.59 2.28 -50.01
CA ARG G 61 -7.06 2.53 -51.35
C ARG G 61 -7.49 1.44 -52.33
N GLU G 62 -7.44 0.19 -51.88
CA GLU G 62 -7.80 -0.96 -52.70
C GLU G 62 -9.32 -1.12 -52.87
N LEU G 63 -10.09 -0.54 -51.94
CA LEU G 63 -11.56 -0.59 -52.00
C LEU G 63 -12.14 0.27 -53.11
N LYS G 64 -11.44 1.35 -53.48
CA LYS G 64 -11.90 2.26 -54.55
C LYS G 64 -12.15 1.55 -55.89
N PRO G 65 -11.12 0.88 -56.46
CA PRO G 65 -11.37 0.14 -57.72
C PRO G 65 -12.15 -1.16 -57.51
N ALA G 66 -12.26 -1.61 -56.26
CA ALA G 66 -13.02 -2.82 -55.93
C ALA G 66 -14.52 -2.58 -55.97
N ARG G 67 -14.94 -1.37 -55.59
CA ARG G 67 -16.35 -0.99 -55.62
C ARG G 67 -16.90 -0.83 -57.04
N VAL G 68 -16.13 -0.17 -57.91
CA VAL G 68 -16.52 0.01 -59.31
C VAL G 68 -16.59 -1.34 -60.05
N TYR G 69 -15.71 -2.26 -59.67
CA TYR G 69 -15.73 -3.63 -60.17
C TYR G 69 -16.93 -4.40 -59.63
N GLY G 70 -17.27 -4.14 -58.37
CA GLY G 70 -18.37 -4.81 -57.68
C GLY G 70 -19.75 -4.56 -58.25
N VAL G 71 -20.02 -3.30 -58.61
CA VAL G 71 -21.33 -2.87 -59.12
C VAL G 71 -22.02 -3.90 -60.02
N GLY G 72 -21.29 -4.35 -61.06
CA GLY G 72 -21.82 -5.35 -61.99
C GLY G 72 -21.92 -6.73 -61.38
N LEU G 92 -28.01 -21.76 -48.54
CA LEU G 92 -26.63 -21.34 -48.28
C LEU G 92 -26.58 -19.97 -47.59
N ILE G 93 -25.70 -19.83 -46.60
CA ILE G 93 -25.64 -18.58 -45.82
C ILE G 93 -24.67 -17.51 -46.41
N ILE G 94 -23.36 -17.53 -46.12
CA ILE G 94 -22.69 -18.50 -45.25
C ILE G 94 -21.80 -17.84 -44.17
N GLY G 95 -21.46 -16.56 -44.36
CA GLY G 95 -20.77 -15.76 -43.31
C GLY G 95 -19.32 -15.36 -43.54
N VAL G 96 -19.08 -14.05 -43.64
CA VAL G 96 -17.74 -13.50 -43.90
C VAL G 96 -17.21 -12.60 -42.76
N SER G 97 -16.07 -12.99 -42.18
CA SER G 97 -15.31 -12.14 -41.25
C SER G 97 -13.80 -12.41 -41.34
N SER G 98 -13.19 -12.90 -40.27
CA SER G 98 -11.74 -13.20 -40.25
C SER G 98 -11.31 -14.13 -39.12
N ASP G 99 -9.99 -14.34 -39.01
CA ASP G 99 -9.37 -15.18 -37.99
C ASP G 99 -9.05 -14.41 -36.70
N ARG G 100 -8.89 -13.09 -36.83
CA ARG G 100 -8.36 -12.26 -35.74
C ARG G 100 -9.46 -11.49 -35.03
N GLY G 101 -9.39 -11.47 -33.70
CA GLY G 101 -10.32 -10.72 -32.87
C GLY G 101 -9.81 -9.31 -32.61
N LEU G 102 -10.14 -8.78 -31.43
CA LEU G 102 -9.79 -7.42 -31.01
C LEU G 102 -10.19 -6.35 -32.05
N CYS G 103 -11.40 -6.49 -32.59
CA CYS G 103 -11.92 -5.55 -33.56
C CYS G 103 -13.38 -5.17 -33.26
N GLY G 104 -13.75 -5.31 -31.99
CA GLY G 104 -15.10 -4.98 -31.54
C GLY G 104 -16.15 -5.98 -32.01
N ALA G 105 -17.24 -5.44 -32.57
CA ALA G 105 -18.38 -6.26 -32.98
C ALA G 105 -18.36 -6.58 -34.49
N ILE G 106 -17.24 -7.10 -34.96
CA ILE G 106 -17.09 -7.51 -36.36
C ILE G 106 -17.57 -8.95 -36.55
N HIS G 107 -17.07 -9.85 -35.69
CA HIS G 107 -17.39 -11.27 -35.77
C HIS G 107 -18.77 -11.57 -35.21
N SER G 108 -19.09 -10.96 -34.07
CA SER G 108 -20.35 -11.21 -33.39
C SER G 108 -21.56 -10.75 -34.20
N SER G 109 -21.41 -9.63 -34.91
CA SER G 109 -22.50 -9.08 -35.72
C SER G 109 -22.85 -9.96 -36.91
N VAL G 110 -21.83 -10.56 -37.54
CA VAL G 110 -22.04 -11.45 -38.69
C VAL G 110 -22.39 -12.89 -38.26
N ALA G 111 -22.16 -13.20 -36.99
CA ALA G 111 -22.46 -14.53 -36.46
C ALA G 111 -23.79 -14.54 -35.71
N ILE G 130 -23.14 -24.83 -44.34
CA ILE G 130 -22.13 -24.84 -43.28
C ILE G 130 -20.73 -24.66 -43.86
N ILE G 131 -20.29 -23.40 -43.94
CA ILE G 131 -18.93 -23.05 -44.38
C ILE G 131 -18.32 -22.00 -43.44
N GLY G 132 -18.54 -20.72 -43.75
CA GLY G 132 -17.99 -19.61 -42.96
C GLY G 132 -16.51 -19.34 -43.23
N VAL G 133 -16.23 -18.16 -43.76
CA VAL G 133 -14.84 -17.75 -44.04
C VAL G 133 -14.27 -16.89 -42.91
N GLY G 134 -13.33 -17.47 -42.18
CA GLY G 134 -12.78 -16.86 -40.97
C GLY G 134 -12.84 -17.86 -39.83
N ASP G 135 -11.74 -18.00 -39.11
CA ASP G 135 -11.65 -19.00 -38.04
C ASP G 135 -12.55 -18.66 -36.84
N LYS G 136 -12.88 -17.38 -36.69
CA LYS G 136 -13.83 -16.93 -35.67
C LYS G 136 -15.26 -17.39 -35.94
N ILE G 137 -15.62 -17.53 -37.22
CA ILE G 137 -16.96 -17.95 -37.60
C ILE G 137 -17.32 -19.34 -37.07
N ARG G 138 -16.40 -20.30 -37.22
CA ARG G 138 -16.66 -21.68 -36.81
C ARG G 138 -16.46 -21.94 -35.31
N SER G 139 -15.56 -21.19 -34.68
CA SER G 139 -15.31 -21.31 -33.24
C SER G 139 -16.45 -20.72 -32.40
N ILE G 140 -17.16 -19.75 -32.99
CA ILE G 140 -18.33 -19.14 -32.35
C ILE G 140 -19.60 -19.92 -32.66
N LEU G 141 -19.71 -20.43 -33.88
CA LEU G 141 -20.86 -21.25 -34.29
C LEU G 141 -20.51 -22.74 -34.33
N THR G 152 -15.49 -24.18 -44.23
CA THR G 152 -14.62 -23.59 -43.21
C THR G 152 -13.23 -23.24 -43.78
N PHE G 153 -12.87 -21.96 -43.65
CA PHE G 153 -11.59 -21.44 -44.15
C PHE G 153 -10.83 -20.67 -43.07
N LYS G 154 -9.53 -20.95 -42.99
CA LYS G 154 -8.64 -20.31 -42.03
C LYS G 154 -7.68 -19.39 -42.79
N GLU G 155 -6.85 -18.66 -42.05
CA GLU G 155 -5.81 -17.80 -42.61
C GLU G 155 -6.40 -16.64 -43.45
N VAL G 156 -7.46 -16.02 -42.94
CA VAL G 156 -8.06 -14.85 -43.59
C VAL G 156 -7.97 -13.61 -42.72
N GLY G 157 -7.70 -12.47 -43.36
CA GLY G 157 -7.60 -11.20 -42.65
C GLY G 157 -6.19 -10.65 -42.54
N ARG G 158 -5.24 -11.52 -42.20
CA ARG G 158 -3.84 -11.14 -41.98
C ARG G 158 -3.19 -10.55 -43.24
N ARG G 159 -3.36 -11.25 -44.36
CA ARG G 159 -3.00 -10.72 -45.68
C ARG G 159 -4.29 -10.23 -46.35
N PRO G 160 -4.24 -9.06 -47.02
CA PRO G 160 -5.42 -8.51 -47.67
C PRO G 160 -6.03 -9.51 -48.66
N PRO G 161 -7.37 -9.58 -48.71
CA PRO G 161 -8.05 -10.54 -49.58
C PRO G 161 -7.80 -10.26 -51.06
N THR G 162 -7.83 -11.32 -51.87
CA THR G 162 -7.62 -11.22 -53.30
C THR G 162 -8.79 -11.92 -53.98
N PHE G 163 -8.89 -11.79 -55.30
CA PHE G 163 -9.90 -12.51 -56.06
C PHE G 163 -9.64 -14.01 -56.04
N GLY G 164 -8.37 -14.37 -55.86
CA GLY G 164 -7.96 -15.78 -55.73
C GLY G 164 -8.54 -16.42 -54.50
N ASP G 165 -8.65 -15.64 -53.42
CA ASP G 165 -9.33 -16.08 -52.20
C ASP G 165 -10.80 -16.37 -52.45
N ALA G 166 -11.46 -15.50 -53.21
CA ALA G 166 -12.86 -15.67 -53.58
C ALA G 166 -13.06 -16.91 -54.44
N SER G 167 -12.14 -17.15 -55.37
CA SER G 167 -12.16 -18.33 -56.23
C SER G 167 -12.04 -19.63 -55.44
N VAL G 168 -11.08 -19.68 -54.52
CA VAL G 168 -10.89 -20.83 -53.62
C VAL G 168 -12.19 -21.20 -52.90
N ILE G 169 -12.84 -20.20 -52.30
CA ILE G 169 -14.13 -20.37 -51.63
C ILE G 169 -15.22 -20.86 -52.59
N ALA G 170 -15.31 -20.22 -53.77
CA ALA G 170 -16.33 -20.56 -54.76
C ALA G 170 -16.12 -21.95 -55.37
N LEU G 171 -14.86 -22.37 -55.50
CA LEU G 171 -14.53 -23.69 -56.02
C LEU G 171 -14.89 -24.80 -55.04
N GLU G 172 -14.66 -24.53 -53.75
CA GLU G 172 -15.01 -25.47 -52.69
C GLU G 172 -16.51 -25.64 -52.56
N LEU G 173 -17.26 -24.68 -53.10
CA LEU G 173 -18.72 -24.74 -53.12
C LEU G 173 -19.22 -25.61 -54.28
N SER G 184 -28.11 -15.49 -49.78
CA SER G 184 -27.56 -14.23 -49.33
C SER G 184 -26.05 -14.34 -49.08
N ILE G 185 -25.43 -13.22 -48.74
CA ILE G 185 -24.03 -13.20 -48.27
C ILE G 185 -23.89 -12.16 -47.15
N ILE G 186 -23.35 -12.60 -46.01
CA ILE G 186 -23.32 -11.77 -44.81
C ILE G 186 -21.92 -11.21 -44.51
N PHE G 187 -21.78 -9.90 -44.72
CA PHE G 187 -20.51 -9.21 -44.52
C PHE G 187 -20.71 -7.81 -43.90
N ASN G 188 -19.61 -7.25 -43.39
CA ASN G 188 -19.61 -5.89 -42.86
C ASN G 188 -19.22 -4.87 -43.93
N ARG G 189 -20.17 -4.00 -44.28
CA ARG G 189 -19.98 -2.98 -45.30
C ARG G 189 -19.34 -1.73 -44.70
N PHE G 190 -18.27 -1.26 -45.34
CA PHE G 190 -17.53 -0.09 -44.87
C PHE G 190 -18.24 1.22 -45.15
N ARG G 191 -18.28 2.08 -44.13
CA ARG G 191 -18.90 3.42 -44.23
C ARG G 191 -17.84 4.48 -43.97
N SER G 192 -17.26 4.44 -42.77
CA SER G 192 -16.19 5.34 -42.35
C SER G 192 -15.31 4.62 -41.32
N VAL G 193 -14.32 5.33 -40.79
CA VAL G 193 -13.42 4.77 -39.76
C VAL G 193 -14.15 4.26 -38.51
N ILE G 194 -15.28 4.89 -38.19
CA ILE G 194 -16.08 4.52 -37.03
C ILE G 194 -17.25 3.60 -37.40
N SER G 195 -17.84 3.85 -38.57
CA SER G 195 -19.10 3.21 -38.95
C SER G 195 -18.94 2.05 -39.95
N TYR G 196 -19.64 0.95 -39.66
CA TYR G 196 -19.81 -0.16 -40.60
C TYR G 196 -21.15 -0.85 -40.33
N LYS G 197 -21.71 -1.49 -41.37
CA LYS G 197 -23.01 -2.16 -41.23
C LYS G 197 -23.02 -3.56 -41.88
N THR G 198 -23.82 -4.45 -41.30
CA THR G 198 -24.06 -5.78 -41.85
C THR G 198 -25.10 -5.69 -42.97
N GLU G 231 -22.06 -18.31 -61.50
CA GLU G 231 -20.86 -18.64 -62.27
C GLU G 231 -19.71 -17.72 -61.85
N TYR G 232 -19.26 -16.87 -62.77
CA TYR G 232 -18.21 -15.89 -62.51
C TYR G 232 -18.67 -14.79 -61.54
N SER G 233 -19.94 -14.40 -61.64
CA SER G 233 -20.51 -13.38 -60.76
C SER G 233 -20.64 -13.88 -59.32
N LEU G 234 -20.65 -15.19 -59.15
CA LEU G 234 -20.61 -15.80 -57.82
C LEU G 234 -19.29 -15.46 -57.12
N ALA G 235 -18.20 -15.58 -57.87
CA ALA G 235 -16.87 -15.21 -57.39
C ALA G 235 -16.72 -13.69 -57.21
N ASN G 236 -17.46 -12.93 -58.02
CA ASN G 236 -17.48 -11.46 -57.91
C ASN G 236 -18.14 -10.98 -56.61
N ILE G 237 -19.25 -11.62 -56.26
CA ILE G 237 -19.97 -11.28 -55.01
C ILE G 237 -19.16 -11.63 -53.76
N ILE G 238 -18.50 -12.78 -53.78
CA ILE G 238 -17.64 -13.20 -52.66
C ILE G 238 -16.46 -12.22 -52.52
N TYR G 239 -15.88 -11.82 -53.64
CA TYR G 239 -14.80 -10.83 -53.66
C TYR G 239 -15.25 -9.47 -53.13
N TYR G 240 -16.41 -9.01 -53.58
CA TYR G 240 -16.98 -7.74 -53.12
C TYR G 240 -17.10 -7.71 -51.59
N SER G 241 -17.67 -8.77 -51.04
CA SER G 241 -17.85 -8.90 -49.58
C SER G 241 -16.52 -8.92 -48.83
N LEU G 242 -15.50 -9.51 -49.46
CA LEU G 242 -14.15 -9.62 -48.89
C LEU G 242 -13.46 -8.25 -48.79
N LYS G 243 -13.54 -7.48 -49.88
CA LYS G 243 -12.89 -6.16 -49.96
C LYS G 243 -13.53 -5.14 -49.03
N GLU G 244 -14.84 -5.26 -48.83
CA GLU G 244 -15.58 -4.44 -47.89
C GLU G 244 -15.27 -4.86 -46.46
N SER G 245 -15.27 -6.17 -46.22
CA SER G 245 -15.09 -6.73 -44.87
C SER G 245 -13.78 -6.30 -44.22
N THR G 246 -12.68 -6.45 -44.95
CA THR G 246 -11.34 -6.13 -44.42
C THR G 246 -11.14 -4.64 -44.19
N THR G 247 -11.72 -3.80 -45.05
CA THR G 247 -11.69 -2.36 -44.86
C THR G 247 -12.42 -2.00 -43.55
N SER G 248 -13.57 -2.64 -43.32
CA SER G 248 -14.34 -2.47 -42.08
C SER G 248 -13.61 -3.05 -40.86
N GLU G 249 -13.04 -4.24 -41.03
CA GLU G 249 -12.33 -4.92 -39.94
C GLU G 249 -11.08 -4.18 -39.51
N GLN G 250 -10.31 -3.67 -40.47
CA GLN G 250 -9.09 -2.93 -40.14
C GLN G 250 -9.37 -1.59 -39.47
N SER G 251 -10.44 -0.92 -39.91
CA SER G 251 -10.90 0.32 -39.28
C SER G 251 -11.39 0.07 -37.86
N ALA G 252 -12.18 -0.99 -37.70
CA ALA G 252 -12.75 -1.35 -36.41
C ALA G 252 -11.68 -1.77 -35.40
N ARG G 253 -10.66 -2.49 -35.87
CA ARG G 253 -9.54 -2.87 -35.00
C ARG G 253 -8.73 -1.64 -34.59
N MET G 254 -8.43 -0.78 -35.57
CA MET G 254 -7.78 0.51 -35.31
C MET G 254 -8.53 1.32 -34.26
N THR G 255 -9.86 1.37 -34.41
CA THR G 255 -10.74 2.06 -33.48
C THR G 255 -10.70 1.43 -32.07
N ALA G 256 -10.97 0.13 -32.00
CA ALA G 256 -11.05 -0.58 -30.71
C ALA G 256 -9.72 -0.53 -29.95
N MET G 257 -8.61 -0.63 -30.68
CA MET G 257 -7.28 -0.62 -30.05
C MET G 257 -6.88 0.77 -29.57
N ASP G 258 -7.30 1.80 -30.31
CA ASP G 258 -7.14 3.18 -29.85
C ASP G 258 -7.83 3.38 -28.50
N ASN G 259 -9.07 2.92 -28.40
CA ASN G 259 -9.85 3.03 -27.17
C ASN G 259 -9.31 2.17 -26.02
N ALA G 260 -8.83 0.97 -26.37
CA ALA G 260 -8.22 0.07 -25.39
C ALA G 260 -6.96 0.68 -24.80
N SER G 261 -6.12 1.25 -25.68
CA SER G 261 -4.88 1.92 -25.25
C SER G 261 -5.17 3.13 -24.36
N LYS G 262 -6.29 3.80 -24.62
CA LYS G 262 -6.74 4.90 -23.77
C LYS G 262 -7.23 4.40 -22.42
N ASN G 263 -8.00 3.31 -22.44
CA ASN G 263 -8.50 2.69 -21.20
C ASN G 263 -7.37 2.15 -20.34
N ALA G 264 -6.34 1.60 -21.00
CA ALA G 264 -5.14 1.12 -20.32
C ALA G 264 -4.42 2.28 -19.65
N SER G 265 -4.31 3.41 -20.36
CA SER G 265 -3.68 4.62 -19.84
C SER G 265 -4.36 5.10 -18.56
N GLU G 266 -5.69 5.23 -18.60
CA GLU G 266 -6.48 5.67 -17.45
C GLU G 266 -6.40 4.68 -16.28
N MET G 267 -6.26 3.40 -16.59
CA MET G 267 -6.12 2.36 -15.57
C MET G 267 -4.72 2.41 -14.93
N ILE G 268 -3.70 2.70 -15.74
CA ILE G 268 -2.33 2.86 -15.23
C ILE G 268 -2.28 3.99 -14.21
N ASP G 269 -2.87 5.13 -14.56
CA ASP G 269 -2.99 6.27 -13.64
C ASP G 269 -3.73 5.91 -12.37
N LYS G 270 -4.89 5.26 -12.52
CA LYS G 270 -5.71 4.86 -11.37
C LYS G 270 -4.99 3.89 -10.44
N LEU G 271 -4.30 2.92 -11.03
CA LEU G 271 -3.55 1.92 -10.28
C LEU G 271 -2.30 2.50 -9.62
N THR G 272 -1.62 3.42 -10.33
CA THR G 272 -0.43 4.09 -9.78
C THR G 272 -0.81 4.93 -8.55
N LEU G 273 -1.97 5.56 -8.61
CA LEU G 273 -2.48 6.31 -7.47
C LEU G 273 -2.83 5.40 -6.29
N THR G 274 -3.50 4.29 -6.55
CA THR G 274 -3.79 3.28 -5.52
C THR G 274 -2.48 2.73 -4.92
N PHE G 275 -1.54 2.39 -5.80
CA PHE G 275 -0.22 1.94 -5.35
C PHE G 275 0.41 2.90 -4.33
N ASN G 276 0.44 4.18 -4.68
CA ASN G 276 1.14 5.20 -3.89
C ASN G 276 0.43 5.57 -2.58
N ARG G 277 -0.90 5.57 -2.58
CA ARG G 277 -1.67 5.70 -1.34
C ARG G 277 -1.39 4.51 -0.40
N THR G 278 -1.34 3.30 -0.97
CA THR G 278 -1.03 2.10 -0.18
C THR G 278 0.41 2.16 0.32
N ARG G 279 1.33 2.55 -0.57
CA ARG G 279 2.74 2.73 -0.24
C ARG G 279 2.92 3.64 0.99
N GLN G 280 2.25 4.80 0.97
CA GLN G 280 2.33 5.76 2.07
C GLN G 280 1.65 5.23 3.33
N ALA G 281 0.47 4.63 3.18
CA ALA G 281 -0.27 4.06 4.32
C ALA G 281 0.49 2.97 5.06
N VAL G 282 1.18 2.11 4.32
CA VAL G 282 2.01 1.04 4.91
C VAL G 282 3.10 1.62 5.81
N ILE G 283 3.77 2.65 5.31
CA ILE G 283 4.85 3.32 6.06
C ILE G 283 4.28 3.99 7.32
N THR G 284 3.19 4.72 7.16
CA THR G 284 2.54 5.40 8.29
C THR G 284 2.05 4.41 9.35
N LYS G 285 1.39 3.33 8.92
CA LYS G 285 0.90 2.32 9.86
C LYS G 285 2.00 1.65 10.67
N GLU G 286 3.10 1.29 10.02
CA GLU G 286 4.25 0.65 10.66
C GLU G 286 4.82 1.58 11.73
N LEU G 287 4.93 2.85 11.38
CA LEU G 287 5.49 3.84 12.29
C LEU G 287 4.60 4.05 13.51
N ILE G 288 3.29 4.07 13.32
CA ILE G 288 2.34 4.24 14.43
C ILE G 288 2.39 3.06 15.42
N GLU G 289 2.62 1.85 14.90
CA GLU G 289 2.81 0.65 15.74
C GLU G 289 4.09 0.70 16.55
N ILE G 290 5.15 1.22 15.92
CA ILE G 290 6.45 1.38 16.58
C ILE G 290 6.37 2.42 17.69
N ILE G 291 5.77 3.58 17.39
CA ILE G 291 5.57 4.66 18.36
C ILE G 291 4.72 4.23 19.56
N SER G 292 3.63 3.50 19.28
CA SER G 292 2.74 3.00 20.32
C SER G 292 3.44 2.02 21.26
N GLY G 293 4.32 1.20 20.70
CA GLY G 293 5.08 0.24 21.48
C GLY G 293 6.11 0.91 22.36
N ALA G 294 6.73 1.96 21.83
CA ALA G 294 7.74 2.73 22.54
C ALA G 294 7.16 3.59 23.67
N ALA G 295 6.01 4.21 23.41
CA ALA G 295 5.33 5.04 24.40
C ALA G 295 4.78 4.17 25.55
N ALA G 296 4.49 3.00 25.36
N SER H 39 -22.95 4.58 -71.51
CA SER H 39 -21.54 4.61 -71.04
C SER H 39 -20.94 3.21 -71.00
N PHE H 40 -19.61 3.14 -70.99
CA PHE H 40 -18.89 1.86 -70.99
C PHE H 40 -17.91 1.76 -69.83
N THR H 41 -18.06 0.70 -69.04
CA THR H 41 -17.20 0.44 -67.89
C THR H 41 -16.31 -0.79 -68.15
N PHE H 42 -15.01 -0.62 -67.92
CA PHE H 42 -14.03 -1.66 -68.22
C PHE H 42 -13.00 -1.74 -67.09
N ALA H 43 -13.05 -2.84 -66.33
CA ALA H 43 -12.20 -3.02 -65.17
C ALA H 43 -11.75 -4.45 -64.92
N SER H 44 -10.59 -4.59 -64.29
CA SER H 44 -10.16 -5.83 -63.67
C SER H 44 -10.44 -5.67 -62.17
N PRO H 45 -10.35 -6.76 -61.39
CA PRO H 45 -10.57 -6.66 -59.94
C PRO H 45 -9.69 -5.63 -59.24
N THR H 46 -8.63 -5.17 -59.91
CA THR H 46 -7.66 -4.26 -59.29
C THR H 46 -7.51 -2.91 -60.00
N GLN H 47 -7.76 -2.86 -61.31
CA GLN H 47 -7.58 -1.62 -62.06
C GLN H 47 -8.81 -1.25 -62.89
N VAL H 48 -9.11 0.04 -62.94
CA VAL H 48 -10.19 0.58 -63.76
C VAL H 48 -9.63 1.31 -64.99
N PHE H 49 -10.12 0.92 -66.16
CA PHE H 49 -9.65 1.48 -67.43
C PHE H 49 -10.65 2.48 -68.01
N PHE H 50 -11.93 2.17 -67.85
CA PHE H 50 -13.02 3.05 -68.27
C PHE H 50 -14.14 2.97 -67.25
N ASN H 51 -14.62 4.13 -66.81
CA ASN H 51 -15.65 4.21 -65.78
C ASN H 51 -16.91 4.90 -66.30
N GLN H 57 -17.73 2.00 -80.05
CA GLN H 57 -17.45 0.61 -80.39
C GLN H 57 -16.43 -0.01 -79.43
N VAL H 58 -16.73 -1.23 -79.00
CA VAL H 58 -15.79 -2.02 -78.18
C VAL H 58 -15.65 -3.42 -78.78
N ASP H 59 -14.45 -3.72 -79.28
CA ASP H 59 -14.13 -5.05 -79.81
C ASP H 59 -13.86 -6.02 -78.66
N VAL H 60 -14.60 -7.12 -78.62
CA VAL H 60 -14.59 -8.06 -77.50
C VAL H 60 -14.30 -9.50 -77.97
N PRO H 61 -13.30 -10.16 -77.37
CA PRO H 61 -13.03 -11.58 -77.67
C PRO H 61 -13.85 -12.54 -76.79
N THR H 62 -14.57 -13.46 -77.43
CA THR H 62 -15.42 -14.43 -76.72
C THR H 62 -15.16 -15.87 -77.18
N LEU H 80 -15.60 -15.04 -71.44
CA LEU H 80 -14.69 -14.46 -72.43
C LEU H 80 -13.59 -15.43 -72.84
N ARG H 81 -12.78 -15.01 -73.80
CA ARG H 81 -11.65 -15.78 -74.30
C ARG H 81 -10.42 -14.87 -74.34
N PRO H 82 -9.26 -15.38 -73.85
CA PRO H 82 -7.99 -14.66 -73.91
C PRO H 82 -7.78 -14.00 -75.27
N GLY H 83 -7.56 -12.70 -75.29
CA GLY H 83 -7.39 -11.96 -76.53
C GLY H 83 -7.31 -10.45 -76.34
N LEU H 84 -7.27 -9.74 -77.47
CA LEU H 84 -7.14 -8.29 -77.50
C LEU H 84 -8.47 -7.56 -77.39
N VAL H 85 -8.46 -6.46 -76.65
CA VAL H 85 -9.60 -5.56 -76.53
C VAL H 85 -9.21 -4.21 -77.14
N VAL H 86 -10.02 -3.74 -78.08
CA VAL H 86 -9.80 -2.43 -78.69
C VAL H 86 -11.05 -1.57 -78.53
N VAL H 87 -10.91 -0.49 -77.78
CA VAL H 87 -12.02 0.42 -77.49
C VAL H 87 -12.09 1.56 -78.51
N PHE H 98 -5.25 -6.27 -73.61
CA PHE H 98 -5.31 -7.72 -73.53
C PHE H 98 -6.07 -8.20 -72.29
N VAL H 99 -7.12 -8.99 -72.52
CA VAL H 99 -7.97 -9.50 -71.48
C VAL H 99 -7.80 -11.02 -71.34
N SER H 100 -7.83 -11.51 -70.10
CA SER H 100 -7.64 -12.93 -69.83
C SER H 100 -8.91 -13.76 -70.00
N SER H 101 -9.99 -13.32 -69.36
CA SER H 101 -11.24 -14.10 -69.27
C SER H 101 -12.28 -13.31 -68.46
N GLY H 102 -13.52 -13.83 -68.43
CA GLY H 102 -14.58 -13.21 -67.63
C GLY H 102 -15.88 -13.04 -68.39
N SER H 103 -16.56 -11.92 -68.16
CA SER H 103 -17.83 -11.62 -68.82
C SER H 103 -17.72 -10.38 -69.70
N GLN H 113 -20.90 -3.48 -69.44
CA GLN H 113 -19.65 -3.43 -68.68
C GLN H 113 -18.78 -4.68 -68.85
N LEU H 114 -17.54 -4.47 -69.25
CA LEU H 114 -16.62 -5.56 -69.54
C LEU H 114 -15.81 -5.94 -68.31
N LEU H 115 -16.05 -7.15 -67.80
CA LEU H 115 -15.36 -7.65 -66.61
C LEU H 115 -14.33 -8.71 -66.97
N ALA H 116 -13.11 -8.53 -66.47
CA ALA H 116 -11.99 -9.41 -66.80
C ALA H 116 -11.17 -9.73 -65.56
N GLU H 117 -10.71 -10.97 -65.44
CA GLU H 117 -9.89 -11.34 -64.28
C GLU H 117 -8.52 -10.67 -64.32
N GLU H 118 -7.91 -10.62 -65.50
CA GLU H 118 -6.70 -9.85 -65.73
C GLU H 118 -6.82 -9.04 -67.03
N ALA H 119 -6.82 -7.71 -66.88
CA ALA H 119 -6.81 -6.80 -68.02
C ALA H 119 -5.57 -5.92 -67.95
N VAL H 120 -4.78 -5.91 -69.02
CA VAL H 120 -3.49 -5.21 -69.03
C VAL H 120 -3.12 -4.60 -70.38
N THR H 121 -2.22 -3.63 -70.35
CA THR H 121 -1.43 -3.21 -71.51
C THR H 121 -0.44 -4.36 -71.78
N LEU H 122 0.00 -4.62 -73.02
CA LEU H 122 0.02 -3.74 -74.22
C LEU H 122 1.30 -2.89 -74.22
N ASP H 123 1.78 -2.56 -73.02
CA ASP H 123 3.09 -1.96 -72.79
C ASP H 123 3.84 -2.84 -71.79
N MET H 124 3.06 -3.48 -70.91
CA MET H 124 3.58 -4.24 -69.78
C MET H 124 3.85 -5.71 -70.12
N LEU H 125 3.28 -6.17 -71.22
CA LEU H 125 3.36 -7.58 -71.60
C LEU H 125 4.62 -7.94 -72.39
N ASP H 126 5.26 -9.02 -71.95
CA ASP H 126 6.42 -9.59 -72.59
C ASP H 126 6.28 -11.11 -72.45
N LEU H 127 5.94 -11.86 -73.52
CA LEU H 127 5.91 -11.47 -74.95
C LEU H 127 7.20 -11.89 -75.66
N GLY H 128 8.31 -11.70 -74.98
CA GLY H 128 9.54 -12.41 -75.28
C GLY H 128 9.57 -13.63 -74.37
N ALA H 129 8.87 -13.51 -73.24
CA ALA H 129 8.76 -14.57 -72.24
C ALA H 129 7.46 -15.38 -72.39
N ALA H 130 6.52 -14.86 -73.18
CA ALA H 130 5.28 -15.59 -73.48
C ALA H 130 5.53 -16.74 -74.45
N LYS H 131 6.51 -16.56 -75.35
CA LYS H 131 6.99 -17.63 -76.21
C LYS H 131 7.64 -18.74 -75.41
N ALA H 132 8.37 -18.35 -74.37
CA ALA H 132 8.96 -19.30 -73.43
C ALA H 132 7.87 -20.00 -72.61
N ASN H 133 6.80 -19.26 -72.32
CA ASN H 133 5.64 -19.80 -71.59
C ASN H 133 4.81 -20.74 -72.44
N LEU H 134 4.72 -20.45 -73.74
CA LEU H 134 3.98 -21.27 -74.69
C LEU H 134 4.67 -22.62 -74.91
N GLU H 135 5.99 -22.57 -75.09
CA GLU H 135 6.80 -23.77 -75.30
C GLU H 135 6.85 -24.65 -74.06
N LYS H 136 6.84 -24.02 -72.88
CA LYS H 136 6.84 -24.73 -71.60
C LYS H 136 5.51 -25.44 -71.38
N ALA H 137 4.42 -24.83 -71.85
CA ALA H 137 3.08 -25.41 -71.73
C ALA H 137 2.89 -26.55 -72.71
N GLN H 138 3.53 -26.45 -73.87
CA GLN H 138 3.50 -27.51 -74.88
C GLN H 138 4.43 -28.67 -74.52
N SER H 139 5.28 -28.45 -73.53
CA SER H 139 6.18 -29.48 -73.01
C SER H 139 5.50 -30.36 -71.97
N GLU H 140 4.64 -29.77 -71.16
CA GLU H 140 3.85 -30.51 -70.17
C GLU H 140 2.71 -31.30 -70.82
N LEU H 141 2.31 -30.88 -72.02
CA LEU H 141 1.24 -31.52 -72.77
C LEU H 141 1.64 -32.92 -73.24
N LEU H 142 2.87 -33.03 -73.75
CA LEU H 142 3.43 -34.32 -74.16
C LEU H 142 3.99 -35.04 -72.93
N GLY H 143 3.19 -35.05 -71.87
CA GLY H 143 3.57 -35.67 -70.60
C GLY H 143 3.33 -37.17 -70.62
N ALA H 144 2.34 -37.67 -69.87
CA ALA H 144 1.39 -36.92 -69.02
C ALA H 144 0.25 -36.21 -69.78
N ALA H 145 -0.91 -36.86 -69.98
CA ALA H 145 -1.29 -38.22 -69.55
C ALA H 145 -2.70 -38.29 -68.97
N ASP H 146 -2.79 -38.17 -67.65
CA ASP H 146 -4.04 -38.29 -66.91
C ASP H 146 -5.01 -37.14 -67.21
N GLU H 147 -6.22 -37.50 -67.64
CA GLU H 147 -7.22 -36.52 -68.08
C GLU H 147 -7.49 -35.42 -67.06
N ALA H 148 -7.82 -34.24 -67.57
CA ALA H 148 -8.14 -33.05 -66.74
C ALA H 148 -6.95 -32.58 -65.91
N THR H 149 -5.79 -32.46 -66.54
CA THR H 149 -4.56 -32.11 -65.84
C THR H 149 -3.62 -31.07 -66.49
N ARG H 150 -3.32 -31.06 -67.80
CA ARG H 150 -3.86 -31.83 -68.96
C ARG H 150 -4.94 -31.10 -69.77
N ALA H 151 -6.16 -31.03 -69.25
CA ALA H 151 -7.14 -30.09 -69.77
C ALA H 151 -6.75 -28.70 -69.30
N GLU H 152 -6.11 -28.64 -68.13
CA GLU H 152 -5.58 -27.41 -67.56
C GLU H 152 -4.37 -26.91 -68.35
N ILE H 153 -3.58 -27.86 -68.87
CA ILE H 153 -2.42 -27.54 -69.70
C ILE H 153 -2.85 -26.92 -71.03
N GLN H 154 -3.91 -27.47 -71.62
CA GLN H 154 -4.45 -26.98 -72.90
C GLN H 154 -4.99 -25.55 -72.79
N ILE H 155 -5.70 -25.26 -71.71
CA ILE H 155 -6.18 -23.91 -71.43
C ILE H 155 -5.01 -22.92 -71.40
N ARG H 156 -3.95 -23.30 -70.68
CA ARG H 156 -2.72 -22.51 -70.59
C ARG H 156 -2.05 -22.31 -71.96
N ILE H 157 -2.20 -23.28 -72.84
CA ILE H 157 -1.72 -23.18 -74.22
C ILE H 157 -2.56 -22.20 -75.04
N GLU H 158 -3.88 -22.19 -74.76
CA GLU H 158 -4.79 -21.29 -75.49
C GLU H 158 -4.58 -19.83 -75.08
N ALA H 159 -4.34 -19.61 -73.79
CA ALA H 159 -4.09 -18.28 -73.25
C ALA H 159 -2.76 -17.73 -73.79
N ASN H 160 -1.76 -18.61 -73.88
CA ASN H 160 -0.43 -18.22 -74.35
C ASN H 160 -0.32 -17.96 -75.85
N GLU H 161 -1.11 -18.70 -76.63
CA GLU H 161 -1.16 -18.51 -78.08
C GLU H 161 -1.74 -17.16 -78.46
N ALA H 162 -2.75 -16.71 -77.70
CA ALA H 162 -3.35 -15.40 -77.91
C ALA H 162 -2.44 -14.28 -77.38
N VAL I 2 -19.77 -29.23 -76.51
CA VAL I 2 -19.22 -28.85 -75.18
C VAL I 2 -17.70 -28.65 -75.28
N ALA I 3 -17.18 -27.70 -74.51
CA ALA I 3 -15.75 -27.38 -74.48
C ALA I 3 -14.94 -28.50 -73.85
N TYR I 4 -13.74 -28.73 -74.39
CA TYR I 4 -12.86 -29.83 -73.97
C TYR I 4 -12.58 -29.84 -72.47
N TRP I 5 -12.33 -28.67 -71.90
CA TRP I 5 -12.04 -28.56 -70.47
C TRP I 5 -13.25 -28.98 -69.63
N ARG I 6 -14.45 -28.79 -70.16
CA ARG I 6 -15.65 -29.33 -69.54
C ARG I 6 -16.01 -30.69 -70.15
N GLN I 7 -15.27 -31.71 -69.72
CA GLN I 7 -15.57 -33.11 -70.05
C GLN I 7 -15.25 -33.97 -68.84
N ALA I 8 -13.96 -34.16 -68.57
CA ALA I 8 -13.50 -34.63 -67.27
C ALA I 8 -13.09 -33.37 -66.52
N GLY I 9 -13.93 -32.96 -65.56
CA GLY I 9 -13.93 -31.58 -65.08
C GLY I 9 -14.48 -30.75 -66.24
N LEU I 10 -14.27 -29.43 -66.28
CA LEU I 10 -13.76 -28.59 -65.20
C LEU I 10 -14.62 -27.33 -65.26
N SER I 11 -14.50 -26.47 -64.24
CA SER I 11 -15.29 -25.23 -64.19
C SER I 11 -14.69 -24.13 -65.06
N TYR I 12 -15.51 -23.11 -65.35
CA TYR I 12 -15.04 -21.90 -66.02
C TYR I 12 -14.21 -21.03 -65.06
N ILE I 13 -14.38 -21.26 -63.76
CA ILE I 13 -13.60 -20.57 -62.73
C ILE I 13 -12.13 -20.98 -62.80
N ARG I 14 -11.88 -22.26 -63.06
CA ARG I 14 -10.52 -22.77 -63.25
C ARG I 14 -9.95 -22.29 -64.59
N TYR I 15 -10.83 -22.19 -65.60
CA TYR I 15 -10.45 -21.65 -66.91
C TYR I 15 -9.87 -20.24 -66.75
N SER I 16 -10.68 -19.35 -66.16
CA SER I 16 -10.32 -17.96 -65.95
C SER I 16 -9.10 -17.80 -65.03
N GLN I 17 -9.00 -18.70 -64.02
CA GLN I 17 -7.87 -18.68 -63.09
C GLN I 17 -6.54 -18.96 -63.79
N ILE I 18 -6.56 -19.92 -64.72
CA ILE I 18 -5.39 -20.28 -65.54
C ILE I 18 -5.04 -19.17 -66.55
N CYS I 19 -6.05 -18.62 -67.19
CA CYS I 19 -5.86 -17.57 -68.20
C CYS I 19 -5.32 -16.28 -67.58
N ALA I 20 -5.84 -15.93 -66.41
CA ALA I 20 -5.41 -14.73 -65.69
C ALA I 20 -3.95 -14.83 -65.24
N LYS I 21 -3.55 -16.03 -64.82
CA LYS I 21 -2.18 -16.26 -64.35
C LYS I 21 -1.19 -16.24 -65.50
N ALA I 22 -1.63 -16.71 -66.66
CA ALA I 22 -0.80 -16.73 -67.87
C ALA I 22 -0.53 -15.33 -68.41
N VAL I 23 -1.42 -14.40 -68.10
CA VAL I 23 -1.24 -12.99 -68.46
C VAL I 23 -0.21 -12.34 -67.53
N ARG I 24 -0.32 -12.63 -66.22
CA ARG I 24 0.61 -12.12 -65.22
C ARG I 24 2.03 -12.60 -65.48
N ASP I 25 2.16 -13.88 -65.80
CA ASP I 25 3.47 -14.50 -66.06
C ASP I 25 4.11 -14.03 -67.36
N ALA I 26 3.36 -13.24 -68.11
CA ALA I 26 3.86 -12.62 -69.34
C ALA I 26 3.88 -11.10 -69.19
#